data_6M0R
#
_entry.id   6M0R
#
_cell.length_a   1.00
_cell.length_b   1.00
_cell.length_c   1.00
_cell.angle_alpha   90.00
_cell.angle_beta   90.00
_cell.angle_gamma   90.00
#
_symmetry.space_group_name_H-M   'P 1'
#
loop_
_entity.id
_entity.type
_entity.pdbx_description
1 polymer "V-type proton ATPase subunit c'"
2 polymer "V-type proton ATPase subunit c''"
3 polymer 'V0 assembly protein 1'
4 polymer 'V-type proton ATPase subunit e'
5 polymer 'V-type proton ATPase subunit c'
6 polymer 'Uncharacterized protein YPR170W-B'
7 polymer 'V-type proton ATPase subunit d'
8 polymer 'V-type proton ATPase subunit a, vacuolar isoform'
9 branched alpha-D-mannopyranose-(1-3)-[alpha-D-mannopyranose-(1-6)]beta-D-mannopyranose-(1-4)-2-acetamido-2-deoxy-beta-D-glucopyranose-(1-4)-2-acetamido-2-deoxy-beta-D-glucopyranose
10 non-polymer 1,2-dioleoyl-sn-glycero-3-phosphoethanolamine
11 non-polymer PYROPHOSPHATE
12 non-polymer (6~{E},10~{E},14~{E},18~{E},22~{E},26~{E},30~{R})-2,6,10,14,18,22,26,30-octamethyldotriaconta-2,6,10,14,18,22,26-heptaene
13 water water
#
loop_
_entity_poly.entity_id
_entity_poly.type
_entity_poly.pdbx_seq_one_letter_code
_entity_poly.pdbx_strand_id
1 'polypeptide(L)'
;SNIYAPLYAPFFGFAGCAAAMVLSCLGAAIGTAKSGIGIAGIGTFKPELIMKSLIPVVMSGILAIYGLVVAVLIAGNLSP
TEDYTLFNGFMHLSCGLCVGFACLSSGYAIGMVGDVGVRKYMHQPRLFVGIVLILIFSEVLGLYGMIVALILNTRGSE
;
D
2 'polypeptide(L)'
;SFSHFLYYLVLIVVIVYGLYKLFTGHGSDINFGKFLLRTSPYMWANLGIALCVGLSVVGAAWGIFITGSSMIGAGVRAPR
ITTKNLISIIFCEVVAIYGLIIAIVFSSKLTVATAENMYSKSNLYTGYSLFWAGITVGASNLICGIAVGITGATAAISDA
ADSALFVKILVIEIFGSILGLLGLIVGLLMAGKASEFQ
;
C
3 'polypeptide(L)' DDILSSIWTEGLLMCLIVSALLLFILIVALSWISNLDITYGALEKSTNPIKK N
4 'polypeptide(L)' MSSFYTVVGVFIVVSAMSVLFWIMAPKNNQAVWRSTVILTLAMMFLMWAITFLCQLHPLVAPRRSDLRPEF M
5 'polypeptide(L)'
;MTELCPVYAPFFGAIGCASAIIFTSLGAAYGTAKSGVGICATCVLRPDLLFKNIVPVIMAGIIAIYGLVVSVLVCYSLGQ
KQALYTGFIQLGAGLSVGLSGLAAGFAIGIVGDAGVRGSSQQPRLFVGMILILIFAEVLGLYGLIVALLLNSRATQDVV
;
E,F,G,H,I,J,K,L
6 'polypeptide(L)' TGKAWCCTVLSAFGVVILSVIAHLFNTNHESFVGSINDPEDGPAVAHTVYLAALVYLVFFVFCGFQVYL O
7 'polypeptide(L)'
;MEGVYFNIDNGFIEGVVRGYRNGLLSNNQYINLTQCDTLEDLKLQLSSTDYGNFLSSVSSESLTTSLIQEYASSKLYHEF
NYIRDQSSGSTRKFMDYITYGYMIDNVALMITGTIHDRDKGEILQRCHPLGWFDTLPTLSVATDLESLYETVLVDTPLAP
YFKNCFDTAEELDDMNIEIIRNKLYKAYLEDFYNFVTEEIPEPAKECMQTLLGFEADRRSINIALNSLQSSDIDPDLKSD
LLPNIGKLYPLATFHLAQAQDFEGVRAALANVYEYRGFLETGNLEDHFYQLEMELCRDAFTQQFAISTVWAWMKSKEQEV
RNITWIAECIAQNQRERINNYISVY
;
B
8 'polypeptide(L)'
;EKEEAIFRSAEMALVQFYIPQEISRDSAYTLGQLGLVQFRDLNSKVRAFQRTFVNEIRRLDNVERQYRYFYSLLKKHDIK
LYEGDTDKYLDGSGELYVPPSGSVIDDYVRNASYLEERLIQMEDATDQIEVQKNDLEQYRFILQSGDEFFLKGDNTDSTS
YMDEDMIDANGENIAAAIGASVNYVTGVIARDKVATLEQILWRVLRGNLFFKTVEIEQPVYDVKTREYKHKNAFIVFSHG
DLIIKRIRKIAESLDANLYDVDSSNEGRSQQLAKVNKNLSDLYTVLKTTSTTLESELYAIAKELDSWFQDVTREKAIFEI
LNKSNYDTNRKILIAEGWIPRDELATLQARLGEMIARLGIDVPSIIQVLDTNHTPPTFHRTNKFTAGFQSICDCYGIAQY
REINAGLPTIVTFPFMFAIMFGDMGHGFLMTLAALSLVLNEKKINKMKRGEIFDMAFTGRYIILLMGVFSMYTGFLYNDI
FSKTMTIFKSGWKWPDHWKKGESITATSVGTYPIGLDWAWHGTENALLFSNSYKMKLSILMGFIHMTYSYFFSLANHLYF
NSMIDIIGNFIPGLLFMQGIFGYLSVCIVYKWAVDWVKDGKPAPGLLNMLINMFLSPGTIDDELYPHQAKVQVFLLLMAL
VCIPWLLLVKPLHFKFTHKKKSHEPLPSTEADASSEDLEAQQLISAMDADDAEEEEVGSGSHGEDFGDIMIHQVIHTIEF
CLNCVSHTASYLRLWALSLAHAQLSSVLWTMTIQIAFGFRGFVGVFMTVALFAMWFALTCAVLVLMEGTSAMLHSLRLHW
VESMSKFFVGEGLPYEPFAFEYKDM
;
A
#
# COMPACT_ATOMS: atom_id res chain seq x y z
N SER A 1 -49.62 -11.26 9.35
CA SER A 1 -50.94 -10.82 8.90
C SER A 1 -51.00 -10.69 7.38
N ASN A 2 -50.59 -9.54 6.85
CA ASN A 2 -50.67 -9.28 5.42
C ASN A 2 -49.51 -9.95 4.70
N ILE A 3 -49.83 -10.65 3.61
CA ILE A 3 -48.81 -11.26 2.78
C ILE A 3 -48.05 -10.24 1.95
N TYR A 4 -48.68 -9.11 1.65
CA TYR A 4 -48.05 -8.05 0.89
C TYR A 4 -47.11 -7.19 1.72
N ALA A 5 -47.16 -7.31 3.04
CA ALA A 5 -46.32 -6.54 3.96
C ALA A 5 -45.60 -7.46 4.93
N PRO A 6 -44.57 -8.16 4.48
CA PRO A 6 -43.72 -8.88 5.43
C PRO A 6 -42.97 -7.94 6.35
N LEU A 7 -42.23 -8.51 7.29
CA LEU A 7 -41.54 -7.74 8.31
C LEU A 7 -40.06 -7.52 8.02
N TYR A 8 -39.56 -8.07 6.91
CA TYR A 8 -38.20 -7.82 6.44
C TYR A 8 -38.13 -6.74 5.36
N ALA A 9 -39.26 -6.23 4.90
CA ALA A 9 -39.25 -5.17 3.91
C ALA A 9 -38.48 -3.92 4.31
N PRO A 10 -38.43 -3.50 5.58
CA PRO A 10 -37.55 -2.39 5.94
C PRO A 10 -36.10 -2.60 5.60
N PHE A 11 -35.63 -3.84 5.50
CA PHE A 11 -34.26 -4.11 5.12
C PHE A 11 -33.92 -3.50 3.78
N PHE A 12 -34.87 -3.52 2.85
CA PHE A 12 -34.63 -3.05 1.49
C PHE A 12 -34.82 -1.55 1.36
N GLY A 13 -35.49 -0.91 2.32
CA GLY A 13 -35.66 0.52 2.30
C GLY A 13 -34.43 1.25 2.79
N PHE A 14 -33.82 0.74 3.86
CA PHE A 14 -32.59 1.34 4.35
C PHE A 14 -31.43 1.10 3.39
N ALA A 15 -31.45 -0.01 2.68
CA ALA A 15 -30.39 -0.31 1.71
C ALA A 15 -30.31 0.76 0.64
N GLY A 16 -31.46 1.30 0.23
CA GLY A 16 -31.45 2.41 -0.71
C GLY A 16 -31.09 3.74 -0.10
N CYS A 17 -31.44 3.96 1.16
CA CYS A 17 -31.05 5.20 1.82
C CYS A 17 -29.54 5.26 2.03
N ALA A 18 -28.89 4.11 2.17
CA ALA A 18 -27.43 4.06 2.28
C ALA A 18 -26.75 4.15 0.92
N ALA A 19 -27.36 3.59 -0.11
CA ALA A 19 -26.79 3.62 -1.44
C ALA A 19 -26.88 4.99 -2.07
N ALA A 20 -27.73 5.88 -1.57
CA ALA A 20 -27.85 7.21 -2.14
C ALA A 20 -26.79 8.17 -1.63
N MET A 21 -26.18 7.87 -0.48
CA MET A 21 -25.13 8.69 0.10
C MET A 21 -23.74 8.16 -0.20
N VAL A 22 -23.52 6.87 -0.01
CA VAL A 22 -22.20 6.29 -0.17
C VAL A 22 -21.72 6.42 -1.61
N LEU A 23 -22.63 6.38 -2.57
CA LEU A 23 -22.31 6.45 -3.98
C LEU A 23 -22.35 7.86 -4.52
N SER A 24 -23.09 8.75 -3.88
CA SER A 24 -23.12 10.15 -4.27
C SER A 24 -21.98 10.94 -3.66
N CYS A 25 -21.57 10.58 -2.44
CA CYS A 25 -20.38 11.18 -1.84
C CYS A 25 -19.12 10.72 -2.52
N LEU A 26 -19.09 9.48 -3.00
CA LEU A 26 -17.97 8.99 -3.78
C LEU A 26 -17.83 9.70 -5.11
N GLY A 27 -18.89 10.33 -5.61
CA GLY A 27 -18.78 11.13 -6.81
C GLY A 27 -18.24 12.51 -6.52
N ALA A 28 -18.76 13.15 -5.48
CA ALA A 28 -18.28 14.45 -5.07
C ALA A 28 -16.81 14.39 -4.67
N ALA A 29 -16.41 13.32 -4.00
CA ALA A 29 -15.02 13.15 -3.62
C ALA A 29 -14.10 13.08 -4.83
N ILE A 30 -14.53 12.39 -5.88
CA ILE A 30 -13.67 12.23 -7.05
C ILE A 30 -13.55 13.53 -7.83
N GLY A 31 -14.59 14.36 -7.80
CA GLY A 31 -14.51 15.64 -8.48
C GLY A 31 -13.59 16.62 -7.80
N THR A 32 -13.74 16.78 -6.47
CA THR A 32 -12.92 17.75 -5.75
C THR A 32 -11.46 17.33 -5.72
N ALA A 33 -11.20 16.05 -5.47
CA ALA A 33 -9.84 15.56 -5.35
C ALA A 33 -9.05 15.75 -6.65
N LYS A 34 -9.62 15.31 -7.77
CA LYS A 34 -8.91 15.39 -9.03
C LYS A 34 -8.81 16.82 -9.54
N SER A 35 -9.87 17.61 -9.38
CA SER A 35 -9.83 18.99 -9.83
C SER A 35 -8.79 19.79 -9.04
N GLY A 36 -8.76 19.63 -7.72
CA GLY A 36 -7.82 20.32 -6.88
C GLY A 36 -6.37 20.00 -7.20
N ILE A 37 -6.11 18.83 -7.78
CA ILE A 37 -4.77 18.52 -8.26
C ILE A 37 -4.41 19.43 -9.41
N GLY A 38 -5.37 19.69 -10.30
CA GLY A 38 -5.12 20.57 -11.42
C GLY A 38 -5.05 22.03 -11.04
N ILE A 39 -5.76 22.42 -9.99
CA ILE A 39 -5.79 23.81 -9.58
C ILE A 39 -4.53 24.17 -8.81
N ALA A 40 -4.08 23.27 -7.94
CA ALA A 40 -2.86 23.50 -7.18
C ALA A 40 -1.62 23.35 -8.05
N GLY A 41 -1.70 22.50 -9.07
CA GLY A 41 -0.55 22.29 -9.94
C GLY A 41 -0.11 23.56 -10.65
N ILE A 42 -1.05 24.27 -11.26
CA ILE A 42 -0.73 25.53 -11.91
C ILE A 42 -0.40 26.64 -10.91
N GLY A 43 -0.73 26.45 -9.64
CA GLY A 43 -0.68 27.54 -8.68
C GLY A 43 0.71 28.10 -8.44
N THR A 44 1.75 27.34 -8.79
CA THR A 44 3.12 27.84 -8.72
C THR A 44 3.50 28.71 -9.90
N PHE A 45 2.62 28.85 -10.90
CA PHE A 45 2.87 29.66 -12.08
C PHE A 45 1.89 30.82 -12.24
N LYS A 46 0.60 30.58 -12.02
CA LYS A 46 -0.45 31.57 -12.25
C LYS A 46 -1.43 31.54 -11.07
N PRO A 47 -1.09 32.22 -9.97
CA PRO A 47 -2.01 32.26 -8.84
C PRO A 47 -3.32 32.98 -9.12
N GLU A 48 -3.32 33.95 -10.03
CA GLU A 48 -4.52 34.76 -10.28
C GLU A 48 -5.68 33.90 -10.75
N LEU A 49 -5.41 32.77 -11.39
CA LEU A 49 -6.42 32.00 -12.08
C LEU A 49 -7.13 30.97 -11.21
N ILE A 50 -6.96 31.04 -9.89
CA ILE A 50 -7.55 30.04 -8.99
C ILE A 50 -8.97 30.44 -8.58
N MET A 51 -9.18 31.71 -8.21
CA MET A 51 -10.44 32.13 -7.63
C MET A 51 -11.59 32.10 -8.64
N LYS A 52 -11.30 31.97 -9.93
CA LYS A 52 -12.33 31.73 -10.94
C LYS A 52 -12.50 30.26 -11.28
N SER A 53 -11.53 29.41 -10.95
CA SER A 53 -11.52 28.01 -11.32
C SER A 53 -11.96 27.10 -10.17
N LEU A 54 -12.89 27.55 -9.35
CA LEU A 54 -13.57 26.73 -8.37
C LEU A 54 -14.91 26.21 -8.88
N ILE A 55 -15.24 26.46 -10.14
CA ILE A 55 -16.47 25.93 -10.72
C ILE A 55 -16.50 24.40 -10.69
N PRO A 56 -15.39 23.69 -10.92
CA PRO A 56 -15.48 22.22 -10.85
C PRO A 56 -15.73 21.69 -9.46
N VAL A 57 -15.32 22.39 -8.39
CA VAL A 57 -15.51 21.85 -7.05
C VAL A 57 -16.91 22.12 -6.52
N VAL A 58 -17.54 23.22 -6.95
CA VAL A 58 -18.89 23.50 -6.49
C VAL A 58 -19.95 22.73 -7.27
N MET A 59 -19.60 22.18 -8.44
CA MET A 59 -20.51 21.26 -9.12
C MET A 59 -20.46 19.89 -8.47
N SER A 60 -19.27 19.45 -8.07
CA SER A 60 -19.12 18.23 -7.32
C SER A 60 -19.85 18.27 -6.00
N GLY A 61 -20.01 19.46 -5.40
CA GLY A 61 -20.73 19.55 -4.16
C GLY A 61 -22.23 19.41 -4.33
N ILE A 62 -22.75 19.97 -5.42
CA ILE A 62 -24.18 19.83 -5.73
C ILE A 62 -24.56 18.37 -5.87
N LEU A 63 -23.63 17.52 -6.33
CA LEU A 63 -23.92 16.11 -6.46
C LEU A 63 -24.26 15.48 -5.13
N ALA A 64 -23.60 15.90 -4.06
CA ALA A 64 -23.87 15.38 -2.74
C ALA A 64 -25.15 15.94 -2.15
N ILE A 65 -25.68 17.05 -2.69
CA ILE A 65 -26.97 17.55 -2.26
C ILE A 65 -28.11 16.74 -2.88
N TYR A 66 -27.87 16.08 -4.01
CA TYR A 66 -28.91 15.28 -4.63
C TYR A 66 -29.21 14.03 -3.83
N GLY A 67 -28.17 13.36 -3.34
CA GLY A 67 -28.37 12.17 -2.55
C GLY A 67 -28.91 12.43 -1.17
N LEU A 68 -28.58 13.58 -0.59
CA LEU A 68 -29.18 13.99 0.67
C LEU A 68 -30.69 14.06 0.57
N VAL A 69 -31.18 14.72 -0.48
CA VAL A 69 -32.62 14.87 -0.68
C VAL A 69 -33.30 13.52 -0.75
N VAL A 70 -32.78 12.63 -1.58
CA VAL A 70 -33.42 11.33 -1.80
C VAL A 70 -33.41 10.50 -0.53
N ALA A 71 -32.32 10.58 0.25
CA ALA A 71 -32.24 9.80 1.47
C ALA A 71 -33.18 10.32 2.54
N VAL A 72 -33.31 11.64 2.64
CA VAL A 72 -34.24 12.25 3.58
C VAL A 72 -35.67 11.77 3.32
N LEU A 73 -36.10 11.87 2.06
CA LEU A 73 -37.46 11.49 1.69
C LEU A 73 -37.75 10.02 2.00
N ILE A 74 -36.77 9.14 1.77
CA ILE A 74 -36.97 7.72 2.04
C ILE A 74 -37.17 7.47 3.53
N ALA A 75 -36.23 7.95 4.35
CA ALA A 75 -36.35 7.81 5.80
C ALA A 75 -37.66 8.39 6.34
N GLY A 76 -38.21 9.41 5.69
CA GLY A 76 -39.51 9.93 6.07
C GLY A 76 -40.64 8.94 5.89
N ASN A 77 -40.49 7.95 5.02
CA ASN A 77 -41.53 6.97 4.72
C ASN A 77 -41.21 5.62 5.33
N LEU A 78 -40.51 5.62 6.46
CA LEU A 78 -40.16 4.43 7.21
C LEU A 78 -40.61 4.62 8.64
N SER A 79 -41.16 3.58 9.25
CA SER A 79 -41.56 3.64 10.64
C SER A 79 -41.79 2.22 11.14
N PRO A 80 -41.69 2.00 12.46
CA PRO A 80 -42.03 0.68 13.02
C PRO A 80 -43.48 0.48 13.40
N THR A 81 -44.37 1.37 12.96
CA THR A 81 -45.80 1.26 13.23
C THR A 81 -46.57 1.23 11.92
N GLU A 82 -46.07 1.97 10.94
CA GLU A 82 -46.64 1.92 9.59
C GLU A 82 -46.51 0.54 8.99
N ASP A 83 -47.53 0.12 8.26
CA ASP A 83 -47.43 -1.08 7.42
C ASP A 83 -46.63 -0.74 6.17
N TYR A 84 -45.42 -1.27 6.10
CA TYR A 84 -44.48 -0.99 5.03
C TYR A 84 -44.46 -2.20 4.10
N THR A 85 -45.05 -2.04 2.93
CA THR A 85 -45.17 -3.17 2.01
C THR A 85 -43.85 -3.46 1.32
N LEU A 86 -43.77 -4.67 0.77
CA LEU A 86 -42.54 -5.12 0.13
C LEU A 86 -42.33 -4.42 -1.20
N PHE A 87 -43.43 -4.14 -1.91
CA PHE A 87 -43.36 -3.33 -3.12
C PHE A 87 -42.65 -2.01 -2.86
N ASN A 88 -43.02 -1.34 -1.78
CA ASN A 88 -42.45 -0.04 -1.46
C ASN A 88 -40.95 -0.12 -1.22
N GLY A 89 -40.47 -1.24 -0.69
CA GLY A 89 -39.06 -1.38 -0.40
C GLY A 89 -38.20 -1.62 -1.61
N PHE A 90 -38.74 -2.30 -2.61
CA PHE A 90 -38.03 -2.48 -3.87
C PHE A 90 -37.89 -1.18 -4.63
N MET A 91 -38.87 -0.29 -4.50
CA MET A 91 -38.77 1.02 -5.12
C MET A 91 -37.71 1.87 -4.44
N HIS A 92 -37.76 1.95 -3.11
CA HIS A 92 -36.75 2.67 -2.35
C HIS A 92 -35.35 2.15 -2.59
N LEU A 93 -35.22 0.87 -2.93
CA LEU A 93 -33.90 0.34 -3.27
C LEU A 93 -33.42 0.86 -4.62
N SER A 94 -34.34 1.05 -5.56
CA SER A 94 -34.00 1.59 -6.86
C SER A 94 -34.02 3.11 -6.91
N CYS A 95 -34.66 3.77 -5.94
CA CYS A 95 -34.47 5.20 -5.78
C CYS A 95 -33.01 5.52 -5.49
N GLY A 96 -32.34 4.65 -4.74
CA GLY A 96 -30.99 4.90 -4.29
C GLY A 96 -29.91 4.50 -5.26
N LEU A 97 -30.11 3.36 -5.93
CA LEU A 97 -29.14 2.90 -6.91
C LEU A 97 -29.09 3.83 -8.12
N CYS A 98 -30.24 4.36 -8.53
CA CYS A 98 -30.30 5.25 -9.68
C CYS A 98 -29.48 6.52 -9.45
N VAL A 99 -29.83 7.27 -8.42
CA VAL A 99 -29.15 8.53 -8.17
C VAL A 99 -27.71 8.31 -7.76
N GLY A 100 -27.40 7.18 -7.14
CA GLY A 100 -26.06 6.90 -6.72
C GLY A 100 -25.08 6.67 -7.85
N PHE A 101 -25.37 5.69 -8.70
CA PHE A 101 -24.51 5.44 -9.86
C PHE A 101 -24.53 6.58 -10.86
N ALA A 102 -25.60 7.36 -10.92
CA ALA A 102 -25.64 8.48 -11.84
C ALA A 102 -24.79 9.64 -11.35
N CYS A 103 -24.72 9.86 -10.04
CA CYS A 103 -23.83 10.85 -9.47
C CYS A 103 -22.40 10.35 -9.33
N LEU A 104 -22.20 9.04 -9.25
CA LEU A 104 -20.85 8.50 -9.38
C LEU A 104 -20.32 8.70 -10.79
N SER A 105 -21.20 8.68 -11.78
CA SER A 105 -20.83 8.90 -13.16
C SER A 105 -20.52 10.36 -13.44
N SER A 106 -21.27 11.28 -12.83
CA SER A 106 -21.03 12.69 -13.04
C SER A 106 -19.72 13.13 -12.44
N GLY A 107 -19.37 12.58 -11.28
CA GLY A 107 -18.13 12.96 -10.61
C GLY A 107 -16.89 12.47 -11.30
N TYR A 108 -17.00 11.42 -12.10
CA TYR A 108 -15.85 10.93 -12.86
C TYR A 108 -15.56 11.82 -14.06
N ALA A 109 -16.61 12.35 -14.67
CA ALA A 109 -16.45 13.22 -15.83
C ALA A 109 -16.02 14.63 -15.43
N ILE A 110 -16.50 15.11 -14.29
CA ILE A 110 -16.15 16.45 -13.85
C ILE A 110 -14.69 16.52 -13.40
N GLY A 111 -14.15 15.42 -12.88
CA GLY A 111 -12.79 15.42 -12.42
C GLY A 111 -11.78 15.34 -13.53
N MET A 112 -12.09 14.55 -14.55
CA MET A 112 -11.17 14.37 -15.66
C MET A 112 -11.08 15.61 -16.52
N VAL A 113 -12.21 16.29 -16.72
CA VAL A 113 -12.24 17.50 -17.52
C VAL A 113 -11.69 18.67 -16.72
N GLY A 114 -12.09 18.81 -15.45
CA GLY A 114 -11.63 19.92 -14.65
C GLY A 114 -10.12 19.93 -14.44
N ASP A 115 -9.51 18.75 -14.41
CA ASP A 115 -8.07 18.66 -14.26
C ASP A 115 -7.35 19.22 -15.49
N VAL A 116 -7.67 18.68 -16.67
CA VAL A 116 -6.94 19.04 -17.89
C VAL A 116 -7.21 20.48 -18.28
N GLY A 117 -8.41 20.97 -18.02
CA GLY A 117 -8.77 22.29 -18.47
C GLY A 117 -8.00 23.37 -17.75
N VAL A 118 -7.90 23.25 -16.42
CA VAL A 118 -7.19 24.24 -15.63
C VAL A 118 -5.70 24.23 -15.98
N ARG A 119 -5.12 23.05 -16.15
CA ARG A 119 -3.71 22.97 -16.52
C ARG A 119 -3.45 23.59 -17.88
N LYS A 120 -4.43 23.50 -18.78
CA LYS A 120 -4.33 24.09 -20.10
C LYS A 120 -4.95 25.48 -20.19
N TYR A 121 -5.70 25.90 -19.17
CA TYR A 121 -6.30 27.23 -19.18
C TYR A 121 -5.25 28.33 -19.01
N MET A 122 -4.18 28.04 -18.26
CA MET A 122 -3.16 29.06 -18.03
C MET A 122 -2.47 29.47 -19.33
N HIS A 123 -2.34 28.54 -20.27
CA HIS A 123 -1.73 28.86 -21.54
C HIS A 123 -2.65 29.71 -22.41
N GLN A 124 -3.93 29.37 -22.43
CA GLN A 124 -4.93 30.00 -23.29
C GLN A 124 -6.12 30.46 -22.44
N PRO A 125 -6.42 31.75 -22.37
CA PRO A 125 -7.60 32.18 -21.62
C PRO A 125 -8.92 32.23 -22.39
N ARG A 126 -8.93 31.94 -23.68
CA ARG A 126 -10.16 31.96 -24.46
C ARG A 126 -10.89 30.62 -24.44
N LEU A 127 -10.35 29.64 -23.73
CA LEU A 127 -10.90 28.29 -23.65
C LEU A 127 -11.95 28.14 -22.55
N PHE A 128 -12.21 29.19 -21.77
CA PHE A 128 -12.94 29.03 -20.51
C PHE A 128 -14.38 28.59 -20.71
N VAL A 129 -15.09 29.21 -21.66
CA VAL A 129 -16.52 28.95 -21.79
C VAL A 129 -16.75 27.52 -22.24
N GLY A 130 -15.87 27.01 -23.11
CA GLY A 130 -16.05 25.65 -23.59
C GLY A 130 -15.89 24.63 -22.50
N ILE A 131 -14.96 24.88 -21.56
CA ILE A 131 -14.84 24.01 -20.39
C ILE A 131 -16.15 23.99 -19.62
N VAL A 132 -16.70 25.17 -19.34
CA VAL A 132 -17.90 25.27 -18.52
C VAL A 132 -19.07 24.58 -19.19
N LEU A 133 -19.16 24.71 -20.51
CA LEU A 133 -20.25 24.05 -21.23
C LEU A 133 -20.13 22.54 -21.13
N ILE A 134 -18.91 22.00 -21.18
CA ILE A 134 -18.71 20.56 -21.07
C ILE A 134 -19.04 20.08 -19.67
N LEU A 135 -18.82 20.94 -18.66
CA LEU A 135 -19.12 20.57 -17.29
C LEU A 135 -20.61 20.59 -16.99
N ILE A 136 -21.41 21.26 -17.80
CA ILE A 136 -22.85 21.24 -17.62
C ILE A 136 -23.45 19.93 -18.13
N PHE A 137 -22.89 19.36 -19.19
CA PHE A 137 -23.35 18.06 -19.66
C PHE A 137 -23.03 16.95 -18.65
N SER A 138 -21.92 17.07 -17.94
CA SER A 138 -21.57 16.08 -16.93
C SER A 138 -22.39 16.20 -15.66
N GLU A 139 -23.06 17.32 -15.43
CA GLU A 139 -23.84 17.57 -14.23
C GLU A 139 -25.29 17.10 -14.39
N VAL A 140 -25.87 17.29 -15.58
CA VAL A 140 -27.23 16.84 -15.81
C VAL A 140 -27.35 15.32 -15.75
N LEU A 141 -26.25 14.59 -15.89
CA LEU A 141 -26.29 13.15 -15.71
C LEU A 141 -26.73 12.78 -14.30
N GLY A 142 -26.38 13.60 -13.31
CA GLY A 142 -26.84 13.40 -11.94
C GLY A 142 -28.24 13.89 -11.70
N LEU A 143 -28.74 14.79 -12.55
CA LEU A 143 -30.12 15.21 -12.48
C LEU A 143 -31.06 14.16 -13.03
N TYR A 144 -30.67 13.50 -14.12
CA TYR A 144 -31.49 12.44 -14.69
C TYR A 144 -31.70 11.30 -13.71
N GLY A 145 -30.77 11.10 -12.79
CA GLY A 145 -30.91 10.02 -11.83
C GLY A 145 -31.86 10.31 -10.71
N MET A 146 -32.14 11.58 -10.43
CA MET A 146 -33.07 11.98 -9.37
C MET A 146 -34.44 12.36 -9.89
N ILE A 147 -34.58 12.74 -11.17
CA ILE A 147 -35.90 12.86 -11.75
C ILE A 147 -36.59 11.51 -11.77
N VAL A 148 -35.81 10.43 -11.87
CA VAL A 148 -36.36 9.08 -11.82
C VAL A 148 -36.61 8.67 -10.37
N ALA A 149 -35.77 9.11 -9.45
CA ALA A 149 -35.83 8.64 -8.08
C ALA A 149 -36.86 9.37 -7.24
N LEU A 150 -37.48 10.42 -7.77
CA LEU A 150 -38.60 11.07 -7.11
C LEU A 150 -39.95 10.59 -7.61
N ILE A 151 -39.98 9.90 -8.74
CA ILE A 151 -41.19 9.27 -9.21
C ILE A 151 -41.42 7.95 -8.50
N LEU A 152 -40.36 7.14 -8.44
CA LEU A 152 -40.40 5.86 -7.74
C LEU A 152 -40.86 6.02 -6.31
N ASN A 153 -40.39 7.06 -5.62
CA ASN A 153 -40.81 7.30 -4.26
C ASN A 153 -42.30 7.59 -4.19
N THR A 154 -42.81 8.36 -5.14
CA THR A 154 -44.21 8.74 -5.13
C THR A 154 -45.11 7.54 -5.39
N ARG A 155 -44.68 6.64 -6.26
CA ARG A 155 -45.51 5.49 -6.62
C ARG A 155 -45.39 4.34 -5.63
N GLY A 156 -44.29 4.26 -4.89
CA GLY A 156 -44.15 3.19 -3.91
C GLY A 156 -45.19 3.29 -2.81
N SER A 157 -45.38 4.49 -2.28
CA SER A 157 -46.45 4.71 -1.32
C SER A 157 -47.82 4.68 -1.99
N GLU A 158 -48.05 5.61 -2.91
CA GLU A 158 -49.29 5.63 -3.69
C GLU A 158 -49.12 6.50 -4.93
N SER B 1 -6.08 -14.16 -13.76
CA SER B 1 -5.12 -14.74 -12.83
C SER B 1 -5.80 -15.66 -11.83
N PHE B 2 -5.10 -15.98 -10.74
CA PHE B 2 -5.67 -16.88 -9.73
C PHE B 2 -6.80 -16.20 -8.96
N SER B 3 -6.53 -15.01 -8.41
CA SER B 3 -7.53 -14.34 -7.58
C SER B 3 -8.77 -14.00 -8.39
N HIS B 4 -8.59 -13.64 -9.66
CA HIS B 4 -9.74 -13.36 -10.52
C HIS B 4 -10.40 -14.63 -11.02
N PHE B 5 -9.66 -15.73 -11.09
CA PHE B 5 -10.26 -17.01 -11.49
C PHE B 5 -11.30 -17.45 -10.46
N LEU B 6 -11.00 -17.25 -9.18
CA LEU B 6 -11.93 -17.67 -8.15
C LEU B 6 -13.21 -16.84 -8.16
N TYR B 7 -13.10 -15.56 -8.53
CA TYR B 7 -14.31 -14.74 -8.65
C TYR B 7 -15.22 -15.27 -9.73
N TYR B 8 -14.67 -15.87 -10.79
CA TYR B 8 -15.46 -16.45 -11.86
C TYR B 8 -15.83 -17.90 -11.61
N LEU B 9 -15.17 -18.57 -10.69
CA LEU B 9 -15.56 -19.92 -10.30
C LEU B 9 -16.56 -19.93 -9.16
N VAL B 10 -16.74 -18.81 -8.47
CA VAL B 10 -17.84 -18.65 -7.54
C VAL B 10 -19.14 -18.36 -8.29
N LEU B 11 -19.08 -17.41 -9.23
CA LEU B 11 -20.24 -17.06 -10.04
C LEU B 11 -20.80 -18.27 -10.78
N ILE B 12 -19.96 -19.24 -11.11
CA ILE B 12 -20.39 -20.40 -11.87
C ILE B 12 -20.98 -21.49 -10.98
N VAL B 13 -20.71 -21.47 -9.68
CA VAL B 13 -21.35 -22.42 -8.77
C VAL B 13 -22.68 -21.89 -8.26
N VAL B 14 -22.80 -20.58 -8.05
CA VAL B 14 -24.05 -19.97 -7.65
C VAL B 14 -25.10 -20.11 -8.75
N ILE B 15 -24.65 -20.16 -10.02
CA ILE B 15 -25.58 -20.30 -11.13
C ILE B 15 -25.99 -21.75 -11.31
N VAL B 16 -25.03 -22.68 -11.25
CA VAL B 16 -25.37 -24.08 -11.44
C VAL B 16 -26.18 -24.60 -10.27
N TYR B 17 -26.03 -23.99 -9.11
CA TYR B 17 -26.82 -24.38 -7.95
C TYR B 17 -28.23 -23.82 -8.04
N GLY B 18 -28.37 -22.59 -8.53
CA GLY B 18 -29.70 -22.01 -8.67
C GLY B 18 -30.56 -22.74 -9.68
N LEU B 19 -29.94 -23.25 -10.74
CA LEU B 19 -30.69 -23.92 -11.79
C LEU B 19 -30.95 -25.38 -11.46
N TYR B 20 -30.11 -25.99 -10.62
CA TYR B 20 -30.44 -27.30 -10.10
C TYR B 20 -31.72 -27.27 -9.28
N LYS B 21 -31.86 -26.28 -8.42
CA LYS B 21 -33.03 -26.19 -7.57
C LYS B 21 -34.27 -25.76 -8.35
N LEU B 22 -34.11 -24.92 -9.36
CA LEU B 22 -35.24 -24.40 -10.09
C LEU B 22 -35.85 -25.45 -11.00
N PHE B 23 -35.04 -26.08 -11.86
CA PHE B 23 -35.56 -27.06 -12.79
C PHE B 23 -36.18 -28.25 -12.07
N THR B 24 -35.75 -28.52 -10.85
CA THR B 24 -36.27 -29.62 -10.06
C THR B 24 -37.50 -29.25 -9.24
N GLY B 25 -37.96 -28.01 -9.32
CA GLY B 25 -39.09 -27.58 -8.52
C GLY B 25 -38.75 -27.38 -7.05
N HIS B 26 -37.64 -26.71 -6.79
CA HIS B 26 -37.19 -26.44 -5.44
C HIS B 26 -36.61 -25.02 -5.31
N GLY B 27 -37.03 -24.10 -6.17
CA GLY B 27 -36.49 -22.75 -6.12
C GLY B 27 -36.90 -21.97 -4.89
N SER B 28 -37.99 -22.38 -4.24
CA SER B 28 -38.36 -21.78 -2.98
C SER B 28 -37.39 -22.11 -1.86
N ASP B 29 -36.58 -23.15 -2.01
CA ASP B 29 -35.67 -23.54 -0.94
C ASP B 29 -34.63 -22.46 -0.68
N ILE B 30 -34.28 -21.67 -1.69
CA ILE B 30 -33.35 -20.56 -1.53
C ILE B 30 -34.15 -19.33 -1.13
N ASN B 31 -34.39 -19.19 0.17
CA ASN B 31 -35.32 -18.20 0.71
C ASN B 31 -34.57 -17.20 1.56
N PHE B 32 -34.42 -15.99 1.03
CA PHE B 32 -33.77 -14.90 1.74
C PHE B 32 -34.68 -14.33 2.84
N GLY B 33 -35.99 -14.49 2.69
CA GLY B 33 -36.91 -13.95 3.66
C GLY B 33 -36.77 -14.58 5.04
N LYS B 34 -36.65 -15.91 5.09
CA LYS B 34 -36.49 -16.57 6.38
C LYS B 34 -35.17 -16.20 7.03
N PHE B 35 -34.10 -16.10 6.25
CA PHE B 35 -32.80 -15.74 6.79
C PHE B 35 -32.85 -14.39 7.50
N LEU B 36 -33.55 -13.43 6.91
CA LEU B 36 -33.67 -12.12 7.52
C LEU B 36 -34.52 -12.19 8.78
N LEU B 37 -35.50 -13.09 8.81
CA LEU B 37 -36.40 -13.20 9.96
C LEU B 37 -35.77 -13.99 11.10
N ARG B 38 -35.10 -15.09 10.78
CA ARG B 38 -34.67 -16.02 11.82
C ARG B 38 -33.33 -15.61 12.41
N THR B 39 -32.51 -14.89 11.66
CA THR B 39 -31.27 -14.38 12.21
C THR B 39 -31.54 -13.34 13.28
N SER B 40 -30.62 -13.26 14.22
CA SER B 40 -30.85 -12.47 15.42
C SER B 40 -30.64 -10.99 15.13
N PRO B 41 -31.54 -10.10 15.55
CA PRO B 41 -31.29 -8.69 15.30
C PRO B 41 -30.17 -8.10 16.13
N TYR B 42 -29.59 -8.85 17.07
CA TYR B 42 -28.40 -8.36 17.76
C TYR B 42 -27.17 -8.49 16.88
N MET B 43 -27.16 -9.44 15.95
CA MET B 43 -26.04 -9.54 15.03
C MET B 43 -25.94 -8.29 14.18
N TRP B 44 -27.04 -7.89 13.56
CA TRP B 44 -27.01 -6.76 12.65
C TRP B 44 -26.66 -5.47 13.37
N ALA B 45 -27.11 -5.32 14.61
CA ALA B 45 -26.89 -4.10 15.36
C ALA B 45 -25.46 -3.95 15.89
N ASN B 46 -24.78 -5.05 16.16
CA ASN B 46 -23.42 -5.01 16.67
C ASN B 46 -22.37 -5.01 15.58
N LEU B 47 -22.74 -5.39 14.35
CA LEU B 47 -21.86 -5.16 13.21
C LEU B 47 -21.82 -3.67 12.86
N GLY B 48 -22.99 -3.02 12.83
CA GLY B 48 -23.06 -1.64 12.40
C GLY B 48 -22.28 -0.70 13.30
N ILE B 49 -22.34 -0.94 14.61
CA ILE B 49 -21.61 -0.11 15.56
C ILE B 49 -20.11 -0.32 15.41
N ALA B 50 -19.69 -1.53 15.01
CA ALA B 50 -18.28 -1.81 14.80
C ALA B 50 -17.78 -1.30 13.45
N LEU B 51 -18.57 -1.48 12.40
CA LEU B 51 -18.22 -1.02 11.08
C LEU B 51 -18.39 0.49 10.92
N CYS B 52 -18.95 1.17 11.92
CA CYS B 52 -18.99 2.62 11.89
C CYS B 52 -17.70 3.22 12.41
N VAL B 53 -17.30 2.83 13.62
CA VAL B 53 -16.08 3.37 14.21
C VAL B 53 -14.84 2.72 13.62
N GLY B 54 -14.97 1.58 12.97
CA GLY B 54 -13.84 0.93 12.35
C GLY B 54 -13.52 1.49 10.99
N LEU B 55 -14.53 1.60 10.13
CA LEU B 55 -14.34 2.17 8.80
C LEU B 55 -14.08 3.67 8.84
N SER B 56 -14.46 4.35 9.91
CA SER B 56 -14.14 5.77 10.05
C SER B 56 -12.69 5.98 10.44
N VAL B 57 -12.12 5.07 11.22
CA VAL B 57 -10.73 5.15 11.62
C VAL B 57 -9.81 4.76 10.48
N VAL B 58 -10.27 3.91 9.56
CA VAL B 58 -9.48 3.57 8.40
C VAL B 58 -9.27 4.80 7.54
N GLY B 59 -10.35 5.55 7.29
CA GLY B 59 -10.25 6.76 6.50
C GLY B 59 -9.37 7.82 7.13
N ALA B 60 -9.57 8.06 8.43
CA ALA B 60 -8.79 9.08 9.11
C ALA B 60 -7.31 8.74 9.10
N ALA B 61 -6.97 7.51 9.46
CA ALA B 61 -5.58 7.06 9.44
C ALA B 61 -5.02 7.08 8.03
N TRP B 62 -5.87 6.98 7.02
CA TRP B 62 -5.40 7.02 5.65
C TRP B 62 -4.89 8.41 5.29
N GLY B 63 -5.76 9.41 5.39
CA GLY B 63 -5.41 10.77 5.06
C GLY B 63 -4.28 11.36 5.87
N ILE B 64 -4.00 10.78 7.05
CA ILE B 64 -2.94 11.32 7.88
C ILE B 64 -1.56 11.00 7.33
N PHE B 65 -1.40 9.91 6.56
CA PHE B 65 -0.09 9.65 5.97
C PHE B 65 0.06 10.18 4.55
N ILE B 66 -1.02 10.54 3.87
CA ILE B 66 -0.87 11.28 2.63
C ILE B 66 -0.51 12.72 2.92
N THR B 67 -1.24 13.34 3.84
CA THR B 67 -0.93 14.69 4.27
C THR B 67 0.34 14.73 5.10
N GLY B 68 0.63 13.68 5.87
CA GLY B 68 1.78 13.69 6.74
C GLY B 68 3.10 13.40 6.06
N SER B 69 3.09 12.57 5.03
CA SER B 69 4.33 12.19 4.36
C SER B 69 4.80 13.26 3.39
N SER B 70 3.90 14.12 2.92
CA SER B 70 4.27 15.21 2.01
C SER B 70 4.74 16.44 2.77
N MET B 71 4.06 16.78 3.86
CA MET B 71 4.51 17.84 4.74
C MET B 71 5.94 17.64 5.21
N ILE B 72 6.28 16.42 5.61
CA ILE B 72 7.61 16.16 6.15
C ILE B 72 8.67 16.29 5.06
N GLY B 73 8.35 15.86 3.85
CA GLY B 73 9.25 16.09 2.74
C GLY B 73 9.35 17.55 2.36
N ALA B 74 8.19 18.22 2.27
CA ALA B 74 8.18 19.65 1.98
C ALA B 74 8.79 20.47 3.10
N GLY B 75 8.76 19.97 4.33
CA GLY B 75 9.26 20.68 5.48
C GLY B 75 10.75 20.72 5.63
N VAL B 76 11.49 20.07 4.73
CA VAL B 76 12.94 20.08 4.80
C VAL B 76 13.47 21.46 4.45
N ARG B 77 12.99 22.03 3.35
CA ARG B 77 13.39 23.33 2.87
C ARG B 77 12.56 24.46 3.48
N ALA B 78 11.29 24.19 3.75
CA ALA B 78 10.35 25.14 4.34
C ALA B 78 9.83 24.61 5.66
N PRO B 79 10.67 24.56 6.70
CA PRO B 79 10.25 23.98 7.97
C PRO B 79 9.14 24.75 8.68
N ARG B 80 8.83 25.96 8.23
CA ARG B 80 7.79 26.81 8.80
C ARG B 80 6.37 26.34 8.56
N ILE B 81 6.15 25.30 7.72
CA ILE B 81 4.80 24.93 7.33
C ILE B 81 4.13 23.94 8.27
N THR B 82 4.92 23.20 9.06
CA THR B 82 4.38 22.04 9.77
C THR B 82 3.33 22.41 10.80
N THR B 83 3.28 23.67 11.19
CA THR B 83 2.27 24.17 12.11
C THR B 83 1.16 24.94 11.41
N LYS B 84 1.43 25.44 10.21
CA LYS B 84 0.41 26.12 9.42
C LYS B 84 -0.45 25.12 8.65
N ASN B 85 0.19 24.12 8.03
CA ASN B 85 -0.49 23.00 7.40
C ASN B 85 -1.04 21.98 8.39
N LEU B 86 -0.99 22.25 9.69
CA LEU B 86 -1.50 21.28 10.65
C LEU B 86 -2.99 21.12 10.59
N ILE B 87 -3.71 22.10 10.04
CA ILE B 87 -5.17 22.08 10.02
C ILE B 87 -5.70 20.94 9.17
N SER B 88 -4.90 20.39 8.25
CA SER B 88 -5.34 19.29 7.42
C SER B 88 -5.39 17.98 8.18
N ILE B 89 -4.51 17.82 9.16
CA ILE B 89 -4.54 16.68 10.05
C ILE B 89 -5.73 16.73 11.00
N ILE B 90 -6.36 17.89 11.13
CA ILE B 90 -7.45 18.09 12.06
C ILE B 90 -8.79 17.74 11.45
N PHE B 91 -8.99 18.10 10.19
CA PHE B 91 -10.19 17.70 9.47
C PHE B 91 -10.19 16.22 9.11
N CYS B 92 -9.02 15.57 9.09
CA CYS B 92 -8.96 14.13 8.88
C CYS B 92 -9.22 13.35 10.16
N GLU B 93 -8.80 13.87 11.31
CA GLU B 93 -9.10 13.20 12.57
C GLU B 93 -10.58 13.27 12.91
N VAL B 94 -11.26 14.33 12.50
CA VAL B 94 -12.58 14.61 13.06
C VAL B 94 -13.66 13.68 12.54
N VAL B 95 -13.45 13.04 11.39
CA VAL B 95 -14.41 12.06 10.93
C VAL B 95 -14.43 10.83 11.81
N ALA B 96 -13.34 10.57 12.54
CA ALA B 96 -13.34 9.49 13.52
C ALA B 96 -14.20 9.85 14.73
N ILE B 97 -14.22 11.13 15.11
CA ILE B 97 -15.08 11.59 16.19
C ILE B 97 -16.55 11.40 15.83
N TYR B 98 -16.89 11.58 14.56
CA TYR B 98 -18.27 11.38 14.14
C TYR B 98 -18.70 9.93 14.30
N GLY B 99 -17.78 8.99 14.03
CA GLY B 99 -18.09 7.59 14.20
C GLY B 99 -18.17 7.15 15.64
N LEU B 100 -17.63 7.95 16.55
CA LEU B 100 -17.71 7.68 17.98
C LEU B 100 -18.90 8.35 18.64
N ILE B 101 -19.48 9.38 18.02
CA ILE B 101 -20.71 9.96 18.56
C ILE B 101 -21.89 9.05 18.27
N ILE B 102 -21.95 8.51 17.06
CA ILE B 102 -22.95 7.51 16.69
C ILE B 102 -22.96 6.36 17.71
N ALA B 103 -21.80 5.72 17.89
CA ALA B 103 -21.70 4.56 18.77
C ALA B 103 -22.10 4.88 20.20
N ILE B 104 -22.04 6.14 20.61
CA ILE B 104 -22.63 6.55 21.88
C ILE B 104 -24.15 6.55 21.77
N VAL B 105 -24.69 7.08 20.68
CA VAL B 105 -26.14 7.13 20.52
C VAL B 105 -26.71 5.73 20.38
N PHE B 106 -26.06 4.88 19.59
CA PHE B 106 -26.62 3.57 19.27
C PHE B 106 -26.47 2.59 20.41
N SER B 107 -25.40 2.71 21.20
CA SER B 107 -25.20 1.80 22.32
C SER B 107 -26.32 1.88 23.33
N SER B 108 -26.90 3.07 23.50
CA SER B 108 -28.07 3.23 24.35
C SER B 108 -29.23 2.33 23.93
N LYS B 109 -29.36 2.06 22.63
CA LYS B 109 -30.46 1.27 22.12
C LYS B 109 -30.26 -0.23 22.28
N LEU B 110 -29.15 -0.67 22.85
CA LEU B 110 -28.88 -2.09 23.07
C LEU B 110 -29.45 -2.48 24.41
N THR B 111 -30.57 -3.19 24.39
CA THR B 111 -31.24 -3.68 25.58
C THR B 111 -31.63 -5.13 25.36
N VAL B 112 -31.88 -5.80 26.47
CA VAL B 112 -32.29 -7.20 26.45
C VAL B 112 -33.78 -7.28 26.17
N ALA B 113 -34.17 -8.30 25.42
CA ALA B 113 -35.55 -8.54 25.05
C ALA B 113 -35.99 -9.93 25.51
N THR B 114 -37.25 -10.03 25.87
CA THR B 114 -37.86 -11.32 26.17
C THR B 114 -37.76 -12.26 24.98
N ALA B 115 -37.82 -13.55 25.27
CA ALA B 115 -37.65 -14.56 24.23
C ALA B 115 -38.86 -14.68 23.34
N GLU B 116 -40.06 -14.39 23.86
CA GLU B 116 -41.26 -14.47 23.04
C GLU B 116 -41.38 -13.31 22.06
N ASN B 117 -40.94 -12.12 22.48
CA ASN B 117 -41.06 -10.91 21.68
C ASN B 117 -39.73 -10.52 21.02
N MET B 118 -38.87 -11.50 20.76
CA MET B 118 -37.58 -11.21 20.14
C MET B 118 -37.73 -10.91 18.66
N TYR B 119 -38.44 -11.78 17.93
CA TYR B 119 -38.61 -11.63 16.49
C TYR B 119 -39.93 -10.94 16.20
N SER B 120 -40.04 -9.71 16.66
CA SER B 120 -41.20 -8.87 16.49
C SER B 120 -40.95 -7.84 15.40
N LYS B 121 -42.01 -7.09 15.08
CA LYS B 121 -41.91 -6.07 14.05
C LYS B 121 -40.92 -4.98 14.43
N SER B 122 -40.89 -4.63 15.71
CA SER B 122 -40.12 -3.47 16.14
C SER B 122 -38.66 -3.80 16.37
N ASN B 123 -38.36 -5.01 16.82
CA ASN B 123 -36.99 -5.40 17.12
C ASN B 123 -36.23 -5.83 15.88
N LEU B 124 -36.93 -6.29 14.85
CA LEU B 124 -36.32 -6.49 13.55
C LEU B 124 -36.05 -5.16 12.87
N TYR B 125 -36.99 -4.23 12.99
CA TYR B 125 -36.82 -2.89 12.45
C TYR B 125 -35.57 -2.23 13.00
N THR B 126 -35.29 -2.44 14.27
CA THR B 126 -34.20 -1.77 14.96
C THR B 126 -32.84 -2.39 14.67
N GLY B 127 -32.79 -3.63 14.21
CA GLY B 127 -31.54 -4.24 13.82
C GLY B 127 -31.14 -3.88 12.41
N TYR B 128 -32.14 -3.79 11.54
CA TYR B 128 -31.92 -3.39 10.15
C TYR B 128 -31.41 -1.97 10.06
N SER B 129 -31.87 -1.10 10.96
CA SER B 129 -31.56 0.32 10.89
C SER B 129 -30.16 0.63 11.39
N LEU B 130 -29.78 0.06 12.53
CA LEU B 130 -28.45 0.28 13.05
C LEU B 130 -27.37 -0.39 12.23
N PHE B 131 -27.74 -1.30 11.34
CA PHE B 131 -26.78 -1.89 10.41
C PHE B 131 -26.51 -0.93 9.25
N TRP B 132 -27.55 -0.52 8.53
CA TRP B 132 -27.35 0.34 7.38
C TRP B 132 -26.97 1.76 7.76
N ALA B 133 -27.32 2.21 8.97
CA ALA B 133 -26.85 3.52 9.42
C ALA B 133 -25.37 3.49 9.75
N GLY B 134 -24.90 2.40 10.35
CA GLY B 134 -23.46 2.27 10.60
C GLY B 134 -22.65 2.15 9.32
N ILE B 135 -23.11 1.33 8.39
CA ILE B 135 -22.52 1.27 7.06
C ILE B 135 -22.45 2.66 6.44
N THR B 136 -23.54 3.40 6.57
CA THR B 136 -23.64 4.71 5.94
C THR B 136 -22.59 5.67 6.49
N VAL B 137 -22.53 5.79 7.81
CA VAL B 137 -21.60 6.73 8.44
C VAL B 137 -20.16 6.29 8.25
N GLY B 138 -19.91 4.98 8.26
CA GLY B 138 -18.55 4.49 8.16
C GLY B 138 -17.99 4.56 6.76
N ALA B 139 -18.72 4.01 5.81
CA ALA B 139 -18.29 4.03 4.42
C ALA B 139 -18.26 5.44 3.83
N SER B 140 -19.02 6.37 4.39
CA SER B 140 -19.02 7.75 3.90
C SER B 140 -17.87 8.55 4.49
N ASN B 141 -17.51 8.30 5.75
CA ASN B 141 -16.35 8.95 6.35
C ASN B 141 -15.02 8.33 5.89
N LEU B 142 -15.04 7.07 5.47
CA LEU B 142 -13.89 6.51 4.77
C LEU B 142 -13.54 7.30 3.53
N ILE B 143 -14.56 7.84 2.84
CA ILE B 143 -14.35 8.52 1.57
C ILE B 143 -13.93 9.96 1.81
N CYS B 144 -14.50 10.59 2.83
CA CYS B 144 -14.16 11.96 3.19
C CYS B 144 -12.75 12.06 3.75
N GLY B 145 -12.19 10.97 4.26
CA GLY B 145 -10.87 11.02 4.84
C GLY B 145 -9.76 10.86 3.83
N ILE B 146 -9.96 9.95 2.88
CA ILE B 146 -9.01 9.79 1.78
C ILE B 146 -8.98 11.04 0.92
N ALA B 147 -10.13 11.64 0.68
CA ALA B 147 -10.21 12.81 -0.18
C ALA B 147 -9.49 14.01 0.42
N VAL B 148 -9.72 14.27 1.71
CA VAL B 148 -9.11 15.42 2.38
C VAL B 148 -7.60 15.26 2.52
N GLY B 149 -7.10 14.02 2.51
CA GLY B 149 -5.68 13.82 2.52
C GLY B 149 -5.03 14.20 1.21
N ILE B 150 -5.65 13.83 0.10
CA ILE B 150 -5.16 14.23 -1.22
C ILE B 150 -5.16 15.75 -1.33
N THR B 151 -6.26 16.38 -0.96
CA THR B 151 -6.36 17.83 -1.01
C THR B 151 -5.29 18.49 -0.15
N GLY B 152 -5.01 17.94 1.02
CA GLY B 152 -4.08 18.52 1.93
C GLY B 152 -2.64 18.14 1.75
N ALA B 153 -2.33 17.20 0.86
CA ALA B 153 -0.96 16.96 0.45
C ALA B 153 -0.51 17.99 -0.57
N THR B 154 -1.44 18.48 -1.38
CA THR B 154 -1.15 19.55 -2.33
C THR B 154 -0.95 20.87 -1.62
N ALA B 155 -1.81 21.16 -0.64
CA ALA B 155 -1.75 22.42 0.07
C ALA B 155 -0.47 22.56 0.88
N ALA B 156 0.19 21.43 1.17
CA ALA B 156 1.50 21.47 1.80
C ALA B 156 2.57 21.86 0.79
N ILE B 157 2.44 21.39 -0.44
CA ILE B 157 3.44 21.64 -1.46
C ILE B 157 3.31 23.06 -2.00
N SER B 158 2.07 23.52 -2.15
CA SER B 158 1.84 24.90 -2.58
C SER B 158 2.34 25.89 -1.53
N ASP B 159 2.13 25.60 -0.25
CA ASP B 159 2.55 26.53 0.79
C ASP B 159 4.07 26.65 0.85
N ALA B 160 4.77 25.55 0.60
CA ALA B 160 6.22 25.60 0.56
C ALA B 160 6.71 26.41 -0.63
N ALA B 161 5.95 26.39 -1.73
CA ALA B 161 6.26 27.28 -2.85
C ALA B 161 6.06 28.73 -2.43
N ASP B 162 4.85 29.06 -1.99
CA ASP B 162 4.48 30.42 -1.68
C ASP B 162 3.44 30.40 -0.57
N SER B 163 3.62 31.29 0.40
CA SER B 163 2.74 31.32 1.57
C SER B 163 1.31 31.72 1.19
N ALA B 164 1.16 32.53 0.15
CA ALA B 164 -0.16 33.05 -0.20
C ALA B 164 -1.10 31.95 -0.66
N LEU B 165 -0.59 30.97 -1.41
CA LEU B 165 -1.43 29.98 -2.04
C LEU B 165 -2.10 29.03 -1.06
N PHE B 166 -1.62 28.96 0.19
CA PHE B 166 -2.20 28.04 1.16
C PHE B 166 -3.68 28.34 1.41
N VAL B 167 -4.02 29.62 1.52
CA VAL B 167 -5.39 30.00 1.86
C VAL B 167 -6.35 29.57 0.76
N LYS B 168 -5.91 29.65 -0.49
CA LYS B 168 -6.80 29.47 -1.62
C LYS B 168 -7.24 28.02 -1.77
N ILE B 169 -6.40 27.08 -1.33
CA ILE B 169 -6.69 25.66 -1.47
C ILE B 169 -7.48 25.13 -0.27
N LEU B 170 -7.51 25.86 0.85
CA LEU B 170 -8.33 25.45 1.98
C LEU B 170 -9.80 25.33 1.61
N VAL B 171 -10.27 26.20 0.72
CA VAL B 171 -11.69 26.20 0.34
C VAL B 171 -12.08 24.84 -0.24
N ILE B 172 -11.17 24.21 -0.97
CA ILE B 172 -11.42 22.87 -1.47
C ILE B 172 -11.45 21.89 -0.32
N GLU B 173 -10.67 22.17 0.72
CA GLU B 173 -10.51 21.23 1.82
C GLU B 173 -11.66 21.34 2.81
N ILE B 174 -12.36 22.47 2.81
CA ILE B 174 -13.56 22.63 3.62
C ILE B 174 -14.73 21.91 2.99
N PHE B 175 -14.96 22.09 1.69
CA PHE B 175 -16.09 21.46 1.02
C PHE B 175 -16.02 19.94 1.14
N GLY B 176 -14.81 19.38 1.11
CA GLY B 176 -14.67 17.95 1.29
C GLY B 176 -15.14 17.50 2.66
N SER B 177 -14.94 18.36 3.67
CA SER B 177 -15.31 18.00 5.04
C SER B 177 -16.81 17.93 5.22
N ILE B 178 -17.59 18.59 4.35
CA ILE B 178 -19.04 18.55 4.43
C ILE B 178 -19.57 17.15 4.25
N LEU B 179 -18.84 16.31 3.52
CA LEU B 179 -19.33 14.96 3.23
C LEU B 179 -19.52 14.15 4.49
N GLY B 180 -18.65 14.33 5.48
CA GLY B 180 -18.76 13.55 6.70
C GLY B 180 -19.88 14.04 7.59
N LEU B 181 -20.18 15.33 7.52
CA LEU B 181 -21.23 15.90 8.33
C LEU B 181 -22.61 15.51 7.79
N LEU B 182 -22.73 15.39 6.47
CA LEU B 182 -23.99 14.94 5.89
C LEU B 182 -24.27 13.49 6.22
N GLY B 183 -23.23 12.65 6.25
CA GLY B 183 -23.43 11.26 6.57
C GLY B 183 -23.93 11.05 7.98
N LEU B 184 -23.39 11.83 8.92
CA LEU B 184 -23.84 11.79 10.29
C LEU B 184 -25.33 12.11 10.39
N ILE B 185 -25.77 13.14 9.66
CA ILE B 185 -27.18 13.54 9.67
C ILE B 185 -28.07 12.40 9.18
N VAL B 186 -27.72 11.81 8.04
CA VAL B 186 -28.57 10.79 7.43
C VAL B 186 -28.71 9.59 8.36
N GLY B 187 -27.64 9.23 9.06
CA GLY B 187 -27.71 8.13 9.99
C GLY B 187 -28.63 8.39 11.15
N LEU B 188 -28.59 9.60 11.71
CA LEU B 188 -29.46 9.94 12.83
C LEU B 188 -30.92 9.96 12.42
N LEU B 189 -31.21 10.32 11.18
CA LEU B 189 -32.59 10.30 10.69
C LEU B 189 -33.11 8.88 10.56
N MET B 190 -32.28 7.96 10.08
CA MET B 190 -32.66 6.56 10.03
C MET B 190 -33.05 6.02 11.39
N ALA B 191 -32.14 6.15 12.35
CA ALA B 191 -32.30 5.61 13.69
C ALA B 191 -33.06 6.55 14.60
N GLY B 192 -33.75 7.54 14.05
CA GLY B 192 -34.54 8.42 14.90
C GLY B 192 -35.73 7.72 15.50
N LYS B 193 -36.49 7.01 14.68
CA LYS B 193 -37.72 6.35 15.12
C LYS B 193 -37.49 4.96 15.65
N ALA B 194 -36.31 4.40 15.43
CA ALA B 194 -35.96 3.13 16.04
C ALA B 194 -36.02 3.23 17.56
N SER B 195 -36.59 2.19 18.17
CA SER B 195 -36.75 2.11 19.61
C SER B 195 -35.89 1.00 20.17
N GLU B 196 -35.47 1.18 21.42
CA GLU B 196 -34.68 0.17 22.11
C GLU B 196 -35.40 -1.16 22.12
N PHE B 197 -34.61 -2.23 22.15
CA PHE B 197 -35.17 -3.57 22.16
C PHE B 197 -36.02 -3.79 23.41
N GLN B 198 -37.24 -4.27 23.19
CA GLN B 198 -38.16 -4.57 24.30
C GLN B 198 -37.97 -6.02 24.73
N ASP C 1 -42.81 -27.39 9.30
CA ASP C 1 -41.67 -27.46 8.40
C ASP C 1 -41.16 -26.07 8.02
N ASP C 2 -41.26 -25.13 8.96
CA ASP C 2 -40.80 -23.77 8.75
C ASP C 2 -39.30 -23.60 9.01
N ILE C 3 -38.54 -24.70 9.09
CA ILE C 3 -37.10 -24.58 9.23
C ILE C 3 -36.50 -23.99 7.97
N LEU C 4 -35.38 -23.29 8.13
CA LEU C 4 -34.62 -22.85 6.97
C LEU C 4 -33.94 -24.02 6.30
N SER C 5 -33.19 -24.81 7.06
CA SER C 5 -32.58 -26.03 6.57
C SER C 5 -32.10 -26.84 7.75
N SER C 6 -31.85 -28.13 7.49
CA SER C 6 -31.24 -28.99 8.49
C SER C 6 -29.73 -28.82 8.50
N ILE C 7 -29.12 -28.65 7.32
CA ILE C 7 -27.68 -28.50 7.21
C ILE C 7 -27.29 -27.04 7.31
N TRP C 8 -27.95 -26.16 6.57
CA TRP C 8 -27.63 -24.74 6.52
C TRP C 8 -28.56 -23.98 7.47
N THR C 9 -28.37 -24.25 8.75
CA THR C 9 -29.12 -23.55 9.78
C THR C 9 -28.69 -22.10 9.87
N GLU C 10 -29.55 -21.29 10.48
CA GLU C 10 -29.24 -19.88 10.65
C GLU C 10 -28.03 -19.69 11.55
N GLY C 11 -27.81 -20.59 12.51
CA GLY C 11 -26.66 -20.46 13.39
C GLY C 11 -25.36 -20.71 12.68
N LEU C 12 -25.35 -21.65 11.74
CA LEU C 12 -24.14 -21.87 10.95
C LEU C 12 -23.90 -20.72 9.99
N LEU C 13 -24.95 -20.18 9.38
CA LEU C 13 -24.79 -19.12 8.42
C LEU C 13 -24.26 -17.84 9.06
N MET C 14 -24.75 -17.50 10.24
CA MET C 14 -24.23 -16.31 10.93
C MET C 14 -22.77 -16.46 11.27
N CYS C 15 -22.33 -17.69 11.54
CA CYS C 15 -20.94 -17.94 11.89
C CYS C 15 -20.01 -18.00 10.69
N LEU C 16 -20.55 -18.26 9.49
CA LEU C 16 -19.75 -18.37 8.29
C LEU C 16 -19.61 -17.04 7.56
N ILE C 17 -20.52 -16.09 7.79
CA ILE C 17 -20.35 -14.75 7.23
C ILE C 17 -19.40 -13.93 8.09
N VAL C 18 -19.36 -14.21 9.39
CA VAL C 18 -18.43 -13.50 10.27
C VAL C 18 -17.01 -13.99 10.03
N SER C 19 -16.83 -15.29 9.90
CA SER C 19 -15.53 -15.83 9.49
C SER C 19 -15.10 -15.24 8.15
N ALA C 20 -16.01 -15.21 7.18
CA ALA C 20 -15.75 -14.57 5.89
C ALA C 20 -15.32 -13.11 6.07
N LEU C 21 -15.90 -12.43 7.04
CA LEU C 21 -15.59 -11.02 7.27
C LEU C 21 -14.20 -10.86 7.89
N LEU C 22 -13.92 -11.60 8.96
CA LEU C 22 -12.63 -11.48 9.62
C LEU C 22 -11.50 -11.95 8.74
N LEU C 23 -11.77 -12.90 7.85
CA LEU C 23 -10.79 -13.40 6.90
C LEU C 23 -10.54 -12.42 5.77
N PHE C 24 -11.59 -11.74 5.32
CA PHE C 24 -11.42 -10.69 4.33
C PHE C 24 -10.49 -9.59 4.83
N ILE C 25 -10.62 -9.19 6.10
CA ILE C 25 -9.73 -8.20 6.68
C ILE C 25 -8.30 -8.71 6.70
N LEU C 26 -8.12 -9.93 7.21
CA LEU C 26 -6.79 -10.53 7.34
C LEU C 26 -6.07 -10.59 6.00
N ILE C 27 -6.77 -10.98 4.95
CA ILE C 27 -6.11 -11.13 3.66
C ILE C 27 -5.65 -9.79 3.12
N VAL C 28 -6.34 -8.71 3.46
CA VAL C 28 -5.90 -7.38 3.07
C VAL C 28 -4.65 -6.99 3.84
N ALA C 29 -4.65 -7.22 5.14
CA ALA C 29 -3.54 -6.80 5.97
C ALA C 29 -2.25 -7.50 5.60
N LEU C 30 -2.34 -8.70 5.06
CA LEU C 30 -1.18 -9.44 4.61
C LEU C 30 -0.75 -9.11 3.20
N SER C 31 -1.49 -8.28 2.49
CA SER C 31 -1.08 -7.74 1.20
C SER C 31 -0.22 -6.50 1.35
N TRP C 32 -0.59 -5.66 2.31
CA TRP C 32 0.21 -4.50 2.68
C TRP C 32 1.56 -4.91 3.24
N ILE C 33 1.60 -6.01 3.97
CA ILE C 33 2.81 -6.43 4.66
C ILE C 33 3.79 -7.09 3.69
N SER C 34 3.27 -7.81 2.71
CA SER C 34 4.15 -8.48 1.75
C SER C 34 4.85 -7.46 0.86
N ASN C 35 4.21 -6.34 0.59
CA ASN C 35 4.78 -5.35 -0.33
C ASN C 35 5.84 -4.48 0.34
N LEU C 36 6.11 -4.67 1.63
CA LEU C 36 7.26 -4.04 2.26
C LEU C 36 8.54 -4.40 1.52
N ASP C 37 9.41 -3.41 1.37
CA ASP C 37 10.69 -3.60 0.70
C ASP C 37 11.72 -2.74 1.39
N ILE C 38 12.91 -3.28 1.55
CA ILE C 38 13.96 -2.58 2.28
C ILE C 38 14.67 -1.59 1.35
N THR C 39 15.09 -0.50 1.95
CA THR C 39 15.76 0.62 1.30
C THR C 39 17.27 0.40 1.40
N TYR C 40 17.84 -0.30 0.41
CA TYR C 40 19.18 -0.82 0.56
C TYR C 40 20.26 0.22 0.30
N GLY C 41 19.92 1.33 -0.36
CA GLY C 41 20.96 2.27 -0.76
C GLY C 41 21.63 2.95 0.40
N ALA C 42 20.88 3.26 1.45
CA ALA C 42 21.42 3.95 2.61
C ALA C 42 22.16 3.04 3.57
N LEU C 43 22.34 1.76 3.21
CA LEU C 43 23.02 0.76 4.03
C LEU C 43 24.35 0.35 3.44
N GLU C 44 24.41 0.18 2.13
CA GLU C 44 25.63 -0.20 1.44
C GLU C 44 26.64 0.94 1.48
N LYS C 45 27.92 0.57 1.41
CA LYS C 45 29.01 1.52 1.27
C LYS C 45 29.34 1.66 -0.21
N SER C 46 29.14 2.87 -0.74
CA SER C 46 29.45 3.18 -2.13
C SER C 46 30.40 4.37 -2.16
N THR C 47 31.47 4.24 -2.94
CA THR C 47 32.40 5.33 -3.17
C THR C 47 32.90 5.23 -4.59
N ASN C 48 33.22 6.38 -5.18
CA ASN C 48 33.69 6.48 -6.54
C ASN C 48 34.96 7.32 -6.60
N PRO C 49 35.96 6.95 -7.40
CA PRO C 49 37.13 7.81 -7.58
C PRO C 49 36.96 8.90 -8.62
N ILE C 50 35.75 9.12 -9.11
CA ILE C 50 35.47 10.19 -10.06
C ILE C 50 35.05 11.43 -9.28
N LYS C 51 33.98 11.30 -8.51
CA LYS C 51 33.38 12.45 -7.85
C LYS C 51 34.14 12.84 -6.59
N LYS C 52 34.37 11.88 -5.69
CA LYS C 52 35.09 12.13 -4.46
C LYS C 52 36.53 12.56 -4.72
N MET D 1 -27.88 19.59 55.23
CA MET D 1 -28.35 20.58 54.23
C MET D 1 -27.42 20.63 53.02
N SER D 2 -27.82 19.92 51.96
CA SER D 2 -27.06 19.85 50.71
C SER D 2 -28.02 20.12 49.57
N SER D 3 -27.78 21.20 48.84
CA SER D 3 -28.73 21.68 47.85
C SER D 3 -28.01 22.57 46.85
N PHE D 4 -28.77 22.98 45.84
CA PHE D 4 -28.20 23.84 44.81
C PHE D 4 -27.76 25.18 45.38
N TYR D 5 -28.37 25.61 46.48
CA TYR D 5 -27.90 26.80 47.17
C TYR D 5 -26.48 26.64 47.67
N THR D 6 -26.06 25.40 47.96
CA THR D 6 -24.72 25.17 48.46
C THR D 6 -23.67 25.53 47.43
N VAL D 7 -24.00 25.38 46.15
CA VAL D 7 -23.07 25.78 45.09
C VAL D 7 -23.01 27.29 45.00
N VAL D 8 -24.13 27.98 45.21
CA VAL D 8 -24.12 29.43 45.12
C VAL D 8 -23.33 30.03 46.26
N GLY D 9 -23.52 29.50 47.47
CA GLY D 9 -22.81 30.01 48.62
C GLY D 9 -21.31 29.90 48.51
N VAL D 10 -20.80 28.97 47.73
CA VAL D 10 -19.37 28.92 47.45
C VAL D 10 -19.01 29.97 46.41
N PHE D 11 -19.86 30.14 45.40
CA PHE D 11 -19.58 31.08 44.32
C PHE D 11 -19.53 32.51 44.83
N ILE D 12 -20.26 32.82 45.90
CA ILE D 12 -20.17 34.14 46.50
C ILE D 12 -18.83 34.31 47.21
N VAL D 13 -18.41 33.29 47.97
CA VAL D 13 -17.15 33.35 48.68
C VAL D 13 -15.98 33.39 47.72
N VAL D 14 -16.12 32.75 46.56
CA VAL D 14 -15.04 32.68 45.59
C VAL D 14 -15.04 33.88 44.65
N SER D 15 -16.20 34.42 44.32
CA SER D 15 -16.27 35.63 43.52
C SER D 15 -15.93 36.89 44.31
N ALA D 16 -15.60 36.77 45.60
CA ALA D 16 -15.14 37.88 46.41
C ALA D 16 -13.64 37.86 46.66
N MET D 17 -13.06 36.67 46.85
CA MET D 17 -11.61 36.60 47.01
C MET D 17 -10.89 36.99 45.73
N SER D 18 -11.47 36.69 44.58
CA SER D 18 -10.93 37.18 43.33
C SER D 18 -10.89 38.70 43.31
N VAL D 19 -11.89 39.34 43.91
CA VAL D 19 -11.93 40.81 43.94
C VAL D 19 -10.87 41.34 44.91
N LEU D 20 -10.78 40.75 46.09
CA LEU D 20 -9.79 41.23 47.05
C LEU D 20 -8.38 41.02 46.56
N PHE D 21 -8.14 39.92 45.86
CA PHE D 21 -6.80 39.67 45.35
C PHE D 21 -6.46 40.62 44.21
N TRP D 22 -7.47 41.00 43.42
CA TRP D 22 -7.26 42.01 42.40
C TRP D 22 -6.71 43.29 43.00
N ILE D 23 -7.26 43.71 44.14
CA ILE D 23 -6.81 44.92 44.80
C ILE D 23 -5.40 44.74 45.36
N MET D 24 -5.15 43.60 46.00
CA MET D 24 -3.96 43.41 46.82
C MET D 24 -2.78 42.81 46.08
N ALA D 25 -2.92 42.50 44.80
CA ALA D 25 -1.82 41.85 44.09
C ALA D 25 -0.64 42.81 43.98
N PRO D 26 0.59 42.35 44.21
CA PRO D 26 1.72 43.26 44.24
C PRO D 26 1.99 43.87 42.87
N LYS D 27 2.77 44.95 42.88
CA LYS D 27 2.99 45.73 41.68
C LYS D 27 3.99 45.05 40.75
N ASN D 28 4.95 44.34 41.31
CA ASN D 28 5.92 43.63 40.49
C ASN D 28 5.26 42.41 39.88
N ASN D 29 5.25 42.35 38.55
CA ASN D 29 4.61 41.27 37.80
C ASN D 29 3.14 41.15 38.18
N GLN D 30 2.47 42.29 38.20
CA GLN D 30 1.10 42.38 38.69
C GLN D 30 0.13 41.58 37.84
N ALA D 31 0.40 41.46 36.54
CA ALA D 31 -0.52 40.77 35.65
C ALA D 31 -0.44 39.27 35.78
N VAL D 32 0.72 38.74 36.13
CA VAL D 32 0.88 37.29 36.24
C VAL D 32 0.20 36.78 37.50
N TRP D 33 0.42 37.44 38.65
CA TRP D 33 -0.29 37.09 39.87
C TRP D 33 -1.79 37.21 39.65
N ARG D 34 -2.20 38.33 39.06
CA ARG D 34 -3.60 38.70 38.99
C ARG D 34 -4.39 37.76 38.09
N SER D 35 -3.82 37.37 36.95
CA SER D 35 -4.50 36.45 36.05
C SER D 35 -4.42 35.01 36.53
N THR D 36 -3.25 34.60 37.01
CA THR D 36 -3.03 33.19 37.30
C THR D 36 -3.88 32.72 38.47
N VAL D 37 -4.01 33.55 39.51
CA VAL D 37 -4.72 33.14 40.70
C VAL D 37 -6.22 33.16 40.48
N ILE D 38 -6.73 34.25 39.88
CA ILE D 38 -8.16 34.36 39.60
C ILE D 38 -8.60 33.27 38.64
N LEU D 39 -7.77 32.94 37.67
CA LEU D 39 -8.11 31.93 36.68
C LEU D 39 -7.87 30.52 37.21
N THR D 40 -7.11 30.37 38.29
CA THR D 40 -6.94 29.07 38.92
C THR D 40 -8.11 28.74 39.84
N LEU D 41 -8.53 29.70 40.67
CA LEU D 41 -9.64 29.46 41.57
C LEU D 41 -10.92 29.13 40.83
N ALA D 42 -11.09 29.68 39.62
CA ALA D 42 -12.34 29.48 38.90
C ALA D 42 -12.46 28.05 38.40
N MET D 43 -11.41 27.52 37.77
CA MET D 43 -11.43 26.16 37.28
C MET D 43 -11.30 25.13 38.40
N MET D 44 -10.94 25.55 39.61
CA MET D 44 -11.07 24.67 40.76
C MET D 44 -12.50 24.60 41.26
N PHE D 45 -13.28 25.67 41.05
CA PHE D 45 -14.67 25.71 41.47
C PHE D 45 -15.56 24.96 40.48
N LEU D 46 -15.36 25.19 39.19
CA LEU D 46 -16.24 24.61 38.18
C LEU D 46 -16.17 23.10 38.20
N MET D 47 -15.02 22.55 38.57
CA MET D 47 -14.84 21.11 38.60
C MET D 47 -15.31 20.49 39.91
N TRP D 48 -15.35 21.28 40.98
CA TRP D 48 -16.06 20.87 42.19
C TRP D 48 -17.57 20.84 41.95
N ALA D 49 -18.12 21.95 41.46
CA ALA D 49 -19.55 22.09 41.32
C ALA D 49 -20.14 21.07 40.38
N ILE D 50 -19.44 20.74 39.30
CA ILE D 50 -19.92 19.74 38.37
C ILE D 50 -19.96 18.38 39.04
N THR D 51 -18.99 18.11 39.91
CA THR D 51 -18.86 16.84 40.58
C THR D 51 -19.82 16.70 41.76
N PHE D 52 -20.32 17.81 42.29
CA PHE D 52 -21.30 17.86 43.36
C PHE D 52 -22.72 17.75 42.83
N LEU D 53 -23.00 18.45 41.74
CA LEU D 53 -24.34 18.46 41.16
C LEU D 53 -24.72 17.12 40.57
N CYS D 54 -23.76 16.35 40.11
CA CYS D 54 -24.01 15.00 39.60
C CYS D 54 -24.35 13.99 40.67
N GLN D 55 -24.60 14.39 41.92
CA GLN D 55 -24.82 13.48 43.02
C GLN D 55 -26.04 13.81 43.86
N LEU D 56 -26.65 14.98 43.67
CA LEU D 56 -27.77 15.38 44.51
C LEU D 56 -28.95 14.43 44.33
N HIS D 57 -29.35 14.21 43.08
CA HIS D 57 -30.58 13.49 42.75
C HIS D 57 -30.26 12.48 41.66
N PRO D 58 -29.44 11.50 41.97
CA PRO D 58 -28.96 10.58 40.93
C PRO D 58 -30.05 9.62 40.50
N LEU D 59 -29.97 9.21 39.24
CA LEU D 59 -30.99 8.38 38.62
C LEU D 59 -30.65 6.90 38.60
N VAL D 60 -29.42 6.53 38.96
CA VAL D 60 -29.04 5.13 39.11
C VAL D 60 -28.18 5.00 40.34
N ALA D 61 -28.41 3.93 41.08
CA ALA D 61 -27.79 3.68 42.37
C ALA D 61 -26.81 2.52 42.27
N PRO D 62 -25.76 2.49 43.08
CA PRO D 62 -24.73 1.48 42.90
C PRO D 62 -25.20 0.09 43.33
N ARG D 63 -24.77 -0.91 42.58
CA ARG D 63 -25.32 -2.25 42.64
C ARG D 63 -24.18 -3.25 42.43
N ARG D 64 -24.09 -4.25 43.30
CA ARG D 64 -23.03 -5.24 43.22
C ARG D 64 -23.47 -6.55 43.84
N SER D 65 -22.79 -7.63 43.47
CA SER D 65 -23.04 -8.97 43.97
C SER D 65 -21.77 -9.65 44.48
N ASP D 66 -20.88 -8.89 45.09
CA ASP D 66 -19.52 -9.33 45.37
C ASP D 66 -19.09 -9.16 46.82
N LEU D 67 -19.88 -8.46 47.64
CA LEU D 67 -19.47 -8.18 49.01
C LEU D 67 -19.61 -9.42 49.90
N ARG D 68 -18.88 -9.37 51.02
CA ARG D 68 -19.01 -10.37 52.05
C ARG D 68 -20.22 -10.07 52.94
N PRO D 69 -20.87 -11.10 53.50
CA PRO D 69 -22.00 -10.81 54.39
C PRO D 69 -21.63 -10.06 55.65
N GLU D 70 -20.37 -10.11 56.07
CA GLU D 70 -19.96 -9.50 57.33
C GLU D 70 -19.97 -7.98 57.24
N PHE D 71 -19.53 -7.44 56.10
CA PHE D 71 -19.37 -6.00 55.84
C PHE D 71 -18.87 -5.19 57.04
N MET E 1 -50.63 -13.28 -4.22
CA MET E 1 -50.65 -14.63 -3.60
C MET E 1 -50.88 -15.70 -4.66
N THR E 2 -51.47 -15.30 -5.78
CA THR E 2 -51.65 -16.19 -6.91
C THR E 2 -50.28 -16.69 -7.38
N GLU E 3 -50.28 -17.88 -7.98
CA GLU E 3 -49.02 -18.45 -8.46
C GLU E 3 -48.45 -17.62 -9.60
N LEU E 4 -49.30 -17.02 -10.41
CA LEU E 4 -48.85 -16.19 -11.51
C LEU E 4 -48.32 -14.85 -11.04
N CYS E 5 -48.81 -14.37 -9.89
CA CYS E 5 -48.56 -13.01 -9.43
C CYS E 5 -48.04 -13.04 -7.99
N PRO E 6 -46.78 -13.40 -7.78
CA PRO E 6 -46.24 -13.43 -6.42
C PRO E 6 -45.97 -12.04 -5.89
N VAL E 7 -45.57 -11.99 -4.62
CA VAL E 7 -45.30 -10.71 -3.97
C VAL E 7 -43.91 -10.20 -4.32
N TYR E 8 -43.02 -11.10 -4.75
CA TYR E 8 -41.67 -10.73 -5.16
C TYR E 8 -41.55 -10.36 -6.64
N ALA E 9 -42.67 -10.24 -7.35
CA ALA E 9 -42.59 -9.94 -8.77
C ALA E 9 -42.11 -8.53 -9.10
N PRO E 10 -42.47 -7.49 -8.36
CA PRO E 10 -41.96 -6.15 -8.70
C PRO E 10 -40.44 -5.99 -8.58
N PHE E 11 -39.76 -6.91 -7.91
CA PHE E 11 -38.30 -6.85 -7.84
C PHE E 11 -37.67 -6.81 -9.23
N PHE E 12 -38.17 -7.65 -10.14
CA PHE E 12 -37.55 -7.77 -11.45
C PHE E 12 -37.78 -6.51 -12.29
N GLY E 13 -38.88 -5.82 -12.04
CA GLY E 13 -39.12 -4.56 -12.74
C GLY E 13 -38.29 -3.41 -12.21
N ALA E 14 -38.04 -3.40 -10.91
CA ALA E 14 -37.21 -2.36 -10.30
C ALA E 14 -35.79 -2.39 -10.82
N ILE E 15 -35.22 -3.58 -10.98
CA ILE E 15 -33.84 -3.70 -11.45
C ILE E 15 -33.73 -3.34 -12.92
N GLY E 16 -34.83 -3.38 -13.67
CA GLY E 16 -34.83 -2.93 -15.04
C GLY E 16 -34.93 -1.43 -15.18
N CYS E 17 -35.76 -0.81 -14.35
CA CYS E 17 -35.83 0.64 -14.32
C CYS E 17 -34.51 1.24 -13.88
N ALA E 18 -33.80 0.56 -12.97
CA ALA E 18 -32.53 1.08 -12.48
C ALA E 18 -31.38 0.75 -13.41
N SER E 19 -31.46 -0.38 -14.13
CA SER E 19 -30.39 -0.77 -15.03
C SER E 19 -30.24 0.23 -16.17
N ALA E 20 -31.35 0.85 -16.59
CA ALA E 20 -31.31 1.74 -17.74
C ALA E 20 -30.63 3.06 -17.43
N ILE E 21 -30.68 3.50 -16.17
CA ILE E 21 -29.96 4.69 -15.74
C ILE E 21 -28.51 4.42 -15.37
N ILE E 22 -28.17 3.18 -15.02
CA ILE E 22 -26.86 2.89 -14.49
C ILE E 22 -25.84 2.73 -15.60
N PHE E 23 -26.22 2.06 -16.70
CA PHE E 23 -25.28 1.70 -17.74
C PHE E 23 -25.27 2.68 -18.91
N THR E 24 -26.29 3.53 -19.04
CA THR E 24 -26.21 4.66 -19.97
C THR E 24 -25.35 5.78 -19.42
N SER E 25 -25.51 6.10 -18.14
CA SER E 25 -24.75 7.17 -17.53
C SER E 25 -23.26 6.87 -17.53
N LEU E 26 -22.88 5.64 -17.17
CA LEU E 26 -21.49 5.22 -17.26
C LEU E 26 -20.99 5.20 -18.69
N GLY E 27 -21.88 5.08 -19.68
CA GLY E 27 -21.48 5.17 -21.06
C GLY E 27 -21.37 6.59 -21.55
N ALA E 28 -22.22 7.47 -21.03
CA ALA E 28 -22.15 8.87 -21.37
C ALA E 28 -21.05 9.59 -20.61
N ALA E 29 -20.69 9.10 -19.44
CA ALA E 29 -19.61 9.69 -18.68
C ALA E 29 -18.25 9.34 -19.25
N TYR E 30 -18.11 8.17 -19.86
CA TYR E 30 -16.85 7.79 -20.48
C TYR E 30 -16.61 8.61 -21.73
N GLY E 31 -17.64 8.77 -22.56
CA GLY E 31 -17.48 9.48 -23.81
C GLY E 31 -17.28 10.97 -23.63
N THR E 32 -18.12 11.58 -22.80
CA THR E 32 -17.99 13.00 -22.51
C THR E 32 -16.60 13.35 -22.00
N ALA E 33 -16.08 12.54 -21.07
CA ALA E 33 -14.77 12.80 -20.50
C ALA E 33 -13.67 12.79 -21.56
N LYS E 34 -13.50 11.63 -22.23
CA LYS E 34 -12.38 11.47 -23.15
C LYS E 34 -12.48 12.42 -24.34
N SER E 35 -13.67 12.59 -24.90
CA SER E 35 -13.88 13.65 -25.86
C SER E 35 -13.52 15.01 -25.28
N GLY E 36 -13.77 15.20 -23.99
CA GLY E 36 -13.45 16.47 -23.36
C GLY E 36 -11.98 16.71 -23.17
N VAL E 37 -11.18 15.65 -23.17
CA VAL E 37 -9.73 15.80 -23.02
C VAL E 37 -9.08 16.11 -24.36
N GLY E 38 -9.54 15.46 -25.43
CA GLY E 38 -9.00 15.73 -26.74
C GLY E 38 -9.30 17.13 -27.22
N ILE E 39 -10.42 17.68 -26.79
CA ILE E 39 -10.79 19.05 -27.15
C ILE E 39 -9.84 20.04 -26.47
N CYS E 40 -9.58 19.84 -25.19
CA CYS E 40 -8.79 20.82 -24.44
C CYS E 40 -7.36 20.88 -24.93
N ALA E 41 -6.79 19.75 -25.35
CA ALA E 41 -5.41 19.74 -25.80
C ALA E 41 -5.22 20.53 -27.08
N THR E 42 -6.18 20.43 -28.00
CA THR E 42 -6.05 21.09 -29.30
C THR E 42 -6.30 22.59 -29.21
N CYS E 43 -7.25 23.01 -28.37
CA CYS E 43 -7.70 24.40 -28.40
C CYS E 43 -6.65 25.36 -27.83
N VAL E 44 -5.61 24.85 -27.17
CA VAL E 44 -4.49 25.70 -26.80
C VAL E 44 -3.88 26.33 -28.03
N LEU E 45 -3.56 25.49 -29.01
CA LEU E 45 -3.03 25.97 -30.28
C LEU E 45 -4.09 26.71 -31.08
N ARG E 46 -5.30 26.15 -31.14
CA ARG E 46 -6.35 26.60 -32.05
C ARG E 46 -7.68 26.66 -31.31
N PRO E 47 -7.96 27.72 -30.56
CA PRO E 47 -9.24 27.81 -29.84
C PRO E 47 -10.40 28.35 -30.67
N ASP E 48 -10.21 28.57 -31.97
CA ASP E 48 -11.29 28.94 -32.86
C ASP E 48 -12.10 27.76 -33.36
N LEU E 49 -11.80 26.54 -32.87
CA LEU E 49 -12.56 25.34 -33.22
C LEU E 49 -13.17 24.70 -31.99
N LEU E 50 -13.64 25.52 -31.05
CA LEU E 50 -14.11 25.03 -29.77
C LEU E 50 -15.59 24.67 -29.83
N PHE E 51 -16.43 25.59 -30.33
CA PHE E 51 -17.85 25.34 -30.47
C PHE E 51 -18.20 24.45 -31.65
N LYS E 52 -17.21 23.96 -32.40
CA LYS E 52 -17.42 23.01 -33.48
C LYS E 52 -16.98 21.60 -33.13
N ASN E 53 -16.15 21.44 -32.11
CA ASN E 53 -15.71 20.12 -31.64
C ASN E 53 -16.42 19.68 -30.37
N ILE E 54 -17.56 20.30 -30.04
CA ILE E 54 -18.38 19.87 -28.89
C ILE E 54 -19.47 18.93 -29.38
N VAL E 55 -19.34 18.43 -30.60
CA VAL E 55 -20.32 17.52 -31.16
C VAL E 55 -20.20 16.11 -30.59
N PRO E 56 -19.00 15.60 -30.28
CA PRO E 56 -18.94 14.29 -29.62
C PRO E 56 -19.62 14.26 -28.26
N VAL E 57 -19.59 15.36 -27.52
CA VAL E 57 -20.21 15.39 -26.20
C VAL E 57 -21.72 15.42 -26.30
N ILE E 58 -22.26 16.07 -27.31
CA ILE E 58 -23.70 16.10 -27.48
C ILE E 58 -24.23 14.72 -27.81
N MET E 59 -23.55 13.99 -28.69
CA MET E 59 -23.93 12.62 -29.02
C MET E 59 -24.05 11.76 -27.78
N ALA E 60 -23.13 11.92 -26.83
CA ALA E 60 -23.11 11.12 -25.62
C ALA E 60 -24.15 11.54 -24.61
N GLY E 61 -24.80 12.69 -24.80
CA GLY E 61 -25.89 13.09 -23.95
C GLY E 61 -27.20 12.57 -24.46
N ILE E 62 -27.27 12.32 -25.77
CA ILE E 62 -28.42 11.65 -26.36
C ILE E 62 -28.46 10.20 -25.92
N ILE E 63 -27.35 9.63 -25.46
CA ILE E 63 -27.34 8.27 -24.94
C ILE E 63 -28.04 8.21 -23.59
N ALA E 64 -27.81 9.21 -22.75
CA ALA E 64 -28.39 9.23 -21.43
C ALA E 64 -29.86 9.63 -21.42
N ILE E 65 -30.32 10.28 -22.50
CA ILE E 65 -31.73 10.56 -22.67
C ILE E 65 -32.48 9.34 -23.19
N TYR E 66 -31.78 8.42 -23.86
CA TYR E 66 -32.39 7.15 -24.24
C TYR E 66 -32.80 6.35 -23.02
N GLY E 67 -32.06 6.48 -21.93
CA GLY E 67 -32.25 5.66 -20.75
C GLY E 67 -33.24 6.23 -19.76
N LEU E 68 -33.43 7.55 -19.82
CA LEU E 68 -34.45 8.20 -19.02
C LEU E 68 -35.84 7.88 -19.54
N VAL E 69 -35.97 7.77 -20.87
CA VAL E 69 -37.26 7.47 -21.48
C VAL E 69 -37.79 6.14 -20.98
N VAL E 70 -36.94 5.12 -20.99
CA VAL E 70 -37.40 3.77 -20.66
C VAL E 70 -37.74 3.67 -19.19
N SER E 71 -36.84 4.14 -18.32
CA SER E 71 -37.06 4.09 -16.88
C SER E 71 -38.35 4.81 -16.48
N VAL E 72 -38.55 6.02 -17.00
CA VAL E 72 -39.83 6.71 -16.81
C VAL E 72 -40.99 5.88 -17.32
N LEU E 73 -40.80 5.19 -18.43
CA LEU E 73 -41.91 4.58 -19.13
C LEU E 73 -42.28 3.20 -18.59
N VAL E 74 -41.36 2.53 -17.91
CA VAL E 74 -41.69 1.29 -17.20
C VAL E 74 -42.17 1.56 -15.78
N CYS E 75 -41.75 2.68 -15.18
CA CYS E 75 -42.16 2.99 -13.82
C CYS E 75 -43.64 3.31 -13.73
N TYR E 76 -44.23 3.84 -14.80
CA TYR E 76 -45.67 3.98 -14.86
C TYR E 76 -46.38 2.64 -15.02
N SER E 77 -45.64 1.57 -15.30
CA SER E 77 -46.20 0.24 -15.48
C SER E 77 -46.02 -0.66 -14.26
N LEU E 78 -45.45 -0.15 -13.18
CA LEU E 78 -45.17 -0.94 -11.99
C LEU E 78 -46.37 -0.93 -11.05
N GLY E 79 -46.52 -2.01 -10.30
CA GLY E 79 -47.67 -2.15 -9.44
C GLY E 79 -47.45 -3.16 -8.34
N GLN E 80 -48.16 -2.97 -7.24
CA GLN E 80 -48.11 -3.90 -6.12
C GLN E 80 -48.56 -5.28 -6.54
N LYS E 81 -49.66 -5.37 -7.27
CA LYS E 81 -50.20 -6.62 -7.78
C LYS E 81 -49.91 -6.69 -9.28
N GLN E 82 -48.87 -7.42 -9.64
CA GLN E 82 -48.60 -7.68 -11.05
C GLN E 82 -47.98 -9.06 -11.18
N ALA E 83 -47.79 -9.45 -12.42
CA ALA E 83 -47.37 -10.79 -12.81
C ALA E 83 -45.88 -10.85 -13.09
N LEU E 84 -45.32 -12.05 -12.93
CA LEU E 84 -43.91 -12.27 -13.23
C LEU E 84 -43.59 -11.92 -14.67
N TYR E 85 -44.50 -12.28 -15.59
CA TYR E 85 -44.28 -11.98 -16.99
C TYR E 85 -44.04 -10.49 -17.22
N THR E 86 -44.71 -9.64 -16.45
CA THR E 86 -44.50 -8.21 -16.61
C THR E 86 -43.14 -7.79 -16.07
N GLY E 87 -42.57 -8.55 -15.14
CA GLY E 87 -41.30 -8.21 -14.55
C GLY E 87 -40.11 -8.67 -15.36
N PHE E 88 -40.19 -9.89 -15.89
CA PHE E 88 -39.14 -10.43 -16.74
C PHE E 88 -38.94 -9.59 -17.99
N ILE E 89 -40.01 -8.95 -18.45
CA ILE E 89 -39.99 -8.14 -19.66
C ILE E 89 -39.46 -6.74 -19.39
N GLN E 90 -39.63 -6.24 -18.17
CA GLN E 90 -39.11 -4.93 -17.81
C GLN E 90 -37.61 -5.00 -17.53
N LEU E 91 -37.12 -6.15 -17.07
CA LEU E 91 -35.69 -6.35 -16.89
C LEU E 91 -34.99 -6.45 -18.24
N GLY E 92 -35.63 -7.05 -19.23
CA GLY E 92 -35.05 -7.13 -20.55
C GLY E 92 -34.98 -5.79 -21.24
N ALA E 93 -35.97 -4.93 -21.02
CA ALA E 93 -36.00 -3.63 -21.65
C ALA E 93 -34.90 -2.72 -21.13
N GLY E 94 -34.51 -2.89 -19.88
CA GLY E 94 -33.48 -2.07 -19.29
C GLY E 94 -32.07 -2.53 -19.57
N LEU E 95 -31.86 -3.85 -19.57
CA LEU E 95 -30.55 -4.37 -19.92
C LEU E 95 -30.22 -4.15 -21.39
N SER E 96 -31.24 -4.04 -22.23
CA SER E 96 -31.01 -3.80 -23.64
C SER E 96 -30.47 -2.40 -23.87
N VAL E 97 -31.23 -1.38 -23.47
CA VAL E 97 -30.82 -0.01 -23.69
C VAL E 97 -29.58 0.32 -22.85
N GLY E 98 -29.49 -0.23 -21.65
CA GLY E 98 -28.36 -0.01 -20.78
C GLY E 98 -27.02 -0.45 -21.33
N LEU E 99 -26.92 -1.74 -21.64
CA LEU E 99 -25.65 -2.33 -22.04
C LEU E 99 -25.36 -2.12 -23.51
N SER E 100 -26.33 -1.69 -24.30
CA SER E 100 -26.09 -1.25 -25.67
C SER E 100 -25.72 0.23 -25.74
N GLY E 101 -26.15 1.03 -24.77
CA GLY E 101 -25.70 2.40 -24.69
C GLY E 101 -24.35 2.55 -24.06
N LEU E 102 -23.98 1.63 -23.19
CA LEU E 102 -22.62 1.55 -22.71
C LEU E 102 -21.64 1.31 -23.85
N ALA E 103 -22.05 0.55 -24.85
CA ALA E 103 -21.19 0.28 -25.99
C ALA E 103 -20.93 1.54 -26.81
N ALA E 104 -22.00 2.29 -27.10
CA ALA E 104 -21.87 3.52 -27.86
C ALA E 104 -20.93 4.50 -27.20
N GLY E 105 -20.96 4.59 -25.87
CA GLY E 105 -20.03 5.45 -25.17
C GLY E 105 -18.58 5.12 -25.43
N PHE E 106 -18.19 3.86 -25.23
CA PHE E 106 -16.81 3.46 -25.47
C PHE E 106 -16.36 3.65 -26.91
N ALA E 107 -17.29 3.79 -27.86
CA ALA E 107 -16.93 4.15 -29.22
C ALA E 107 -16.80 5.66 -29.40
N ILE E 108 -17.82 6.41 -28.97
CA ILE E 108 -17.86 7.86 -29.10
C ILE E 108 -16.70 8.50 -28.36
N GLY E 109 -16.17 7.85 -27.33
CA GLY E 109 -15.04 8.39 -26.61
C GLY E 109 -13.74 8.17 -27.33
N ILE E 110 -13.59 7.00 -27.94
CA ILE E 110 -12.36 6.66 -28.64
C ILE E 110 -12.24 7.45 -29.93
N VAL E 111 -13.33 7.56 -30.69
CA VAL E 111 -13.30 8.24 -31.98
C VAL E 111 -13.20 9.74 -31.79
N GLY E 112 -13.90 10.28 -30.80
CA GLY E 112 -13.89 11.72 -30.60
C GLY E 112 -12.53 12.25 -30.22
N ASP E 113 -11.86 11.57 -29.30
CA ASP E 113 -10.54 12.00 -28.85
C ASP E 113 -9.49 11.93 -29.96
N ALA E 114 -9.76 11.21 -31.04
CA ALA E 114 -8.83 11.09 -32.15
C ALA E 114 -9.16 12.05 -33.28
N GLY E 115 -10.42 12.07 -33.72
CA GLY E 115 -10.83 12.96 -34.80
C GLY E 115 -10.81 14.42 -34.44
N VAL E 116 -10.83 14.74 -33.14
CA VAL E 116 -10.68 16.12 -32.71
C VAL E 116 -9.22 16.56 -32.80
N ARG E 117 -8.31 15.66 -32.46
CA ARG E 117 -6.89 15.95 -32.58
C ARG E 117 -6.45 16.02 -34.03
N GLY E 118 -7.12 15.30 -34.91
CA GLY E 118 -6.73 15.22 -36.30
C GLY E 118 -7.38 16.27 -37.19
N SER E 119 -8.50 16.84 -36.73
CA SER E 119 -9.17 17.88 -37.49
C SER E 119 -8.51 19.23 -37.31
N SER E 120 -7.80 19.43 -36.21
CA SER E 120 -7.02 20.65 -36.03
C SER E 120 -5.94 20.77 -37.10
N GLN E 121 -5.45 19.64 -37.60
CA GLN E 121 -4.38 19.60 -38.58
C GLN E 121 -4.93 19.67 -40.01
N GLN E 122 -5.83 18.76 -40.36
CA GLN E 122 -6.51 18.74 -41.65
C GLN E 122 -7.99 19.02 -41.44
N PRO E 123 -8.52 20.17 -41.87
CA PRO E 123 -9.94 20.45 -41.61
C PRO E 123 -10.90 19.58 -42.42
N ARG E 124 -10.44 18.86 -43.42
CA ARG E 124 -11.30 18.01 -44.24
C ARG E 124 -11.72 16.73 -43.53
N LEU E 125 -11.24 16.49 -42.32
CA LEU E 125 -11.55 15.29 -41.56
C LEU E 125 -12.74 15.47 -40.63
N PHE E 126 -13.32 16.67 -40.56
CA PHE E 126 -14.42 16.92 -39.64
C PHE E 126 -15.71 16.23 -40.07
N VAL E 127 -15.87 15.94 -41.36
CA VAL E 127 -17.05 15.23 -41.84
C VAL E 127 -16.83 13.73 -41.95
N GLY E 128 -15.63 13.25 -41.62
CA GLY E 128 -15.41 11.82 -41.47
C GLY E 128 -15.68 11.41 -40.05
N MET E 129 -15.26 12.24 -39.11
CA MET E 129 -15.51 11.99 -37.70
C MET E 129 -17.00 11.96 -37.39
N ILE E 130 -17.83 12.64 -38.18
CA ILE E 130 -19.26 12.68 -37.90
C ILE E 130 -19.99 11.50 -38.50
N LEU E 131 -19.50 10.95 -39.61
CA LEU E 131 -20.09 9.71 -40.10
C LEU E 131 -19.90 8.59 -39.10
N ILE E 132 -18.68 8.47 -38.58
CA ILE E 132 -18.35 7.37 -37.70
C ILE E 132 -19.12 7.47 -36.40
N LEU E 133 -19.29 8.70 -35.89
CA LEU E 133 -20.07 8.89 -34.68
C LEU E 133 -21.54 8.52 -34.89
N ILE E 134 -22.06 8.77 -36.09
CA ILE E 134 -23.42 8.35 -36.40
C ILE E 134 -23.54 6.83 -36.33
N PHE E 135 -22.52 6.11 -36.78
CA PHE E 135 -22.55 4.65 -36.68
C PHE E 135 -22.41 4.16 -35.26
N ALA E 136 -21.91 4.99 -34.35
CA ALA E 136 -21.84 4.65 -32.93
C ALA E 136 -23.11 5.02 -32.18
N GLU E 137 -23.62 6.23 -32.41
CA GLU E 137 -24.88 6.65 -31.81
C GLU E 137 -26.05 5.76 -32.20
N VAL E 138 -25.97 5.08 -33.35
CA VAL E 138 -27.04 4.22 -33.81
C VAL E 138 -27.13 2.92 -33.03
N LEU E 139 -26.11 2.57 -32.27
CA LEU E 139 -26.11 1.31 -31.54
C LEU E 139 -27.03 1.39 -30.33
N GLY E 140 -27.05 2.53 -29.64
CA GLY E 140 -27.97 2.74 -28.54
C GLY E 140 -29.39 2.99 -28.98
N LEU E 141 -29.60 3.37 -30.23
CA LEU E 141 -30.94 3.56 -30.74
C LEU E 141 -31.61 2.24 -31.08
N TYR E 142 -30.83 1.23 -31.45
CA TYR E 142 -31.38 -0.09 -31.67
C TYR E 142 -31.87 -0.71 -30.36
N GLY E 143 -31.12 -0.52 -29.28
CA GLY E 143 -31.54 -1.04 -27.99
C GLY E 143 -32.75 -0.35 -27.43
N LEU E 144 -32.99 0.89 -27.83
CA LEU E 144 -34.21 1.59 -27.46
C LEU E 144 -35.41 1.07 -28.22
N ILE E 145 -35.22 0.68 -29.48
CA ILE E 145 -36.35 0.17 -30.27
C ILE E 145 -36.82 -1.16 -29.72
N VAL E 146 -35.88 -1.99 -29.26
CA VAL E 146 -36.23 -3.29 -28.71
C VAL E 146 -37.01 -3.11 -27.41
N ALA E 147 -36.54 -2.21 -26.55
CA ALA E 147 -37.20 -1.95 -25.27
C ALA E 147 -38.64 -1.50 -25.46
N LEU E 148 -38.87 -0.56 -26.38
CA LEU E 148 -40.21 -0.03 -26.59
C LEU E 148 -41.17 -1.09 -27.10
N LEU E 149 -40.67 -2.14 -27.74
CA LEU E 149 -41.54 -3.22 -28.18
C LEU E 149 -41.81 -4.20 -27.06
N LEU E 150 -40.78 -4.54 -26.29
CA LEU E 150 -40.97 -5.37 -25.11
C LEU E 150 -41.92 -4.71 -24.11
N ASN E 151 -41.76 -3.42 -23.87
CA ASN E 151 -42.61 -2.74 -22.91
C ASN E 151 -44.06 -2.71 -23.37
N SER E 152 -44.29 -2.68 -24.68
CA SER E 152 -45.65 -2.69 -25.20
C SER E 152 -46.37 -3.98 -24.86
N ARG E 153 -45.63 -5.10 -24.84
CA ARG E 153 -46.21 -6.42 -24.60
C ARG E 153 -46.35 -6.78 -23.13
N ALA E 154 -45.71 -6.03 -22.23
CA ALA E 154 -45.64 -6.44 -20.83
C ALA E 154 -47.01 -6.44 -20.16
N THR E 155 -47.94 -5.62 -20.65
CA THR E 155 -49.29 -5.53 -20.11
C THR E 155 -50.35 -6.00 -21.11
N GLN E 156 -49.96 -6.80 -22.09
CA GLN E 156 -50.81 -7.20 -23.19
C GLN E 156 -51.19 -8.66 -23.01
N ASP E 157 -52.49 -8.92 -22.78
CA ASP E 157 -53.02 -10.27 -22.65
C ASP E 157 -52.43 -10.97 -21.43
N VAL E 158 -52.52 -10.30 -20.28
CA VAL E 158 -51.90 -10.75 -19.04
C VAL E 158 -52.96 -10.75 -17.95
N VAL E 159 -52.91 -11.77 -17.09
CA VAL E 159 -53.86 -11.92 -16.01
C VAL E 159 -53.16 -11.76 -14.67
N THR F 1 26.47 5.89 40.55
CA THR F 1 26.00 6.25 39.22
C THR F 1 24.59 5.70 39.00
N GLY F 2 24.09 5.83 37.76
CA GLY F 2 22.71 5.46 37.46
C GLY F 2 22.38 4.01 37.76
N LYS F 3 23.39 3.14 37.75
CA LYS F 3 23.17 1.76 38.15
C LYS F 3 22.78 1.64 39.63
N ALA F 4 23.08 2.66 40.43
CA ALA F 4 22.77 2.66 41.86
C ALA F 4 21.60 3.58 42.22
N TRP F 5 21.44 4.70 41.53
CA TRP F 5 20.28 5.56 41.77
C TRP F 5 18.98 4.83 41.49
N CYS F 6 18.99 3.90 40.53
CA CYS F 6 17.76 3.21 40.12
C CYS F 6 17.14 2.44 41.28
N CYS F 7 17.91 1.56 41.90
CA CYS F 7 17.39 0.77 43.00
C CYS F 7 17.32 1.55 44.30
N THR F 8 17.78 2.80 44.30
CA THR F 8 17.68 3.65 45.49
C THR F 8 16.32 4.32 45.55
N VAL F 9 15.89 4.93 44.44
CA VAL F 9 14.57 5.54 44.39
C VAL F 9 13.48 4.49 44.26
N LEU F 10 13.76 3.40 43.55
CA LEU F 10 12.81 2.29 43.47
C LEU F 10 12.53 1.73 44.86
N SER F 11 13.58 1.27 45.54
CA SER F 11 13.42 0.71 46.86
C SER F 11 13.11 1.75 47.92
N ALA F 12 13.22 3.04 47.60
CA ALA F 12 12.77 4.07 48.52
C ALA F 12 11.28 3.96 48.78
N PHE F 13 10.49 3.94 47.71
CA PHE F 13 9.04 3.94 47.80
C PHE F 13 8.45 2.56 47.93
N GLY F 14 9.23 1.51 47.65
CA GLY F 14 8.80 0.18 48.04
C GLY F 14 8.64 0.05 49.54
N VAL F 15 9.53 0.68 50.29
CA VAL F 15 9.39 0.75 51.74
C VAL F 15 8.13 1.49 52.14
N VAL F 16 7.70 2.44 51.33
CA VAL F 16 6.57 3.31 51.68
C VAL F 16 5.26 2.69 51.25
N ILE F 17 5.16 2.27 49.99
CA ILE F 17 3.90 1.79 49.47
C ILE F 17 3.54 0.44 50.09
N LEU F 18 4.51 -0.46 50.18
CA LEU F 18 4.25 -1.79 50.72
C LEU F 18 3.91 -1.73 52.21
N SER F 19 4.43 -0.74 52.92
CA SER F 19 4.10 -0.60 54.33
C SER F 19 2.71 -0.01 54.53
N VAL F 20 2.31 0.93 53.67
CA VAL F 20 0.95 1.46 53.73
C VAL F 20 -0.05 0.37 53.36
N ILE F 21 0.32 -0.51 52.43
CA ILE F 21 -0.55 -1.62 52.07
C ILE F 21 -0.71 -2.57 53.24
N ALA F 22 0.40 -2.98 53.86
CA ALA F 22 0.35 -3.96 54.93
C ALA F 22 -0.44 -3.44 56.12
N HIS F 23 -0.35 -2.14 56.40
CA HIS F 23 -1.16 -1.53 57.43
C HIS F 23 -2.65 -1.79 57.22
N LEU F 24 -3.08 -1.84 55.95
CA LEU F 24 -4.51 -1.86 55.66
C LEU F 24 -5.06 -3.29 55.72
N PHE F 25 -4.33 -4.26 55.18
CA PHE F 25 -4.69 -5.65 55.38
C PHE F 25 -4.79 -6.00 56.85
N ASN F 26 -3.85 -5.50 57.65
CA ASN F 26 -3.87 -5.78 59.09
C ASN F 26 -5.12 -5.24 59.74
N THR F 27 -5.51 -4.01 59.41
CA THR F 27 -6.70 -3.41 59.97
C THR F 27 -7.98 -3.84 59.28
N ASN F 28 -7.91 -4.73 58.28
CA ASN F 28 -9.07 -5.23 57.57
C ASN F 28 -9.88 -4.09 56.97
N HIS F 29 -9.23 -3.32 56.10
CA HIS F 29 -9.89 -2.26 55.38
C HIS F 29 -10.75 -2.83 54.26
N GLU F 30 -11.93 -2.23 54.08
CA GLU F 30 -12.97 -2.83 53.23
C GLU F 30 -12.50 -3.00 51.80
N SER F 31 -11.74 -2.03 51.27
CA SER F 31 -11.37 -2.05 49.87
C SER F 31 -10.40 -3.19 49.55
N PHE F 32 -9.66 -3.67 50.56
CA PHE F 32 -8.62 -4.66 50.31
C PHE F 32 -9.10 -6.08 50.59
N VAL F 33 -10.08 -6.26 51.48
CA VAL F 33 -10.61 -7.57 51.84
C VAL F 33 -12.12 -7.66 51.73
N GLY F 34 -12.76 -6.66 51.12
CA GLY F 34 -14.21 -6.62 51.16
C GLY F 34 -14.87 -7.62 50.22
N SER F 35 -14.34 -7.77 49.02
CA SER F 35 -14.92 -8.70 48.07
C SER F 35 -14.54 -10.14 48.44
N ILE F 36 -15.27 -11.08 47.85
CA ILE F 36 -15.03 -12.50 48.17
C ILE F 36 -13.74 -12.97 47.54
N ASN F 37 -13.41 -12.48 46.35
CA ASN F 37 -12.20 -12.90 45.66
C ASN F 37 -10.95 -12.38 46.35
N ASP F 38 -11.08 -11.36 47.18
CA ASP F 38 -9.97 -10.93 48.00
C ASP F 38 -9.60 -12.02 49.01
N PRO F 39 -8.38 -11.98 49.56
CA PRO F 39 -8.01 -13.02 50.53
C PRO F 39 -8.84 -12.96 51.80
N GLU F 40 -8.95 -14.10 52.46
CA GLU F 40 -9.83 -14.24 53.62
C GLU F 40 -9.18 -13.67 54.87
N ASP F 41 -7.87 -13.90 55.05
CA ASP F 41 -7.16 -13.52 56.27
C ASP F 41 -6.34 -12.28 55.99
N GLY F 42 -6.70 -11.18 56.64
CA GLY F 42 -5.97 -9.93 56.53
C GLY F 42 -4.55 -9.98 57.03
N PRO F 43 -4.36 -10.23 58.33
CA PRO F 43 -3.01 -10.07 58.91
C PRO F 43 -1.99 -11.03 58.36
N ALA F 44 -2.42 -12.21 57.91
CA ALA F 44 -1.49 -13.16 57.31
C ALA F 44 -0.80 -12.57 56.09
N VAL F 45 -1.52 -11.78 55.30
CA VAL F 45 -0.94 -11.17 54.12
C VAL F 45 -0.01 -10.03 54.53
N ALA F 46 -0.35 -9.32 55.60
CA ALA F 46 0.49 -8.24 56.08
C ALA F 46 1.83 -8.76 56.60
N HIS F 47 1.81 -9.91 57.27
CA HIS F 47 3.06 -10.52 57.74
C HIS F 47 3.99 -10.83 56.58
N THR F 48 3.43 -11.20 55.44
CA THR F 48 4.22 -11.51 54.26
C THR F 48 4.73 -10.25 53.57
N VAL F 49 4.10 -9.10 53.82
CA VAL F 49 4.45 -7.87 53.12
C VAL F 49 5.35 -6.98 53.97
N TYR F 50 5.23 -7.03 55.30
CA TYR F 50 6.21 -6.38 56.16
C TYR F 50 7.61 -6.85 55.85
N LEU F 51 7.76 -8.16 55.61
CA LEU F 51 9.08 -8.72 55.34
C LEU F 51 9.57 -8.30 53.95
N ALA F 52 8.67 -8.23 52.98
CA ALA F 52 9.05 -7.86 51.62
C ALA F 52 9.57 -6.44 51.57
N ALA F 53 9.04 -5.56 52.43
CA ALA F 53 9.49 -4.18 52.45
C ALA F 53 10.89 -4.06 53.05
N LEU F 54 11.17 -4.88 54.06
CA LEU F 54 12.51 -4.90 54.65
C LEU F 54 13.57 -5.27 53.62
N VAL F 55 13.23 -6.18 52.70
CA VAL F 55 14.15 -6.55 51.65
C VAL F 55 14.51 -5.36 50.77
N TYR F 56 13.53 -4.50 50.50
CA TYR F 56 13.83 -3.28 49.76
C TYR F 56 14.60 -2.29 50.62
N LEU F 57 14.40 -2.32 51.94
CA LEU F 57 15.10 -1.40 52.81
C LEU F 57 16.60 -1.69 52.81
N VAL F 58 16.97 -2.97 52.70
CA VAL F 58 18.39 -3.32 52.65
C VAL F 58 19.03 -2.80 51.37
N PHE F 59 18.34 -2.95 50.25
CA PHE F 59 18.85 -2.42 48.98
C PHE F 59 18.99 -0.91 49.03
N PHE F 60 18.14 -0.25 49.83
CA PHE F 60 18.17 1.20 49.93
C PHE F 60 19.40 1.68 50.68
N VAL F 61 19.66 1.13 51.86
CA VAL F 61 20.78 1.59 52.67
C VAL F 61 22.10 1.21 52.02
N PHE F 62 22.15 0.02 51.41
CA PHE F 62 23.37 -0.40 50.72
C PHE F 62 23.73 0.56 49.60
N CYS F 63 22.80 0.81 48.69
CA CYS F 63 23.08 1.66 47.55
C CYS F 63 23.26 3.12 47.97
N GLY F 64 22.68 3.50 49.11
CA GLY F 64 22.94 4.82 49.66
C GLY F 64 24.41 5.03 49.98
N PHE F 65 25.07 4.04 50.59
CA PHE F 65 26.50 4.16 50.85
C PHE F 65 27.30 4.10 49.55
N GLN F 66 26.83 3.33 48.58
CA GLN F 66 27.54 3.22 47.31
C GLN F 66 27.58 4.55 46.57
N VAL F 67 26.46 5.26 46.50
CA VAL F 67 26.45 6.55 45.80
C VAL F 67 27.07 7.62 46.68
N TYR F 68 26.92 7.51 48.00
CA TYR F 68 27.44 8.52 48.90
C TYR F 68 28.95 8.63 48.81
N LEU F 69 29.63 7.53 48.51
CA LEU F 69 31.08 7.54 48.36
C LEU F 69 31.42 7.82 46.90
N MET G 1 -46.81 -22.89 -12.94
CA MET G 1 -48.26 -23.16 -13.13
C MET G 1 -48.46 -24.61 -13.57
N THR G 2 -48.28 -24.86 -14.85
CA THR G 2 -48.34 -26.21 -15.41
C THR G 2 -46.95 -26.84 -15.39
N GLU G 3 -46.93 -28.17 -15.44
CA GLU G 3 -45.66 -28.89 -15.48
C GLU G 3 -44.84 -28.54 -16.71
N LEU G 4 -45.49 -28.53 -17.88
CA LEU G 4 -44.80 -28.19 -19.11
C LEU G 4 -44.59 -26.69 -19.26
N CYS G 5 -45.51 -25.89 -18.74
CA CYS G 5 -45.55 -24.45 -18.95
C CYS G 5 -45.56 -23.75 -17.60
N PRO G 6 -44.44 -23.71 -16.90
CA PRO G 6 -44.39 -23.02 -15.61
C PRO G 6 -44.24 -21.52 -15.77
N VAL G 7 -44.28 -20.83 -14.63
CA VAL G 7 -44.35 -19.37 -14.65
C VAL G 7 -43.02 -18.75 -15.02
N TYR G 8 -41.91 -19.41 -14.69
CA TYR G 8 -40.60 -18.82 -14.89
C TYR G 8 -40.05 -18.99 -16.30
N ALA G 9 -40.84 -19.54 -17.23
CA ALA G 9 -40.34 -19.80 -18.56
C ALA G 9 -40.03 -18.55 -19.37
N PRO G 10 -40.80 -17.46 -19.30
CA PRO G 10 -40.44 -16.26 -20.08
C PRO G 10 -39.14 -15.61 -19.70
N PHE G 11 -38.53 -15.99 -18.57
CA PHE G 11 -37.27 -15.38 -18.16
C PHE G 11 -36.17 -15.68 -19.15
N PHE G 12 -36.04 -16.95 -19.53
CA PHE G 12 -34.96 -17.33 -20.45
C PHE G 12 -35.18 -16.75 -21.83
N GLY G 13 -36.42 -16.52 -22.22
CA GLY G 13 -36.70 -15.86 -23.48
C GLY G 13 -36.37 -14.38 -23.45
N ALA G 14 -36.83 -13.68 -22.41
CA ALA G 14 -36.55 -12.26 -22.27
C ALA G 14 -35.06 -11.97 -22.17
N ILE G 15 -34.28 -12.93 -21.67
CA ILE G 15 -32.83 -12.79 -21.66
C ILE G 15 -32.22 -13.22 -22.98
N GLY G 16 -32.88 -14.10 -23.72
CA GLY G 16 -32.42 -14.45 -25.05
C GLY G 16 -32.68 -13.38 -26.08
N CYS G 17 -33.64 -12.49 -25.81
CA CYS G 17 -33.91 -11.38 -26.72
C CYS G 17 -32.90 -10.27 -26.55
N ALA G 18 -32.52 -9.96 -25.31
CA ALA G 18 -31.55 -8.92 -25.06
C ALA G 18 -30.13 -9.36 -25.40
N SER G 19 -29.83 -10.65 -25.25
CA SER G 19 -28.47 -11.12 -25.47
C SER G 19 -28.03 -10.95 -26.92
N ALA G 20 -28.98 -10.93 -27.85
CA ALA G 20 -28.65 -10.74 -29.25
C ALA G 20 -28.22 -9.31 -29.51
N ILE G 21 -29.00 -8.34 -29.03
CA ILE G 21 -28.67 -6.94 -29.26
C ILE G 21 -27.60 -6.41 -28.31
N ILE G 22 -27.37 -7.08 -27.18
CA ILE G 22 -26.30 -6.64 -26.29
C ILE G 22 -24.94 -7.01 -26.86
N PHE G 23 -24.75 -8.28 -27.21
CA PHE G 23 -23.42 -8.74 -27.57
C PHE G 23 -23.03 -8.41 -29.00
N THR G 24 -23.99 -8.04 -29.85
CA THR G 24 -23.64 -7.53 -31.17
C THR G 24 -23.21 -6.07 -31.11
N SER G 25 -23.86 -5.30 -30.24
CA SER G 25 -23.51 -3.90 -30.08
C SER G 25 -22.12 -3.72 -29.47
N LEU G 26 -21.69 -4.69 -28.65
CA LEU G 26 -20.32 -4.63 -28.12
C LEU G 26 -19.31 -4.96 -29.19
N GLY G 27 -19.63 -5.92 -30.06
CA GLY G 27 -18.73 -6.24 -31.15
C GLY G 27 -18.68 -5.17 -32.23
N ALA G 28 -19.84 -4.67 -32.63
CA ALA G 28 -19.89 -3.56 -33.56
C ALA G 28 -19.19 -2.31 -33.02
N ALA G 29 -19.03 -2.20 -31.72
CA ALA G 29 -18.36 -1.05 -31.12
C ALA G 29 -16.85 -1.21 -31.07
N TYR G 30 -16.34 -2.41 -30.82
CA TYR G 30 -14.92 -2.66 -30.92
C TYR G 30 -14.42 -2.50 -32.34
N GLY G 31 -15.30 -2.62 -33.33
CA GLY G 31 -14.98 -2.39 -34.71
C GLY G 31 -14.82 -0.93 -35.08
N THR G 32 -15.86 -0.13 -34.85
CA THR G 32 -15.81 1.28 -35.24
C THR G 32 -14.74 2.02 -34.46
N ALA G 33 -14.45 1.58 -33.25
CA ALA G 33 -13.50 2.28 -32.40
C ALA G 33 -12.09 2.17 -32.95
N LYS G 34 -11.63 0.94 -33.18
CA LYS G 34 -10.27 0.77 -33.69
C LYS G 34 -10.14 1.23 -35.13
N SER G 35 -11.08 0.84 -35.98
CA SER G 35 -11.00 1.26 -37.36
C SER G 35 -11.11 2.77 -37.47
N GLY G 36 -11.90 3.40 -36.60
CA GLY G 36 -11.95 4.85 -36.55
C GLY G 36 -10.62 5.48 -36.20
N VAL G 37 -9.86 4.84 -35.32
CA VAL G 37 -8.58 5.42 -34.91
C VAL G 37 -7.57 5.33 -36.04
N GLY G 38 -7.64 4.26 -36.83
CA GLY G 38 -6.77 4.15 -37.98
C GLY G 38 -7.13 5.13 -39.07
N ILE G 39 -8.43 5.31 -39.32
CA ILE G 39 -8.88 6.22 -40.36
C ILE G 39 -8.45 7.64 -40.05
N CYS G 40 -8.68 8.08 -38.81
CA CYS G 40 -8.43 9.46 -38.45
C CYS G 40 -6.94 9.80 -38.43
N ALA G 41 -6.06 8.81 -38.56
CA ALA G 41 -4.63 9.07 -38.67
C ALA G 41 -4.18 9.18 -40.12
N THR G 42 -4.59 8.22 -40.96
CA THR G 42 -4.14 8.19 -42.35
C THR G 42 -4.65 9.39 -43.12
N CYS G 43 -5.89 9.78 -42.89
CA CYS G 43 -6.53 10.84 -43.65
C CYS G 43 -6.11 12.23 -43.21
N VAL G 44 -5.11 12.32 -42.34
CA VAL G 44 -4.44 13.60 -42.09
C VAL G 44 -3.63 14.00 -43.31
N LEU G 45 -2.84 13.08 -43.84
CA LEU G 45 -1.95 13.35 -44.96
C LEU G 45 -2.54 12.98 -46.31
N ARG G 46 -3.57 12.12 -46.35
CA ARG G 46 -4.23 11.75 -47.60
C ARG G 46 -5.74 11.74 -47.40
N PRO G 47 -6.37 12.93 -47.46
CA PRO G 47 -7.82 12.99 -47.27
C PRO G 47 -8.63 12.32 -48.35
N ASP G 48 -8.12 12.22 -49.58
CA ASP G 48 -8.87 11.68 -50.70
C ASP G 48 -9.34 10.25 -50.42
N LEU G 49 -8.58 9.51 -49.63
CA LEU G 49 -8.90 8.12 -49.33
C LEU G 49 -9.90 7.96 -48.20
N LEU G 50 -10.49 9.05 -47.71
CA LEU G 50 -11.40 8.97 -46.58
C LEU G 50 -12.63 8.13 -46.89
N PHE G 51 -13.26 8.36 -48.04
CA PHE G 51 -14.51 7.66 -48.33
C PHE G 51 -14.29 6.17 -48.53
N LYS G 52 -13.16 5.79 -49.14
CA LYS G 52 -12.86 4.38 -49.32
C LYS G 52 -12.68 3.67 -47.98
N ASN G 53 -12.14 4.38 -46.99
CA ASN G 53 -11.74 3.75 -45.74
C ASN G 53 -12.88 3.60 -44.74
N ILE G 54 -14.10 4.02 -45.08
CA ILE G 54 -15.25 3.83 -44.20
C ILE G 54 -15.85 2.43 -44.36
N VAL G 55 -15.28 1.59 -45.23
CA VAL G 55 -15.85 0.27 -45.48
C VAL G 55 -15.80 -0.63 -44.26
N PRO G 56 -14.74 -0.67 -43.46
CA PRO G 56 -14.79 -1.49 -42.24
C PRO G 56 -15.87 -1.09 -41.27
N VAL G 57 -16.22 0.19 -41.23
CA VAL G 57 -17.25 0.65 -40.31
C VAL G 57 -18.61 0.12 -40.73
N ILE G 58 -18.85 0.04 -42.03
CA ILE G 58 -20.14 -0.45 -42.52
C ILE G 58 -20.28 -1.94 -42.22
N MET G 59 -19.17 -2.68 -42.28
CA MET G 59 -19.24 -4.11 -42.04
C MET G 59 -19.52 -4.41 -40.57
N ALA G 60 -18.90 -3.67 -39.67
CA ALA G 60 -19.20 -3.80 -38.25
C ALA G 60 -20.62 -3.40 -37.94
N GLY G 61 -21.17 -2.43 -38.68
CA GLY G 61 -22.52 -1.98 -38.41
C GLY G 61 -23.59 -2.96 -38.81
N ILE G 62 -23.34 -3.74 -39.87
CA ILE G 62 -24.30 -4.75 -40.29
C ILE G 62 -24.40 -5.89 -39.28
N ILE G 63 -23.38 -6.06 -38.45
CA ILE G 63 -23.43 -7.06 -37.38
C ILE G 63 -24.61 -6.76 -36.45
N ALA G 64 -24.69 -5.52 -35.97
CA ALA G 64 -25.74 -5.16 -35.03
C ALA G 64 -27.14 -5.25 -35.62
N ILE G 65 -27.27 -5.24 -36.94
CA ILE G 65 -28.56 -5.46 -37.57
C ILE G 65 -28.99 -6.91 -37.47
N TYR G 66 -28.03 -7.83 -37.38
CA TYR G 66 -28.37 -9.24 -37.21
C TYR G 66 -28.97 -9.50 -35.84
N GLY G 67 -28.48 -8.82 -34.82
CA GLY G 67 -29.02 -8.97 -33.50
C GLY G 67 -30.32 -8.26 -33.24
N LEU G 68 -30.76 -7.43 -34.19
CA LEU G 68 -32.03 -6.72 -34.08
C LEU G 68 -33.17 -7.53 -34.67
N VAL G 69 -32.96 -8.13 -35.84
CA VAL G 69 -34.03 -8.89 -36.48
C VAL G 69 -34.31 -10.16 -35.72
N VAL G 70 -33.33 -10.69 -35.00
CA VAL G 70 -33.56 -11.85 -34.14
C VAL G 70 -34.34 -11.43 -32.90
N SER G 71 -33.96 -10.31 -32.28
CA SER G 71 -34.67 -9.83 -31.11
C SER G 71 -36.11 -9.47 -31.39
N VAL G 72 -36.41 -9.06 -32.62
CA VAL G 72 -37.77 -8.71 -32.98
C VAL G 72 -38.62 -9.97 -33.14
N LEU G 73 -38.08 -10.99 -33.79
CA LEU G 73 -38.80 -12.23 -33.99
C LEU G 73 -39.05 -12.98 -32.70
N VAL G 74 -38.29 -12.69 -31.65
CA VAL G 74 -38.47 -13.30 -30.35
C VAL G 74 -39.54 -12.58 -29.53
N CYS G 75 -39.59 -11.25 -29.62
CA CYS G 75 -40.61 -10.47 -28.92
C CYS G 75 -42.01 -10.97 -29.25
N TYR G 76 -42.29 -11.23 -30.52
CA TYR G 76 -43.61 -11.64 -30.96
C TYR G 76 -43.87 -13.12 -30.79
N SER G 77 -43.05 -13.84 -30.01
CA SER G 77 -43.34 -15.20 -29.61
C SER G 77 -43.33 -15.41 -28.11
N LEU G 78 -43.22 -14.34 -27.33
CA LEU G 78 -43.27 -14.42 -25.89
C LEU G 78 -44.71 -14.56 -25.41
N GLY G 79 -44.85 -14.97 -24.15
CA GLY G 79 -46.17 -15.17 -23.58
C GLY G 79 -46.16 -15.48 -22.10
N GLN G 80 -47.20 -15.05 -21.41
CA GLN G 80 -47.36 -15.38 -20.00
C GLN G 80 -47.41 -16.88 -19.79
N LYS G 81 -47.94 -17.62 -20.78
CA LYS G 81 -48.15 -19.05 -20.69
C LYS G 81 -47.49 -19.70 -21.90
N GLN G 82 -46.20 -19.97 -21.79
CA GLN G 82 -45.46 -20.65 -22.82
C GLN G 82 -44.63 -21.74 -22.18
N ALA G 83 -44.15 -22.64 -23.02
CA ALA G 83 -43.42 -23.81 -22.58
C ALA G 83 -41.93 -23.49 -22.44
N LEU G 84 -41.27 -24.26 -21.57
CA LEU G 84 -39.82 -24.14 -21.40
C LEU G 84 -39.08 -24.40 -22.70
N TYR G 85 -39.55 -25.37 -23.48
CA TYR G 85 -38.97 -25.64 -24.78
C TYR G 85 -38.92 -24.38 -25.63
N THR G 86 -39.98 -23.57 -25.59
CA THR G 86 -39.98 -22.32 -26.31
C THR G 86 -39.07 -21.29 -25.66
N GLY G 87 -38.81 -21.42 -24.37
CA GLY G 87 -38.00 -20.47 -23.65
C GLY G 87 -36.52 -20.78 -23.64
N PHE G 88 -36.18 -22.06 -23.72
CA PHE G 88 -34.78 -22.47 -23.80
C PHE G 88 -34.20 -22.12 -25.16
N ILE G 89 -34.93 -22.45 -26.22
CA ILE G 89 -34.49 -22.18 -27.57
C ILE G 89 -34.21 -20.69 -27.76
N GLN G 90 -35.14 -19.84 -27.35
CA GLN G 90 -34.96 -18.40 -27.45
C GLN G 90 -33.67 -17.92 -26.80
N LEU G 91 -33.17 -18.65 -25.80
CA LEU G 91 -31.88 -18.33 -25.21
C LEU G 91 -30.73 -18.79 -26.11
N GLY G 92 -30.87 -19.95 -26.74
CA GLY G 92 -29.83 -20.43 -27.63
C GLY G 92 -29.78 -19.73 -28.96
N ALA G 93 -30.89 -19.09 -29.34
CA ALA G 93 -30.90 -18.25 -30.53
C ALA G 93 -30.15 -16.95 -30.28
N GLY G 94 -30.27 -16.41 -29.08
CA GLY G 94 -29.67 -15.14 -28.74
C GLY G 94 -28.20 -15.20 -28.43
N LEU G 95 -27.77 -16.27 -27.79
CA LEU G 95 -26.35 -16.45 -27.52
C LEU G 95 -25.57 -16.72 -28.79
N SER G 96 -26.19 -17.35 -29.78
CA SER G 96 -25.48 -17.72 -30.99
C SER G 96 -25.17 -16.50 -31.84
N VAL G 97 -26.20 -15.75 -32.22
CA VAL G 97 -26.00 -14.53 -32.99
C VAL G 97 -25.29 -13.48 -32.14
N GLY G 98 -25.44 -13.55 -30.82
CA GLY G 98 -24.80 -12.56 -29.97
C GLY G 98 -23.31 -12.73 -29.85
N LEU G 99 -22.87 -13.95 -29.53
CA LEU G 99 -21.47 -14.21 -29.25
C LEU G 99 -20.69 -14.60 -30.50
N SER G 100 -21.37 -14.78 -31.62
CA SER G 100 -20.70 -14.87 -32.92
C SER G 100 -20.36 -13.48 -33.45
N GLY G 101 -21.32 -12.56 -33.40
CA GLY G 101 -21.08 -11.21 -33.87
C GLY G 101 -20.04 -10.48 -33.05
N LEU G 102 -19.92 -10.82 -31.77
CA LEU G 102 -18.84 -10.30 -30.95
C LEU G 102 -17.49 -10.70 -31.50
N ALA G 103 -17.41 -11.87 -32.12
CA ALA G 103 -16.15 -12.39 -32.62
C ALA G 103 -15.80 -11.81 -33.98
N ALA G 104 -16.81 -11.62 -34.82
CA ALA G 104 -16.64 -10.91 -36.08
C ALA G 104 -16.26 -9.46 -35.84
N GLY G 105 -16.67 -8.89 -34.72
CA GLY G 105 -16.37 -7.50 -34.45
C GLY G 105 -14.93 -7.25 -34.07
N PHE G 106 -14.29 -8.23 -33.44
CA PHE G 106 -12.90 -8.07 -33.05
C PHE G 106 -11.95 -8.37 -34.20
N ALA G 107 -12.31 -9.30 -35.08
CA ALA G 107 -11.53 -9.53 -36.28
C ALA G 107 -11.55 -8.31 -37.19
N ILE G 108 -12.72 -7.71 -37.39
CA ILE G 108 -12.85 -6.60 -38.33
C ILE G 108 -12.06 -5.39 -37.87
N GLY G 109 -12.09 -5.10 -36.57
CA GLY G 109 -11.36 -3.95 -36.08
C GLY G 109 -9.86 -4.11 -36.18
N ILE G 110 -9.36 -5.31 -35.92
CA ILE G 110 -7.93 -5.54 -35.95
C ILE G 110 -7.40 -5.61 -37.38
N VAL G 111 -8.19 -6.18 -38.30
CA VAL G 111 -7.81 -6.16 -39.71
C VAL G 111 -8.07 -4.80 -40.33
N GLY G 112 -9.23 -4.21 -40.04
CA GLY G 112 -9.58 -2.93 -40.61
C GLY G 112 -8.63 -1.81 -40.24
N ASP G 113 -7.98 -1.92 -39.09
CA ASP G 113 -6.97 -0.94 -38.70
C ASP G 113 -5.61 -1.21 -39.33
N ALA G 114 -5.32 -2.45 -39.68
CA ALA G 114 -4.03 -2.79 -40.25
C ALA G 114 -3.97 -2.44 -41.73
N GLY G 115 -4.98 -2.85 -42.48
CA GLY G 115 -4.98 -2.65 -43.91
C GLY G 115 -5.24 -1.22 -44.32
N VAL G 116 -5.86 -0.43 -43.45
CA VAL G 116 -6.18 0.95 -43.76
C VAL G 116 -4.97 1.86 -43.54
N ARG G 117 -4.13 1.53 -42.55
CA ARG G 117 -2.84 2.21 -42.39
C ARG G 117 -1.87 1.84 -43.50
N GLY G 118 -1.94 0.59 -43.97
CA GLY G 118 -1.04 0.10 -44.99
C GLY G 118 -1.49 0.32 -46.41
N SER G 119 -2.74 0.70 -46.65
CA SER G 119 -3.21 0.94 -48.00
C SER G 119 -2.86 2.33 -48.49
N SER G 120 -2.59 3.27 -47.60
CA SER G 120 -2.07 4.57 -48.00
C SER G 120 -0.62 4.49 -48.48
N GLN G 121 0.07 3.41 -48.15
CA GLN G 121 1.42 3.15 -48.65
C GLN G 121 1.42 2.32 -49.93
N GLN G 122 0.34 1.59 -50.20
CA GLN G 122 0.23 0.70 -51.34
C GLN G 122 -1.24 0.55 -51.72
N PRO G 123 -1.70 1.00 -52.89
CA PRO G 123 -3.13 0.85 -53.20
C PRO G 123 -3.57 -0.57 -53.47
N ARG G 124 -2.70 -1.44 -53.99
CA ARG G 124 -3.12 -2.79 -54.34
C ARG G 124 -3.60 -3.60 -53.14
N LEU G 125 -3.19 -3.21 -51.93
CA LEU G 125 -3.59 -3.89 -50.71
C LEU G 125 -5.08 -3.73 -50.40
N PHE G 126 -5.80 -2.85 -51.09
CA PHE G 126 -7.16 -2.53 -50.70
C PHE G 126 -8.10 -3.70 -50.98
N VAL G 127 -8.04 -4.26 -52.18
CA VAL G 127 -8.89 -5.38 -52.53
C VAL G 127 -8.55 -6.62 -51.71
N GLY G 128 -7.39 -6.66 -51.07
CA GLY G 128 -7.00 -7.77 -50.22
C GLY G 128 -7.52 -7.60 -48.81
N MET G 129 -7.49 -6.38 -48.31
CA MET G 129 -8.13 -6.08 -47.03
C MET G 129 -9.61 -6.45 -47.08
N ILE G 130 -10.29 -6.04 -48.14
CA ILE G 130 -11.72 -6.34 -48.28
C ILE G 130 -11.95 -7.84 -48.31
N LEU G 131 -11.13 -8.57 -49.07
CA LEU G 131 -11.32 -10.01 -49.19
C LEU G 131 -11.11 -10.71 -47.86
N ILE G 132 -10.32 -10.14 -46.96
CA ILE G 132 -10.13 -10.71 -45.64
C ILE G 132 -11.29 -10.36 -44.72
N LEU G 133 -11.94 -9.22 -44.94
CA LEU G 133 -13.05 -8.81 -44.10
C LEU G 133 -14.31 -9.59 -44.40
N ILE G 134 -14.47 -10.06 -45.63
CA ILE G 134 -15.63 -10.85 -45.99
C ILE G 134 -15.66 -12.15 -45.19
N PHE G 135 -14.51 -12.78 -44.98
CA PHE G 135 -14.44 -13.97 -44.16
C PHE G 135 -14.84 -13.68 -42.72
N ALA G 136 -14.47 -12.52 -42.21
CA ALA G 136 -14.78 -12.17 -40.84
C ALA G 136 -16.23 -11.69 -40.67
N GLU G 137 -16.84 -11.17 -41.73
CA GLU G 137 -18.24 -10.76 -41.70
C GLU G 137 -19.18 -11.93 -41.88
N VAL G 138 -18.72 -13.01 -42.51
CA VAL G 138 -19.55 -14.19 -42.73
C VAL G 138 -19.65 -15.04 -41.46
N LEU G 139 -18.79 -14.83 -40.48
CA LEU G 139 -18.92 -15.53 -39.21
C LEU G 139 -20.24 -15.18 -38.52
N GLY G 140 -20.62 -13.91 -38.55
CA GLY G 140 -21.86 -13.49 -37.93
C GLY G 140 -23.09 -13.94 -38.67
N LEU G 141 -22.94 -14.33 -39.92
CA LEU G 141 -24.04 -14.84 -40.70
C LEU G 141 -24.35 -16.29 -40.36
N TYR G 142 -23.34 -17.06 -39.98
CA TYR G 142 -23.56 -18.42 -39.55
C TYR G 142 -24.33 -18.47 -38.25
N GLY G 143 -24.06 -17.54 -37.35
CA GLY G 143 -24.84 -17.44 -36.13
C GLY G 143 -26.25 -16.97 -36.36
N LEU G 144 -26.50 -16.28 -37.46
CA LEU G 144 -27.86 -15.87 -37.83
C LEU G 144 -28.63 -17.01 -38.49
N ILE G 145 -27.95 -17.87 -39.24
CA ILE G 145 -28.62 -19.01 -39.84
C ILE G 145 -29.06 -19.99 -38.77
N VAL G 146 -28.32 -20.08 -37.67
CA VAL G 146 -28.63 -21.03 -36.62
C VAL G 146 -29.76 -20.50 -35.74
N ALA G 147 -29.75 -19.20 -35.47
CA ALA G 147 -30.82 -18.59 -34.70
C ALA G 147 -32.15 -18.71 -35.42
N LEU G 148 -32.17 -18.39 -36.72
CA LEU G 148 -33.42 -18.37 -37.45
C LEU G 148 -34.04 -19.75 -37.60
N LEU G 149 -33.21 -20.79 -37.71
CA LEU G 149 -33.73 -22.15 -37.78
C LEU G 149 -34.33 -22.56 -36.44
N LEU G 150 -33.68 -22.17 -35.34
CA LEU G 150 -34.19 -22.49 -34.02
C LEU G 150 -35.55 -21.86 -33.78
N ASN G 151 -35.65 -20.54 -33.95
CA ASN G 151 -36.90 -19.83 -33.71
C ASN G 151 -38.05 -20.42 -34.52
N SER G 152 -37.79 -20.83 -35.75
CA SER G 152 -38.81 -21.49 -36.56
C SER G 152 -39.15 -22.88 -36.04
N ARG G 153 -38.40 -23.40 -35.08
CA ARG G 153 -38.67 -24.67 -34.43
C ARG G 153 -39.19 -24.52 -33.01
N ALA G 154 -39.19 -23.30 -32.46
CA ALA G 154 -39.57 -23.12 -31.05
C ALA G 154 -41.06 -23.29 -30.86
N THR G 155 -41.86 -23.00 -31.89
CA THR G 155 -43.31 -23.09 -31.83
C THR G 155 -43.88 -24.20 -32.69
N GLN G 156 -43.05 -25.14 -33.12
CA GLN G 156 -43.47 -26.21 -34.02
C GLN G 156 -43.79 -27.46 -33.22
N ASP G 157 -45.03 -27.93 -33.34
CA ASP G 157 -45.49 -29.16 -32.69
C ASP G 157 -45.26 -29.10 -31.18
N VAL G 158 -45.85 -28.09 -30.55
CA VAL G 158 -45.68 -27.83 -29.14
C VAL G 158 -47.04 -27.77 -28.47
N VAL G 159 -47.12 -28.30 -27.25
CA VAL G 159 -48.32 -28.25 -26.45
C VAL G 159 -48.35 -26.92 -25.71
N MET H 1 -43.18 -34.37 -16.10
CA MET H 1 -43.68 -35.11 -17.30
C MET H 1 -43.48 -36.61 -17.10
N THR H 2 -42.23 -37.04 -17.22
CA THR H 2 -41.89 -38.46 -17.17
C THR H 2 -40.53 -38.60 -16.49
N GLU H 3 -40.30 -39.79 -15.93
CA GLU H 3 -39.02 -40.09 -15.30
C GLU H 3 -37.86 -39.88 -16.26
N LEU H 4 -37.86 -40.63 -17.37
CA LEU H 4 -36.76 -40.61 -18.31
C LEU H 4 -36.82 -39.42 -19.27
N CYS H 5 -37.90 -38.63 -19.24
CA CYS H 5 -38.06 -37.49 -20.12
C CYS H 5 -38.57 -36.30 -19.32
N PRO H 6 -37.71 -35.63 -18.56
CA PRO H 6 -38.12 -34.43 -17.84
C PRO H 6 -38.29 -33.23 -18.76
N VAL H 7 -38.71 -32.13 -18.16
CA VAL H 7 -38.93 -30.89 -18.90
C VAL H 7 -37.64 -30.11 -19.09
N TYR H 8 -36.65 -30.33 -18.23
CA TYR H 8 -35.37 -29.64 -18.32
C TYR H 8 -34.35 -30.38 -19.17
N ALA H 9 -34.81 -31.21 -20.10
CA ALA H 9 -33.93 -31.96 -20.97
C ALA H 9 -33.42 -31.14 -22.17
N PRO H 10 -34.24 -30.32 -22.83
CA PRO H 10 -33.73 -29.56 -23.98
C PRO H 10 -32.75 -28.46 -23.61
N PHE H 11 -32.58 -28.14 -22.33
CA PHE H 11 -31.59 -27.14 -21.94
C PHE H 11 -30.19 -27.56 -22.37
N PHE H 12 -29.90 -28.84 -22.33
CA PHE H 12 -28.58 -29.34 -22.68
C PHE H 12 -28.38 -29.49 -24.17
N GLY H 13 -29.48 -29.53 -24.93
CA GLY H 13 -29.36 -29.54 -26.37
C GLY H 13 -29.11 -28.17 -26.95
N ALA H 14 -29.88 -27.18 -26.49
CA ALA H 14 -29.73 -25.83 -26.99
C ALA H 14 -28.37 -25.23 -26.64
N ILE H 15 -27.81 -25.59 -25.48
CA ILE H 15 -26.46 -25.18 -25.16
C ILE H 15 -25.44 -25.92 -26.02
N GLY H 16 -25.81 -27.08 -26.56
CA GLY H 16 -24.93 -27.75 -27.51
C GLY H 16 -24.95 -27.09 -28.86
N CYS H 17 -26.15 -26.89 -29.42
CA CYS H 17 -26.29 -26.25 -30.72
C CYS H 17 -25.71 -24.85 -30.74
N ALA H 18 -25.78 -24.15 -29.61
CA ALA H 18 -25.15 -22.84 -29.51
C ALA H 18 -23.64 -22.95 -29.40
N SER H 19 -23.16 -23.75 -28.44
CA SER H 19 -21.73 -23.77 -28.14
C SER H 19 -20.88 -24.25 -29.30
N ALA H 20 -21.48 -24.91 -30.28
CA ALA H 20 -20.73 -25.40 -31.42
C ALA H 20 -20.28 -24.26 -32.33
N ILE H 21 -21.23 -23.42 -32.75
CA ILE H 21 -20.90 -22.32 -33.65
C ILE H 21 -20.25 -21.15 -32.92
N ILE H 22 -20.34 -21.10 -31.59
CA ILE H 22 -19.73 -20.00 -30.87
C ILE H 22 -18.22 -20.14 -30.84
N PHE H 23 -17.71 -21.29 -30.38
CA PHE H 23 -16.28 -21.43 -30.18
C PHE H 23 -15.53 -21.63 -31.49
N THR H 24 -16.16 -22.22 -32.51
CA THR H 24 -15.54 -22.25 -33.82
C THR H 24 -15.42 -20.86 -34.42
N SER H 25 -16.31 -19.95 -34.05
CA SER H 25 -16.22 -18.58 -34.51
C SER H 25 -15.15 -17.80 -33.76
N LEU H 26 -15.12 -17.94 -32.44
CA LEU H 26 -14.04 -17.36 -31.65
C LEU H 26 -12.67 -17.87 -32.09
N GLY H 27 -12.61 -19.09 -32.61
CA GLY H 27 -11.35 -19.67 -33.04
C GLY H 27 -10.97 -19.22 -34.42
N ALA H 28 -11.96 -19.14 -35.30
CA ALA H 28 -11.75 -18.66 -36.64
C ALA H 28 -11.49 -17.16 -36.70
N ALA H 29 -11.88 -16.42 -35.67
CA ALA H 29 -11.64 -14.99 -35.64
C ALA H 29 -10.25 -14.66 -35.13
N TYR H 30 -9.72 -15.46 -34.21
CA TYR H 30 -8.34 -15.30 -33.80
C TYR H 30 -7.40 -15.53 -34.97
N GLY H 31 -7.69 -16.54 -35.78
CA GLY H 31 -6.83 -16.85 -36.90
C GLY H 31 -6.92 -15.84 -38.02
N THR H 32 -8.13 -15.42 -38.38
CA THR H 32 -8.29 -14.42 -39.41
C THR H 32 -7.68 -13.08 -39.01
N ALA H 33 -7.58 -12.82 -37.72
CA ALA H 33 -6.99 -11.56 -37.26
C ALA H 33 -5.48 -11.65 -37.23
N LYS H 34 -4.93 -12.58 -36.44
CA LYS H 34 -3.49 -12.68 -36.26
C LYS H 34 -2.77 -12.92 -37.58
N SER H 35 -3.44 -13.55 -38.55
CA SER H 35 -2.89 -13.65 -39.90
C SER H 35 -3.10 -12.39 -40.72
N GLY H 36 -4.21 -11.68 -40.52
CA GLY H 36 -4.46 -10.47 -41.28
C GLY H 36 -3.43 -9.39 -41.05
N VAL H 37 -2.85 -9.34 -39.85
CA VAL H 37 -1.86 -8.32 -39.55
C VAL H 37 -0.55 -8.63 -40.27
N GLY H 38 -0.20 -9.90 -40.38
CA GLY H 38 1.03 -10.27 -41.03
C GLY H 38 1.00 -10.13 -42.52
N ILE H 39 -0.17 -10.35 -43.13
CA ILE H 39 -0.30 -10.18 -44.57
C ILE H 39 -0.08 -8.72 -44.94
N CYS H 40 -0.80 -7.82 -44.28
CA CYS H 40 -0.80 -6.42 -44.66
C CYS H 40 0.56 -5.78 -44.42
N ALA H 41 1.25 -6.19 -43.36
CA ALA H 41 2.58 -5.64 -43.09
C ALA H 41 3.60 -6.07 -44.14
N THR H 42 3.41 -7.23 -44.74
CA THR H 42 4.40 -7.79 -45.67
C THR H 42 4.10 -7.41 -47.11
N CYS H 43 2.82 -7.29 -47.46
CA CYS H 43 2.41 -7.05 -48.83
C CYS H 43 2.39 -5.57 -49.19
N VAL H 44 3.03 -4.71 -48.39
CA VAL H 44 3.28 -3.35 -48.81
C VAL H 44 4.39 -3.34 -49.87
N LEU H 45 5.48 -4.03 -49.59
CA LEU H 45 6.65 -4.07 -50.45
C LEU H 45 6.68 -5.29 -51.37
N ARG H 46 5.83 -6.28 -51.14
CA ARG H 46 5.72 -7.48 -51.98
C ARG H 46 4.26 -7.73 -52.29
N PRO H 47 3.63 -6.86 -53.09
CA PRO H 47 2.18 -6.98 -53.31
C PRO H 47 1.75 -8.06 -54.28
N ASP H 48 2.68 -8.78 -54.91
CA ASP H 48 2.31 -9.91 -55.77
C ASP H 48 2.20 -11.22 -55.01
N LEU H 49 2.70 -11.27 -53.78
CA LEU H 49 2.51 -12.41 -52.89
C LEU H 49 1.12 -12.46 -52.26
N LEU H 50 0.24 -11.52 -52.60
CA LEU H 50 -0.97 -11.31 -51.82
C LEU H 50 -1.93 -12.49 -51.92
N PHE H 51 -2.30 -12.87 -53.14
CA PHE H 51 -3.28 -13.93 -53.33
C PHE H 51 -2.74 -15.32 -53.04
N LYS H 52 -1.46 -15.44 -52.75
CA LYS H 52 -0.84 -16.70 -52.36
C LYS H 52 -0.72 -16.84 -50.85
N ASN H 53 -0.74 -15.73 -50.11
CA ASN H 53 -0.65 -15.75 -48.66
C ASN H 53 -2.00 -15.67 -47.96
N ILE H 54 -3.11 -15.74 -48.72
CA ILE H 54 -4.44 -15.74 -48.14
C ILE H 54 -4.91 -17.15 -47.79
N VAL H 55 -4.01 -18.13 -47.82
CA VAL H 55 -4.40 -19.50 -47.49
C VAL H 55 -4.80 -19.65 -46.02
N PRO H 56 -4.09 -19.07 -45.05
CA PRO H 56 -4.53 -19.25 -43.66
C PRO H 56 -5.91 -18.68 -43.36
N VAL H 57 -6.28 -17.61 -44.04
CA VAL H 57 -7.60 -17.02 -43.82
C VAL H 57 -8.69 -17.95 -44.33
N ILE H 58 -8.38 -18.75 -45.35
CA ILE H 58 -9.36 -19.68 -45.90
C ILE H 58 -9.54 -20.87 -44.98
N MET H 59 -8.45 -21.42 -44.46
CA MET H 59 -8.55 -22.60 -43.61
C MET H 59 -9.29 -22.29 -42.32
N ALA H 60 -9.02 -21.14 -41.73
CA ALA H 60 -9.71 -20.74 -40.52
C ALA H 60 -11.21 -20.61 -40.75
N GLY H 61 -11.62 -20.25 -41.97
CA GLY H 61 -13.02 -20.21 -42.32
C GLY H 61 -13.65 -21.56 -42.52
N ILE H 62 -12.86 -22.62 -42.63
CA ILE H 62 -13.39 -23.97 -42.73
C ILE H 62 -13.72 -24.52 -41.35
N ILE H 63 -13.00 -24.06 -40.33
CA ILE H 63 -13.31 -24.41 -38.95
C ILE H 63 -14.76 -24.05 -38.63
N ALA H 64 -15.18 -22.85 -39.04
CA ALA H 64 -16.51 -22.36 -38.70
C ALA H 64 -17.60 -23.13 -39.40
N ILE H 65 -17.29 -23.79 -40.51
CA ILE H 65 -18.28 -24.59 -41.21
C ILE H 65 -18.49 -25.93 -40.54
N TYR H 66 -17.56 -26.34 -39.67
CA TYR H 66 -17.75 -27.55 -38.89
C TYR H 66 -18.77 -27.32 -37.78
N GLY H 67 -18.73 -26.14 -37.16
CA GLY H 67 -19.71 -25.81 -36.15
C GLY H 67 -21.10 -25.60 -36.70
N LEU H 68 -21.21 -25.26 -37.98
CA LEU H 68 -22.51 -25.07 -38.60
C LEU H 68 -23.19 -26.41 -38.86
N VAL H 69 -22.42 -27.42 -39.27
CA VAL H 69 -22.98 -28.73 -39.55
C VAL H 69 -23.52 -29.37 -38.29
N VAL H 70 -22.76 -29.30 -37.20
CA VAL H 70 -23.16 -29.94 -35.96
C VAL H 70 -24.38 -29.24 -35.38
N SER H 71 -24.39 -27.91 -35.41
CA SER H 71 -25.53 -27.15 -34.91
C SER H 71 -26.82 -27.48 -35.67
N VAL H 72 -26.72 -27.70 -36.97
CA VAL H 72 -27.90 -27.95 -37.79
C VAL H 72 -28.41 -29.38 -37.60
N LEU H 73 -27.52 -30.32 -37.30
CA LEU H 73 -27.96 -31.67 -36.98
C LEU H 73 -28.61 -31.71 -35.61
N VAL H 74 -27.98 -31.10 -34.62
CA VAL H 74 -28.53 -31.06 -33.27
C VAL H 74 -29.89 -30.37 -33.27
N CYS H 75 -30.05 -29.31 -34.07
CA CYS H 75 -31.29 -28.55 -34.12
C CYS H 75 -32.47 -29.42 -34.51
N TYR H 76 -32.31 -30.26 -35.54
CA TYR H 76 -33.39 -31.11 -35.99
C TYR H 76 -33.72 -32.21 -34.99
N SER H 77 -32.80 -32.53 -34.08
CA SER H 77 -33.01 -33.54 -33.06
C SER H 77 -33.72 -32.99 -31.83
N LEU H 78 -33.78 -31.67 -31.66
CA LEU H 78 -34.43 -31.11 -30.49
C LEU H 78 -35.93 -31.34 -30.54
N GLY H 79 -36.50 -31.62 -29.38
CA GLY H 79 -37.92 -31.85 -29.27
C GLY H 79 -38.38 -31.48 -27.88
N GLN H 80 -39.68 -31.19 -27.78
CA GLN H 80 -40.25 -30.81 -26.50
C GLN H 80 -40.13 -31.94 -25.49
N LYS H 81 -40.35 -33.16 -25.95
CA LYS H 81 -40.43 -34.34 -25.10
C LYS H 81 -39.31 -35.26 -25.55
N GLN H 82 -38.13 -35.06 -24.98
CA GLN H 82 -36.97 -35.88 -25.26
C GLN H 82 -36.35 -36.29 -23.94
N ALA H 83 -35.59 -37.37 -23.99
CA ALA H 83 -34.94 -37.90 -22.81
C ALA H 83 -33.64 -37.17 -22.52
N LEU H 84 -33.27 -37.12 -21.23
CA LEU H 84 -32.02 -36.53 -20.81
C LEU H 84 -30.83 -37.06 -21.58
N TYR H 85 -30.80 -38.38 -21.81
CA TYR H 85 -29.74 -38.99 -22.59
C TYR H 85 -29.56 -38.29 -23.93
N THR H 86 -30.65 -38.08 -24.66
CA THR H 86 -30.58 -37.39 -25.93
C THR H 86 -30.02 -35.98 -25.80
N GLY H 87 -30.09 -35.38 -24.62
CA GLY H 87 -29.56 -34.05 -24.39
C GLY H 87 -28.09 -34.03 -24.03
N PHE H 88 -27.67 -34.96 -23.19
CA PHE H 88 -26.26 -35.12 -22.84
C PHE H 88 -25.41 -35.36 -24.08
N ILE H 89 -25.93 -36.12 -25.04
CA ILE H 89 -25.19 -36.42 -26.26
C ILE H 89 -25.09 -35.18 -27.13
N GLN H 90 -26.12 -34.34 -27.11
CA GLN H 90 -26.10 -33.09 -27.85
C GLN H 90 -25.12 -32.08 -27.25
N LEU H 91 -25.00 -32.07 -25.93
CA LEU H 91 -24.04 -31.20 -25.27
C LEU H 91 -22.60 -31.62 -25.57
N GLY H 92 -22.30 -32.90 -25.42
CA GLY H 92 -20.96 -33.38 -25.66
C GLY H 92 -20.50 -33.29 -27.09
N ALA H 93 -21.44 -33.18 -28.02
CA ALA H 93 -21.11 -33.05 -29.42
C ALA H 93 -20.72 -31.62 -29.77
N GLY H 94 -21.33 -30.64 -29.11
CA GLY H 94 -21.02 -29.25 -29.33
C GLY H 94 -19.78 -28.82 -28.60
N LEU H 95 -19.60 -29.33 -27.38
CA LEU H 95 -18.38 -29.07 -26.63
C LEU H 95 -17.16 -29.64 -27.34
N SER H 96 -17.34 -30.69 -28.15
CA SER H 96 -16.22 -31.38 -28.75
C SER H 96 -15.72 -30.66 -30.00
N VAL H 97 -16.62 -30.35 -30.92
CA VAL H 97 -16.23 -29.62 -32.11
C VAL H 97 -15.85 -28.18 -31.78
N GLY H 98 -16.59 -27.57 -30.87
CA GLY H 98 -16.30 -26.21 -30.46
C GLY H 98 -14.93 -26.02 -29.87
N LEU H 99 -14.68 -26.61 -28.70
CA LEU H 99 -13.43 -26.36 -27.98
C LEU H 99 -12.22 -26.99 -28.66
N SER H 100 -12.44 -27.90 -29.60
CA SER H 100 -11.36 -28.38 -30.45
C SER H 100 -11.07 -27.43 -31.60
N GLY H 101 -11.99 -26.52 -31.92
CA GLY H 101 -11.81 -25.57 -32.99
C GLY H 101 -11.14 -24.28 -32.54
N LEU H 102 -11.19 -23.98 -31.25
CA LEU H 102 -10.34 -22.92 -30.72
C LEU H 102 -8.88 -23.24 -30.96
N ALA H 103 -8.45 -24.43 -30.56
CA ALA H 103 -7.06 -24.84 -30.64
C ALA H 103 -6.54 -24.77 -32.07
N ALA H 104 -7.30 -25.33 -33.01
CA ALA H 104 -6.94 -25.19 -34.42
C ALA H 104 -6.86 -23.75 -34.84
N GLY H 105 -7.70 -22.89 -34.28
CA GLY H 105 -7.65 -21.48 -34.62
C GLY H 105 -6.42 -20.79 -34.09
N PHE H 106 -6.05 -21.09 -32.85
CA PHE H 106 -4.79 -20.59 -32.32
C PHE H 106 -3.61 -21.10 -33.12
N ALA H 107 -3.59 -22.41 -33.42
CA ALA H 107 -2.46 -23.00 -34.12
C ALA H 107 -2.32 -22.45 -35.53
N ILE H 108 -3.41 -21.97 -36.13
CA ILE H 108 -3.34 -21.41 -37.47
C ILE H 108 -2.92 -19.95 -37.45
N GLY H 109 -3.28 -19.21 -36.41
CA GLY H 109 -2.93 -17.80 -36.37
C GLY H 109 -1.50 -17.55 -36.00
N ILE H 110 -0.91 -18.43 -35.19
CA ILE H 110 0.49 -18.29 -34.84
C ILE H 110 1.38 -18.66 -36.02
N VAL H 111 1.04 -19.73 -36.73
CA VAL H 111 1.87 -20.23 -37.81
C VAL H 111 1.70 -19.39 -39.07
N GLY H 112 0.49 -18.89 -39.33
CA GLY H 112 0.30 -18.01 -40.47
C GLY H 112 1.11 -16.74 -40.38
N ASP H 113 1.16 -16.14 -39.20
CA ASP H 113 1.88 -14.88 -39.04
C ASP H 113 3.36 -15.07 -39.30
N ALA H 114 3.91 -16.21 -38.89
CA ALA H 114 5.33 -16.43 -39.04
C ALA H 114 5.70 -16.82 -40.47
N GLY H 115 4.95 -17.74 -41.05
CA GLY H 115 5.26 -18.24 -42.37
C GLY H 115 4.85 -17.33 -43.51
N VAL H 116 4.04 -16.31 -43.24
CA VAL H 116 3.76 -15.30 -44.26
C VAL H 116 4.86 -14.25 -44.28
N ARG H 117 5.33 -13.86 -43.10
CA ARG H 117 6.46 -12.95 -43.02
C ARG H 117 7.73 -13.59 -43.56
N GLY H 118 7.87 -14.91 -43.37
CA GLY H 118 9.04 -15.60 -43.88
C GLY H 118 8.96 -15.89 -45.37
N SER H 119 7.75 -16.16 -45.87
CA SER H 119 7.60 -16.52 -47.28
C SER H 119 8.02 -15.38 -48.19
N SER H 120 7.97 -14.15 -47.69
CA SER H 120 8.51 -13.04 -48.46
C SER H 120 10.02 -13.17 -48.63
N GLN H 121 10.71 -13.50 -47.53
CA GLN H 121 12.17 -13.54 -47.55
C GLN H 121 12.68 -14.79 -48.27
N GLN H 122 11.98 -15.92 -48.12
CA GLN H 122 12.38 -17.19 -48.71
C GLN H 122 11.16 -17.82 -49.37
N PRO H 123 11.11 -17.93 -50.71
CA PRO H 123 9.94 -18.58 -51.32
C PRO H 123 9.82 -20.07 -51.01
N ARG H 124 10.93 -20.76 -50.80
CA ARG H 124 10.86 -22.19 -50.52
C ARG H 124 10.15 -22.49 -49.21
N LEU H 125 10.01 -21.49 -48.33
CA LEU H 125 9.34 -21.68 -47.05
C LEU H 125 7.82 -21.72 -47.16
N PHE H 126 7.25 -21.27 -48.28
CA PHE H 126 5.81 -21.24 -48.42
C PHE H 126 5.23 -22.66 -48.42
N VAL H 127 5.93 -23.61 -49.02
CA VAL H 127 5.44 -24.97 -49.08
C VAL H 127 5.55 -25.65 -47.73
N GLY H 128 6.34 -25.09 -46.81
CA GLY H 128 6.55 -25.70 -45.53
C GLY H 128 5.47 -25.38 -44.52
N MET H 129 4.94 -24.16 -44.57
CA MET H 129 3.97 -23.80 -43.55
C MET H 129 2.65 -24.51 -43.77
N ILE H 130 2.33 -24.87 -45.01
CA ILE H 130 1.03 -25.46 -45.31
C ILE H 130 0.90 -26.80 -44.63
N LEU H 131 1.97 -27.61 -44.64
CA LEU H 131 2.01 -28.83 -43.85
C LEU H 131 1.62 -28.56 -42.41
N ILE H 132 2.27 -27.58 -41.79
CA ILE H 132 2.02 -27.26 -40.40
C ILE H 132 0.58 -26.80 -40.20
N LEU H 133 -0.07 -26.32 -41.25
CA LEU H 133 -1.47 -25.96 -41.18
C LEU H 133 -2.38 -27.17 -41.36
N ILE H 134 -1.97 -28.14 -42.18
CA ILE H 134 -2.74 -29.39 -42.29
C ILE H 134 -2.80 -30.09 -40.95
N PHE H 135 -1.68 -30.13 -40.22
CA PHE H 135 -1.64 -30.76 -38.92
C PHE H 135 -2.41 -29.99 -37.85
N ALA H 136 -2.94 -28.81 -38.17
CA ALA H 136 -3.83 -28.06 -37.31
C ALA H 136 -5.27 -28.14 -37.75
N GLU H 137 -5.53 -27.99 -39.05
CA GLU H 137 -6.89 -28.07 -39.57
C GLU H 137 -7.49 -29.46 -39.43
N VAL H 138 -6.66 -30.48 -39.21
CA VAL H 138 -7.14 -31.83 -39.02
C VAL H 138 -7.44 -32.13 -37.55
N LEU H 139 -6.89 -31.33 -36.64
CA LEU H 139 -7.32 -31.41 -35.24
C LEU H 139 -8.80 -31.10 -35.11
N GLY H 140 -9.28 -30.06 -35.79
CA GLY H 140 -10.70 -29.76 -35.80
C GLY H 140 -11.52 -30.77 -36.55
N LEU H 141 -10.91 -31.47 -37.52
CA LEU H 141 -11.58 -32.55 -38.22
C LEU H 141 -11.86 -33.73 -37.30
N TYR H 142 -11.12 -33.88 -36.21
CA TYR H 142 -11.34 -34.97 -35.27
C TYR H 142 -12.53 -34.68 -34.36
N GLY H 143 -12.66 -33.46 -33.88
CA GLY H 143 -13.84 -33.10 -33.12
C GLY H 143 -15.13 -33.24 -33.91
N LEU H 144 -15.04 -33.12 -35.23
CA LEU H 144 -16.19 -33.34 -36.08
C LEU H 144 -16.57 -34.82 -36.14
N ILE H 145 -15.56 -35.70 -36.23
CA ILE H 145 -15.83 -37.14 -36.28
C ILE H 145 -16.58 -37.57 -35.03
N VAL H 146 -16.12 -37.11 -33.87
CA VAL H 146 -16.70 -37.51 -32.60
C VAL H 146 -18.13 -37.01 -32.50
N ALA H 147 -18.35 -35.75 -32.84
CA ALA H 147 -19.67 -35.14 -32.76
C ALA H 147 -20.66 -35.85 -33.66
N LEU H 148 -20.31 -36.02 -34.94
CA LEU H 148 -21.18 -36.73 -35.86
C LEU H 148 -21.46 -38.15 -35.38
N LEU H 149 -20.49 -38.75 -34.70
CA LEU H 149 -20.60 -40.14 -34.29
C LEU H 149 -21.36 -40.29 -32.98
N LEU H 150 -21.33 -39.26 -32.13
CA LEU H 150 -22.19 -39.22 -30.96
C LEU H 150 -23.66 -39.04 -31.34
N ASN H 151 -23.97 -38.02 -32.15
CA ASN H 151 -25.35 -37.72 -32.51
C ASN H 151 -26.03 -38.88 -33.22
N SER H 152 -25.29 -39.81 -33.81
CA SER H 152 -25.91 -41.01 -34.35
C SER H 152 -26.56 -41.82 -33.25
N ARG H 153 -25.95 -41.86 -32.07
CA ARG H 153 -26.44 -42.65 -30.94
C ARG H 153 -27.45 -41.91 -30.08
N ALA H 154 -27.67 -40.62 -30.32
CA ALA H 154 -28.53 -39.83 -29.44
C ALA H 154 -29.97 -40.30 -29.47
N THR H 155 -30.38 -40.97 -30.55
CA THR H 155 -31.79 -41.21 -30.84
C THR H 155 -32.17 -42.68 -30.92
N GLN H 156 -31.24 -43.55 -31.30
CA GLN H 156 -31.57 -44.95 -31.52
C GLN H 156 -31.55 -45.72 -30.20
N ASP H 157 -32.48 -46.66 -30.07
CA ASP H 157 -32.63 -47.49 -28.86
C ASP H 157 -33.02 -46.64 -27.65
N VAL H 158 -33.70 -45.52 -27.89
CA VAL H 158 -34.05 -44.57 -26.84
C VAL H 158 -35.57 -44.57 -26.66
N VAL H 159 -35.98 -44.63 -25.41
CA VAL H 159 -37.38 -44.51 -25.03
C VAL H 159 -37.77 -43.04 -24.94
N MET I 1 -34.47 -45.06 -12.69
CA MET I 1 -35.14 -46.36 -12.88
C MET I 1 -34.77 -47.34 -11.77
N THR I 2 -33.53 -47.22 -11.31
CA THR I 2 -33.00 -48.12 -10.30
C THR I 2 -32.01 -47.33 -9.46
N GLU I 3 -31.75 -47.81 -8.25
CA GLU I 3 -30.81 -47.16 -7.37
C GLU I 3 -29.42 -47.10 -7.99
N LEU I 4 -28.99 -48.20 -8.61
CA LEU I 4 -27.66 -48.27 -9.22
C LEU I 4 -27.58 -47.63 -10.58
N CYS I 5 -28.73 -47.28 -11.18
CA CYS I 5 -28.79 -46.84 -12.57
C CYS I 5 -29.72 -45.64 -12.64
N PRO I 6 -29.25 -44.47 -12.27
CA PRO I 6 -30.09 -43.27 -12.35
C PRO I 6 -30.16 -42.73 -13.77
N VAL I 7 -31.04 -41.74 -13.94
CA VAL I 7 -31.14 -41.06 -15.23
C VAL I 7 -29.88 -40.29 -15.54
N TYR I 8 -29.22 -39.73 -14.53
CA TYR I 8 -28.11 -38.81 -14.71
C TYR I 8 -26.77 -39.49 -14.83
N ALA I 9 -26.75 -40.76 -15.19
CA ALA I 9 -25.49 -41.48 -15.32
C ALA I 9 -24.77 -41.18 -16.63
N PRO I 10 -25.45 -41.06 -17.78
CA PRO I 10 -24.71 -40.72 -19.00
C PRO I 10 -24.13 -39.32 -19.05
N PHE I 11 -24.26 -38.51 -18.01
CA PHE I 11 -23.58 -37.22 -17.99
C PHE I 11 -22.07 -37.40 -17.87
N PHE I 12 -21.63 -38.28 -16.98
CA PHE I 12 -20.22 -38.48 -16.79
C PHE I 12 -19.56 -39.27 -17.92
N GLY I 13 -20.35 -39.80 -18.85
CA GLY I 13 -19.80 -40.47 -20.01
C GLY I 13 -19.52 -39.52 -21.15
N ALA I 14 -20.49 -38.68 -21.50
CA ALA I 14 -20.28 -37.68 -22.53
C ALA I 14 -19.31 -36.58 -22.12
N ILE I 15 -18.99 -36.45 -20.83
CA ILE I 15 -17.90 -35.60 -20.40
C ILE I 15 -16.58 -36.31 -20.51
N GLY I 16 -16.58 -37.65 -20.37
CA GLY I 16 -15.36 -38.40 -20.56
C GLY I 16 -15.01 -38.63 -22.02
N CYS I 17 -16.02 -38.77 -22.88
CA CYS I 17 -15.76 -38.87 -24.31
C CYS I 17 -15.34 -37.54 -24.90
N ALA I 18 -15.70 -36.44 -24.26
CA ALA I 18 -15.40 -35.11 -24.76
C ALA I 18 -14.07 -34.57 -24.24
N SER I 19 -13.70 -34.90 -23.00
CA SER I 19 -12.45 -34.41 -22.45
C SER I 19 -11.24 -35.12 -23.02
N ALA I 20 -11.42 -36.27 -23.65
CA ALA I 20 -10.30 -37.00 -24.24
C ALA I 20 -9.84 -36.38 -25.56
N ILE I 21 -10.75 -35.77 -26.31
CA ILE I 21 -10.38 -35.10 -27.56
C ILE I 21 -10.14 -33.61 -27.38
N ILE I 22 -10.71 -33.00 -26.35
CA ILE I 22 -10.57 -31.57 -26.13
C ILE I 22 -9.23 -31.24 -25.51
N PHE I 23 -8.78 -32.02 -24.52
CA PHE I 23 -7.53 -31.72 -23.83
C PHE I 23 -6.30 -32.24 -24.56
N THR I 24 -6.46 -33.03 -25.61
CA THR I 24 -5.35 -33.44 -26.45
C THR I 24 -5.10 -32.44 -27.56
N SER I 25 -6.17 -31.92 -28.15
CA SER I 25 -6.03 -30.93 -29.21
C SER I 25 -5.51 -29.61 -28.67
N LEU I 26 -5.77 -29.29 -27.42
CA LEU I 26 -5.15 -28.12 -26.81
C LEU I 26 -3.67 -28.31 -26.57
N GLY I 27 -3.18 -29.55 -26.56
CA GLY I 27 -1.78 -29.84 -26.32
C GLY I 27 -1.01 -30.08 -27.60
N ALA I 28 -1.66 -30.73 -28.56
CA ALA I 28 -1.07 -30.87 -29.89
C ALA I 28 -0.98 -29.52 -30.60
N ALA I 29 -1.92 -28.62 -30.35
CA ALA I 29 -1.86 -27.30 -30.94
C ALA I 29 -0.69 -26.49 -30.40
N TYR I 30 -0.45 -26.55 -29.10
CA TYR I 30 0.67 -25.85 -28.51
C TYR I 30 2.00 -26.39 -29.02
N GLY I 31 2.07 -27.70 -29.29
CA GLY I 31 3.27 -28.26 -29.86
C GLY I 31 3.44 -27.94 -31.33
N THR I 32 2.35 -28.01 -32.08
CA THR I 32 2.39 -27.66 -33.50
C THR I 32 2.68 -26.19 -33.72
N ALA I 33 2.34 -25.34 -32.76
CA ALA I 33 2.54 -23.90 -32.93
C ALA I 33 3.99 -23.50 -32.65
N LYS I 34 4.46 -23.72 -31.42
CA LYS I 34 5.80 -23.29 -31.05
C LYS I 34 6.88 -23.96 -31.90
N SER I 35 6.67 -25.22 -32.30
CA SER I 35 7.59 -25.84 -33.22
C SER I 35 7.59 -25.15 -34.56
N GLY I 36 6.40 -24.79 -35.06
CA GLY I 36 6.29 -24.17 -36.37
C GLY I 36 6.84 -22.77 -36.43
N VAL I 37 7.04 -22.12 -35.29
CA VAL I 37 7.66 -20.80 -35.28
C VAL I 37 9.17 -20.93 -35.41
N GLY I 38 9.78 -21.86 -34.68
CA GLY I 38 11.21 -22.06 -34.78
C GLY I 38 11.64 -22.50 -36.16
N ILE I 39 10.79 -23.25 -36.85
CA ILE I 39 11.06 -23.62 -38.24
C ILE I 39 11.14 -22.37 -39.10
N CYS I 40 10.04 -21.64 -39.17
CA CYS I 40 9.91 -20.49 -40.05
C CYS I 40 10.90 -19.38 -39.74
N ALA I 41 11.61 -19.44 -38.62
CA ALA I 41 12.78 -18.60 -38.36
C ALA I 41 14.06 -19.24 -38.85
N THR I 42 14.18 -20.57 -38.71
CA THR I 42 15.42 -21.26 -39.02
C THR I 42 15.56 -21.51 -40.52
N CYS I 43 14.47 -21.89 -41.18
CA CYS I 43 14.51 -22.24 -42.60
C CYS I 43 14.46 -21.04 -43.53
N VAL I 44 14.64 -19.83 -43.01
CA VAL I 44 14.76 -18.66 -43.88
C VAL I 44 16.06 -18.70 -44.67
N LEU I 45 17.09 -19.33 -44.11
CA LEU I 45 18.42 -19.39 -44.72
C LEU I 45 18.81 -20.78 -45.16
N ARG I 46 18.32 -21.81 -44.49
CA ARG I 46 18.65 -23.20 -44.79
C ARG I 46 17.37 -23.99 -45.03
N PRO I 47 16.67 -23.73 -46.15
CA PRO I 47 15.44 -24.47 -46.44
C PRO I 47 15.65 -25.91 -46.86
N ASP I 48 16.90 -26.37 -46.94
CA ASP I 48 17.16 -27.78 -47.20
C ASP I 48 16.81 -28.66 -46.02
N LEU I 49 16.77 -28.12 -44.80
CA LEU I 49 16.47 -28.87 -43.59
C LEU I 49 14.99 -28.91 -43.26
N LEU I 50 14.13 -28.63 -44.24
CA LEU I 50 12.71 -28.47 -43.95
C LEU I 50 12.06 -29.80 -43.63
N PHE I 51 12.24 -30.81 -44.49
CA PHE I 51 11.65 -32.12 -44.21
C PHE I 51 12.25 -32.77 -42.98
N LYS I 52 13.44 -32.34 -42.55
CA LYS I 52 14.09 -32.96 -41.40
C LYS I 52 13.59 -32.36 -40.10
N ASN I 53 13.37 -31.06 -40.07
CA ASN I 53 12.93 -30.38 -38.85
C ASN I 53 11.42 -30.40 -38.66
N ILE I 54 10.68 -31.09 -39.53
CA ILE I 54 9.23 -31.18 -39.39
C ILE I 54 8.80 -32.14 -38.29
N VAL I 55 9.73 -32.91 -37.73
CA VAL I 55 9.41 -34.08 -36.91
C VAL I 55 8.76 -33.71 -35.59
N PRO I 56 9.12 -32.59 -34.93
CA PRO I 56 8.35 -32.18 -33.75
C PRO I 56 6.86 -32.00 -33.98
N VAL I 57 6.47 -31.63 -35.19
CA VAL I 57 5.04 -31.47 -35.49
C VAL I 57 4.39 -32.82 -35.69
N ILE I 58 5.14 -33.83 -36.13
CA ILE I 58 4.57 -35.14 -36.37
C ILE I 58 4.26 -35.84 -35.05
N MET I 59 5.07 -35.59 -34.02
CA MET I 59 4.91 -36.24 -32.74
C MET I 59 3.80 -35.65 -31.90
N ALA I 60 3.43 -34.40 -32.14
CA ALA I 60 2.32 -33.77 -31.44
C ALA I 60 0.98 -34.07 -32.09
N GLY I 61 0.95 -34.27 -33.40
CA GLY I 61 -0.25 -34.78 -34.03
C GLY I 61 -0.60 -36.20 -33.64
N ILE I 62 0.41 -36.99 -33.23
CA ILE I 62 0.15 -38.33 -32.73
C ILE I 62 -0.47 -38.28 -31.33
N ILE I 63 -0.31 -37.18 -30.61
CA ILE I 63 -0.95 -37.04 -29.32
C ILE I 63 -2.47 -36.95 -29.46
N ALA I 64 -2.94 -36.41 -30.58
CA ALA I 64 -4.36 -36.25 -30.80
C ALA I 64 -5.03 -37.50 -31.38
N ILE I 65 -4.27 -38.43 -31.94
CA ILE I 65 -4.83 -39.72 -32.33
C ILE I 65 -5.21 -40.52 -31.11
N TYR I 66 -4.48 -40.35 -30.01
CA TYR I 66 -4.71 -41.16 -28.82
C TYR I 66 -6.05 -40.80 -28.17
N GLY I 67 -6.34 -39.51 -28.06
CA GLY I 67 -7.63 -39.08 -27.57
C GLY I 67 -8.77 -39.55 -28.45
N LEU I 68 -8.53 -39.68 -29.74
CA LEU I 68 -9.56 -40.15 -30.65
C LEU I 68 -9.91 -41.60 -30.37
N VAL I 69 -8.91 -42.44 -30.11
CA VAL I 69 -9.14 -43.86 -29.88
C VAL I 69 -10.00 -44.07 -28.65
N VAL I 70 -9.75 -43.30 -27.58
CA VAL I 70 -10.53 -43.44 -26.36
C VAL I 70 -11.98 -43.06 -26.62
N SER I 71 -12.20 -41.90 -27.24
CA SER I 71 -13.54 -41.38 -27.44
C SER I 71 -14.39 -42.30 -28.32
N VAL I 72 -13.78 -42.96 -29.29
CA VAL I 72 -14.51 -43.89 -30.15
C VAL I 72 -14.88 -45.16 -29.42
N LEU I 73 -14.15 -45.52 -28.37
CA LEU I 73 -14.47 -46.70 -27.58
C LEU I 73 -15.43 -46.40 -26.45
N VAL I 74 -15.44 -45.17 -25.94
CA VAL I 74 -16.45 -44.76 -24.97
C VAL I 74 -17.79 -44.58 -25.65
N CYS I 75 -17.81 -43.96 -26.83
CA CYS I 75 -19.06 -43.71 -27.54
C CYS I 75 -19.80 -45.01 -27.84
N TYR I 76 -19.06 -46.09 -28.12
CA TYR I 76 -19.64 -47.40 -28.36
C TYR I 76 -19.97 -48.14 -27.06
N SER I 77 -19.97 -47.46 -25.92
CA SER I 77 -20.34 -48.06 -24.64
C SER I 77 -21.37 -47.23 -23.87
N LEU I 78 -21.94 -46.20 -24.47
CA LEU I 78 -22.97 -45.41 -23.82
C LEU I 78 -24.32 -46.10 -23.89
N GLY I 79 -25.24 -45.63 -23.05
CA GLY I 79 -26.56 -46.19 -23.00
C GLY I 79 -27.51 -45.39 -22.14
N GLN I 80 -28.77 -45.37 -22.54
CA GLN I 80 -29.80 -44.67 -21.78
C GLN I 80 -29.90 -45.23 -20.36
N LYS I 81 -29.81 -46.55 -20.22
CA LYS I 81 -29.90 -47.23 -18.95
C LYS I 81 -28.55 -47.86 -18.66
N GLN I 82 -27.63 -47.08 -18.09
CA GLN I 82 -26.35 -47.58 -17.63
C GLN I 82 -26.10 -47.11 -16.21
N ALA I 83 -25.26 -47.87 -15.52
CA ALA I 83 -24.96 -47.64 -14.12
C ALA I 83 -24.05 -46.42 -13.94
N LEU I 84 -24.10 -45.85 -12.74
CA LEU I 84 -23.13 -44.82 -12.39
C LEU I 84 -21.71 -45.33 -12.48
N TYR I 85 -21.51 -46.60 -12.13
CA TYR I 85 -20.17 -47.17 -12.14
C TYR I 85 -19.58 -47.13 -13.53
N THR I 86 -20.38 -47.45 -14.55
CA THR I 86 -19.91 -47.39 -15.92
C THR I 86 -19.55 -45.97 -16.32
N GLY I 87 -20.24 -44.98 -15.77
CA GLY I 87 -19.95 -43.59 -16.07
C GLY I 87 -18.77 -43.00 -15.36
N PHE I 88 -18.58 -43.34 -14.09
CA PHE I 88 -17.42 -42.85 -13.34
C PHE I 88 -16.12 -43.34 -13.95
N ILE I 89 -16.12 -44.54 -14.54
CA ILE I 89 -14.92 -45.05 -15.19
C ILE I 89 -14.59 -44.23 -16.42
N GLN I 90 -15.59 -43.97 -17.24
CA GLN I 90 -15.39 -43.22 -18.48
C GLN I 90 -14.88 -41.82 -18.24
N LEU I 91 -15.21 -41.23 -17.10
CA LEU I 91 -14.67 -39.92 -16.76
C LEU I 91 -13.18 -40.00 -16.48
N GLY I 92 -12.74 -41.01 -15.73
CA GLY I 92 -11.31 -41.19 -15.51
C GLY I 92 -10.56 -41.47 -16.78
N ALA I 93 -11.11 -42.33 -17.64
CA ALA I 93 -10.48 -42.69 -18.90
C ALA I 93 -10.30 -41.52 -19.84
N GLY I 94 -11.09 -40.46 -19.68
CA GLY I 94 -10.96 -39.30 -20.54
C GLY I 94 -10.05 -38.25 -19.96
N LEU I 95 -10.14 -38.06 -18.64
CA LEU I 95 -9.24 -37.14 -17.96
C LEU I 95 -7.81 -37.63 -18.00
N SER I 96 -7.61 -38.94 -17.97
CA SER I 96 -6.27 -39.49 -17.98
C SER I 96 -5.53 -39.17 -19.27
N VAL I 97 -6.06 -39.61 -20.40
CA VAL I 97 -5.36 -39.45 -21.67
C VAL I 97 -5.30 -38.00 -22.07
N GLY I 98 -6.34 -37.23 -21.77
CA GLY I 98 -6.37 -35.84 -22.11
C GLY I 98 -5.31 -35.02 -21.40
N LEU I 99 -5.33 -35.04 -20.07
CA LEU I 99 -4.41 -34.21 -19.30
C LEU I 99 -2.97 -34.72 -19.35
N SER I 100 -2.76 -35.98 -19.75
CA SER I 100 -1.42 -36.49 -20.02
C SER I 100 -0.93 -36.09 -21.40
N GLY I 101 -1.83 -35.84 -22.34
CA GLY I 101 -1.44 -35.28 -23.62
C GLY I 101 -1.25 -33.79 -23.57
N LEU I 102 -1.96 -33.12 -22.67
CA LEU I 102 -1.81 -31.69 -22.45
C LEU I 102 -0.45 -31.34 -21.85
N ALA I 103 0.27 -32.32 -21.32
CA ALA I 103 1.61 -32.14 -20.78
C ALA I 103 2.69 -32.56 -21.76
N ALA I 104 2.51 -33.70 -22.42
CA ALA I 104 3.43 -34.11 -23.47
C ALA I 104 3.48 -33.10 -24.60
N GLY I 105 2.39 -32.36 -24.83
CA GLY I 105 2.40 -31.32 -25.84
C GLY I 105 3.06 -30.03 -25.41
N PHE I 106 3.13 -29.78 -24.11
CA PHE I 106 3.93 -28.66 -23.62
C PHE I 106 5.41 -28.90 -23.88
N ALA I 107 5.88 -30.13 -23.62
CA ALA I 107 7.28 -30.46 -23.82
C ALA I 107 7.67 -30.41 -25.28
N ILE I 108 6.87 -31.05 -26.14
CA ILE I 108 7.21 -31.18 -27.55
C ILE I 108 7.27 -29.83 -28.25
N GLY I 109 6.61 -28.83 -27.71
CA GLY I 109 6.76 -27.49 -28.25
C GLY I 109 8.09 -26.87 -27.87
N ILE I 110 8.37 -26.86 -26.57
CA ILE I 110 9.56 -26.21 -26.05
C ILE I 110 10.81 -26.91 -26.57
N VAL I 111 10.85 -28.24 -26.49
CA VAL I 111 12.03 -28.96 -26.96
C VAL I 111 12.19 -28.81 -28.46
N GLY I 112 11.10 -28.64 -29.21
CA GLY I 112 11.18 -28.39 -30.62
C GLY I 112 11.45 -26.95 -31.00
N ASP I 113 11.17 -26.01 -30.10
CA ASP I 113 11.51 -24.60 -30.32
C ASP I 113 12.95 -24.29 -29.95
N ALA I 114 13.74 -25.29 -29.56
CA ALA I 114 15.08 -25.09 -29.04
C ALA I 114 16.09 -25.93 -29.83
N GLY I 115 15.67 -27.10 -30.27
CA GLY I 115 16.57 -28.04 -30.92
C GLY I 115 16.66 -27.84 -32.42
N VAL I 116 15.56 -27.42 -33.04
CA VAL I 116 15.62 -27.07 -34.46
C VAL I 116 16.48 -25.84 -34.64
N ARG I 117 16.47 -24.92 -33.68
CA ARG I 117 17.33 -23.74 -33.72
C ARG I 117 18.79 -24.06 -33.45
N GLY I 118 19.10 -25.26 -32.97
CA GLY I 118 20.46 -25.70 -32.78
C GLY I 118 20.92 -26.60 -33.90
N SER I 119 19.99 -27.32 -34.52
CA SER I 119 20.33 -28.14 -35.67
C SER I 119 20.89 -27.33 -36.82
N SER I 120 20.58 -26.03 -36.87
CA SER I 120 21.24 -25.13 -37.81
C SER I 120 22.74 -25.10 -37.54
N GLN I 121 23.11 -24.71 -36.33
CA GLN I 121 24.50 -24.49 -35.96
C GLN I 121 25.26 -25.77 -35.64
N GLN I 122 24.57 -26.92 -35.56
CA GLN I 122 25.21 -28.19 -35.32
C GLN I 122 24.34 -29.33 -35.84
N PRO I 123 24.72 -30.05 -36.89
CA PRO I 123 23.84 -31.14 -37.35
C PRO I 123 23.82 -32.33 -36.42
N ARG I 124 24.88 -32.54 -35.64
CA ARG I 124 24.92 -33.66 -34.70
C ARG I 124 23.87 -33.55 -33.61
N LEU I 125 23.36 -32.35 -33.36
CA LEU I 125 22.39 -32.16 -32.28
C LEU I 125 21.05 -32.81 -32.58
N PHE I 126 20.79 -33.17 -33.83
CA PHE I 126 19.48 -33.70 -34.20
C PHE I 126 19.19 -35.01 -33.48
N VAL I 127 20.19 -35.89 -33.37
CA VAL I 127 20.00 -37.19 -32.75
C VAL I 127 19.66 -37.07 -31.27
N GLY I 128 19.97 -35.93 -30.65
CA GLY I 128 19.64 -35.72 -29.26
C GLY I 128 18.26 -35.16 -29.07
N MET I 129 17.82 -34.33 -30.01
CA MET I 129 16.47 -33.81 -29.95
C MET I 129 15.44 -34.92 -30.13
N ILE I 130 15.78 -35.97 -30.87
CA ILE I 130 14.88 -37.11 -31.00
C ILE I 130 14.68 -37.78 -29.66
N LEU I 131 15.78 -38.19 -29.02
CA LEU I 131 15.71 -38.91 -27.75
C LEU I 131 14.91 -38.15 -26.71
N ILE I 132 15.13 -36.84 -26.60
CA ILE I 132 14.42 -36.06 -25.61
C ILE I 132 12.95 -35.91 -25.96
N LEU I 133 12.58 -36.18 -27.22
CA LEU I 133 11.18 -36.23 -27.62
C LEU I 133 10.55 -37.61 -27.43
N ILE I 134 11.34 -38.66 -27.40
CA ILE I 134 10.80 -39.99 -27.11
C ILE I 134 10.26 -40.04 -25.69
N PHE I 135 11.02 -39.50 -24.74
CA PHE I 135 10.61 -39.52 -23.34
C PHE I 135 9.43 -38.61 -23.05
N ALA I 136 9.00 -37.78 -24.00
CA ALA I 136 7.78 -36.99 -23.89
C ALA I 136 6.58 -37.67 -24.53
N GLU I 137 6.74 -38.20 -25.74
CA GLU I 137 5.67 -38.92 -26.43
C GLU I 137 5.23 -40.17 -25.69
N VAL I 138 6.02 -40.64 -24.73
CA VAL I 138 5.65 -41.78 -23.92
C VAL I 138 4.78 -41.40 -22.74
N LEU I 139 4.86 -40.15 -22.28
CA LEU I 139 4.01 -39.70 -21.19
C LEU I 139 2.54 -39.78 -21.57
N GLY I 140 2.23 -39.65 -22.85
CA GLY I 140 0.89 -39.81 -23.34
C GLY I 140 0.57 -41.23 -23.77
N LEU I 141 1.59 -42.06 -23.95
CA LEU I 141 1.35 -43.48 -24.17
C LEU I 141 0.95 -44.16 -22.87
N TYR I 142 1.38 -43.62 -21.74
CA TYR I 142 0.99 -44.15 -20.44
C TYR I 142 -0.46 -43.80 -20.14
N GLY I 143 -0.88 -42.59 -20.50
CA GLY I 143 -2.26 -42.20 -20.31
C GLY I 143 -3.23 -43.03 -21.11
N LEU I 144 -2.79 -43.54 -22.25
CA LEU I 144 -3.64 -44.37 -23.08
C LEU I 144 -3.74 -45.78 -22.51
N ILE I 145 -2.64 -46.32 -22.00
CA ILE I 145 -2.65 -47.63 -21.37
C ILE I 145 -3.62 -47.65 -20.21
N VAL I 146 -3.55 -46.63 -19.34
CA VAL I 146 -4.44 -46.55 -18.19
C VAL I 146 -5.89 -46.42 -18.60
N ALA I 147 -6.17 -45.89 -19.80
CA ALA I 147 -7.54 -45.72 -20.25
C ALA I 147 -8.11 -46.94 -20.94
N LEU I 148 -7.27 -47.71 -21.63
CA LEU I 148 -7.72 -48.94 -22.26
C LEU I 148 -8.02 -50.03 -21.25
N LEU I 149 -7.52 -49.92 -20.02
CA LEU I 149 -7.77 -50.90 -18.98
C LEU I 149 -9.02 -50.58 -18.19
N LEU I 150 -9.17 -49.33 -17.79
CA LEU I 150 -10.40 -48.85 -17.19
C LEU I 150 -11.61 -49.22 -18.02
N ASN I 151 -11.57 -48.91 -19.31
CA ASN I 151 -12.72 -49.16 -20.16
C ASN I 151 -13.02 -50.64 -20.30
N SER I 152 -12.01 -51.49 -20.19
CA SER I 152 -12.23 -52.92 -20.14
C SER I 152 -12.99 -53.37 -18.90
N ARG I 153 -13.05 -52.54 -17.86
CA ARG I 153 -13.74 -52.85 -16.62
C ARG I 153 -15.05 -52.10 -16.47
N ALA I 154 -15.55 -51.48 -17.55
CA ALA I 154 -16.72 -50.62 -17.44
C ALA I 154 -18.01 -51.41 -17.41
N THR I 155 -18.22 -52.28 -18.40
CA THR I 155 -19.38 -53.16 -18.45
C THR I 155 -19.08 -54.58 -17.97
N GLN I 156 -17.98 -54.78 -17.25
CA GLN I 156 -17.53 -56.10 -16.85
C GLN I 156 -18.08 -56.42 -15.46
N ASP I 157 -18.87 -57.48 -15.37
CA ASP I 157 -19.47 -57.94 -14.11
C ASP I 157 -20.38 -56.89 -13.50
N VAL I 158 -21.02 -56.08 -14.32
CA VAL I 158 -21.85 -54.96 -13.87
C VAL I 158 -23.32 -55.31 -14.04
N VAL I 159 -24.14 -54.87 -13.10
CA VAL I 159 -25.59 -54.99 -13.16
C VAL I 159 -26.18 -53.65 -13.55
N MET J 1 -26.42 -49.01 -2.37
CA MET J 1 -27.29 -50.08 -1.84
C MET J 1 -27.34 -50.05 -0.31
N THR J 2 -26.27 -49.59 0.33
CA THR J 2 -26.15 -49.65 1.78
C THR J 2 -25.35 -48.43 2.24
N GLU J 3 -25.42 -48.18 3.56
CA GLU J 3 -24.64 -47.10 4.16
C GLU J 3 -23.15 -47.30 3.92
N LEU J 4 -22.64 -48.49 4.26
CA LEU J 4 -21.22 -48.76 4.09
C LEU J 4 -20.83 -48.76 2.62
N CYS J 5 -21.76 -49.12 1.74
CA CYS J 5 -21.49 -49.29 0.31
C CYS J 5 -22.50 -48.53 -0.51
N PRO J 6 -22.34 -47.21 -0.65
CA PRO J 6 -23.21 -46.45 -1.55
C PRO J 6 -22.88 -46.70 -3.00
N VAL J 7 -23.66 -46.05 -3.86
CA VAL J 7 -23.42 -46.10 -5.30
C VAL J 7 -22.27 -45.18 -5.70
N TYR J 8 -22.09 -44.08 -4.99
CA TYR J 8 -21.13 -43.05 -5.37
C TYR J 8 -19.72 -43.32 -4.84
N ALA J 9 -19.46 -44.53 -4.36
CA ALA J 9 -18.13 -44.86 -3.85
C ALA J 9 -17.07 -44.99 -4.92
N PRO J 10 -17.31 -45.57 -6.10
CA PRO J 10 -16.25 -45.68 -7.10
C PRO J 10 -15.82 -44.35 -7.71
N PHE J 11 -16.50 -43.25 -7.42
CA PHE J 11 -16.04 -41.94 -7.88
C PHE J 11 -14.67 -41.64 -7.31
N PHE J 12 -14.46 -41.89 -6.02
CA PHE J 12 -13.18 -41.57 -5.40
C PHE J 12 -12.06 -42.47 -5.89
N GLY J 13 -12.38 -43.62 -6.44
CA GLY J 13 -11.37 -44.52 -6.95
C GLY J 13 -10.84 -44.15 -8.31
N ALA J 14 -11.75 -43.88 -9.24
CA ALA J 14 -11.35 -43.51 -10.59
C ALA J 14 -10.60 -42.19 -10.60
N ILE J 15 -10.94 -41.27 -9.70
CA ILE J 15 -10.18 -40.03 -9.55
C ILE J 15 -8.85 -40.29 -8.88
N GLY J 16 -8.69 -41.44 -8.22
CA GLY J 16 -7.40 -41.83 -7.69
C GLY J 16 -6.53 -42.53 -8.72
N CYS J 17 -7.15 -43.28 -9.61
CA CYS J 17 -6.42 -43.90 -10.71
C CYS J 17 -5.90 -42.84 -11.67
N ALA J 18 -6.69 -41.78 -11.87
CA ALA J 18 -6.31 -40.72 -12.80
C ALA J 18 -5.27 -39.80 -12.21
N SER J 19 -5.41 -39.44 -10.93
CA SER J 19 -4.60 -38.39 -10.35
C SER J 19 -3.14 -38.81 -10.30
N ALA J 20 -2.87 -40.10 -10.15
CA ALA J 20 -1.51 -40.57 -10.11
C ALA J 20 -0.80 -40.34 -11.44
N ILE J 21 -1.44 -40.75 -12.54
CA ILE J 21 -0.77 -40.68 -13.84
C ILE J 21 -0.81 -39.26 -14.39
N ILE J 22 -1.75 -38.44 -13.92
CA ILE J 22 -1.80 -37.06 -14.36
C ILE J 22 -0.68 -36.25 -13.72
N PHE J 23 -0.62 -36.22 -12.40
CA PHE J 23 0.26 -35.26 -11.74
C PHE J 23 1.72 -35.70 -11.83
N THR J 24 1.98 -36.99 -12.02
CA THR J 24 3.33 -37.43 -12.34
C THR J 24 3.74 -36.97 -13.74
N SER J 25 2.82 -37.03 -14.69
CA SER J 25 3.15 -36.63 -16.05
C SER J 25 3.46 -35.15 -16.15
N LEU J 26 2.72 -34.31 -15.44
CA LEU J 26 3.05 -32.89 -15.38
C LEU J 26 4.44 -32.66 -14.79
N GLY J 27 4.86 -33.53 -13.88
CA GLY J 27 6.20 -33.42 -13.34
C GLY J 27 7.27 -33.86 -14.33
N ALA J 28 7.10 -35.04 -14.90
CA ALA J 28 8.05 -35.56 -15.87
C ALA J 28 8.17 -34.66 -17.09
N ALA J 29 7.13 -33.91 -17.41
CA ALA J 29 7.15 -33.04 -18.57
C ALA J 29 7.88 -31.74 -18.29
N TYR J 30 7.81 -31.25 -17.06
CA TYR J 30 8.51 -30.04 -16.69
C TYR J 30 10.02 -30.26 -16.64
N GLY J 31 10.45 -31.42 -16.16
CA GLY J 31 11.85 -31.71 -16.02
C GLY J 31 12.50 -32.13 -17.32
N THR J 32 11.73 -32.83 -18.14
CA THR J 32 12.16 -33.14 -19.48
C THR J 32 12.29 -31.89 -20.35
N ALA J 33 11.50 -30.86 -20.06
CA ALA J 33 11.47 -29.67 -20.90
C ALA J 33 12.54 -28.66 -20.52
N LYS J 34 12.86 -28.52 -19.24
CA LYS J 34 13.83 -27.53 -18.81
C LYS J 34 15.25 -28.06 -18.80
N SER J 35 15.45 -29.33 -18.52
CA SER J 35 16.75 -29.93 -18.80
C SER J 35 17.03 -29.95 -20.29
N GLY J 36 16.02 -30.22 -21.10
CA GLY J 36 16.18 -30.31 -22.54
C GLY J 36 16.44 -28.99 -23.23
N VAL J 37 16.34 -27.87 -22.52
CA VAL J 37 16.66 -26.56 -23.07
C VAL J 37 18.07 -26.18 -22.68
N GLY J 38 18.55 -26.72 -21.56
CA GLY J 38 19.95 -26.58 -21.20
C GLY J 38 20.88 -27.49 -21.97
N ILE J 39 20.35 -28.57 -22.53
CA ILE J 39 21.14 -29.52 -23.29
C ILE J 39 21.29 -29.09 -24.73
N CYS J 40 20.25 -28.51 -25.29
CA CYS J 40 20.29 -28.00 -26.66
C CYS J 40 20.97 -26.64 -26.76
N ALA J 41 21.45 -26.10 -25.64
CA ALA J 41 22.25 -24.89 -25.63
C ALA J 41 23.74 -25.16 -25.50
N THR J 42 24.11 -26.25 -24.83
CA THR J 42 25.50 -26.56 -24.52
C THR J 42 26.11 -27.58 -25.45
N CYS J 43 25.30 -28.48 -25.99
CA CYS J 43 25.76 -29.40 -27.02
C CYS J 43 25.82 -28.77 -28.40
N VAL J 44 25.44 -27.49 -28.51
CA VAL J 44 25.76 -26.70 -29.69
C VAL J 44 27.28 -26.64 -29.87
N LEU J 45 27.99 -26.32 -28.80
CA LEU J 45 29.44 -26.27 -28.83
C LEU J 45 30.08 -27.62 -28.63
N ARG J 46 29.41 -28.53 -27.92
CA ARG J 46 30.02 -29.75 -27.38
C ARG J 46 29.14 -30.95 -27.69
N PRO J 47 29.13 -31.42 -28.92
CA PRO J 47 28.34 -32.62 -29.25
C PRO J 47 28.80 -33.86 -28.51
N ASP J 48 30.02 -33.86 -28.00
CA ASP J 48 30.62 -34.99 -27.29
C ASP J 48 30.01 -35.22 -25.91
N LEU J 49 29.08 -34.39 -25.45
CA LEU J 49 28.47 -34.51 -24.14
C LEU J 49 26.98 -34.81 -24.20
N LEU J 50 26.50 -35.31 -25.35
CA LEU J 50 25.07 -35.47 -25.56
C LEU J 50 24.57 -36.78 -24.96
N PHE J 51 25.29 -37.87 -25.18
CA PHE J 51 24.92 -39.14 -24.56
C PHE J 51 25.26 -39.20 -23.08
N LYS J 52 25.78 -38.12 -22.51
CA LYS J 52 26.14 -38.05 -21.10
C LYS J 52 25.20 -37.16 -20.30
N ASN J 53 24.59 -36.16 -20.94
CA ASN J 53 23.73 -35.19 -20.27
C ASN J 53 22.25 -35.49 -20.44
N ILE J 54 21.89 -36.66 -20.96
CA ILE J 54 20.50 -37.08 -21.03
C ILE J 54 20.14 -37.81 -19.73
N VAL J 55 21.06 -37.84 -18.77
CA VAL J 55 20.77 -38.45 -17.47
C VAL J 55 19.58 -37.82 -16.77
N PRO J 56 19.43 -36.49 -16.72
CA PRO J 56 18.25 -35.94 -16.02
C PRO J 56 16.93 -36.33 -16.65
N VAL J 57 16.87 -36.37 -17.97
CA VAL J 57 15.64 -36.72 -18.66
C VAL J 57 15.29 -38.18 -18.42
N ILE J 58 16.28 -39.02 -18.15
CA ILE J 58 16.01 -40.41 -17.84
C ILE J 58 15.38 -40.55 -16.47
N MET J 59 15.63 -39.60 -15.57
CA MET J 59 15.09 -39.69 -14.23
C MET J 59 13.66 -39.20 -14.16
N ALA J 60 13.38 -38.07 -14.82
CA ALA J 60 12.01 -37.59 -14.95
C ALA J 60 11.10 -38.65 -15.52
N GLY J 61 11.58 -39.43 -16.48
CA GLY J 61 10.82 -40.54 -17.01
C GLY J 61 10.54 -41.64 -16.02
N ILE J 62 11.31 -41.70 -14.92
CA ILE J 62 11.05 -42.70 -13.89
C ILE J 62 9.94 -42.25 -12.96
N ILE J 63 9.78 -40.94 -12.78
CA ILE J 63 8.69 -40.42 -11.95
C ILE J 63 7.36 -40.81 -12.55
N ALA J 64 7.29 -40.89 -13.88
CA ALA J 64 6.04 -41.22 -14.56
C ALA J 64 5.70 -42.69 -14.44
N ILE J 65 6.71 -43.55 -14.34
CA ILE J 65 6.47 -44.97 -14.16
C ILE J 65 5.89 -45.26 -12.78
N TYR J 66 6.14 -44.40 -11.80
CA TYR J 66 5.58 -44.60 -10.48
C TYR J 66 4.07 -44.49 -10.50
N GLY J 67 3.54 -43.56 -11.31
CA GLY J 67 2.10 -43.40 -11.42
C GLY J 67 1.41 -44.46 -12.24
N LEU J 68 2.15 -45.17 -13.09
CA LEU J 68 1.57 -46.23 -13.88
C LEU J 68 1.34 -47.49 -13.05
N VAL J 69 2.31 -47.89 -12.23
CA VAL J 69 2.14 -49.10 -11.43
C VAL J 69 1.20 -48.88 -10.26
N VAL J 70 0.94 -47.63 -9.87
CA VAL J 70 -0.07 -47.36 -8.85
C VAL J 70 -1.46 -47.37 -9.46
N SER J 71 -1.61 -46.70 -10.61
CA SER J 71 -2.90 -46.65 -11.28
C SER J 71 -3.35 -48.02 -11.76
N VAL J 72 -2.44 -48.83 -12.30
CA VAL J 72 -2.78 -50.17 -12.72
C VAL J 72 -3.21 -51.02 -11.54
N LEU J 73 -2.68 -50.74 -10.36
CA LEU J 73 -2.91 -51.58 -9.21
C LEU J 73 -4.24 -51.23 -8.55
N VAL J 74 -4.58 -49.94 -8.53
CA VAL J 74 -5.90 -49.50 -8.10
C VAL J 74 -6.98 -50.07 -9.01
N CYS J 75 -6.72 -50.05 -10.32
CA CYS J 75 -7.76 -50.31 -11.32
C CYS J 75 -8.44 -51.67 -11.13
N TYR J 76 -7.73 -52.64 -10.58
CA TYR J 76 -8.32 -53.95 -10.32
C TYR J 76 -9.04 -54.03 -8.99
N SER J 77 -8.71 -53.15 -8.05
CA SER J 77 -9.42 -53.11 -6.77
C SER J 77 -10.74 -52.36 -6.85
N LEU J 78 -11.08 -51.79 -8.00
CA LEU J 78 -12.38 -51.16 -8.19
C LEU J 78 -13.47 -52.19 -8.33
N GLY J 79 -14.69 -51.76 -8.04
CA GLY J 79 -15.85 -52.62 -8.18
C GLY J 79 -17.13 -51.83 -8.10
N GLN J 80 -18.18 -52.41 -8.69
CA GLN J 80 -19.48 -51.75 -8.67
C GLN J 80 -20.03 -51.65 -7.26
N LYS J 81 -19.70 -52.61 -6.40
CA LYS J 81 -20.21 -52.67 -5.03
C LYS J 81 -19.01 -52.79 -4.10
N GLN J 82 -18.43 -51.64 -3.74
CA GLN J 82 -17.37 -51.59 -2.75
C GLN J 82 -17.73 -50.53 -1.72
N ALA J 83 -16.91 -50.48 -0.68
CA ALA J 83 -17.13 -49.58 0.44
C ALA J 83 -16.54 -48.20 0.14
N LEU J 84 -17.02 -47.21 0.88
CA LEU J 84 -16.39 -45.90 0.85
C LEU J 84 -14.96 -45.96 1.36
N TYR J 85 -14.72 -46.80 2.36
CA TYR J 85 -13.38 -46.94 2.90
C TYR J 85 -12.42 -47.42 1.83
N THR J 86 -12.86 -48.31 0.95
CA THR J 86 -12.02 -48.74 -0.14
C THR J 86 -11.83 -47.66 -1.20
N GLY J 87 -12.67 -46.63 -1.21
CA GLY J 87 -12.54 -45.54 -2.13
C GLY J 87 -11.65 -44.41 -1.67
N PHE J 88 -11.86 -43.98 -0.43
CA PHE J 88 -11.06 -42.91 0.15
C PHE J 88 -9.59 -43.28 0.20
N ILE J 89 -9.29 -44.54 0.53
CA ILE J 89 -7.92 -45.03 0.49
C ILE J 89 -7.32 -44.87 -0.90
N GLN J 90 -8.09 -45.22 -1.93
CA GLN J 90 -7.60 -45.10 -3.30
C GLN J 90 -7.32 -43.66 -3.69
N LEU J 91 -8.01 -42.71 -3.06
CA LEU J 91 -7.76 -41.30 -3.33
C LEU J 91 -6.48 -40.82 -2.67
N GLY J 92 -6.28 -41.19 -1.40
CA GLY J 92 -5.04 -40.86 -0.73
C GLY J 92 -3.83 -41.44 -1.42
N ALA J 93 -3.98 -42.62 -2.02
CA ALA J 93 -2.87 -43.27 -2.70
C ALA J 93 -2.48 -42.52 -3.97
N GLY J 94 -3.46 -42.08 -4.74
CA GLY J 94 -3.16 -41.33 -5.95
C GLY J 94 -2.61 -39.95 -5.68
N LEU J 95 -3.20 -39.25 -4.73
CA LEU J 95 -2.75 -37.90 -4.42
C LEU J 95 -1.33 -37.89 -3.88
N SER J 96 -0.95 -38.95 -3.16
CA SER J 96 0.36 -38.98 -2.53
C SER J 96 1.47 -39.09 -3.56
N VAL J 97 1.40 -40.11 -4.42
CA VAL J 97 2.45 -40.30 -5.43
C VAL J 97 2.35 -39.23 -6.50
N GLY J 98 1.14 -38.80 -6.83
CA GLY J 98 0.97 -37.83 -7.89
C GLY J 98 1.59 -36.49 -7.56
N LEU J 99 1.22 -35.92 -6.42
CA LEU J 99 1.69 -34.60 -6.04
C LEU J 99 3.11 -34.63 -5.53
N SER J 100 3.56 -35.76 -4.99
CA SER J 100 4.94 -35.90 -4.58
C SER J 100 5.88 -36.04 -5.77
N GLY J 101 5.44 -36.76 -6.80
CA GLY J 101 6.22 -36.85 -8.02
C GLY J 101 6.26 -35.54 -8.78
N LEU J 102 5.18 -34.78 -8.70
CA LEU J 102 5.18 -33.42 -9.23
C LEU J 102 6.29 -32.58 -8.62
N ALA J 103 6.57 -32.81 -7.34
CA ALA J 103 7.59 -32.03 -6.64
C ALA J 103 8.98 -32.41 -7.11
N ALA J 104 9.24 -33.70 -7.25
CA ALA J 104 10.51 -34.16 -7.79
C ALA J 104 10.75 -33.60 -9.19
N GLY J 105 9.69 -33.45 -9.98
CA GLY J 105 9.83 -32.96 -11.33
C GLY J 105 10.28 -31.52 -11.41
N PHE J 106 9.88 -30.69 -10.45
CA PHE J 106 10.34 -29.31 -10.41
C PHE J 106 11.82 -29.24 -10.04
N ALA J 107 12.23 -30.01 -9.03
CA ALA J 107 13.62 -30.00 -8.57
C ALA J 107 14.58 -30.45 -9.65
N ILE J 108 14.22 -31.49 -10.40
CA ILE J 108 15.10 -32.05 -11.41
C ILE J 108 15.36 -31.07 -12.54
N GLY J 109 14.30 -30.42 -13.02
CA GLY J 109 14.44 -29.50 -14.13
C GLY J 109 15.37 -28.34 -13.81
N ILE J 110 15.33 -27.86 -12.58
CA ILE J 110 16.11 -26.70 -12.20
C ILE J 110 17.55 -27.07 -11.94
N VAL J 111 17.78 -28.22 -11.33
CA VAL J 111 19.14 -28.68 -11.08
C VAL J 111 19.78 -29.18 -12.36
N GLY J 112 19.05 -29.99 -13.12
CA GLY J 112 19.60 -30.54 -14.35
C GLY J 112 19.98 -29.47 -15.35
N ASP J 113 19.18 -28.41 -15.45
CA ASP J 113 19.53 -27.31 -16.32
C ASP J 113 20.81 -26.64 -15.87
N ALA J 114 20.91 -26.29 -14.59
CA ALA J 114 22.05 -25.53 -14.12
C ALA J 114 23.31 -26.36 -14.06
N GLY J 115 23.17 -27.67 -13.85
CA GLY J 115 24.31 -28.56 -13.80
C GLY J 115 24.74 -29.10 -15.14
N VAL J 116 23.87 -29.01 -16.14
CA VAL J 116 24.27 -29.26 -17.51
C VAL J 116 25.05 -28.08 -18.07
N ARG J 117 24.69 -26.87 -17.65
CA ARG J 117 25.37 -25.66 -18.09
C ARG J 117 26.72 -25.46 -17.43
N GLY J 118 26.99 -26.17 -16.34
CA GLY J 118 28.24 -26.03 -15.63
C GLY J 118 29.29 -27.00 -16.13
N SER J 119 28.87 -28.23 -16.39
CA SER J 119 29.78 -29.25 -16.90
C SER J 119 30.38 -28.87 -18.25
N SER J 120 29.76 -27.95 -18.97
CA SER J 120 30.37 -27.36 -20.15
C SER J 120 31.61 -26.55 -19.82
N GLN J 121 31.77 -26.16 -18.55
CA GLN J 121 32.89 -25.35 -18.09
C GLN J 121 33.80 -26.05 -17.10
N GLN J 122 33.32 -27.09 -16.42
CA GLN J 122 34.05 -27.80 -15.39
C GLN J 122 33.64 -29.27 -15.37
N PRO J 123 34.46 -30.20 -15.85
CA PRO J 123 34.01 -31.61 -15.89
C PRO J 123 33.81 -32.24 -14.52
N ARG J 124 34.41 -31.69 -13.47
CA ARG J 124 34.35 -32.32 -12.16
C ARG J 124 32.95 -32.23 -11.55
N LEU J 125 32.19 -31.20 -11.89
CA LEU J 125 30.88 -30.98 -11.29
C LEU J 125 29.87 -32.07 -11.63
N PHE J 126 30.14 -32.90 -12.64
CA PHE J 126 29.13 -33.85 -13.11
C PHE J 126 28.77 -34.86 -12.02
N VAL J 127 29.76 -35.35 -11.28
CA VAL J 127 29.49 -36.28 -10.19
C VAL J 127 28.62 -35.63 -9.13
N GLY J 128 28.81 -34.33 -8.90
CA GLY J 128 28.04 -33.65 -7.87
C GLY J 128 26.60 -33.46 -8.27
N MET J 129 26.35 -33.29 -9.56
CA MET J 129 24.97 -33.13 -10.03
C MET J 129 24.16 -34.40 -9.84
N ILE J 130 24.79 -35.57 -10.02
CA ILE J 130 24.05 -36.82 -9.90
C ILE J 130 23.67 -37.10 -8.46
N LEU J 131 24.51 -36.70 -7.51
CA LEU J 131 24.12 -36.79 -6.11
C LEU J 131 22.85 -36.00 -5.83
N ILE J 132 22.79 -34.78 -6.34
CA ILE J 132 21.70 -33.88 -5.98
C ILE J 132 20.40 -34.35 -6.61
N LEU J 133 20.48 -35.05 -7.73
CA LEU J 133 19.28 -35.54 -8.40
C LEU J 133 18.73 -36.78 -7.70
N ILE J 134 19.59 -37.54 -7.03
CA ILE J 134 19.12 -38.71 -6.30
C ILE J 134 18.24 -38.28 -5.14
N PHE J 135 18.64 -37.23 -4.42
CA PHE J 135 17.82 -36.72 -3.33
C PHE J 135 16.46 -36.26 -3.83
N ALA J 136 16.40 -35.80 -5.08
CA ALA J 136 15.14 -35.41 -5.67
C ALA J 136 14.35 -36.63 -6.16
N GLU J 137 15.05 -37.65 -6.63
CA GLU J 137 14.39 -38.82 -7.16
C GLU J 137 13.73 -39.65 -6.06
N VAL J 138 14.33 -39.68 -4.87
CA VAL J 138 13.76 -40.48 -3.78
C VAL J 138 12.52 -39.82 -3.21
N LEU J 139 12.29 -38.54 -3.49
CA LEU J 139 11.07 -37.90 -3.04
C LEU J 139 9.85 -38.55 -3.66
N GLY J 140 9.98 -39.11 -4.86
CA GLY J 140 8.90 -39.87 -5.44
C GLY J 140 8.84 -41.28 -4.88
N LEU J 141 9.99 -41.85 -4.56
CA LEU J 141 10.04 -43.17 -3.95
C LEU J 141 9.38 -43.16 -2.57
N TYR J 142 9.43 -42.03 -1.87
CA TYR J 142 8.72 -41.93 -0.60
C TYR J 142 7.22 -41.90 -0.83
N GLY J 143 6.77 -41.17 -1.85
CA GLY J 143 5.35 -41.12 -2.15
C GLY J 143 4.79 -42.42 -2.65
N LEU J 144 5.63 -43.20 -3.35
CA LEU J 144 5.20 -44.50 -3.82
C LEU J 144 5.00 -45.48 -2.67
N ILE J 145 5.90 -45.46 -1.69
CA ILE J 145 5.83 -46.42 -0.58
C ILE J 145 4.56 -46.21 0.22
N VAL J 146 4.23 -44.96 0.53
CA VAL J 146 3.03 -44.63 1.27
C VAL J 146 1.79 -45.18 0.56
N ALA J 147 1.81 -45.15 -0.77
CA ALA J 147 0.64 -45.58 -1.53
C ALA J 147 0.53 -47.09 -1.58
N LEU J 148 1.64 -47.80 -1.71
CA LEU J 148 1.58 -49.26 -1.73
C LEU J 148 1.08 -49.81 -0.40
N LEU J 149 1.38 -49.12 0.69
CA LEU J 149 0.89 -49.51 2.00
C LEU J 149 -0.61 -49.28 2.12
N LEU J 150 -1.08 -48.11 1.68
CA LEU J 150 -2.50 -47.80 1.74
C LEU J 150 -3.33 -48.77 0.93
N ASN J 151 -2.94 -49.03 -0.32
CA ASN J 151 -3.74 -49.88 -1.19
C ASN J 151 -3.83 -51.30 -0.65
N SER J 152 -2.87 -51.69 0.19
CA SER J 152 -2.95 -52.97 0.86
C SER J 152 -4.00 -52.97 1.96
N ARG J 153 -4.20 -51.82 2.61
CA ARG J 153 -5.23 -51.70 3.64
C ARG J 153 -6.63 -51.75 3.04
N ALA J 154 -6.76 -51.39 1.76
CA ALA J 154 -8.05 -50.97 1.22
C ALA J 154 -9.06 -52.11 1.18
N THR J 155 -8.60 -53.31 0.86
CA THR J 155 -9.46 -54.48 0.72
C THR J 155 -9.31 -55.47 1.88
N GLN J 156 -8.50 -55.14 2.89
CA GLN J 156 -8.21 -56.03 3.99
C GLN J 156 -9.22 -55.81 5.12
N ASP J 157 -9.92 -56.87 5.50
CA ASP J 157 -10.89 -56.84 6.59
C ASP J 157 -11.98 -55.82 6.35
N VAL J 158 -12.67 -55.94 5.22
CA VAL J 158 -13.67 -54.98 4.78
C VAL J 158 -14.96 -55.72 4.48
N VAL J 159 -16.08 -55.16 4.91
CA VAL J 159 -17.40 -55.75 4.72
C VAL J 159 -18.38 -54.66 4.30
N MET K 1 -23.86 -46.10 9.84
CA MET K 1 -23.32 -46.97 10.92
C MET K 1 -23.81 -46.55 12.31
N THR K 2 -23.13 -45.56 12.90
CA THR K 2 -23.35 -45.17 14.28
C THR K 2 -23.16 -43.65 14.38
N GLU K 3 -23.57 -43.10 15.51
CA GLU K 3 -23.46 -41.65 15.71
C GLU K 3 -22.02 -41.24 15.95
N LEU K 4 -21.29 -42.00 16.75
CA LEU K 4 -19.89 -41.72 17.03
C LEU K 4 -18.95 -42.30 15.98
N CYS K 5 -19.44 -43.10 15.04
CA CYS K 5 -18.62 -43.72 14.01
C CYS K 5 -19.35 -43.72 12.68
N PRO K 6 -19.45 -42.57 12.01
CA PRO K 6 -20.08 -42.54 10.69
C PRO K 6 -19.15 -43.07 9.61
N VAL K 7 -19.72 -43.21 8.41
CA VAL K 7 -18.99 -43.79 7.30
C VAL K 7 -17.98 -42.82 6.71
N TYR K 8 -18.23 -41.51 6.82
CA TYR K 8 -17.33 -40.52 6.26
C TYR K 8 -16.16 -40.18 7.18
N ALA K 9 -15.83 -41.03 8.13
CA ALA K 9 -14.74 -40.73 9.06
C ALA K 9 -13.37 -41.12 8.53
N PRO K 10 -13.17 -42.22 7.79
CA PRO K 10 -11.86 -42.47 7.17
C PRO K 10 -11.43 -41.46 6.13
N PHE K 11 -12.28 -40.49 5.76
CA PHE K 11 -11.85 -39.45 4.84
C PHE K 11 -10.79 -38.57 5.48
N PHE K 12 -11.08 -38.05 6.68
CA PHE K 12 -10.15 -37.14 7.32
C PHE K 12 -8.85 -37.84 7.69
N GLY K 13 -8.89 -39.16 7.87
CA GLY K 13 -7.66 -39.89 8.13
C GLY K 13 -6.77 -39.99 6.91
N ALA K 14 -7.33 -40.47 5.80
CA ALA K 14 -6.54 -40.65 4.59
C ALA K 14 -6.08 -39.32 4.00
N ILE K 15 -6.83 -38.25 4.23
CA ILE K 15 -6.38 -36.92 3.85
C ILE K 15 -5.25 -36.44 4.75
N GLY K 16 -5.08 -37.03 5.93
CA GLY K 16 -3.98 -36.70 6.80
C GLY K 16 -2.73 -37.52 6.56
N CYS K 17 -2.88 -38.76 6.07
CA CYS K 17 -1.72 -39.56 5.71
C CYS K 17 -1.08 -39.05 4.43
N ALA K 18 -1.84 -38.38 3.57
CA ALA K 18 -1.33 -37.85 2.32
C ALA K 18 -0.75 -36.46 2.46
N SER K 19 -1.42 -35.59 3.23
CA SER K 19 -0.92 -34.24 3.42
C SER K 19 0.43 -34.22 4.10
N ALA K 20 0.75 -35.24 4.89
CA ALA K 20 2.05 -35.32 5.54
C ALA K 20 3.17 -35.44 4.51
N ILE K 21 3.03 -36.40 3.59
CA ILE K 21 4.07 -36.67 2.61
C ILE K 21 3.98 -35.77 1.39
N ILE K 22 2.88 -35.08 1.19
CA ILE K 22 2.81 -34.09 0.11
C ILE K 22 3.59 -32.84 0.49
N PHE K 23 3.21 -32.18 1.59
CA PHE K 23 3.77 -30.87 1.88
C PHE K 23 5.21 -30.92 2.38
N THR K 24 5.70 -32.09 2.79
CA THR K 24 7.12 -32.21 3.10
C THR K 24 7.95 -32.29 1.84
N SER K 25 7.56 -33.16 0.90
CA SER K 25 8.23 -33.28 -0.38
C SER K 25 8.19 -32.00 -1.19
N LEU K 26 7.23 -31.12 -0.95
CA LEU K 26 7.26 -29.80 -1.56
C LEU K 26 8.29 -28.89 -0.89
N GLY K 27 8.59 -29.13 0.37
CA GLY K 27 9.57 -28.36 1.10
C GLY K 27 10.98 -28.86 0.90
N ALA K 28 11.13 -30.18 0.84
CA ALA K 28 12.42 -30.75 0.53
C ALA K 28 12.83 -30.53 -0.92
N ALA K 29 11.87 -30.24 -1.79
CA ALA K 29 12.16 -29.95 -3.18
C ALA K 29 12.66 -28.52 -3.36
N TYR K 30 11.92 -27.55 -2.81
CA TYR K 30 12.34 -26.16 -2.87
C TYR K 30 13.72 -25.96 -2.26
N GLY K 31 13.99 -26.62 -1.14
CA GLY K 31 15.30 -26.52 -0.53
C GLY K 31 16.40 -27.18 -1.33
N THR K 32 16.04 -28.19 -2.12
CA THR K 32 17.01 -28.91 -2.92
C THR K 32 17.29 -28.22 -4.25
N ALA K 33 16.34 -27.42 -4.73
CA ALA K 33 16.51 -26.72 -6.00
C ALA K 33 17.30 -25.43 -5.83
N LYS K 34 16.84 -24.55 -4.95
CA LYS K 34 17.54 -23.29 -4.73
C LYS K 34 18.95 -23.51 -4.24
N SER K 35 19.15 -24.53 -3.41
CA SER K 35 20.49 -24.85 -2.93
C SER K 35 21.36 -25.39 -4.04
N GLY K 36 20.80 -26.24 -4.90
CA GLY K 36 21.56 -26.84 -5.98
C GLY K 36 21.93 -25.88 -7.09
N VAL K 37 21.18 -24.79 -7.24
CA VAL K 37 21.58 -23.77 -8.20
C VAL K 37 22.77 -22.98 -7.70
N GLY K 38 22.88 -22.81 -6.38
CA GLY K 38 24.06 -22.16 -5.82
C GLY K 38 25.29 -23.04 -5.78
N ILE K 39 25.09 -24.36 -5.66
CA ILE K 39 26.22 -25.28 -5.63
C ILE K 39 26.85 -25.36 -7.01
N CYS K 40 26.03 -25.54 -8.03
CA CYS K 40 26.53 -25.77 -9.38
C CYS K 40 27.01 -24.49 -10.06
N ALA K 41 26.97 -23.35 -9.37
CA ALA K 41 27.52 -22.10 -9.83
C ALA K 41 28.77 -21.68 -9.06
N THR K 42 28.91 -22.14 -7.82
CA THR K 42 30.07 -21.85 -6.99
C THR K 42 31.17 -22.89 -7.13
N CYS K 43 30.82 -24.11 -7.52
CA CYS K 43 31.78 -25.19 -7.70
C CYS K 43 32.30 -25.27 -9.12
N VAL K 44 32.28 -24.17 -9.85
CA VAL K 44 32.96 -24.04 -11.13
C VAL K 44 34.41 -23.60 -10.91
N LEU K 45 34.63 -22.65 -10.01
CA LEU K 45 35.96 -22.16 -9.69
C LEU K 45 36.61 -22.93 -8.56
N ARG K 46 35.83 -23.48 -7.64
CA ARG K 46 36.34 -24.18 -6.46
C ARG K 46 35.66 -25.53 -6.31
N PRO K 47 35.98 -26.49 -7.19
CA PRO K 47 35.36 -27.81 -7.09
C PRO K 47 35.79 -28.63 -5.89
N ASP K 48 36.79 -28.18 -5.13
CA ASP K 48 37.22 -28.91 -3.96
C ASP K 48 36.21 -28.80 -2.82
N LEU K 49 35.38 -27.77 -2.82
CA LEU K 49 34.38 -27.54 -1.79
C LEU K 49 33.04 -28.18 -2.13
N LEU K 50 33.01 -29.08 -3.12
CA LEU K 50 31.76 -29.65 -3.59
C LEU K 50 31.08 -30.50 -2.53
N PHE K 51 31.78 -31.55 -2.06
CA PHE K 51 31.12 -32.55 -1.23
C PHE K 51 30.64 -32.00 0.10
N LYS K 52 31.27 -30.92 0.58
CA LYS K 52 30.83 -30.32 1.83
C LYS K 52 29.67 -29.37 1.61
N ASN K 53 29.59 -28.73 0.44
CA ASN K 53 28.44 -27.90 0.12
C ASN K 53 27.17 -28.70 -0.16
N ILE K 54 27.22 -30.03 -0.12
CA ILE K 54 26.01 -30.84 -0.22
C ILE K 54 25.23 -30.89 1.10
N VAL K 55 25.73 -30.24 2.15
CA VAL K 55 25.04 -30.28 3.44
C VAL K 55 23.64 -29.68 3.39
N PRO K 56 23.40 -28.52 2.76
CA PRO K 56 22.02 -28.01 2.75
C PRO K 56 21.02 -28.92 2.07
N VAL K 57 21.49 -29.76 1.15
CA VAL K 57 20.59 -30.68 0.46
C VAL K 57 20.23 -31.85 1.35
N ILE K 58 21.16 -32.26 2.22
CA ILE K 58 20.92 -33.41 3.08
C ILE K 58 19.86 -33.08 4.12
N MET K 59 19.87 -31.86 4.64
CA MET K 59 18.88 -31.47 5.64
C MET K 59 17.48 -31.40 5.05
N ALA K 60 17.37 -30.94 3.81
CA ALA K 60 16.07 -30.93 3.15
C ALA K 60 15.51 -32.33 2.99
N GLY K 61 16.37 -33.31 2.71
CA GLY K 61 15.93 -34.68 2.64
C GLY K 61 15.53 -35.28 3.97
N ILE K 62 15.93 -34.67 5.07
CA ILE K 62 15.51 -35.13 6.38
C ILE K 62 14.10 -34.65 6.69
N ILE K 63 13.68 -33.54 6.10
CA ILE K 63 12.32 -33.07 6.24
C ILE K 63 11.34 -34.10 5.69
N ALA K 64 11.71 -34.76 4.60
CA ALA K 64 10.82 -35.69 3.93
C ALA K 64 10.75 -37.04 4.63
N ILE K 65 11.65 -37.32 5.56
CA ILE K 65 11.57 -38.51 6.38
C ILE K 65 10.65 -38.27 7.57
N TYR K 66 10.50 -37.01 7.99
CA TYR K 66 9.59 -36.68 9.08
C TYR K 66 8.15 -36.95 8.71
N GLY K 67 7.83 -36.90 7.41
CA GLY K 67 6.47 -37.04 6.94
C GLY K 67 6.11 -38.44 6.53
N LEU K 68 7.12 -39.27 6.28
CA LEU K 68 6.90 -40.67 5.99
C LEU K 68 6.62 -41.46 7.25
N VAL K 69 7.31 -41.15 8.36
CA VAL K 69 7.11 -41.88 9.60
C VAL K 69 5.93 -41.37 10.40
N VAL K 70 5.17 -40.42 9.88
CA VAL K 70 3.90 -40.00 10.43
C VAL K 70 2.82 -40.63 9.58
N SER K 71 3.10 -40.75 8.28
CA SER K 71 2.19 -41.39 7.35
C SER K 71 2.07 -42.89 7.63
N VAL K 72 3.17 -43.54 8.00
CA VAL K 72 3.13 -44.96 8.31
C VAL K 72 2.35 -45.21 9.58
N LEU K 73 2.50 -44.33 10.57
CA LEU K 73 1.77 -44.49 11.82
C LEU K 73 0.28 -44.31 11.62
N VAL K 74 -0.11 -43.25 10.91
CA VAL K 74 -1.52 -43.01 10.60
C VAL K 74 -2.10 -44.16 9.78
N CYS K 75 -1.30 -44.77 8.91
CA CYS K 75 -1.82 -45.83 8.07
C CYS K 75 -2.23 -47.06 8.85
N TYR K 76 -1.55 -47.36 9.95
CA TYR K 76 -1.89 -48.49 10.79
C TYR K 76 -2.86 -48.12 11.91
N SER K 77 -3.60 -47.03 11.75
CA SER K 77 -4.70 -46.65 12.61
C SER K 77 -6.00 -46.47 11.85
N LEU K 78 -5.97 -46.56 10.52
CA LEU K 78 -7.16 -46.45 9.72
C LEU K 78 -7.99 -47.73 9.80
N GLY K 79 -9.30 -47.57 9.69
CA GLY K 79 -10.20 -48.70 9.73
C GLY K 79 -11.57 -48.32 9.24
N GLN K 80 -12.27 -49.31 8.68
CA GLN K 80 -13.60 -49.08 8.13
C GLN K 80 -14.55 -48.51 9.17
N LYS K 81 -14.53 -49.03 10.38
CA LYS K 81 -15.44 -48.64 11.44
C LYS K 81 -14.61 -47.99 12.54
N GLN K 82 -14.40 -46.68 12.41
CA GLN K 82 -13.68 -45.93 13.40
C GLN K 82 -14.40 -44.61 13.64
N ALA K 83 -13.99 -43.93 14.69
CA ALA K 83 -14.61 -42.71 15.14
C ALA K 83 -14.20 -41.51 14.28
N LEU K 84 -15.03 -40.46 14.31
CA LEU K 84 -14.60 -39.16 13.82
C LEU K 84 -13.39 -38.67 14.58
N TYR K 85 -13.42 -38.78 15.90
CA TYR K 85 -12.33 -38.34 16.76
C TYR K 85 -10.99 -38.90 16.29
N THR K 86 -10.95 -40.20 15.97
CA THR K 86 -9.72 -40.78 15.47
C THR K 86 -9.35 -40.23 14.09
N GLY K 87 -10.27 -39.59 13.39
CA GLY K 87 -10.00 -39.00 12.11
C GLY K 87 -9.52 -37.56 12.21
N PHE K 88 -10.21 -36.77 13.01
CA PHE K 88 -9.80 -35.40 13.28
C PHE K 88 -8.36 -35.33 13.79
N ILE K 89 -7.98 -36.28 14.65
CA ILE K 89 -6.64 -36.33 15.20
C ILE K 89 -5.61 -36.71 14.14
N GLN K 90 -6.01 -37.47 13.13
CA GLN K 90 -5.12 -37.82 12.04
C GLN K 90 -4.97 -36.70 11.03
N LEU K 91 -5.98 -35.84 10.94
CA LEU K 91 -5.89 -34.65 10.11
C LEU K 91 -4.95 -33.62 10.74
N GLY K 92 -5.06 -33.42 12.05
CA GLY K 92 -4.19 -32.47 12.72
C GLY K 92 -2.75 -32.92 12.74
N ALA K 93 -2.53 -34.22 12.90
CA ALA K 93 -1.17 -34.75 12.92
C ALA K 93 -0.52 -34.73 11.54
N GLY K 94 -1.31 -34.56 10.48
CA GLY K 94 -0.79 -34.54 9.13
C GLY K 94 -0.45 -33.16 8.63
N LEU K 95 -1.19 -32.17 9.12
CA LEU K 95 -0.95 -30.78 8.75
C LEU K 95 0.15 -30.16 9.59
N SER K 96 0.32 -30.64 10.82
CA SER K 96 1.34 -30.10 11.70
C SER K 96 2.72 -30.30 11.13
N VAL K 97 3.08 -31.54 10.80
CA VAL K 97 4.40 -31.82 10.26
C VAL K 97 4.49 -31.43 8.79
N GLY K 98 3.37 -31.47 8.08
CA GLY K 98 3.42 -31.21 6.65
C GLY K 98 3.62 -29.74 6.32
N LEU K 99 2.95 -28.87 7.06
CA LEU K 99 3.03 -27.43 6.82
C LEU K 99 4.10 -26.76 7.66
N SER K 100 4.61 -27.43 8.69
CA SER K 100 5.79 -26.97 9.38
C SER K 100 7.07 -27.36 8.65
N GLY K 101 7.07 -28.52 7.98
CA GLY K 101 8.22 -28.92 7.20
C GLY K 101 8.33 -28.24 5.86
N LEU K 102 7.23 -27.73 5.34
CA LEU K 102 7.27 -26.87 4.17
C LEU K 102 7.97 -25.56 4.46
N ALA K 103 7.82 -25.05 5.68
CA ALA K 103 8.41 -23.79 6.06
C ALA K 103 9.89 -23.92 6.38
N ALA K 104 10.30 -25.07 6.91
CA ALA K 104 11.70 -25.38 7.07
C ALA K 104 12.43 -25.60 5.74
N GLY K 105 11.71 -25.74 4.63
CA GLY K 105 12.33 -25.92 3.34
C GLY K 105 12.42 -24.63 2.57
N PHE K 106 11.49 -23.73 2.84
CA PHE K 106 11.58 -22.36 2.37
C PHE K 106 12.83 -21.67 2.90
N ALA K 107 13.27 -22.04 4.10
CA ALA K 107 14.41 -21.41 4.75
C ALA K 107 15.74 -22.07 4.46
N ILE K 108 15.75 -23.38 4.30
CA ILE K 108 16.98 -24.10 3.97
C ILE K 108 17.45 -23.75 2.57
N GLY K 109 16.51 -23.59 1.64
CA GLY K 109 16.87 -23.23 0.28
C GLY K 109 17.39 -21.81 0.15
N ILE K 110 16.72 -20.87 0.80
CA ILE K 110 17.11 -19.47 0.70
C ILE K 110 18.45 -19.22 1.37
N VAL K 111 18.66 -19.82 2.54
CA VAL K 111 19.92 -19.65 3.25
C VAL K 111 21.03 -20.48 2.61
N GLY K 112 20.72 -21.72 2.22
CA GLY K 112 21.75 -22.57 1.65
C GLY K 112 22.34 -21.99 0.39
N ASP K 113 21.50 -21.39 -0.46
CA ASP K 113 21.99 -20.75 -1.67
C ASP K 113 22.91 -19.58 -1.34
N ALA K 114 22.54 -18.78 -0.35
CA ALA K 114 23.30 -17.59 -0.03
C ALA K 114 24.60 -17.96 0.68
N GLY K 115 24.53 -18.83 1.68
CA GLY K 115 25.71 -19.15 2.45
C GLY K 115 26.73 -19.96 1.69
N VAL K 116 26.26 -20.84 0.80
CA VAL K 116 27.16 -21.54 -0.11
C VAL K 116 28.03 -20.57 -0.88
N ARG K 117 27.41 -19.56 -1.47
CA ARG K 117 28.14 -18.62 -2.32
C ARG K 117 29.17 -17.83 -1.51
N GLY K 118 28.80 -17.36 -0.34
CA GLY K 118 29.75 -16.65 0.51
C GLY K 118 30.80 -17.56 1.12
N SER K 119 30.40 -18.78 1.49
CA SER K 119 31.30 -19.69 2.17
C SER K 119 32.51 -20.05 1.32
N SER K 120 32.36 -19.99 0.00
CA SER K 120 33.47 -20.29 -0.89
C SER K 120 34.56 -19.24 -0.80
N GLN K 121 34.16 -17.97 -0.71
CA GLN K 121 35.14 -16.90 -0.56
C GLN K 121 35.77 -16.91 0.82
N GLN K 122 34.94 -16.91 1.86
CA GLN K 122 35.38 -16.80 3.24
C GLN K 122 35.06 -18.11 3.97
N PRO K 123 36.02 -18.99 4.23
CA PRO K 123 35.67 -20.25 4.92
C PRO K 123 35.22 -20.08 6.36
N ARG K 124 35.45 -18.93 6.98
CA ARG K 124 34.96 -18.70 8.34
C ARG K 124 33.45 -18.56 8.41
N LEU K 125 32.75 -18.51 7.27
CA LEU K 125 31.31 -18.41 7.23
C LEU K 125 30.62 -19.77 7.13
N PHE K 126 31.36 -20.83 6.82
CA PHE K 126 30.76 -22.16 6.72
C PHE K 126 30.16 -22.59 8.04
N VAL K 127 30.93 -22.45 9.13
CA VAL K 127 30.45 -22.78 10.45
C VAL K 127 29.30 -21.90 10.91
N GLY K 128 29.06 -20.78 10.23
CA GLY K 128 27.95 -19.90 10.55
C GLY K 128 26.69 -20.24 9.77
N MET K 129 26.86 -20.86 8.60
CA MET K 129 25.70 -21.29 7.83
C MET K 129 25.01 -22.46 8.51
N ILE K 130 25.79 -23.48 8.88
CA ILE K 130 25.23 -24.65 9.55
C ILE K 130 24.51 -24.23 10.83
N LEU K 131 25.08 -23.29 11.57
CA LEU K 131 24.44 -22.80 12.77
C LEU K 131 23.10 -22.14 12.47
N ILE K 132 22.90 -21.62 11.26
CA ILE K 132 21.61 -21.02 10.91
C ILE K 132 20.64 -22.07 10.38
N LEU K 133 21.15 -23.15 9.80
CA LEU K 133 20.28 -24.20 9.28
C LEU K 133 19.77 -25.12 10.37
N ILE K 134 20.39 -25.13 11.54
CA ILE K 134 19.91 -25.95 12.63
C ILE K 134 18.72 -25.29 13.30
N PHE K 135 18.68 -23.96 13.35
CA PHE K 135 17.47 -23.27 13.76
C PHE K 135 16.34 -23.39 12.75
N ALA K 136 16.60 -23.90 11.55
CA ALA K 136 15.59 -24.12 10.52
C ALA K 136 15.22 -25.58 10.32
N GLU K 137 16.17 -26.49 10.53
CA GLU K 137 15.88 -27.90 10.56
C GLU K 137 15.04 -28.28 11.77
N VAL K 138 15.06 -27.45 12.82
CA VAL K 138 14.35 -27.73 14.05
C VAL K 138 12.89 -27.33 13.98
N LEU K 139 12.52 -26.47 13.03
CA LEU K 139 11.11 -26.10 12.89
C LEU K 139 10.26 -27.29 12.47
N GLY K 140 10.86 -28.23 11.74
CA GLY K 140 10.17 -29.45 11.38
C GLY K 140 10.19 -30.51 12.45
N LEU K 141 11.16 -30.45 13.36
CA LEU K 141 11.16 -31.36 14.50
C LEU K 141 10.02 -31.05 15.46
N TYR K 142 9.69 -29.77 15.62
CA TYR K 142 8.60 -29.40 16.51
C TYR K 142 7.27 -29.93 16.00
N GLY K 143 6.99 -29.72 14.73
CA GLY K 143 5.77 -30.25 14.14
C GLY K 143 5.66 -31.75 14.23
N LEU K 144 6.80 -32.44 14.22
CA LEU K 144 6.81 -33.88 14.42
C LEU K 144 6.41 -34.24 15.84
N ILE K 145 7.03 -33.58 16.82
CA ILE K 145 6.72 -33.81 18.22
C ILE K 145 5.23 -33.62 18.50
N VAL K 146 4.66 -32.56 17.94
CA VAL K 146 3.22 -32.33 18.08
C VAL K 146 2.42 -33.41 17.37
N ALA K 147 2.99 -34.02 16.34
CA ALA K 147 2.27 -35.04 15.59
C ALA K 147 2.34 -36.41 16.24
N LEU K 148 3.38 -36.68 17.01
CA LEU K 148 3.51 -37.97 17.67
C LEU K 148 2.70 -38.02 18.96
N LEU K 149 2.46 -36.87 19.58
CA LEU K 149 1.61 -36.78 20.75
C LEU K 149 0.14 -36.90 20.37
N LEU K 150 -0.26 -36.27 19.26
CA LEU K 150 -1.63 -36.42 18.77
C LEU K 150 -1.95 -37.88 18.48
N ASN K 151 -1.13 -38.55 17.68
CA ASN K 151 -1.42 -39.92 17.26
C ASN K 151 -1.42 -40.89 18.43
N SER K 152 -0.83 -40.54 19.56
CA SER K 152 -0.93 -41.41 20.73
C SER K 152 -2.34 -41.41 21.29
N ARG K 153 -2.98 -40.24 21.32
CA ARG K 153 -4.31 -40.09 21.89
C ARG K 153 -5.43 -40.55 20.98
N ALA K 154 -5.11 -41.05 19.78
CA ALA K 154 -6.15 -41.27 18.78
C ALA K 154 -6.99 -42.49 19.08
N THR K 155 -6.38 -43.52 19.70
CA THR K 155 -7.01 -44.81 19.86
C THR K 155 -7.27 -45.18 21.32
N GLN K 156 -6.77 -44.39 22.27
CA GLN K 156 -6.92 -44.70 23.69
C GLN K 156 -8.13 -43.98 24.26
N ASP K 157 -8.93 -44.71 25.04
CA ASP K 157 -10.11 -44.19 25.69
C ASP K 157 -11.18 -43.78 24.68
N VAL K 158 -11.32 -44.59 23.63
CA VAL K 158 -12.21 -44.30 22.52
C VAL K 158 -13.20 -45.45 22.39
N VAL K 159 -14.44 -45.12 22.06
CA VAL K 159 -15.48 -46.09 21.80
C VAL K 159 -16.33 -45.61 20.62
N MET L 1 -23.76 -37.35 21.26
CA MET L 1 -24.95 -37.96 21.93
C MET L 1 -25.68 -36.94 22.81
N THR L 2 -24.95 -35.92 23.26
CA THR L 2 -25.51 -34.85 24.08
C THR L 2 -25.52 -33.56 23.26
N GLU L 3 -26.48 -32.69 23.54
CA GLU L 3 -26.59 -31.44 22.80
C GLU L 3 -25.41 -30.52 23.08
N LEU L 4 -25.03 -30.41 24.36
CA LEU L 4 -23.86 -29.61 24.71
C LEU L 4 -22.57 -30.20 24.15
N CYS L 5 -22.51 -31.52 24.02
CA CYS L 5 -21.29 -32.23 23.62
C CYS L 5 -21.50 -33.03 22.35
N PRO L 6 -21.40 -32.42 21.17
CA PRO L 6 -21.62 -33.16 19.93
C PRO L 6 -20.41 -34.00 19.55
N VAL L 7 -20.55 -34.68 18.41
CA VAL L 7 -19.48 -35.53 17.89
C VAL L 7 -18.46 -34.73 17.10
N TYR L 8 -18.83 -33.54 16.63
CA TYR L 8 -17.96 -32.68 15.85
C TYR L 8 -17.19 -31.66 16.70
N ALA L 9 -17.23 -31.79 18.02
CA ALA L 9 -16.55 -30.84 18.88
C ALA L 9 -15.03 -30.95 18.83
N PRO L 10 -14.43 -32.14 18.74
CA PRO L 10 -12.96 -32.21 18.60
C PRO L 10 -12.41 -31.60 17.33
N PHE L 11 -13.25 -31.31 16.33
CA PHE L 11 -12.73 -30.79 15.07
C PHE L 11 -12.08 -29.44 15.25
N PHE L 12 -12.62 -28.62 16.14
CA PHE L 12 -12.09 -27.28 16.33
C PHE L 12 -10.84 -27.30 17.19
N GLY L 13 -10.77 -28.26 18.11
CA GLY L 13 -9.61 -28.35 18.98
C GLY L 13 -8.35 -28.79 18.27
N ALA L 14 -8.49 -29.74 17.34
CA ALA L 14 -7.31 -30.25 16.64
C ALA L 14 -6.78 -29.23 15.65
N ILE L 15 -7.68 -28.46 15.02
CA ILE L 15 -7.24 -27.35 14.17
C ILE L 15 -6.53 -26.30 15.01
N GLY L 16 -7.02 -26.06 16.22
CA GLY L 16 -6.37 -25.10 17.09
C GLY L 16 -4.99 -25.56 17.55
N CYS L 17 -4.79 -26.87 17.66
CA CYS L 17 -3.47 -27.38 18.02
C CYS L 17 -2.52 -27.31 16.84
N ALA L 18 -2.98 -27.71 15.65
CA ALA L 18 -2.18 -27.60 14.45
C ALA L 18 -1.85 -26.15 14.13
N SER L 19 -2.83 -25.26 14.26
CA SER L 19 -2.67 -23.88 13.82
C SER L 19 -1.69 -23.09 14.66
N ALA L 20 -1.37 -23.55 15.87
CA ALA L 20 -0.47 -22.79 16.73
C ALA L 20 0.99 -23.02 16.35
N ILE L 21 1.32 -24.26 15.97
CA ILE L 21 2.67 -24.57 15.52
C ILE L 21 2.88 -24.22 14.05
N ILE L 22 1.82 -24.07 13.27
CA ILE L 22 1.97 -23.81 11.85
C ILE L 22 2.26 -22.34 11.60
N PHE L 23 1.49 -21.44 12.21
CA PHE L 23 1.63 -20.03 11.91
C PHE L 23 2.75 -19.36 12.69
N THR L 24 3.34 -20.05 13.67
CA THR L 24 4.55 -19.57 14.31
C THR L 24 5.81 -20.01 13.58
N SER L 25 5.76 -21.18 12.91
CA SER L 25 6.88 -21.66 12.14
C SER L 25 7.01 -20.94 10.81
N LEU L 26 5.91 -20.44 10.25
CA LEU L 26 6.00 -19.60 9.06
C LEU L 26 6.64 -18.27 9.37
N GLY L 27 6.35 -17.70 10.53
CA GLY L 27 6.95 -16.45 10.94
C GLY L 27 8.37 -16.63 11.43
N ALA L 28 8.61 -17.70 12.18
CA ALA L 28 9.95 -18.03 12.59
C ALA L 28 10.86 -18.36 11.43
N ALA L 29 10.29 -18.77 10.29
CA ALA L 29 11.07 -19.15 9.13
C ALA L 29 11.38 -17.96 8.24
N TYR L 30 10.39 -17.11 7.99
CA TYR L 30 10.64 -15.83 7.34
C TYR L 30 11.77 -15.07 8.02
N GLY L 31 11.78 -15.07 9.35
CA GLY L 31 12.78 -14.31 10.07
C GLY L 31 14.19 -14.83 9.89
N THR L 32 14.37 -16.15 9.86
CA THR L 32 15.69 -16.70 9.65
C THR L 32 16.13 -16.57 8.20
N ALA L 33 15.24 -16.88 7.26
CA ALA L 33 15.58 -16.80 5.84
C ALA L 33 15.93 -15.38 5.44
N LYS L 34 15.22 -14.40 5.98
CA LYS L 34 15.38 -13.01 5.57
C LYS L 34 16.61 -12.40 6.21
N SER L 35 16.78 -12.62 7.51
CA SER L 35 17.94 -12.13 8.23
C SER L 35 19.17 -13.03 8.10
N GLY L 36 19.03 -14.23 7.54
CA GLY L 36 20.18 -15.06 7.26
C GLY L 36 20.90 -14.69 5.99
N VAL L 37 20.21 -14.03 5.05
CA VAL L 37 20.85 -13.53 3.85
C VAL L 37 21.74 -12.34 4.18
N GLY L 38 21.29 -11.47 5.07
CA GLY L 38 22.08 -10.33 5.44
C GLY L 38 23.38 -10.70 6.14
N ILE L 39 23.31 -11.67 7.05
CA ILE L 39 24.51 -12.11 7.77
C ILE L 39 25.56 -12.64 6.81
N CYS L 40 25.13 -13.41 5.82
CA CYS L 40 26.07 -14.05 4.91
C CYS L 40 26.66 -13.06 3.92
N ALA L 41 26.05 -11.89 3.74
CA ALA L 41 26.62 -10.88 2.87
C ALA L 41 27.67 -10.03 3.59
N THR L 42 27.48 -9.79 4.88
CA THR L 42 28.39 -8.93 5.63
C THR L 42 29.64 -9.66 6.06
N CYS L 43 29.52 -10.93 6.39
CA CYS L 43 30.58 -11.68 7.05
C CYS L 43 31.50 -12.40 6.07
N VAL L 44 31.43 -12.07 4.78
CA VAL L 44 32.51 -12.44 3.87
C VAL L 44 33.66 -11.46 4.01
N LEU L 45 33.36 -10.19 4.28
CA LEU L 45 34.37 -9.18 4.46
C LEU L 45 34.82 -9.09 5.92
N ARG L 46 33.88 -9.24 6.85
CA ARG L 46 34.14 -9.08 8.28
C ARG L 46 33.51 -10.21 9.06
N PRO L 47 34.10 -11.42 9.01
CA PRO L 47 33.56 -12.53 9.78
C PRO L 47 33.87 -12.47 11.28
N ASP L 48 34.54 -11.42 11.73
CA ASP L 48 34.69 -11.18 13.16
C ASP L 48 33.37 -10.84 13.83
N LEU L 49 32.34 -10.49 13.06
CA LEU L 49 31.03 -10.13 13.55
C LEU L 49 30.03 -11.27 13.44
N LEU L 50 30.50 -12.50 13.31
CA LEU L 50 29.62 -13.61 12.97
C LEU L 50 28.81 -14.08 14.17
N PHE L 51 29.44 -14.21 15.33
CA PHE L 51 28.78 -14.65 16.55
C PHE L 51 28.12 -13.51 17.29
N LYS L 52 27.85 -12.40 16.60
CA LYS L 52 27.21 -11.23 17.15
C LYS L 52 25.95 -10.85 16.40
N ASN L 53 25.77 -11.34 15.17
CA ASN L 53 24.60 -11.08 14.35
C ASN L 53 23.67 -12.29 14.23
N ILE L 54 23.88 -13.34 15.03
CA ILE L 54 22.94 -14.46 15.10
C ILE L 54 21.69 -14.11 15.90
N VAL L 55 21.63 -12.92 16.49
CA VAL L 55 20.53 -12.60 17.41
C VAL L 55 19.17 -12.61 16.73
N PRO L 56 19.01 -12.10 15.50
CA PRO L 56 17.70 -12.25 14.85
C PRO L 56 17.34 -13.68 14.56
N VAL L 57 18.32 -14.57 14.45
CA VAL L 57 18.04 -15.98 14.22
C VAL L 57 17.67 -16.66 15.53
N ILE L 58 18.23 -16.19 16.65
CA ILE L 58 17.78 -16.62 17.96
C ILE L 58 16.32 -16.24 18.17
N MET L 59 16.01 -14.96 17.99
CA MET L 59 14.70 -14.45 18.36
C MET L 59 13.59 -14.98 17.48
N ALA L 60 13.88 -15.24 16.21
CA ALA L 60 12.92 -15.91 15.35
C ALA L 60 12.61 -17.31 15.86
N GLY L 61 13.57 -17.96 16.50
CA GLY L 61 13.35 -19.27 17.05
C GLY L 61 12.59 -19.27 18.36
N ILE L 62 12.71 -18.19 19.13
CA ILE L 62 11.94 -18.08 20.37
C ILE L 62 10.45 -17.98 20.08
N ILE L 63 10.07 -17.57 18.88
CA ILE L 63 8.66 -17.55 18.52
C ILE L 63 8.14 -18.97 18.40
N ALA L 64 8.86 -19.82 17.67
CA ALA L 64 8.42 -21.18 17.40
C ALA L 64 8.25 -22.02 18.66
N ILE L 65 8.79 -21.57 19.79
CA ILE L 65 8.57 -22.26 21.06
C ILE L 65 7.27 -21.79 21.70
N TYR L 66 6.84 -20.57 21.44
CA TYR L 66 5.57 -20.08 21.97
C TYR L 66 4.40 -20.89 21.46
N GLY L 67 4.55 -21.56 20.31
CA GLY L 67 3.51 -22.38 19.75
C GLY L 67 3.57 -23.83 20.16
N LEU L 68 4.79 -24.35 20.26
CA LEU L 68 4.99 -25.70 20.78
C LEU L 68 4.41 -25.84 22.19
N VAL L 69 4.54 -24.79 23.00
CA VAL L 69 3.98 -24.84 24.34
C VAL L 69 2.47 -24.92 24.28
N VAL L 70 1.84 -24.03 23.52
CA VAL L 70 0.39 -23.96 23.45
C VAL L 70 -0.19 -25.22 22.83
N SER L 71 0.47 -25.75 21.80
CA SER L 71 -0.03 -26.96 21.15
C SER L 71 -0.02 -28.16 22.10
N VAL L 72 1.03 -28.30 22.90
CA VAL L 72 1.10 -29.37 23.87
C VAL L 72 -0.04 -29.28 24.88
N LEU L 73 -0.34 -28.06 25.33
CA LEU L 73 -1.34 -27.89 26.37
C LEU L 73 -2.74 -28.24 25.89
N VAL L 74 -3.10 -27.80 24.69
CA VAL L 74 -4.45 -28.09 24.20
C VAL L 74 -4.57 -29.56 23.80
N CYS L 75 -3.47 -30.20 23.41
CA CYS L 75 -3.51 -31.62 23.08
C CYS L 75 -3.92 -32.47 24.28
N TYR L 76 -3.56 -32.05 25.48
CA TYR L 76 -3.97 -32.77 26.68
C TYR L 76 -5.38 -32.42 27.15
N SER L 77 -6.06 -31.48 26.49
CA SER L 77 -7.45 -31.18 26.76
C SER L 77 -8.42 -31.94 25.86
N LEU L 78 -7.91 -32.67 24.88
CA LEU L 78 -8.79 -33.26 23.87
C LEU L 78 -9.44 -34.52 24.40
N GLY L 79 -10.64 -34.80 23.89
CA GLY L 79 -11.36 -36.00 24.28
C GLY L 79 -12.50 -36.27 23.35
N GLN L 80 -12.90 -37.53 23.30
CA GLN L 80 -13.98 -37.93 22.41
C GLN L 80 -15.28 -37.27 22.81
N LYS L 81 -15.50 -37.12 24.11
CA LYS L 81 -16.70 -36.53 24.67
C LYS L 81 -16.30 -35.30 25.45
N GLN L 82 -16.47 -34.12 24.84
CA GLN L 82 -16.18 -32.87 25.49
C GLN L 82 -17.18 -31.84 24.99
N ALA L 83 -17.26 -30.73 25.72
CA ALA L 83 -18.17 -29.67 25.33
C ALA L 83 -17.71 -28.99 24.05
N LEU L 84 -18.68 -28.50 23.29
CA LEU L 84 -18.38 -27.67 22.13
C LEU L 84 -17.70 -26.38 22.54
N TYR L 85 -18.05 -25.85 23.70
CA TYR L 85 -17.38 -24.68 24.26
C TYR L 85 -15.89 -24.90 24.39
N THR L 86 -15.49 -26.07 24.88
CA THR L 86 -14.07 -26.36 25.04
C THR L 86 -13.36 -26.37 23.69
N GLY L 87 -14.08 -26.71 22.63
CA GLY L 87 -13.47 -26.71 21.31
C GLY L 87 -13.21 -25.32 20.76
N PHE L 88 -14.05 -24.36 21.12
CA PHE L 88 -13.88 -22.99 20.66
C PHE L 88 -12.74 -22.29 21.39
N ILE L 89 -12.63 -22.52 22.70
CA ILE L 89 -11.52 -22.00 23.48
C ILE L 89 -10.19 -22.43 22.91
N GLN L 90 -10.10 -23.69 22.47
CA GLN L 90 -8.86 -24.23 21.95
C GLN L 90 -8.47 -23.60 20.63
N LEU L 91 -9.47 -23.31 19.79
CA LEU L 91 -9.20 -22.69 18.50
C LEU L 91 -8.77 -21.24 18.66
N GLY L 92 -9.41 -20.50 19.55
CA GLY L 92 -9.02 -19.14 19.80
C GLY L 92 -7.60 -19.02 20.33
N ALA L 93 -7.18 -19.98 21.14
CA ALA L 93 -5.83 -19.97 21.69
C ALA L 93 -4.79 -20.16 20.61
N GLY L 94 -5.02 -21.10 19.70
CA GLY L 94 -4.01 -21.42 18.71
C GLY L 94 -3.86 -20.35 17.65
N LEU L 95 -4.97 -19.75 17.23
CA LEU L 95 -4.91 -18.66 16.27
C LEU L 95 -4.18 -17.45 16.85
N SER L 96 -4.47 -17.12 18.11
CA SER L 96 -3.92 -15.91 18.70
C SER L 96 -2.41 -15.97 18.81
N VAL L 97 -1.89 -17.06 19.34
CA VAL L 97 -0.44 -17.22 19.44
C VAL L 97 0.16 -17.38 18.06
N GLY L 98 -0.58 -17.97 17.13
CA GLY L 98 -0.07 -18.17 15.79
C GLY L 98 0.01 -16.91 14.97
N LEU L 99 -1.14 -16.29 14.71
CA LEU L 99 -1.18 -15.16 13.81
C LEU L 99 -0.51 -13.93 14.42
N SER L 100 -0.36 -13.91 15.75
CA SER L 100 0.42 -12.85 16.38
C SER L 100 1.91 -13.13 16.31
N GLY L 101 2.28 -14.42 16.21
CA GLY L 101 3.69 -14.77 16.06
C GLY L 101 4.18 -14.65 14.62
N LEU L 102 3.30 -14.95 13.67
CA LEU L 102 3.57 -14.63 12.27
C LEU L 102 3.89 -13.16 12.10
N ALA L 103 3.21 -12.30 12.85
CA ALA L 103 3.46 -10.87 12.81
C ALA L 103 4.81 -10.51 13.40
N ALA L 104 5.25 -11.26 14.40
CA ALA L 104 6.53 -10.99 15.04
C ALA L 104 7.71 -11.41 14.17
N GLY L 105 7.52 -12.40 13.32
CA GLY L 105 8.56 -12.88 12.44
C GLY L 105 8.84 -12.00 11.25
N PHE L 106 7.79 -11.42 10.68
CA PHE L 106 7.98 -10.45 9.61
C PHE L 106 8.78 -9.25 10.08
N ALA L 107 8.53 -8.79 11.30
CA ALA L 107 9.26 -7.63 11.80
C ALA L 107 10.72 -7.97 12.07
N ILE L 108 10.97 -9.09 12.73
CA ILE L 108 12.33 -9.51 13.05
C ILE L 108 13.13 -9.75 11.78
N GLY L 109 12.48 -10.25 10.73
CA GLY L 109 13.19 -10.50 9.49
C GLY L 109 13.65 -9.23 8.81
N ILE L 110 12.81 -8.20 8.78
CA ILE L 110 13.17 -6.96 8.13
C ILE L 110 14.27 -6.24 8.90
N VAL L 111 14.07 -6.05 10.20
CA VAL L 111 14.96 -5.20 10.97
C VAL L 111 16.31 -5.86 11.15
N GLY L 112 16.37 -7.19 11.13
CA GLY L 112 17.63 -7.87 11.26
C GLY L 112 18.44 -7.91 9.98
N ASP L 113 17.78 -7.86 8.82
CA ASP L 113 18.50 -7.78 7.56
C ASP L 113 19.06 -6.39 7.35
N ALA L 114 18.28 -5.36 7.68
CA ALA L 114 18.74 -3.99 7.55
C ALA L 114 19.72 -3.59 8.64
N GLY L 115 19.61 -4.21 9.80
CA GLY L 115 20.44 -3.84 10.93
C GLY L 115 21.83 -4.42 10.91
N VAL L 116 21.99 -5.67 10.48
CA VAL L 116 23.31 -6.27 10.43
C VAL L 116 24.17 -5.58 9.39
N ARG L 117 23.56 -5.18 8.28
CA ARG L 117 24.28 -4.49 7.23
C ARG L 117 24.74 -3.12 7.69
N GLY L 118 23.82 -2.33 8.24
CA GLY L 118 24.18 -1.01 8.73
C GLY L 118 25.16 -1.04 9.88
N SER L 119 25.13 -2.10 10.69
CA SER L 119 26.10 -2.27 11.75
C SER L 119 27.49 -2.57 11.21
N SER L 120 27.60 -3.01 9.96
CA SER L 120 28.90 -3.23 9.36
C SER L 120 29.59 -1.95 8.95
N GLN L 121 28.85 -0.84 8.86
CA GLN L 121 29.40 0.48 8.63
C GLN L 121 29.30 1.41 9.84
N GLN L 122 28.61 1.00 10.90
CA GLN L 122 28.52 1.78 12.12
C GLN L 122 28.29 0.87 13.31
N PRO L 123 29.29 0.62 14.17
CA PRO L 123 29.09 -0.31 15.29
C PRO L 123 28.10 0.17 16.33
N ARG L 124 27.91 1.48 16.48
CA ARG L 124 26.97 2.00 17.45
C ARG L 124 25.52 1.70 17.10
N LEU L 125 25.24 1.20 15.91
CA LEU L 125 23.87 0.90 15.51
C LEU L 125 23.40 -0.46 16.02
N PHE L 126 24.33 -1.34 16.40
CA PHE L 126 23.94 -2.64 16.92
C PHE L 126 23.03 -2.51 18.12
N VAL L 127 23.36 -1.60 19.02
CA VAL L 127 22.61 -1.41 20.27
C VAL L 127 21.19 -0.94 20.00
N GLY L 128 20.93 -0.30 18.86
CA GLY L 128 19.57 0.08 18.53
C GLY L 128 18.79 -1.01 17.84
N MET L 129 19.47 -1.86 17.08
CA MET L 129 18.82 -3.02 16.50
C MET L 129 18.27 -3.93 17.59
N ILE L 130 18.98 -4.04 18.71
CA ILE L 130 18.54 -4.89 19.81
C ILE L 130 17.23 -4.38 20.40
N LEU L 131 17.08 -3.06 20.54
CA LEU L 131 15.83 -2.54 21.08
C LEU L 131 14.67 -2.76 20.13
N ILE L 132 14.88 -2.45 18.85
CA ILE L 132 13.80 -2.52 17.88
C ILE L 132 13.30 -3.96 17.72
N LEU L 133 14.12 -4.94 18.08
CA LEU L 133 13.74 -6.34 18.06
C LEU L 133 13.07 -6.82 19.33
N ILE L 134 13.21 -6.11 20.44
CA ILE L 134 12.48 -6.49 21.64
C ILE L 134 11.03 -6.06 21.53
N PHE L 135 10.76 -4.93 20.88
CA PHE L 135 9.38 -4.51 20.68
C PHE L 135 8.64 -5.43 19.72
N ALA L 136 9.35 -6.21 18.92
CA ALA L 136 8.74 -7.18 18.03
C ALA L 136 8.63 -8.56 18.66
N GLU L 137 9.61 -8.96 19.47
CA GLU L 137 9.52 -10.21 20.21
C GLU L 137 8.33 -10.18 21.16
N VAL L 138 8.09 -9.04 21.80
CA VAL L 138 7.03 -8.90 22.78
C VAL L 138 5.64 -9.00 22.14
N LEU L 139 5.53 -8.81 20.84
CA LEU L 139 4.25 -8.97 20.17
C LEU L 139 3.76 -10.41 20.20
N GLY L 140 4.67 -11.38 20.35
CA GLY L 140 4.32 -12.78 20.40
C GLY L 140 4.07 -13.25 21.82
N LEU L 141 4.78 -12.63 22.75
CA LEU L 141 4.55 -12.91 24.17
C LEU L 141 3.13 -12.58 24.58
N TYR L 142 2.57 -11.49 24.05
CA TYR L 142 1.19 -11.12 24.36
C TYR L 142 0.21 -12.19 23.91
N GLY L 143 0.46 -12.79 22.75
CA GLY L 143 -0.42 -13.83 22.25
C GLY L 143 -0.38 -15.09 23.07
N LEU L 144 0.79 -15.41 23.63
CA LEU L 144 0.88 -16.51 24.56
C LEU L 144 0.04 -16.25 25.81
N ILE L 145 0.09 -15.03 26.33
CA ILE L 145 -0.66 -14.68 27.53
C ILE L 145 -2.15 -14.90 27.32
N VAL L 146 -2.67 -14.41 26.19
CA VAL L 146 -4.08 -14.58 25.86
C VAL L 146 -4.42 -16.04 25.69
N ALA L 147 -3.46 -16.83 25.21
CA ALA L 147 -3.71 -18.26 24.99
C ALA L 147 -3.83 -19.02 26.29
N LEU L 148 -2.98 -18.72 27.27
CA LEU L 148 -2.95 -19.48 28.50
C LEU L 148 -4.07 -19.06 29.45
N LEU L 149 -4.53 -17.82 29.38
CA LEU L 149 -5.72 -17.43 30.11
C LEU L 149 -6.98 -18.06 29.51
N LEU L 150 -7.03 -18.24 28.19
CA LEU L 150 -8.16 -18.93 27.59
C LEU L 150 -8.17 -20.40 27.96
N ASN L 151 -7.03 -21.08 27.82
CA ASN L 151 -6.95 -22.50 28.14
C ASN L 151 -7.27 -22.76 29.60
N SER L 152 -6.94 -21.81 30.48
CA SER L 152 -7.26 -21.95 31.89
C SER L 152 -8.76 -22.09 32.11
N ARG L 153 -9.56 -21.44 31.28
CA ARG L 153 -11.02 -21.46 31.39
C ARG L 153 -11.67 -22.56 30.56
N ALA L 154 -10.88 -23.48 30.00
CA ALA L 154 -11.40 -24.38 28.98
C ALA L 154 -12.20 -25.52 29.60
N THR L 155 -11.74 -26.05 30.73
CA THR L 155 -12.32 -27.25 31.34
C THR L 155 -12.90 -27.02 32.72
N GLN L 156 -12.97 -25.78 33.19
CA GLN L 156 -13.55 -25.47 34.49
C GLN L 156 -15.01 -25.06 34.31
N ASP L 157 -15.87 -25.60 35.17
CA ASP L 157 -17.29 -25.24 35.19
C ASP L 157 -17.96 -25.60 33.88
N VAL L 158 -17.67 -26.80 33.39
CA VAL L 158 -18.21 -27.31 32.13
C VAL L 158 -18.83 -28.67 32.40
N VAL L 159 -19.99 -28.92 31.79
CA VAL L 159 -20.72 -30.17 31.98
C VAL L 159 -20.75 -30.97 30.70
N MET M 1 -29.30 -24.87 23.93
CA MET M 1 -30.14 -25.55 24.96
C MET M 1 -31.46 -24.81 25.15
N THR M 2 -31.42 -23.48 24.99
CA THR M 2 -32.59 -22.63 25.11
C THR M 2 -32.59 -21.66 23.92
N GLU M 3 -33.75 -21.07 23.66
CA GLU M 3 -33.87 -20.07 22.61
C GLU M 3 -32.96 -18.87 22.84
N LEU M 4 -32.64 -18.56 24.10
CA LEU M 4 -31.79 -17.43 24.45
C LEU M 4 -30.36 -17.82 24.78
N CYS M 5 -30.07 -19.11 24.93
CA CYS M 5 -28.74 -19.58 25.30
C CYS M 5 -28.35 -20.77 24.45
N PRO M 6 -28.04 -20.54 23.16
CA PRO M 6 -27.59 -21.65 22.32
C PRO M 6 -26.22 -22.14 22.71
N VAL M 7 -25.73 -23.15 21.98
CA VAL M 7 -24.42 -23.75 22.27
C VAL M 7 -23.32 -23.23 21.36
N TYR M 8 -23.66 -22.56 20.26
CA TYR M 8 -22.69 -21.88 19.42
C TYR M 8 -22.41 -20.45 19.85
N ALA M 9 -22.96 -20.03 20.97
CA ALA M 9 -22.90 -18.63 21.37
C ALA M 9 -21.50 -18.19 21.80
N PRO M 10 -20.73 -19.00 22.54
CA PRO M 10 -19.36 -18.58 22.87
C PRO M 10 -18.45 -18.41 21.67
N PHE M 11 -18.83 -18.88 20.48
CA PHE M 11 -17.94 -18.77 19.33
C PHE M 11 -17.62 -17.33 19.00
N PHE M 12 -18.54 -16.41 19.27
CA PHE M 12 -18.33 -15.02 18.91
C PHE M 12 -17.49 -14.29 19.95
N GLY M 13 -17.37 -14.82 21.15
CA GLY M 13 -16.48 -14.25 22.14
C GLY M 13 -15.05 -14.66 21.95
N ALA M 14 -14.84 -15.97 21.78
CA ALA M 14 -13.51 -16.50 21.59
C ALA M 14 -12.88 -15.96 20.31
N ILE M 15 -13.68 -15.83 19.25
CA ILE M 15 -13.17 -15.26 18.01
C ILE M 15 -12.97 -13.76 18.15
N GLY M 16 -13.75 -13.11 19.01
CA GLY M 16 -13.55 -11.69 19.27
C GLY M 16 -12.34 -11.42 20.15
N CYS M 17 -12.14 -12.25 21.17
CA CYS M 17 -10.95 -12.13 22.01
C CYS M 17 -9.68 -12.32 21.21
N ALA M 18 -9.68 -13.29 20.30
CA ALA M 18 -8.49 -13.58 19.52
C ALA M 18 -8.20 -12.47 18.51
N SER M 19 -9.23 -11.97 17.84
CA SER M 19 -9.06 -11.00 16.77
C SER M 19 -8.63 -9.62 17.28
N ALA M 20 -8.63 -9.40 18.58
CA ALA M 20 -8.21 -8.11 19.11
C ALA M 20 -6.69 -8.03 19.23
N ILE M 21 -6.06 -9.13 19.61
CA ILE M 21 -4.61 -9.20 19.63
C ILE M 21 -4.01 -9.56 18.28
N ILE M 22 -4.78 -10.20 17.40
CA ILE M 22 -4.28 -10.50 16.07
C ILE M 22 -4.18 -9.23 15.23
N PHE M 23 -5.23 -8.42 15.24
CA PHE M 23 -5.27 -7.25 14.37
C PHE M 23 -4.39 -6.12 14.91
N THR M 24 -4.23 -6.04 16.22
CA THR M 24 -3.36 -5.03 16.81
C THR M 24 -1.90 -5.42 16.74
N SER M 25 -1.60 -6.71 16.78
CA SER M 25 -0.23 -7.16 16.59
C SER M 25 0.26 -6.89 15.17
N LEU M 26 -0.57 -7.20 14.17
CA LEU M 26 -0.20 -6.94 12.78
C LEU M 26 0.11 -5.47 12.54
N GLY M 27 -0.74 -4.60 13.06
CA GLY M 27 -0.49 -3.16 12.95
C GLY M 27 0.82 -2.73 13.57
N ALA M 28 1.10 -3.21 14.78
CA ALA M 28 2.31 -2.79 15.47
C ALA M 28 3.57 -3.39 14.88
N ALA M 29 3.44 -4.39 14.02
CA ALA M 29 4.55 -4.96 13.28
C ALA M 29 4.84 -4.22 11.98
N TYR M 30 3.79 -3.85 11.24
CA TYR M 30 3.98 -3.01 10.06
C TYR M 30 4.63 -1.69 10.44
N GLY M 31 4.25 -1.14 11.57
CA GLY M 31 4.73 0.14 12.03
C GLY M 31 6.03 0.10 12.78
N THR M 32 6.50 -1.08 13.14
CA THR M 32 7.79 -1.26 13.78
C THR M 32 8.86 -1.57 12.74
N ALA M 33 8.55 -2.45 11.81
CA ALA M 33 9.46 -2.78 10.72
C ALA M 33 9.69 -1.57 9.81
N LYS M 34 8.61 -0.94 9.36
CA LYS M 34 8.72 0.19 8.45
C LYS M 34 9.50 1.32 9.07
N SER M 35 9.06 1.80 10.24
CA SER M 35 9.83 2.76 11.02
C SER M 35 11.25 2.30 11.28
N GLY M 36 11.41 1.03 11.67
CA GLY M 36 12.70 0.51 12.08
C GLY M 36 13.77 0.52 11.01
N VAL M 37 13.38 0.64 9.75
CA VAL M 37 14.33 0.63 8.66
C VAL M 37 14.88 2.02 8.37
N GLY M 38 14.09 3.07 8.64
CA GLY M 38 14.63 4.42 8.61
C GLY M 38 15.67 4.65 9.68
N ILE M 39 15.47 4.08 10.86
CA ILE M 39 16.43 4.23 11.95
C ILE M 39 17.75 3.56 11.61
N CYS M 40 17.69 2.47 10.86
CA CYS M 40 18.87 1.75 10.44
C CYS M 40 19.52 2.35 9.21
N ALA M 41 19.02 3.48 8.72
CA ALA M 41 19.54 4.16 7.55
C ALA M 41 20.11 5.54 7.86
N THR M 42 19.48 6.26 8.79
CA THR M 42 19.97 7.57 9.18
C THR M 42 21.13 7.50 10.16
N CYS M 43 21.15 6.46 10.99
CA CYS M 43 22.14 6.33 12.04
C CYS M 43 23.39 5.60 11.57
N VAL M 44 23.62 5.53 10.26
CA VAL M 44 24.91 5.16 9.73
C VAL M 44 25.80 6.39 9.64
N LEU M 45 25.21 7.55 9.36
CA LEU M 45 25.89 8.83 9.28
C LEU M 45 25.63 9.74 10.47
N ARG M 46 24.51 9.58 11.17
CA ARG M 46 24.15 10.39 12.33
C ARG M 46 23.78 9.48 13.49
N PRO M 47 24.77 8.81 14.10
CA PRO M 47 24.45 7.91 15.21
C PRO M 47 23.96 8.61 16.47
N ASP M 48 24.08 9.94 16.54
CA ASP M 48 23.69 10.70 17.72
C ASP M 48 22.19 10.90 17.83
N LEU M 49 21.42 10.49 16.82
CA LEU M 49 19.98 10.65 16.79
C LEU M 49 19.25 9.34 17.06
N LEU M 50 19.97 8.31 17.51
CA LEU M 50 19.39 6.97 17.62
C LEU M 50 18.28 6.93 18.66
N PHE M 51 18.58 7.37 19.88
CA PHE M 51 17.63 7.21 20.97
C PHE M 51 16.45 8.17 20.83
N LYS M 52 16.62 9.22 20.04
CA LYS M 52 15.56 10.21 19.87
C LYS M 52 14.56 9.76 18.81
N ASN M 53 15.00 8.91 17.87
CA ASN M 53 14.17 8.46 16.77
C ASN M 53 13.50 7.11 16.99
N ILE M 54 13.62 6.51 18.19
CA ILE M 54 12.83 5.32 18.51
C ILE M 54 11.40 5.65 18.90
N VAL M 55 10.99 6.92 18.82
CA VAL M 55 9.66 7.30 19.27
C VAL M 55 8.55 6.68 18.44
N PRO M 56 8.68 6.54 17.12
CA PRO M 56 7.67 5.77 16.38
C PRO M 56 7.56 4.32 16.82
N VAL M 57 8.68 3.72 17.21
CA VAL M 57 8.69 2.33 17.62
C VAL M 57 7.99 2.16 18.95
N ILE M 58 7.97 3.21 19.77
CA ILE M 58 7.20 3.21 21.01
C ILE M 58 5.71 3.28 20.72
N MET M 59 5.29 4.23 19.89
CA MET M 59 3.86 4.48 19.66
C MET M 59 3.14 3.22 19.18
N ALA M 60 3.83 2.40 18.40
CA ALA M 60 3.21 1.18 17.91
C ALA M 60 3.14 0.10 18.98
N GLY M 61 4.09 0.08 19.90
CA GLY M 61 3.99 -0.83 21.03
C GLY M 61 2.83 -0.56 21.95
N ILE M 62 2.32 0.68 21.95
CA ILE M 62 1.15 1.00 22.76
C ILE M 62 -0.12 0.51 22.09
N ILE M 63 -0.13 0.45 20.76
CA ILE M 63 -1.26 -0.09 20.02
C ILE M 63 -1.51 -1.53 20.41
N ALA M 64 -0.46 -2.26 20.76
CA ALA M 64 -0.57 -3.66 21.12
C ALA M 64 -1.03 -3.87 22.56
N ILE M 65 -0.76 -2.91 23.43
CA ILE M 65 -1.19 -3.02 24.82
C ILE M 65 -2.68 -2.77 24.94
N TYR M 66 -3.25 -2.00 24.01
CA TYR M 66 -4.70 -1.81 23.98
C TYR M 66 -5.42 -3.10 23.64
N GLY M 67 -4.98 -3.79 22.60
CA GLY M 67 -5.61 -5.04 22.22
C GLY M 67 -5.47 -6.14 23.25
N LEU M 68 -4.40 -6.10 24.03
CA LEU M 68 -4.26 -7.00 25.17
C LEU M 68 -5.23 -6.65 26.28
N VAL M 69 -5.58 -5.38 26.43
CA VAL M 69 -6.47 -5.00 27.52
C VAL M 69 -7.90 -5.43 27.24
N VAL M 70 -8.27 -5.56 25.98
CA VAL M 70 -9.64 -5.95 25.62
C VAL M 70 -9.79 -7.46 25.62
N SER M 71 -8.74 -8.18 25.23
CA SER M 71 -8.75 -9.63 25.33
C SER M 71 -8.84 -10.10 26.78
N VAL M 72 -8.33 -9.30 27.72
CA VAL M 72 -8.34 -9.70 29.12
C VAL M 72 -9.70 -9.47 29.76
N LEU M 73 -10.47 -8.51 29.25
CA LEU M 73 -11.75 -8.18 29.86
C LEU M 73 -12.90 -9.00 29.30
N VAL M 74 -12.87 -9.30 28.00
CA VAL M 74 -13.89 -10.16 27.41
C VAL M 74 -13.67 -11.63 27.75
N CYS M 75 -12.45 -12.03 28.11
CA CYS M 75 -12.20 -13.43 28.44
C CYS M 75 -12.93 -13.84 29.71
N TYR M 76 -13.01 -12.95 30.70
CA TYR M 76 -13.64 -13.26 31.97
C TYR M 76 -15.16 -13.07 31.95
N SER M 77 -15.74 -12.76 30.79
CA SER M 77 -17.18 -12.76 30.60
C SER M 77 -17.69 -13.96 29.82
N LEU M 78 -16.85 -14.98 29.62
CA LEU M 78 -17.20 -16.16 28.85
C LEU M 78 -17.73 -17.28 29.75
N GLY M 79 -18.52 -18.15 29.14
CA GLY M 79 -19.11 -19.26 29.83
C GLY M 79 -19.77 -20.21 28.86
N GLN M 80 -19.91 -21.46 29.30
CA GLN M 80 -20.56 -22.47 28.48
C GLN M 80 -22.00 -22.10 28.21
N LYS M 81 -22.66 -21.49 29.19
CA LYS M 81 -24.07 -21.16 29.15
C LYS M 81 -24.17 -19.65 29.29
N GLN M 82 -24.04 -18.95 28.18
CA GLN M 82 -24.19 -17.51 28.13
C GLN M 82 -25.15 -17.19 27.00
N ALA M 83 -25.70 -15.99 27.07
CA ALA M 83 -26.71 -15.57 26.11
C ALA M 83 -26.06 -15.19 24.79
N LEU M 84 -26.91 -15.11 23.77
CA LEU M 84 -26.48 -14.66 22.45
C LEU M 84 -26.38 -13.15 22.38
N TYR M 85 -27.08 -12.44 23.27
CA TYR M 85 -26.83 -11.02 23.51
C TYR M 85 -25.38 -10.78 23.89
N THR M 86 -24.85 -11.61 24.78
CA THR M 86 -23.51 -11.38 25.30
C THR M 86 -22.46 -11.66 24.25
N GLY M 87 -22.69 -12.64 23.40
CA GLY M 87 -21.67 -13.05 22.44
C GLY M 87 -21.36 -11.99 21.40
N PHE M 88 -22.37 -11.33 20.86
CA PHE M 88 -22.13 -10.34 19.83
C PHE M 88 -21.51 -9.07 20.40
N ILE M 89 -21.78 -8.76 21.67
CA ILE M 89 -21.04 -7.70 22.35
C ILE M 89 -19.55 -8.02 22.36
N GLN M 90 -19.19 -9.20 22.82
CA GLN M 90 -17.81 -9.66 22.83
C GLN M 90 -17.18 -9.63 21.44
N LEU M 91 -18.00 -9.79 20.39
CA LEU M 91 -17.48 -9.69 19.03
C LEU M 91 -17.15 -8.26 18.67
N GLY M 92 -18.14 -7.36 18.76
CA GLY M 92 -17.95 -5.99 18.33
C GLY M 92 -16.82 -5.28 19.06
N ALA M 93 -16.54 -5.71 20.28
CA ALA M 93 -15.44 -5.13 21.02
C ALA M 93 -14.10 -5.47 20.39
N GLY M 94 -13.90 -6.73 20.00
CA GLY M 94 -12.66 -7.11 19.36
C GLY M 94 -12.53 -6.58 17.95
N LEU M 95 -13.64 -6.53 17.22
CA LEU M 95 -13.62 -6.02 15.87
C LEU M 95 -13.40 -4.51 15.85
N SER M 96 -13.76 -3.82 16.93
CA SER M 96 -13.54 -2.38 17.03
C SER M 96 -12.08 -2.05 17.32
N VAL M 97 -11.53 -2.58 18.42
CA VAL M 97 -10.15 -2.28 18.79
C VAL M 97 -9.19 -2.85 17.76
N GLY M 98 -9.52 -3.99 17.18
CA GLY M 98 -8.63 -4.60 16.22
C GLY M 98 -8.54 -3.83 14.93
N LEU M 99 -9.68 -3.52 14.33
CA LEU M 99 -9.70 -2.81 13.06
C LEU M 99 -9.20 -1.38 13.20
N SER M 100 -9.33 -0.82 14.39
CA SER M 100 -8.87 0.54 14.64
C SER M 100 -7.36 0.59 14.85
N GLY M 101 -6.80 -0.42 15.51
CA GLY M 101 -5.37 -0.39 15.79
C GLY M 101 -4.54 -0.81 14.60
N LEU M 102 -5.06 -1.74 13.81
CA LEU M 102 -4.45 -2.08 12.54
C LEU M 102 -4.24 -0.86 11.66
N ALA M 103 -5.23 0.02 11.60
CA ALA M 103 -5.13 1.20 10.74
C ALA M 103 -4.18 2.23 11.32
N ALA M 104 -4.32 2.52 12.60
CA ALA M 104 -3.39 3.38 13.30
C ALA M 104 -1.95 2.89 13.16
N GLY M 105 -1.74 1.59 13.25
CA GLY M 105 -0.40 1.06 13.18
C GLY M 105 0.29 1.34 11.86
N PHE M 106 -0.42 1.11 10.76
CA PHE M 106 0.17 1.34 9.45
C PHE M 106 0.55 2.80 9.25
N ALA M 107 -0.27 3.73 9.77
CA ALA M 107 0.06 5.14 9.64
C ALA M 107 1.30 5.50 10.44
N ILE M 108 1.46 4.90 11.62
CA ILE M 108 2.64 5.14 12.43
C ILE M 108 3.90 4.73 11.67
N GLY M 109 3.79 3.69 10.84
CA GLY M 109 4.95 3.24 10.11
C GLY M 109 5.32 4.16 8.97
N ILE M 110 4.32 4.60 8.21
CA ILE M 110 4.57 5.41 7.03
C ILE M 110 5.03 6.80 7.43
N VAL M 111 4.43 7.37 8.46
CA VAL M 111 4.79 8.72 8.89
C VAL M 111 6.07 8.70 9.70
N GLY M 112 6.25 7.68 10.53
CA GLY M 112 7.46 7.60 11.32
C GLY M 112 8.70 7.34 10.49
N ASP M 113 8.55 6.58 9.41
CA ASP M 113 9.66 6.33 8.51
C ASP M 113 10.13 7.62 7.84
N ALA M 114 9.18 8.47 7.44
CA ALA M 114 9.53 9.70 6.78
C ALA M 114 10.13 10.73 7.73
N GLY M 115 9.58 10.83 8.95
CA GLY M 115 10.10 11.77 9.91
C GLY M 115 11.55 11.54 10.31
N VAL M 116 11.92 10.28 10.55
CA VAL M 116 13.29 10.00 10.97
C VAL M 116 14.28 10.37 9.87
N ARG M 117 13.86 10.23 8.62
CA ARG M 117 14.73 10.57 7.49
C ARG M 117 14.84 12.08 7.32
N GLY M 118 13.72 12.78 7.50
CA GLY M 118 13.73 14.22 7.37
C GLY M 118 14.43 14.94 8.51
N SER M 119 14.16 14.53 9.75
CA SER M 119 14.73 15.22 10.91
C SER M 119 16.25 15.10 10.95
N SER M 120 16.81 14.09 10.29
CA SER M 120 18.25 14.04 10.13
C SER M 120 18.76 15.18 9.27
N GLN M 121 17.94 15.65 8.35
CA GLN M 121 18.30 16.71 7.42
C GLN M 121 17.81 18.08 7.86
N GLN M 122 17.00 18.17 8.92
CA GLN M 122 16.34 19.39 9.34
C GLN M 122 15.92 19.23 10.80
N PRO M 123 16.79 19.52 11.77
CA PRO M 123 16.48 19.17 13.16
C PRO M 123 15.27 19.87 13.74
N ARG M 124 14.77 20.91 13.07
CA ARG M 124 13.53 21.56 13.44
C ARG M 124 12.30 20.73 13.07
N LEU M 125 12.48 19.62 12.36
CA LEU M 125 11.39 18.84 11.82
C LEU M 125 11.07 17.63 12.68
N PHE M 126 11.62 17.55 13.89
CA PHE M 126 11.34 16.46 14.80
C PHE M 126 10.00 16.68 15.49
N VAL M 127 9.81 17.87 16.04
CA VAL M 127 8.56 18.23 16.71
C VAL M 127 7.38 18.15 15.77
N GLY M 128 7.60 18.41 14.49
CA GLY M 128 6.51 18.31 13.53
C GLY M 128 6.03 16.88 13.34
N MET M 129 6.93 15.91 13.49
CA MET M 129 6.56 14.52 13.40
C MET M 129 5.91 14.01 14.68
N ILE M 130 6.41 14.45 15.84
CA ILE M 130 5.79 14.10 17.12
C ILE M 130 4.34 14.56 17.18
N LEU M 131 3.99 15.68 16.55
CA LEU M 131 2.60 16.09 16.50
C LEU M 131 1.77 15.14 15.64
N ILE M 132 2.17 14.96 14.39
CA ILE M 132 1.41 14.18 13.41
C ILE M 132 1.20 12.75 13.90
N LEU M 133 2.10 12.24 14.73
CA LEU M 133 2.13 10.84 15.11
C LEU M 133 1.23 10.54 16.29
N ILE M 134 0.83 11.57 17.05
CA ILE M 134 -0.11 11.41 18.16
C ILE M 134 -1.53 11.26 17.66
N PHE M 135 -1.83 11.81 16.49
CA PHE M 135 -3.16 11.68 15.93
C PHE M 135 -3.41 10.33 15.32
N ALA M 136 -2.38 9.51 15.20
CA ALA M 136 -2.50 8.11 14.83
C ALA M 136 -2.62 7.20 16.05
N GLU M 137 -1.80 7.42 17.08
CA GLU M 137 -1.88 6.65 18.31
C GLU M 137 -3.21 6.85 19.03
N VAL M 138 -3.94 7.92 18.73
CA VAL M 138 -5.22 8.19 19.38
C VAL M 138 -6.39 7.54 18.66
N LEU M 139 -6.17 7.05 17.44
CA LEU M 139 -7.22 6.33 16.74
C LEU M 139 -7.35 4.89 17.19
N GLY M 140 -6.24 4.28 17.62
CA GLY M 140 -6.33 3.03 18.34
C GLY M 140 -7.06 3.17 19.64
N LEU M 141 -7.02 4.35 20.24
CA LEU M 141 -7.73 4.60 21.48
C LEU M 141 -9.23 4.72 21.26
N TYR M 142 -9.63 5.43 20.20
CA TYR M 142 -11.07 5.62 19.95
C TYR M 142 -11.77 4.30 19.67
N GLY M 143 -11.05 3.30 19.18
CA GLY M 143 -11.60 1.96 19.11
C GLY M 143 -11.70 1.29 20.45
N LEU M 144 -10.76 1.58 21.34
CA LEU M 144 -10.81 1.03 22.70
C LEU M 144 -11.99 1.54 23.49
N ILE M 145 -12.39 2.80 23.28
CA ILE M 145 -13.49 3.36 24.04
C ILE M 145 -14.78 2.66 23.70
N VAL M 146 -14.98 2.33 22.42
CA VAL M 146 -16.19 1.64 21.99
C VAL M 146 -16.26 0.26 22.63
N ALA M 147 -15.13 -0.45 22.65
CA ALA M 147 -15.09 -1.78 23.24
C ALA M 147 -15.45 -1.76 24.72
N LEU M 148 -15.11 -0.68 25.42
CA LEU M 148 -15.38 -0.58 26.85
C LEU M 148 -16.83 -0.22 27.14
N LEU M 149 -17.42 0.66 26.33
CA LEU M 149 -18.84 0.97 26.49
C LEU M 149 -19.69 -0.28 26.32
N LEU M 150 -19.34 -1.11 25.35
CA LEU M 150 -20.15 -2.28 25.05
C LEU M 150 -20.01 -3.36 26.10
N ASN M 151 -18.78 -3.60 26.57
CA ASN M 151 -18.53 -4.63 27.56
C ASN M 151 -19.32 -4.41 28.83
N SER M 152 -19.59 -3.15 29.19
CA SER M 152 -20.37 -2.84 30.36
C SER M 152 -21.76 -3.44 30.28
N ARG M 153 -22.36 -3.40 29.11
CA ARG M 153 -23.70 -3.92 28.86
C ARG M 153 -23.74 -5.42 28.65
N ALA M 154 -22.66 -6.14 28.97
CA ALA M 154 -22.54 -7.52 28.54
C ALA M 154 -23.48 -8.44 29.32
N THR M 155 -23.31 -8.51 30.64
CA THR M 155 -24.08 -9.40 31.50
C THR M 155 -25.03 -8.62 32.40
N GLN M 156 -25.53 -7.50 31.90
CA GLN M 156 -26.45 -6.64 32.64
C GLN M 156 -27.88 -7.10 32.37
N ASP M 157 -28.58 -7.52 33.43
CA ASP M 157 -29.98 -7.92 33.36
C ASP M 157 -30.19 -9.14 32.46
N VAL M 158 -29.17 -9.97 32.29
CA VAL M 158 -29.27 -11.17 31.47
C VAL M 158 -29.97 -12.26 32.27
N VAL M 159 -30.79 -13.05 31.58
CA VAL M 159 -31.40 -14.23 32.18
C VAL M 159 -31.78 -15.21 31.09
N MET N 1 -7.06 5.47 -7.81
CA MET N 1 -6.66 6.70 -8.54
C MET N 1 -5.24 7.10 -8.13
N GLU N 2 -4.87 8.35 -8.41
CA GLU N 2 -3.46 8.74 -8.37
C GLU N 2 -2.91 8.68 -6.94
N GLY N 3 -3.54 9.40 -6.02
CA GLY N 3 -2.98 9.65 -4.72
C GLY N 3 -3.28 8.63 -3.64
N VAL N 4 -4.01 7.58 -3.99
CA VAL N 4 -4.53 6.67 -2.99
C VAL N 4 -3.42 5.76 -2.45
N TYR N 5 -2.55 5.26 -3.34
CA TYR N 5 -1.48 4.36 -2.96
C TYR N 5 -0.07 4.87 -3.23
N PHE N 6 0.08 6.05 -3.83
CA PHE N 6 1.40 6.57 -4.16
C PHE N 6 2.23 6.88 -2.93
N ASN N 7 1.58 7.40 -1.90
CA ASN N 7 2.28 7.97 -0.75
C ASN N 7 2.84 6.93 0.19
N ILE N 8 2.49 5.65 0.02
CA ILE N 8 2.97 4.61 0.90
C ILE N 8 4.49 4.50 0.81
N ASP N 9 5.00 4.56 -0.40
CA ASP N 9 6.43 4.47 -0.67
C ASP N 9 7.08 5.80 -1.00
N ASN N 10 6.43 6.62 -1.83
CA ASN N 10 7.08 7.74 -2.48
C ASN N 10 6.53 9.10 -2.08
N GLY N 11 5.94 9.22 -0.89
CA GLY N 11 5.41 10.51 -0.47
C GLY N 11 6.49 11.45 -0.02
N PHE N 12 7.45 10.94 0.73
CA PHE N 12 8.59 11.74 1.16
C PHE N 12 9.46 12.16 -0.01
N ILE N 13 9.63 11.27 -0.99
CA ILE N 13 10.42 11.58 -2.18
C ILE N 13 9.82 12.75 -2.94
N GLU N 14 8.51 12.69 -3.20
CA GLU N 14 7.85 13.70 -4.00
C GLU N 14 7.96 15.08 -3.36
N GLY N 15 7.93 15.14 -2.04
CA GLY N 15 8.01 16.41 -1.35
C GLY N 15 9.38 17.03 -1.42
N VAL N 16 10.44 16.23 -1.27
CA VAL N 16 11.80 16.75 -1.36
C VAL N 16 12.09 17.22 -2.77
N VAL N 17 11.66 16.47 -3.78
CA VAL N 17 11.99 16.80 -5.15
C VAL N 17 11.28 18.06 -5.60
N ARG N 18 10.05 18.27 -5.14
CA ARG N 18 9.36 19.52 -5.43
C ARG N 18 9.86 20.68 -4.59
N GLY N 19 10.65 20.43 -3.55
CA GLY N 19 11.38 21.49 -2.90
C GLY N 19 12.68 21.81 -3.60
N TYR N 20 13.27 20.82 -4.26
CA TYR N 20 14.44 21.05 -5.08
C TYR N 20 14.15 21.88 -6.31
N ARG N 21 12.91 21.92 -6.78
CA ARG N 21 12.62 22.73 -7.95
C ARG N 21 12.44 24.21 -7.62
N ASN N 22 11.91 24.52 -6.44
CA ASN N 22 11.75 25.91 -6.04
C ASN N 22 13.08 26.65 -5.96
N GLY N 23 14.18 25.93 -5.81
CA GLY N 23 15.49 26.49 -5.92
C GLY N 23 16.00 26.68 -7.32
N LEU N 24 15.22 26.30 -8.33
CA LEU N 24 15.58 26.61 -9.70
C LEU N 24 15.47 28.10 -9.95
N LEU N 25 16.45 28.65 -10.66
CA LEU N 25 16.54 30.08 -10.83
C LEU N 25 15.47 30.60 -11.77
N SER N 26 15.03 31.82 -11.51
CA SER N 26 14.06 32.53 -12.32
C SER N 26 14.76 33.48 -13.29
N ASN N 27 13.96 34.08 -14.17
CA ASN N 27 14.51 35.01 -15.15
C ASN N 27 15.11 36.23 -14.47
N ASN N 28 14.45 36.74 -13.43
CA ASN N 28 14.99 37.88 -12.70
C ASN N 28 16.33 37.55 -12.06
N GLN N 29 16.51 36.31 -11.60
CA GLN N 29 17.76 35.90 -10.97
C GLN N 29 18.87 35.67 -11.98
N TYR N 30 18.55 35.36 -13.24
CA TYR N 30 19.60 35.27 -14.25
C TYR N 30 20.10 36.63 -14.67
N ILE N 31 19.25 37.65 -14.62
CA ILE N 31 19.67 38.98 -14.99
C ILE N 31 20.69 39.52 -13.98
N ASN N 32 20.40 39.34 -12.68
CA ASN N 32 21.30 39.83 -11.65
C ASN N 32 22.71 39.28 -11.81
N LEU N 33 22.82 38.04 -12.31
CA LEU N 33 24.12 37.48 -12.62
C LEU N 33 24.71 38.09 -13.89
N THR N 34 23.85 38.49 -14.82
CA THR N 34 24.30 38.96 -16.13
C THR N 34 25.09 40.26 -16.01
N GLN N 35 24.60 41.19 -15.19
CA GLN N 35 25.28 42.47 -14.99
C GLN N 35 26.45 42.39 -14.02
N CYS N 36 26.90 41.20 -13.64
CA CYS N 36 28.11 41.12 -12.85
C CYS N 36 29.34 41.39 -13.71
N ASP N 37 30.42 41.76 -13.03
CA ASP N 37 31.65 42.20 -13.66
C ASP N 37 32.73 41.13 -13.66
N THR N 38 32.96 40.50 -12.51
CA THR N 38 33.95 39.46 -12.35
C THR N 38 33.29 38.20 -11.80
N LEU N 39 34.12 37.19 -11.55
CA LEU N 39 33.67 35.95 -10.95
C LEU N 39 33.54 36.06 -9.44
N GLU N 40 34.24 37.00 -8.82
CA GLU N 40 34.09 37.24 -7.39
C GLU N 40 32.77 37.91 -7.09
N ASP N 41 32.19 38.60 -8.07
CA ASP N 41 30.84 39.13 -7.94
C ASP N 41 29.78 38.11 -8.35
N LEU N 42 30.14 37.15 -9.19
CA LEU N 42 29.26 36.04 -9.52
C LEU N 42 29.12 35.06 -8.37
N LYS N 43 30.12 34.99 -7.48
CA LYS N 43 30.01 34.09 -6.35
C LYS N 43 29.09 34.68 -5.28
N LEU N 44 29.22 35.97 -5.01
CA LEU N 44 28.45 36.61 -3.96
C LEU N 44 26.95 36.55 -4.26
N GLN N 45 26.58 36.50 -5.53
CA GLN N 45 25.20 36.58 -5.92
C GLN N 45 24.50 35.23 -5.85
N LEU N 46 25.22 34.15 -6.14
CA LEU N 46 24.65 32.83 -6.00
C LEU N 46 24.51 32.40 -4.55
N SER N 47 25.17 33.09 -3.63
CA SER N 47 24.92 32.88 -2.21
C SER N 47 23.48 33.20 -1.86
N SER N 48 22.90 34.20 -2.54
CA SER N 48 21.51 34.55 -2.34
C SER N 48 20.57 33.48 -2.87
N THR N 49 21.06 32.56 -3.70
CA THR N 49 20.26 31.50 -4.26
C THR N 49 20.32 30.27 -3.37
N ASP N 50 19.76 29.17 -3.86
CA ASP N 50 19.80 27.91 -3.17
C ASP N 50 21.13 27.19 -3.32
N TYR N 51 22.09 27.78 -4.03
CA TYR N 51 23.42 27.21 -4.09
C TYR N 51 24.19 27.51 -2.81
N GLY N 52 24.01 28.69 -2.26
CA GLY N 52 24.55 29.02 -0.96
C GLY N 52 26.06 29.05 -0.93
N ASN N 53 26.63 28.23 -0.04
CA ASN N 53 28.05 28.22 0.25
C ASN N 53 28.78 27.08 -0.46
N PHE N 54 28.41 26.82 -1.71
CA PHE N 54 29.06 25.78 -2.51
C PHE N 54 30.46 26.20 -2.96
N LEU N 55 30.90 27.42 -2.66
CA LEU N 55 32.23 27.91 -2.97
C LEU N 55 32.91 28.58 -1.78
N SER N 56 32.60 28.16 -0.55
CA SER N 56 33.21 28.80 0.61
C SER N 56 34.66 28.40 0.79
N SER N 57 35.06 27.25 0.26
CA SER N 57 36.42 26.77 0.44
C SER N 57 37.44 27.40 -0.50
N VAL N 58 37.04 28.36 -1.33
CA VAL N 58 37.78 28.73 -2.52
C VAL N 58 38.21 30.19 -2.44
N SER N 59 39.41 30.48 -2.95
CA SER N 59 40.03 31.78 -2.88
C SER N 59 39.76 32.56 -4.18
N SER N 60 40.43 33.71 -4.31
CA SER N 60 40.22 34.60 -5.44
C SER N 60 40.79 34.03 -6.73
N GLU N 61 42.11 33.77 -6.74
CA GLU N 61 42.74 33.28 -7.96
C GLU N 61 42.22 31.90 -8.35
N SER N 62 41.83 31.09 -7.37
CA SER N 62 41.39 29.73 -7.65
C SER N 62 40.11 29.68 -8.48
N LEU N 63 39.36 30.77 -8.56
CA LEU N 63 38.11 30.77 -9.31
C LEU N 63 38.37 30.65 -10.81
N THR N 64 37.62 29.75 -11.45
CA THR N 64 37.65 29.55 -12.88
C THR N 64 36.26 29.13 -13.32
N THR N 65 35.99 29.30 -14.61
CA THR N 65 34.74 28.81 -15.17
C THR N 65 34.71 27.29 -15.30
N SER N 66 35.82 26.61 -15.05
CA SER N 66 35.89 25.16 -15.02
C SER N 66 35.55 24.62 -13.63
N LEU N 67 36.08 25.27 -12.61
CA LEU N 67 35.83 24.86 -11.24
C LEU N 67 34.42 25.18 -10.77
N ILE N 68 33.73 26.09 -11.46
CA ILE N 68 32.34 26.40 -11.11
C ILE N 68 31.40 25.35 -11.69
N GLN N 69 31.71 24.83 -12.87
CA GLN N 69 30.91 23.76 -13.46
C GLN N 69 31.05 22.47 -12.68
N GLU N 70 32.17 22.30 -11.98
CA GLU N 70 32.43 21.06 -11.26
C GLU N 70 31.64 21.01 -9.96
N TYR N 71 31.58 22.11 -9.23
CA TYR N 71 30.92 22.12 -7.93
C TYR N 71 29.43 22.38 -8.04
N ALA N 72 28.96 22.92 -9.15
CA ALA N 72 27.52 23.01 -9.39
C ALA N 72 26.94 21.70 -9.86
N SER N 73 27.73 20.90 -10.57
CA SER N 73 27.30 19.56 -10.98
C SER N 73 27.37 18.58 -9.82
N SER N 74 28.45 18.65 -9.04
CA SER N 74 28.62 17.74 -7.91
C SER N 74 27.53 17.92 -6.86
N LYS N 75 26.92 19.09 -6.80
CA LYS N 75 25.78 19.31 -5.91
C LYS N 75 24.49 18.71 -6.46
N LEU N 76 24.38 18.50 -7.76
CA LEU N 76 23.26 17.76 -8.32
C LEU N 76 23.38 16.27 -8.08
N TYR N 77 24.60 15.75 -8.04
CA TYR N 77 24.80 14.32 -8.01
C TYR N 77 24.65 13.75 -6.61
N HIS N 78 25.05 14.52 -5.60
CA HIS N 78 24.77 14.11 -4.23
C HIS N 78 23.28 14.10 -3.94
N GLU N 79 22.56 15.05 -4.54
CA GLU N 79 21.12 15.11 -4.37
C GLU N 79 20.45 13.93 -5.06
N PHE N 80 21.00 13.50 -6.20
CA PHE N 80 20.44 12.36 -6.91
C PHE N 80 20.65 11.07 -6.13
N ASN N 81 21.87 10.84 -5.67
CA ASN N 81 22.17 9.62 -4.95
C ASN N 81 21.46 9.58 -3.60
N TYR N 82 21.20 10.74 -3.01
CA TYR N 82 20.37 10.78 -1.81
C TYR N 82 18.97 10.26 -2.10
N ILE N 83 18.33 10.75 -3.14
CA ILE N 83 16.98 10.32 -3.47
C ILE N 83 16.96 8.86 -3.89
N ARG N 84 17.95 8.42 -4.66
CA ARG N 84 17.99 7.03 -5.08
C ARG N 84 18.21 6.09 -3.90
N ASP N 85 18.88 6.58 -2.85
CA ASP N 85 19.05 5.78 -1.66
C ASP N 85 17.73 5.50 -0.97
N GLN N 86 16.91 6.54 -0.78
CA GLN N 86 15.67 6.41 -0.02
C GLN N 86 14.63 5.60 -0.78
N SER N 87 14.84 5.39 -2.08
CA SER N 87 13.88 4.71 -2.92
C SER N 87 13.89 3.20 -2.71
N SER N 88 12.85 2.56 -3.22
CA SER N 88 12.76 1.11 -3.20
C SER N 88 11.83 0.67 -4.32
N GLY N 89 11.96 -0.60 -4.69
CA GLY N 89 11.00 -1.21 -5.59
C GLY N 89 11.13 -0.72 -7.01
N SER N 90 9.99 -0.40 -7.61
CA SER N 90 9.98 0.07 -8.99
C SER N 90 10.68 1.40 -9.13
N THR N 91 10.56 2.25 -8.12
CA THR N 91 11.23 3.55 -8.12
C THR N 91 12.73 3.42 -8.09
N ARG N 92 13.25 2.31 -7.58
CA ARG N 92 14.69 2.05 -7.57
C ARG N 92 15.15 1.53 -8.93
N LYS N 93 14.33 0.73 -9.59
CA LYS N 93 14.57 0.38 -10.98
C LYS N 93 14.60 1.62 -11.86
N PHE N 94 13.53 2.43 -11.79
CA PHE N 94 13.42 3.65 -12.59
C PHE N 94 14.64 4.54 -12.50
N MET N 95 15.24 4.62 -11.32
CA MET N 95 16.38 5.47 -11.09
C MET N 95 17.70 4.81 -11.43
N ASP N 96 17.70 3.50 -11.68
CA ASP N 96 18.87 2.82 -12.22
C ASP N 96 18.90 2.91 -13.74
N TYR N 97 17.74 2.87 -14.39
CA TYR N 97 17.66 3.06 -15.83
C TYR N 97 18.15 4.44 -16.24
N ILE N 98 17.92 5.45 -15.43
CA ILE N 98 18.39 6.78 -15.76
C ILE N 98 19.91 6.83 -15.85
N THR N 99 20.60 5.97 -15.10
CA THR N 99 22.05 5.96 -15.07
C THR N 99 22.66 5.09 -16.16
N TYR N 100 21.87 4.24 -16.82
CA TYR N 100 22.40 3.38 -17.86
C TYR N 100 22.72 4.16 -19.12
N GLY N 101 22.23 5.39 -19.24
CA GLY N 101 22.54 6.24 -20.36
C GLY N 101 23.75 7.10 -20.18
N TYR N 102 24.28 7.18 -18.97
CA TYR N 102 25.50 7.92 -18.69
C TYR N 102 26.73 7.05 -18.73
N MET N 103 26.59 5.73 -18.57
CA MET N 103 27.72 4.82 -18.68
C MET N 103 27.96 4.34 -20.10
N ILE N 104 26.92 4.29 -20.92
CA ILE N 104 27.11 4.12 -22.35
C ILE N 104 28.06 5.18 -22.89
N ASP N 105 27.88 6.42 -22.45
CA ASP N 105 28.78 7.48 -22.86
C ASP N 105 30.20 7.23 -22.38
N ASN N 106 30.36 6.61 -21.22
CA ASN N 106 31.68 6.40 -20.65
C ASN N 106 32.36 5.18 -21.26
N VAL N 107 31.58 4.20 -21.71
CA VAL N 107 32.14 3.10 -22.47
C VAL N 107 32.81 3.62 -23.73
N ALA N 108 32.07 4.41 -24.51
CA ALA N 108 32.58 4.98 -25.73
C ALA N 108 33.73 5.94 -25.52
N LEU N 109 33.93 6.43 -24.30
CA LEU N 109 34.89 7.47 -24.02
C LEU N 109 36.22 6.91 -23.53
N MET N 110 36.19 5.81 -22.78
CA MET N 110 37.41 5.10 -22.43
C MET N 110 38.02 4.43 -23.63
N ILE N 111 37.19 3.90 -24.52
CA ILE N 111 37.70 3.12 -25.64
C ILE N 111 38.40 4.02 -26.64
N THR N 112 37.81 5.17 -26.95
CA THR N 112 38.44 6.07 -27.91
C THR N 112 39.77 6.57 -27.39
N GLY N 113 39.91 6.69 -26.07
CA GLY N 113 41.18 7.08 -25.50
C GLY N 113 42.28 6.07 -25.73
N THR N 114 41.94 4.78 -25.64
CA THR N 114 42.96 3.75 -25.82
C THR N 114 43.48 3.73 -27.24
N ILE N 115 42.62 4.02 -28.20
CA ILE N 115 43.05 4.08 -29.59
C ILE N 115 44.07 5.19 -29.78
N HIS N 116 43.98 6.24 -28.98
CA HIS N 116 44.92 7.34 -29.01
C HIS N 116 45.99 7.25 -27.91
N ASP N 117 46.02 6.16 -27.14
CA ASP N 117 47.09 5.88 -26.19
C ASP N 117 47.25 7.00 -25.15
N ARG N 118 46.23 7.14 -24.30
CA ARG N 118 46.25 8.09 -23.19
C ARG N 118 46.04 7.37 -21.87
N ASP N 119 46.40 8.06 -20.79
CA ASP N 119 46.33 7.48 -19.46
C ASP N 119 44.90 7.49 -18.93
N LYS N 120 44.60 6.51 -18.08
CA LYS N 120 43.23 6.40 -17.57
C LYS N 120 42.88 7.57 -16.65
N GLY N 121 43.82 8.00 -15.80
CA GLY N 121 43.56 9.15 -14.94
C GLY N 121 43.20 10.38 -15.72
N GLU N 122 43.95 10.67 -16.79
CA GLU N 122 43.62 11.77 -17.68
C GLU N 122 42.25 11.60 -18.32
N ILE N 123 41.73 10.37 -18.41
CA ILE N 123 40.42 10.12 -19.02
C ILE N 123 39.32 10.06 -17.98
N LEU N 124 39.57 9.39 -16.85
CA LEU N 124 38.56 9.24 -15.81
C LEU N 124 38.04 10.57 -15.30
N GLN N 125 38.90 11.57 -15.24
CA GLN N 125 38.47 12.91 -14.86
C GLN N 125 37.42 13.46 -15.80
N ARG N 126 37.46 13.06 -17.07
CA ARG N 126 36.49 13.49 -18.07
C ARG N 126 35.26 12.59 -18.13
N CYS N 127 35.12 11.64 -17.19
CA CYS N 127 33.98 10.74 -17.17
C CYS N 127 32.90 11.27 -16.23
N HIS N 128 31.66 11.04 -16.62
CA HIS N 128 30.52 11.45 -15.82
C HIS N 128 30.36 10.50 -14.63
N PRO N 129 30.17 11.02 -13.41
CA PRO N 129 30.18 10.10 -12.25
C PRO N 129 28.93 9.28 -12.05
N LEU N 130 27.80 9.64 -12.62
CA LEU N 130 26.62 8.77 -12.52
C LEU N 130 26.71 7.55 -13.43
N GLY N 131 27.68 7.51 -14.34
CA GLY N 131 27.86 6.39 -15.23
C GLY N 131 29.05 5.57 -14.83
N TRP N 132 29.24 5.41 -13.52
CA TRP N 132 30.34 4.66 -12.97
C TRP N 132 29.91 3.24 -12.64
N PHE N 133 30.79 2.28 -12.95
CA PHE N 133 30.66 0.91 -12.50
C PHE N 133 32.07 0.39 -12.24
N ASP N 134 32.15 -0.69 -11.46
CA ASP N 134 33.41 -1.10 -10.87
C ASP N 134 34.49 -1.38 -11.91
N THR N 135 34.11 -1.98 -13.03
CA THR N 135 35.05 -2.42 -14.04
C THR N 135 35.18 -1.45 -15.20
N LEU N 136 34.76 -0.19 -15.02
CA LEU N 136 34.95 0.80 -16.07
C LEU N 136 36.40 1.00 -16.46
N PRO N 137 37.35 1.25 -15.54
CA PRO N 137 38.72 1.53 -15.98
C PRO N 137 39.43 0.32 -16.55
N THR N 138 38.87 -0.87 -16.38
CA THR N 138 39.43 -2.08 -16.96
C THR N 138 39.25 -2.14 -18.48
N LEU N 139 38.39 -1.29 -19.05
CA LEU N 139 38.24 -1.25 -20.50
C LEU N 139 39.45 -0.66 -21.20
N SER N 140 40.40 -0.10 -20.44
CA SER N 140 41.64 0.37 -21.01
C SER N 140 42.57 -0.74 -21.47
N VAL N 141 42.22 -2.00 -21.22
CA VAL N 141 43.14 -3.11 -21.45
C VAL N 141 43.24 -3.44 -22.94
N ALA N 142 42.11 -3.70 -23.58
CA ALA N 142 42.07 -4.33 -24.90
C ALA N 142 41.34 -3.45 -25.89
N THR N 143 41.61 -3.70 -27.17
CA THR N 143 40.97 -3.00 -28.28
C THR N 143 39.92 -3.84 -29.00
N ASP N 144 40.11 -5.15 -29.07
CA ASP N 144 39.10 -6.03 -29.64
C ASP N 144 37.85 -6.02 -28.78
N LEU N 145 36.68 -5.92 -29.42
CA LEU N 145 35.43 -5.74 -28.68
C LEU N 145 35.03 -7.03 -27.98
N GLU N 146 35.10 -8.15 -28.69
CA GLU N 146 34.71 -9.42 -28.10
C GLU N 146 35.56 -9.75 -26.88
N SER N 147 36.81 -9.29 -26.86
CA SER N 147 37.60 -9.35 -25.64
C SER N 147 36.96 -8.53 -24.54
N LEU N 148 36.67 -7.26 -24.83
CA LEU N 148 36.06 -6.36 -23.85
C LEU N 148 34.73 -6.90 -23.36
N TYR N 149 33.95 -7.50 -24.25
CA TYR N 149 32.65 -8.03 -23.87
C TYR N 149 32.80 -9.12 -22.81
N GLU N 150 33.43 -10.23 -23.19
CA GLU N 150 33.44 -11.42 -22.34
C GLU N 150 34.07 -11.14 -20.99
N THR N 151 35.18 -10.42 -20.97
CA THR N 151 35.95 -10.28 -19.75
C THR N 151 35.34 -9.30 -18.78
N VAL N 152 34.62 -8.29 -19.27
CA VAL N 152 34.17 -7.17 -18.45
C VAL N 152 32.66 -6.99 -18.54
N LEU N 153 32.15 -6.73 -19.74
CA LEU N 153 30.81 -6.19 -19.90
C LEU N 153 29.70 -7.23 -19.82
N VAL N 154 30.02 -8.50 -19.59
CA VAL N 154 28.95 -9.49 -19.41
C VAL N 154 28.27 -9.30 -18.07
N ASP N 155 29.06 -9.07 -17.01
CA ASP N 155 28.49 -8.89 -15.69
C ASP N 155 27.58 -7.68 -15.61
N THR N 156 27.84 -6.66 -16.41
CA THR N 156 27.11 -5.40 -16.39
C THR N 156 25.64 -5.58 -16.74
N PRO N 157 24.79 -4.59 -16.47
CA PRO N 157 23.45 -4.59 -17.05
C PRO N 157 23.38 -4.16 -18.51
N LEU N 158 24.52 -3.87 -19.12
CA LEU N 158 24.60 -3.55 -20.55
C LEU N 158 24.72 -4.79 -21.42
N ALA N 159 24.77 -5.97 -20.83
CA ALA N 159 24.94 -7.19 -21.61
C ALA N 159 23.84 -7.44 -22.63
N PRO N 160 22.55 -7.19 -22.36
CA PRO N 160 21.53 -7.44 -23.39
C PRO N 160 21.65 -6.57 -24.61
N TYR N 161 22.36 -5.46 -24.52
CA TYR N 161 22.28 -4.40 -25.51
C TYR N 161 23.34 -4.51 -26.58
N PHE N 162 24.12 -5.60 -26.62
CA PHE N 162 25.19 -5.76 -27.59
C PHE N 162 24.86 -6.81 -28.65
N LYS N 163 23.59 -7.22 -28.76
CA LYS N 163 23.20 -8.23 -29.74
C LYS N 163 23.51 -7.79 -31.16
N ASN N 164 23.08 -6.59 -31.51
CA ASN N 164 23.15 -6.07 -32.87
C ASN N 164 24.52 -5.45 -33.19
N CYS N 165 25.54 -5.71 -32.38
CA CYS N 165 26.80 -5.00 -32.46
C CYS N 165 28.00 -5.88 -32.82
N PHE N 166 27.80 -7.17 -33.03
CA PHE N 166 28.93 -8.08 -33.33
C PHE N 166 29.19 -8.12 -34.83
N ASP N 167 29.44 -6.93 -35.37
CA ASP N 167 29.85 -6.76 -36.76
C ASP N 167 31.11 -5.92 -36.86
N THR N 168 31.76 -5.63 -35.73
CA THR N 168 32.95 -4.77 -35.73
C THR N 168 34.08 -5.40 -36.53
N ALA N 169 35.08 -4.57 -36.81
CA ALA N 169 36.28 -5.02 -37.50
C ALA N 169 37.30 -5.52 -36.49
N GLU N 170 38.32 -6.21 -37.00
CA GLU N 170 39.39 -6.70 -36.15
C GLU N 170 40.10 -5.56 -35.44
N GLU N 171 40.19 -4.40 -36.08
CA GLU N 171 40.71 -3.17 -35.49
C GLU N 171 39.56 -2.21 -35.28
N LEU N 172 39.73 -1.30 -34.32
CA LEU N 172 38.64 -0.50 -33.78
C LEU N 172 39.03 0.96 -33.79
N ASP N 173 38.15 1.81 -34.32
CA ASP N 173 38.46 3.21 -34.57
C ASP N 173 37.23 4.06 -34.24
N ASP N 174 37.36 5.36 -34.47
CA ASP N 174 36.35 6.33 -34.03
C ASP N 174 34.98 6.05 -34.66
N MET N 175 34.92 6.03 -36.00
CA MET N 175 33.63 5.92 -36.66
C MET N 175 32.96 4.57 -36.40
N ASN N 176 33.74 3.56 -36.03
CA ASN N 176 33.18 2.28 -35.63
C ASN N 176 32.60 2.33 -34.23
N ILE N 177 33.26 3.08 -33.34
CA ILE N 177 32.82 3.19 -31.95
C ILE N 177 31.51 3.95 -31.88
N GLU N 178 31.41 5.06 -32.62
CA GLU N 178 30.18 5.85 -32.62
C GLU N 178 28.98 5.03 -33.08
N ILE N 179 29.20 4.13 -34.04
CA ILE N 179 28.12 3.25 -34.49
C ILE N 179 27.69 2.33 -33.36
N ILE N 180 28.65 1.87 -32.55
CA ILE N 180 28.31 1.03 -31.40
C ILE N 180 27.48 1.83 -30.40
N ARG N 181 27.93 3.05 -30.09
CA ARG N 181 27.25 3.89 -29.12
C ARG N 181 25.79 4.13 -29.47
N ASN N 182 25.48 4.22 -30.77
CA ASN N 182 24.12 4.53 -31.19
C ASN N 182 23.23 3.30 -31.20
N LYS N 183 23.82 2.12 -31.36
CA LYS N 183 23.05 0.89 -31.26
C LYS N 183 22.60 0.64 -29.83
N LEU N 184 23.38 1.10 -28.86
CA LEU N 184 23.04 0.89 -27.46
C LEU N 184 21.84 1.73 -27.04
N TYR N 185 21.90 3.04 -27.29
CA TYR N 185 20.74 3.89 -27.04
C TYR N 185 19.49 3.38 -27.74
N LYS N 186 19.64 2.80 -28.94
CA LYS N 186 18.49 2.22 -29.62
C LYS N 186 17.85 1.13 -28.77
N ALA N 187 18.66 0.29 -28.13
CA ALA N 187 18.14 -0.81 -27.34
C ALA N 187 17.77 -0.37 -25.94
N TYR N 188 18.49 0.61 -25.41
CA TYR N 188 18.21 1.17 -24.10
C TYR N 188 16.90 1.92 -24.08
N LEU N 189 16.65 2.77 -25.07
CA LEU N 189 15.43 3.55 -25.12
C LEU N 189 14.21 2.74 -25.52
N GLU N 190 14.39 1.48 -25.93
CA GLU N 190 13.29 0.59 -26.23
C GLU N 190 12.97 -0.33 -25.06
N ASP N 191 13.96 -0.65 -24.22
CA ASP N 191 13.71 -1.42 -23.02
C ASP N 191 13.08 -0.56 -21.93
N PHE N 192 13.54 0.69 -21.80
CA PHE N 192 13.02 1.65 -20.83
C PHE N 192 11.74 2.32 -21.31
N TYR N 193 11.27 2.00 -22.51
CA TYR N 193 9.92 2.34 -22.92
C TYR N 193 8.92 1.26 -22.54
N ASN N 194 9.30 -0.01 -22.69
CA ASN N 194 8.41 -1.09 -22.33
C ASN N 194 8.30 -1.25 -20.82
N PHE N 195 9.40 -0.98 -20.10
CA PHE N 195 9.38 -0.99 -18.66
C PHE N 195 8.33 -0.04 -18.09
N VAL N 196 8.22 1.15 -18.67
CA VAL N 196 7.26 2.14 -18.19
C VAL N 196 5.84 1.68 -18.48
N THR N 197 5.61 1.12 -19.67
CA THR N 197 4.29 0.69 -20.07
C THR N 197 3.76 -0.48 -19.25
N GLU N 198 4.64 -1.25 -18.62
CA GLU N 198 4.24 -2.44 -17.85
C GLU N 198 4.06 -2.17 -16.37
N GLU N 199 5.01 -1.48 -15.75
CA GLU N 199 5.08 -1.38 -14.29
C GLU N 199 4.72 -0.01 -13.76
N ILE N 200 5.22 1.05 -14.39
CA ILE N 200 4.99 2.43 -13.94
C ILE N 200 3.54 2.81 -14.25
N PRO N 201 2.72 3.21 -13.27
CA PRO N 201 1.32 3.52 -13.58
C PRO N 201 1.09 4.99 -13.95
N GLU N 202 -0.17 5.28 -14.28
CA GLU N 202 -0.54 6.59 -14.76
C GLU N 202 -0.60 7.60 -13.62
N PRO N 203 -0.52 8.90 -13.92
CA PRO N 203 -0.31 9.56 -15.22
C PRO N 203 1.16 9.71 -15.59
N ALA N 204 2.06 9.18 -14.75
CA ALA N 204 3.48 9.22 -15.07
C ALA N 204 3.79 8.43 -16.32
N LYS N 205 3.02 7.39 -16.60
CA LYS N 205 3.20 6.59 -17.81
C LYS N 205 3.05 7.47 -19.04
N GLU N 206 1.98 8.25 -19.09
CA GLU N 206 1.72 9.10 -20.25
C GLU N 206 2.83 10.12 -20.45
N CYS N 207 3.43 10.59 -19.36
CA CYS N 207 4.38 11.69 -19.45
C CYS N 207 5.77 11.18 -19.82
N MET N 208 6.15 9.99 -19.36
CA MET N 208 7.45 9.45 -19.68
C MET N 208 7.50 8.85 -21.07
N GLN N 209 6.38 8.35 -21.59
CA GLN N 209 6.32 7.97 -22.99
C GLN N 209 6.62 9.17 -23.87
N THR N 210 6.13 10.34 -23.48
CA THR N 210 6.40 11.55 -24.24
C THR N 210 7.85 11.98 -24.10
N LEU N 211 8.35 12.08 -22.87
CA LEU N 211 9.71 12.53 -22.64
C LEU N 211 10.73 11.60 -23.28
N LEU N 212 10.48 10.29 -23.29
CA LEU N 212 11.35 9.37 -23.99
C LEU N 212 11.16 9.40 -25.50
N GLY N 213 9.98 9.81 -25.97
CA GLY N 213 9.81 10.00 -27.40
C GLY N 213 10.59 11.17 -27.94
N PHE N 214 10.79 12.19 -27.12
CA PHE N 214 11.59 13.33 -27.55
C PHE N 214 13.06 12.99 -27.61
N GLU N 215 13.54 12.16 -26.67
CA GLU N 215 14.93 11.74 -26.70
C GLU N 215 15.22 10.89 -27.93
N ALA N 216 14.24 10.10 -28.35
CA ALA N 216 14.38 9.31 -29.56
C ALA N 216 14.38 10.18 -30.81
N ASP N 217 13.41 11.09 -30.91
CA ASP N 217 13.33 11.95 -32.09
C ASP N 217 14.55 12.84 -32.24
N ARG N 218 15.08 13.33 -31.12
CA ARG N 218 16.25 14.20 -31.17
C ARG N 218 17.47 13.47 -31.70
N ARG N 219 17.62 12.19 -31.38
CA ARG N 219 18.77 11.44 -31.89
C ARG N 219 18.61 11.13 -33.37
N SER N 220 17.43 10.68 -33.77
CA SER N 220 17.20 10.29 -35.16
C SER N 220 17.47 11.45 -36.11
N ILE N 221 17.29 12.68 -35.64
CA ILE N 221 17.56 13.85 -36.48
C ILE N 221 19.06 14.13 -36.54
N ASN N 222 19.74 14.06 -35.40
CA ASN N 222 21.18 14.32 -35.40
C ASN N 222 21.95 13.24 -36.14
N ILE N 223 21.54 11.98 -35.99
CA ILE N 223 22.25 10.89 -36.62
C ILE N 223 22.18 11.01 -38.13
N ALA N 224 21.07 11.53 -38.65
CA ALA N 224 20.95 11.75 -40.08
C ALA N 224 21.88 12.84 -40.58
N LEU N 225 21.90 13.98 -39.88
CA LEU N 225 22.72 15.10 -40.32
C LEU N 225 24.20 14.80 -40.21
N ASN N 226 24.60 14.01 -39.21
CA ASN N 226 25.99 13.60 -39.11
C ASN N 226 26.40 12.73 -40.30
N SER N 227 25.46 11.93 -40.82
CA SER N 227 25.75 11.08 -41.96
C SER N 227 26.06 11.89 -43.21
N LEU N 228 25.56 13.12 -43.30
CA LEU N 228 25.84 13.95 -44.46
C LEU N 228 27.32 14.29 -44.55
N GLN N 229 28.01 14.30 -43.41
CA GLN N 229 29.46 14.44 -43.42
C GLN N 229 30.11 13.27 -44.12
N SER N 230 29.55 12.07 -43.94
CA SER N 230 30.16 10.87 -44.49
C SER N 230 30.04 10.85 -46.01
N SER N 231 30.74 9.89 -46.61
CA SER N 231 30.69 9.72 -48.06
C SER N 231 29.36 9.11 -48.49
N ASP N 232 29.11 7.87 -48.06
CA ASP N 232 27.91 7.11 -48.42
C ASP N 232 27.72 6.01 -47.40
N ILE N 233 26.47 5.77 -47.03
CA ILE N 233 26.11 4.71 -46.10
C ILE N 233 24.84 4.06 -46.64
N ASP N 234 24.80 2.73 -46.59
CA ASP N 234 23.64 2.00 -47.05
C ASP N 234 22.42 2.38 -46.19
N PRO N 235 21.20 2.29 -46.74
CA PRO N 235 20.03 2.73 -45.99
C PRO N 235 19.62 1.77 -44.90
N ASP N 236 19.78 0.47 -45.18
CA ASP N 236 19.39 -0.55 -44.23
C ASP N 236 20.29 -0.58 -43.01
N LEU N 237 21.48 0.02 -43.09
CA LEU N 237 22.35 0.12 -41.93
C LEU N 237 21.86 1.19 -40.96
N LYS N 238 21.51 2.37 -41.48
CA LYS N 238 20.96 3.43 -40.65
C LYS N 238 19.69 2.99 -39.94
N SER N 239 18.93 2.08 -40.53
CA SER N 239 17.71 1.60 -39.90
C SER N 239 17.99 0.88 -38.58
N ASP N 240 19.21 0.38 -38.40
CA ASP N 240 19.59 -0.30 -37.17
C ASP N 240 20.13 0.65 -36.11
N LEU N 241 20.14 1.96 -36.37
CA LEU N 241 20.59 2.97 -35.43
C LEU N 241 19.47 3.85 -34.90
N LEU N 242 18.38 3.97 -35.65
CA LEU N 242 17.27 4.85 -35.32
C LEU N 242 16.26 4.11 -34.45
N PRO N 243 15.86 4.62 -33.29
CA PRO N 243 14.89 3.91 -32.47
C PRO N 243 13.48 3.97 -33.04
N ASN N 244 12.57 3.27 -32.36
CA ASN N 244 11.27 2.89 -32.92
C ASN N 244 10.14 3.15 -31.92
N ILE N 245 10.12 4.33 -31.31
CA ILE N 245 9.09 4.66 -30.33
C ILE N 245 8.48 6.05 -30.50
N GLY N 246 9.12 6.98 -31.17
CA GLY N 246 8.65 8.36 -31.18
C GLY N 246 7.54 8.63 -32.17
N LYS N 247 7.28 9.91 -32.36
CA LYS N 247 6.34 10.36 -33.38
C LYS N 247 6.84 10.07 -34.77
N LEU N 248 8.16 10.05 -34.95
CA LEU N 248 8.73 9.84 -36.28
C LEU N 248 8.45 8.43 -36.77
N TYR N 249 8.53 7.45 -35.88
CA TYR N 249 8.34 6.07 -36.29
C TYR N 249 6.88 5.84 -36.66
N PRO N 250 6.60 5.09 -37.74
CA PRO N 250 7.44 4.45 -38.77
C PRO N 250 7.65 5.26 -40.03
N LEU N 251 6.74 6.20 -40.31
CA LEU N 251 6.68 6.82 -41.63
C LEU N 251 7.93 7.65 -41.93
N ALA N 252 8.41 8.41 -40.95
CA ALA N 252 9.49 9.35 -41.19
C ALA N 252 10.88 8.75 -41.01
N THR N 253 11.01 7.74 -40.15
CA THR N 253 12.30 7.07 -40.03
C THR N 253 12.68 6.36 -41.32
N PHE N 254 11.69 5.99 -42.13
CA PHE N 254 11.96 5.47 -43.47
C PHE N 254 12.55 6.56 -44.35
N HIS N 255 11.90 7.72 -44.42
CA HIS N 255 12.32 8.80 -45.28
C HIS N 255 13.52 9.57 -44.74
N LEU N 256 13.88 9.38 -43.47
CA LEU N 256 15.13 9.93 -42.94
C LEU N 256 16.34 9.09 -43.34
N ALA N 257 16.22 7.77 -43.27
CA ALA N 257 17.33 6.90 -43.65
C ALA N 257 17.69 7.07 -45.12
N GLN N 258 16.73 7.47 -45.95
CA GLN N 258 16.92 7.62 -47.38
C GLN N 258 17.13 9.08 -47.76
N ALA N 259 17.76 9.86 -46.87
CA ALA N 259 17.97 11.28 -47.06
C ALA N 259 19.42 11.50 -47.45
N GLN N 260 19.64 11.94 -48.68
CA GLN N 260 20.98 12.21 -49.16
C GLN N 260 21.47 13.61 -48.81
N ASP N 261 20.57 14.55 -48.54
CA ASP N 261 20.96 15.93 -48.32
C ASP N 261 19.97 16.60 -47.38
N PHE N 262 20.33 17.83 -46.99
CA PHE N 262 19.53 18.63 -46.08
C PHE N 262 18.10 18.79 -46.56
N GLU N 263 17.91 19.02 -47.86
CA GLU N 263 16.56 19.19 -48.39
C GLU N 263 15.77 17.90 -48.27
N GLY N 264 16.42 16.75 -48.44
CA GLY N 264 15.74 15.48 -48.28
C GLY N 264 15.30 15.19 -46.86
N VAL N 265 15.90 15.88 -45.89
CA VAL N 265 15.47 15.76 -44.51
C VAL N 265 14.21 16.60 -44.26
N ARG N 266 14.22 17.84 -44.75
CA ARG N 266 13.05 18.70 -44.62
C ARG N 266 11.81 18.08 -45.27
N ALA N 267 12.00 17.32 -46.34
CA ALA N 267 10.89 16.59 -46.94
C ALA N 267 10.31 15.55 -45.99
N ALA N 268 11.10 15.10 -45.01
CA ALA N 268 10.66 14.08 -44.07
C ALA N 268 10.05 14.66 -42.80
N LEU N 269 10.55 15.79 -42.32
CA LEU N 269 10.03 16.43 -41.13
C LEU N 269 8.89 17.41 -41.41
N ALA N 270 8.55 17.66 -42.67
CA ALA N 270 7.48 18.59 -42.96
C ALA N 270 6.10 18.02 -42.65
N ASN N 271 5.96 16.70 -42.62
CA ASN N 271 4.69 16.05 -42.33
C ASN N 271 4.49 15.79 -40.84
N VAL N 272 5.20 16.53 -39.98
CA VAL N 272 5.00 16.49 -38.53
C VAL N 272 5.12 17.91 -38.02
N TYR N 273 4.08 18.39 -37.33
CA TYR N 273 4.06 19.79 -36.94
C TYR N 273 4.95 20.07 -35.75
N GLU N 274 5.16 19.09 -34.88
CA GLU N 274 5.93 19.31 -33.66
C GLU N 274 7.37 19.70 -33.95
N TYR N 275 7.91 19.22 -35.07
CA TYR N 275 9.32 19.41 -35.44
C TYR N 275 9.45 20.14 -36.77
N ARG N 276 8.45 20.93 -37.14
CA ARG N 276 8.32 21.39 -38.52
C ARG N 276 9.35 22.45 -38.88
N GLY N 277 9.55 23.44 -38.00
CA GLY N 277 10.32 24.61 -38.31
C GLY N 277 11.68 24.74 -37.66
N PHE N 278 12.22 23.68 -37.06
CA PHE N 278 13.51 23.79 -36.39
C PHE N 278 14.62 24.01 -37.41
N LEU N 279 14.66 23.21 -38.46
CA LEU N 279 15.70 23.31 -39.46
C LEU N 279 15.62 24.65 -40.19
N GLU N 280 14.40 25.16 -40.37
CA GLU N 280 14.19 26.30 -41.25
C GLU N 280 14.91 27.55 -40.76
N THR N 281 14.92 27.77 -39.44
CA THR N 281 15.42 29.00 -38.86
C THR N 281 16.18 28.72 -37.58
N GLY N 282 17.25 29.48 -37.36
CA GLY N 282 17.94 29.49 -36.09
C GLY N 282 18.82 28.28 -35.84
N ASN N 283 19.54 28.35 -34.73
CA ASN N 283 20.37 27.24 -34.26
C ASN N 283 19.51 26.05 -33.87
N LEU N 284 19.91 24.87 -34.32
CA LEU N 284 19.09 23.68 -34.13
C LEU N 284 19.13 23.20 -32.68
N GLU N 285 20.30 23.22 -32.07
CA GLU N 285 20.44 22.61 -30.75
C GLU N 285 19.67 23.39 -29.70
N ASP N 286 19.53 24.71 -29.90
CA ASP N 286 18.77 25.52 -28.97
C ASP N 286 17.27 25.24 -29.06
N HIS N 287 16.79 24.88 -30.25
CA HIS N 287 15.37 24.60 -30.40
C HIS N 287 14.96 23.38 -29.60
N PHE N 288 15.82 22.37 -29.53
CA PHE N 288 15.51 21.19 -28.73
C PHE N 288 15.49 21.53 -27.25
N TYR N 289 16.52 22.24 -26.77
CA TYR N 289 16.60 22.60 -25.37
C TYR N 289 15.38 23.41 -24.93
N GLN N 290 14.85 24.25 -25.82
CA GLN N 290 13.67 25.03 -25.48
C GLN N 290 12.41 24.18 -25.46
N LEU N 291 12.40 23.07 -26.19
CA LEU N 291 11.26 22.16 -26.17
C LEU N 291 11.35 21.12 -25.06
N GLU N 292 12.56 20.81 -24.61
CA GLU N 292 12.72 19.93 -23.46
C GLU N 292 12.20 20.59 -22.20
N MET N 293 12.53 21.86 -21.99
CA MET N 293 12.08 22.57 -20.80
C MET N 293 10.56 22.69 -20.76
N GLU N 294 9.94 22.94 -21.91
CA GLU N 294 8.50 23.12 -21.96
C GLU N 294 7.76 21.84 -21.57
N LEU N 295 8.26 20.68 -22.01
CA LEU N 295 7.66 19.43 -21.61
C LEU N 295 7.87 19.12 -20.14
N CYS N 296 9.03 19.50 -19.61
CA CYS N 296 9.31 19.28 -18.21
C CYS N 296 8.52 20.24 -17.32
N ARG N 297 8.41 21.49 -17.76
CA ARG N 297 7.53 22.45 -17.10
C ARG N 297 6.10 21.93 -16.98
N ASP N 298 5.65 21.15 -17.95
CA ASP N 298 4.30 20.60 -17.93
C ASP N 298 4.21 19.33 -17.09
N ALA N 299 5.32 18.66 -16.82
CA ALA N 299 5.29 17.51 -15.93
C ALA N 299 5.08 17.93 -14.48
N PHE N 300 5.49 19.14 -14.11
CA PHE N 300 5.30 19.62 -12.76
C PHE N 300 3.88 20.11 -12.50
N THR N 301 3.05 20.25 -13.54
CA THR N 301 1.64 20.52 -13.34
C THR N 301 0.92 19.34 -12.73
N GLN N 302 1.52 18.16 -12.79
CA GLN N 302 0.94 16.94 -12.25
C GLN N 302 1.33 16.77 -10.79
N GLN N 303 0.79 15.73 -10.19
CA GLN N 303 0.95 15.43 -8.79
C GLN N 303 0.80 13.92 -8.67
N PHE N 304 1.49 13.34 -7.70
CA PHE N 304 1.49 11.90 -7.49
C PHE N 304 2.03 11.17 -8.71
N ALA N 305 3.15 11.68 -9.22
CA ALA N 305 3.80 11.13 -10.40
C ALA N 305 5.30 11.11 -10.17
N ILE N 306 5.93 9.99 -10.50
CA ILE N 306 7.36 9.84 -10.31
C ILE N 306 8.16 10.40 -11.47
N SER N 307 7.49 10.95 -12.48
CA SER N 307 8.16 11.59 -13.60
C SER N 307 8.86 12.88 -13.21
N THR N 308 8.62 13.41 -12.02
CA THR N 308 9.24 14.66 -11.61
C THR N 308 10.73 14.49 -11.33
N VAL N 309 11.19 13.26 -11.15
CA VAL N 309 12.62 13.02 -10.93
C VAL N 309 13.37 13.21 -12.23
N TRP N 310 12.82 12.71 -13.33
CA TRP N 310 13.37 12.97 -14.65
C TRP N 310 13.36 14.46 -14.95
N ALA N 311 12.18 15.07 -14.88
CA ALA N 311 12.03 16.49 -15.15
C ALA N 311 12.97 17.35 -14.32
N TRP N 312 13.18 16.98 -13.05
CA TRP N 312 14.02 17.79 -12.19
C TRP N 312 15.47 17.79 -12.63
N MET N 313 16.01 16.62 -12.97
CA MET N 313 17.41 16.55 -13.38
C MET N 313 17.66 17.37 -14.63
N LYS N 314 16.85 17.16 -15.66
CA LYS N 314 17.07 17.82 -16.94
C LYS N 314 16.95 19.32 -16.81
N SER N 315 16.11 19.80 -15.89
CA SER N 315 15.99 21.23 -15.66
C SER N 315 17.25 21.78 -15.01
N LYS N 316 17.78 21.09 -14.01
CA LYS N 316 18.94 21.60 -13.30
C LYS N 316 20.23 21.39 -14.08
N GLU N 317 20.27 20.41 -14.97
CA GLU N 317 21.39 20.32 -15.89
C GLU N 317 21.45 21.55 -16.79
N GLN N 318 20.33 21.96 -17.35
CA GLN N 318 20.32 23.14 -18.21
C GLN N 318 20.64 24.40 -17.40
N GLU N 319 20.19 24.45 -16.16
CA GLU N 319 20.62 25.50 -15.24
C GLU N 319 22.14 25.58 -15.17
N VAL N 320 22.82 24.45 -15.03
CA VAL N 320 24.27 24.44 -14.95
C VAL N 320 24.89 24.90 -16.26
N ARG N 321 24.29 24.52 -17.38
CA ARG N 321 24.83 24.91 -18.68
C ARG N 321 24.72 26.41 -18.89
N ASN N 322 23.73 27.06 -18.28
CA ASN N 322 23.58 28.50 -18.40
C ASN N 322 24.59 29.24 -17.54
N ILE N 323 24.84 28.73 -16.33
CA ILE N 323 25.83 29.33 -15.44
C ILE N 323 27.20 29.40 -16.12
N THR N 324 27.60 28.32 -16.79
CA THR N 324 28.92 28.30 -17.41
C THR N 324 29.00 29.25 -18.58
N TRP N 325 27.93 29.33 -19.37
CA TRP N 325 27.89 30.27 -20.48
C TRP N 325 28.06 31.70 -20.00
N ILE N 326 27.30 32.09 -18.99
CA ILE N 326 27.43 33.42 -18.40
C ILE N 326 28.84 33.61 -17.84
N ALA N 327 29.43 32.56 -17.28
CA ALA N 327 30.72 32.72 -16.62
C ALA N 327 31.83 32.94 -17.64
N GLU N 328 31.84 32.18 -18.73
CA GLU N 328 32.84 32.35 -19.78
C GLU N 328 32.78 33.76 -20.34
N CYS N 329 31.57 34.23 -20.63
CA CYS N 329 31.38 35.55 -21.22
C CYS N 329 31.95 36.65 -20.31
N ILE N 330 31.89 36.45 -19.00
CA ILE N 330 32.35 37.47 -18.07
C ILE N 330 33.87 37.55 -18.06
N ALA N 331 34.54 36.40 -17.93
CA ALA N 331 36.00 36.40 -17.92
C ALA N 331 36.56 36.82 -19.26
N GLN N 332 36.03 36.28 -20.35
CA GLN N 332 36.53 36.61 -21.67
C GLN N 332 36.09 38.01 -22.10
N ASN N 333 35.17 38.63 -21.35
CA ASN N 333 34.70 39.99 -21.59
C ASN N 333 33.91 40.11 -22.89
N GLN N 334 33.54 38.98 -23.50
CA GLN N 334 32.64 38.97 -24.65
C GLN N 334 31.22 38.90 -24.09
N ARG N 335 30.39 39.87 -24.46
CA ARG N 335 29.06 40.03 -23.89
C ARG N 335 28.00 40.17 -24.97
N GLU N 336 28.26 39.65 -26.17
CA GLU N 336 27.29 39.78 -27.25
C GLU N 336 26.16 38.80 -27.09
N ARG N 337 26.48 37.56 -26.73
CA ARG N 337 25.51 36.48 -26.61
C ARG N 337 25.29 36.06 -25.16
N ILE N 338 25.50 36.97 -24.22
CA ILE N 338 25.39 36.61 -22.80
C ILE N 338 23.94 36.32 -22.42
N ASN N 339 22.98 36.85 -23.18
CA ASN N 339 21.57 36.60 -22.96
C ASN N 339 21.07 35.33 -23.65
N ASN N 340 21.98 34.46 -24.08
CA ASN N 340 21.59 33.22 -24.75
C ASN N 340 20.91 32.23 -23.81
N TYR N 341 20.96 32.47 -22.49
CA TYR N 341 20.48 31.49 -21.52
C TYR N 341 19.03 31.11 -21.77
N ILE N 342 18.73 29.84 -21.58
CA ILE N 342 17.42 29.26 -21.81
C ILE N 342 16.74 29.09 -20.46
N SER N 343 15.59 29.73 -20.27
CA SER N 343 14.82 29.64 -19.05
C SER N 343 13.34 29.63 -19.39
N VAL N 344 12.61 28.72 -18.73
CA VAL N 344 11.15 28.69 -18.78
C VAL N 344 10.53 29.00 -17.43
N TYR N 345 11.29 28.89 -16.34
CA TYR N 345 10.79 29.16 -15.01
C TYR N 345 11.07 30.62 -14.62
N GLU O 1 8.76 53.94 35.93
CA GLU O 1 7.68 54.01 34.94
C GLU O 1 7.91 53.04 33.79
N LYS O 2 8.61 51.95 34.06
CA LYS O 2 8.86 50.93 33.06
C LYS O 2 7.64 50.03 32.92
N GLU O 3 7.32 49.68 31.68
CA GLU O 3 6.09 48.95 31.37
C GLU O 3 6.32 47.45 31.44
N GLU O 4 5.23 46.74 31.68
CA GLU O 4 5.17 45.29 31.59
C GLU O 4 4.45 44.92 30.30
N ALA O 5 4.97 43.91 29.61
CA ALA O 5 4.62 43.63 28.24
C ALA O 5 4.22 42.18 28.08
N ILE O 6 3.30 41.72 28.93
CA ILE O 6 2.86 40.34 28.95
C ILE O 6 1.40 40.20 28.51
N PHE O 7 0.54 41.14 28.91
CA PHE O 7 -0.85 41.12 28.45
C PHE O 7 -0.96 41.61 27.02
N ARG O 8 -0.15 42.61 26.67
CA ARG O 8 -0.05 43.12 25.32
C ARG O 8 1.42 43.35 25.01
N SER O 9 1.73 43.46 23.73
CA SER O 9 3.11 43.65 23.33
C SER O 9 3.58 45.04 23.69
N ALA O 10 4.89 45.18 23.85
CA ALA O 10 5.47 46.45 24.25
C ALA O 10 5.37 47.49 23.14
N GLU O 11 5.23 48.74 23.55
CA GLU O 11 5.24 49.86 22.63
C GLU O 11 6.64 50.14 22.12
N MET O 12 6.73 50.53 20.85
CA MET O 12 8.00 50.68 20.17
C MET O 12 8.07 52.06 19.51
N ALA O 13 9.28 52.45 19.13
CA ALA O 13 9.51 53.70 18.45
C ALA O 13 10.52 53.53 17.34
N LEU O 14 10.37 54.36 16.31
CA LEU O 14 11.25 54.37 15.16
C LEU O 14 12.17 55.59 15.24
N VAL O 15 13.47 55.34 15.14
CA VAL O 15 14.49 56.35 15.36
C VAL O 15 15.37 56.47 14.11
N GLN O 16 15.97 57.64 13.95
CA GLN O 16 16.84 57.97 12.82
C GLN O 16 18.22 58.31 13.36
N PHE O 17 19.25 57.94 12.60
CA PHE O 17 20.64 58.12 13.01
C PHE O 17 21.41 58.92 11.97
N TYR O 18 22.04 60.01 12.42
CA TYR O 18 22.89 60.85 11.61
C TYR O 18 24.33 60.61 12.06
N ILE O 19 24.98 59.62 11.48
CA ILE O 19 26.32 59.20 11.89
C ILE O 19 27.32 59.80 10.92
N PRO O 20 28.40 60.43 11.38
CA PRO O 20 29.49 60.75 10.46
C PRO O 20 30.28 59.50 10.08
N GLN O 21 30.96 59.61 8.93
CA GLN O 21 31.70 58.47 8.40
C GLN O 21 32.93 58.16 9.23
N GLU O 22 33.44 59.14 9.98
CA GLU O 22 34.61 58.91 10.82
C GLU O 22 34.30 57.91 11.92
N ILE O 23 33.17 58.09 12.60
CA ILE O 23 32.85 57.33 13.81
C ILE O 23 31.77 56.28 13.56
N SER O 24 31.49 55.97 12.30
CA SER O 24 30.54 54.91 11.98
C SER O 24 31.01 53.58 12.55
N ARG O 25 32.28 53.24 12.31
CA ARG O 25 32.81 51.96 12.82
C ARG O 25 32.72 51.88 14.33
N ASP O 26 32.94 52.99 15.01
CA ASP O 26 33.00 52.97 16.47
C ASP O 26 31.61 52.91 17.08
N SER O 27 30.65 53.61 16.48
CA SER O 27 29.29 53.64 17.03
C SER O 27 28.64 52.27 16.93
N ALA O 28 28.94 51.52 15.88
CA ALA O 28 28.27 50.25 15.66
C ALA O 28 28.62 49.23 16.73
N TYR O 29 29.82 49.32 17.29
CA TYR O 29 30.17 48.44 18.40
C TYR O 29 29.29 48.69 19.61
N THR O 30 29.03 49.97 19.91
CA THR O 30 28.28 50.29 21.12
C THR O 30 26.82 49.85 20.99
N LEU O 31 26.25 50.00 19.79
CA LEU O 31 24.87 49.59 19.57
C LEU O 31 24.72 48.08 19.69
N GLY O 32 25.75 47.33 19.33
CA GLY O 32 25.71 45.90 19.49
C GLY O 32 25.88 45.43 20.92
N GLN O 33 26.56 46.25 21.74
CA GLN O 33 26.72 45.91 23.14
C GLN O 33 25.42 46.03 23.91
N LEU O 34 24.50 46.89 23.45
CA LEU O 34 23.20 47.02 24.09
C LEU O 34 22.33 45.81 23.83
N GLY O 35 22.07 45.53 22.56
CA GLY O 35 21.12 44.50 22.19
C GLY O 35 19.68 44.95 22.27
N LEU O 36 19.39 46.15 21.78
CA LEU O 36 18.05 46.73 21.84
C LEU O 36 17.50 47.16 20.50
N VAL O 37 18.33 47.29 19.47
CA VAL O 37 17.96 47.97 18.24
C VAL O 37 17.84 46.96 17.11
N GLN O 38 16.81 47.11 16.31
CA GLN O 38 16.54 46.28 15.14
C GLN O 38 16.51 47.17 13.91
N PHE O 39 17.49 46.99 13.03
CA PHE O 39 17.68 47.86 11.89
C PHE O 39 16.87 47.40 10.69
N ARG O 40 16.26 48.36 10.01
CA ARG O 40 15.65 48.12 8.72
C ARG O 40 16.71 48.07 7.63
N ASP O 41 16.31 47.59 6.45
CA ASP O 41 17.14 47.56 5.27
C ASP O 41 16.65 48.64 4.32
N LEU O 42 17.32 49.78 4.34
CA LEU O 42 16.95 50.89 3.46
C LEU O 42 17.38 50.60 2.03
N ASN O 43 18.63 50.16 1.85
CA ASN O 43 19.15 49.77 0.54
C ASN O 43 18.68 48.35 0.21
N SER O 44 17.39 48.25 -0.08
CA SER O 44 16.74 46.99 -0.33
C SER O 44 16.66 46.64 -1.81
N LYS O 45 16.79 47.63 -2.69
CA LYS O 45 16.75 47.41 -4.13
C LYS O 45 18.13 47.16 -4.71
N VAL O 46 19.19 47.62 -4.05
CA VAL O 46 20.52 47.52 -4.60
C VAL O 46 20.95 46.06 -4.63
N ARG O 47 21.59 45.66 -5.71
CA ARG O 47 22.10 44.31 -5.81
C ARG O 47 23.20 44.08 -4.79
N ALA O 48 23.48 42.80 -4.52
CA ALA O 48 24.33 42.44 -3.39
C ALA O 48 25.77 42.85 -3.60
N PHE O 49 26.24 42.92 -4.85
CA PHE O 49 27.63 43.31 -5.11
C PHE O 49 27.78 44.81 -5.33
N GLN O 50 26.68 45.52 -5.64
CA GLN O 50 26.74 46.96 -5.80
C GLN O 50 26.80 47.70 -4.47
N ARG O 51 26.51 47.01 -3.37
CA ARG O 51 26.65 47.59 -2.05
C ARG O 51 28.09 48.02 -1.80
N THR O 52 28.27 48.95 -0.86
CA THR O 52 29.50 49.74 -0.79
C THR O 52 30.59 49.13 0.09
N PHE O 53 30.23 48.48 1.20
CA PHE O 53 31.21 47.88 2.08
C PHE O 53 31.59 46.46 1.69
N VAL O 54 31.19 46.01 0.50
CA VAL O 54 31.45 44.64 0.06
C VAL O 54 32.93 44.31 0.04
N ASN O 55 33.78 45.29 -0.26
CA ASN O 55 35.21 45.02 -0.34
C ASN O 55 35.81 44.80 1.04
N GLU O 56 35.31 45.50 2.06
CA GLU O 56 35.80 45.29 3.41
C GLU O 56 35.41 43.94 3.94
N ILE O 57 34.30 43.37 3.46
CA ILE O 57 33.77 42.13 4.00
C ILE O 57 34.50 40.92 3.43
N ARG O 58 35.07 41.02 2.23
CA ARG O 58 35.80 39.88 1.67
C ARG O 58 37.13 39.65 2.38
N ARG O 59 37.80 40.72 2.81
CA ARG O 59 39.01 40.57 3.61
C ARG O 59 38.74 39.75 4.86
N LEU O 60 37.56 39.91 5.44
CA LEU O 60 37.22 39.25 6.68
C LEU O 60 36.58 37.90 6.42
N ASP O 61 35.91 37.75 5.27
CA ASP O 61 35.38 36.46 4.88
C ASP O 61 36.52 35.48 4.58
N ASN O 62 37.58 35.97 3.92
CA ASN O 62 38.72 35.10 3.61
C ASN O 62 39.38 34.60 4.88
N VAL O 63 39.42 35.44 5.92
CA VAL O 63 40.07 35.07 7.17
C VAL O 63 39.32 33.93 7.84
N GLU O 64 37.98 33.99 7.84
CA GLU O 64 37.21 32.93 8.46
C GLU O 64 37.41 31.60 7.74
N ARG O 65 37.56 31.65 6.43
CA ARG O 65 37.92 30.45 5.67
C ARG O 65 39.25 29.89 6.14
N GLN O 66 40.26 30.75 6.31
CA GLN O 66 41.57 30.30 6.72
C GLN O 66 41.54 29.68 8.12
N TYR O 67 40.61 30.14 8.96
CA TYR O 67 40.49 29.57 10.29
C TYR O 67 39.76 28.23 10.26
N ARG O 68 38.79 28.07 9.37
CA ARG O 68 38.15 26.77 9.22
C ARG O 68 39.15 25.71 8.77
N TYR O 69 40.13 26.10 7.98
CA TYR O 69 41.19 25.19 7.57
C TYR O 69 42.01 24.73 8.77
N PHE O 70 42.22 25.62 9.74
CA PHE O 70 43.05 25.29 10.89
C PHE O 70 42.32 24.33 11.82
N TYR O 71 41.07 24.64 12.13
CA TYR O 71 40.24 23.78 12.97
C TYR O 71 40.07 22.39 12.38
N SER O 72 40.25 22.23 11.07
CA SER O 72 40.16 20.91 10.46
C SER O 72 41.39 20.08 10.74
N LEU O 73 42.58 20.67 10.60
CA LEU O 73 43.81 19.94 10.86
C LEU O 73 43.90 19.53 12.32
N LEU O 74 43.47 20.42 13.21
CA LEU O 74 43.38 20.10 14.62
C LEU O 74 42.54 18.85 14.84
N LYS O 75 41.29 18.88 14.39
CA LYS O 75 40.38 17.75 14.58
C LYS O 75 40.90 16.50 13.85
N LYS O 76 41.66 16.68 12.78
CA LYS O 76 42.32 15.54 12.13
C LYS O 76 43.31 14.87 13.08
N HIS O 77 43.82 15.62 14.05
CA HIS O 77 44.65 15.08 15.12
C HIS O 77 43.82 15.03 16.39
N ASP O 78 44.41 14.50 17.45
CA ASP O 78 43.70 14.35 18.71
C ASP O 78 43.78 15.60 19.58
N ILE O 79 44.25 16.72 19.04
CA ILE O 79 44.40 17.93 19.83
C ILE O 79 43.04 18.43 20.29
N LYS O 80 42.97 18.88 21.54
CA LYS O 80 41.83 19.64 22.05
C LYS O 80 42.12 21.12 21.88
N LEU O 81 41.05 21.90 21.76
CA LEU O 81 41.14 23.34 21.55
C LEU O 81 40.97 24.09 22.86
N TYR O 82 41.85 25.06 23.09
CA TYR O 82 41.75 25.94 24.25
C TYR O 82 40.42 26.68 24.25
N GLU O 83 39.92 26.94 25.47
CA GLU O 83 38.67 27.65 25.69
C GLU O 83 38.95 28.81 26.64
N GLY O 84 38.82 30.03 26.13
CA GLY O 84 39.12 31.23 26.90
C GLY O 84 37.90 31.75 27.61
N ASP O 85 38.05 32.97 28.12
CA ASP O 85 36.98 33.61 28.89
C ASP O 85 35.89 34.08 27.93
N THR O 86 34.73 33.42 27.99
CA THR O 86 33.58 33.84 27.22
C THR O 86 32.88 35.07 27.80
N ASP O 87 33.33 35.54 28.97
CA ASP O 87 32.73 36.69 29.64
C ASP O 87 33.65 37.90 29.68
N LYS O 88 34.86 37.82 29.14
CA LYS O 88 35.79 38.93 29.23
C LYS O 88 35.30 40.13 28.43
N TYR O 89 34.61 39.87 27.32
CA TYR O 89 33.98 40.95 26.55
C TYR O 89 32.86 41.59 27.36
N LEU O 90 31.87 40.79 27.75
CA LEU O 90 30.66 41.28 28.40
C LEU O 90 30.11 40.19 29.30
N ASP O 91 29.10 40.57 30.08
CA ASP O 91 28.30 39.64 30.87
C ASP O 91 26.86 39.57 30.35
N GLY O 92 26.60 40.12 29.18
CA GLY O 92 25.25 40.14 28.62
C GLY O 92 24.32 41.17 29.22
N SER O 93 24.82 42.04 30.10
CA SER O 93 23.98 43.02 30.80
C SER O 93 24.07 44.41 30.20
N GLY O 94 24.55 44.52 28.97
CA GLY O 94 24.54 45.80 28.29
C GLY O 94 25.67 46.73 28.67
N GLU O 95 26.79 46.19 29.12
CA GLU O 95 27.90 47.01 29.58
C GLU O 95 28.69 47.55 28.40
N LEU O 96 29.42 48.64 28.65
CA LEU O 96 30.24 49.30 27.64
C LEU O 96 31.66 48.75 27.68
N TYR O 97 32.31 48.77 26.52
CA TYR O 97 33.75 48.53 26.43
C TYR O 97 34.25 49.11 25.12
N VAL O 98 35.57 49.24 25.02
CA VAL O 98 36.20 49.92 23.90
C VAL O 98 36.58 48.88 22.84
N PRO O 99 36.42 49.15 21.54
CA PRO O 99 36.63 48.11 20.54
C PRO O 99 38.08 48.08 20.06
N PRO O 100 38.45 47.08 19.25
CA PRO O 100 39.83 47.02 18.75
C PRO O 100 40.17 48.15 17.80
N SER O 101 41.40 48.14 17.29
CA SER O 101 41.87 49.13 16.34
C SER O 101 41.66 48.63 14.92
N GLY O 102 41.94 49.50 13.96
CA GLY O 102 41.98 49.08 12.57
C GLY O 102 43.28 48.41 12.16
N SER O 103 44.35 48.65 12.90
CA SER O 103 45.63 48.02 12.60
C SER O 103 45.70 46.59 13.12
N VAL O 104 45.04 46.32 14.25
CA VAL O 104 44.99 44.96 14.76
C VAL O 104 44.30 44.04 13.77
N ILE O 105 43.24 44.53 13.13
CA ILE O 105 42.49 43.71 12.18
C ILE O 105 43.31 43.46 10.93
N ASP O 106 44.09 44.45 10.51
CA ASP O 106 44.97 44.26 9.36
C ASP O 106 46.12 43.31 9.66
N ASP O 107 46.41 43.07 10.94
CA ASP O 107 47.45 42.12 11.30
C ASP O 107 46.94 40.69 11.25
N TYR O 108 45.66 40.49 11.60
CA TYR O 108 45.05 39.17 11.45
C TYR O 108 45.06 38.72 10.01
N VAL O 109 44.98 39.65 9.06
CA VAL O 109 45.03 39.29 7.65
C VAL O 109 46.39 38.70 7.30
N ARG O 110 47.46 39.47 7.47
CA ARG O 110 48.77 39.01 7.02
C ARG O 110 49.24 37.82 7.81
N ASN O 111 48.92 37.76 9.10
CA ASN O 111 49.26 36.60 9.90
C ASN O 111 48.59 35.35 9.38
N ALA O 112 47.26 35.42 9.19
CA ALA O 112 46.51 34.25 8.77
C ALA O 112 46.91 33.79 7.38
N SER O 113 47.19 34.74 6.49
CA SER O 113 47.73 34.37 5.18
C SER O 113 49.14 33.81 5.31
N TYR O 114 49.93 34.32 6.25
CA TYR O 114 51.29 33.83 6.43
C TYR O 114 51.31 32.43 7.02
N LEU O 115 50.33 32.10 7.86
CA LEU O 115 50.28 30.75 8.43
C LEU O 115 49.78 29.73 7.42
N GLU O 116 48.88 30.13 6.52
CA GLU O 116 48.37 29.20 5.53
C GLU O 116 49.47 28.73 4.59
N GLU O 117 50.44 29.59 4.29
CA GLU O 117 51.51 29.21 3.37
C GLU O 117 52.44 28.20 3.99
N ARG O 118 52.61 28.24 5.31
CA ARG O 118 53.52 27.29 5.98
C ARG O 118 52.85 25.95 6.19
N LEU O 119 51.67 25.94 6.81
CA LEU O 119 50.98 24.70 7.14
C LEU O 119 50.64 23.90 5.89
N ILE O 120 50.28 24.58 4.82
CA ILE O 120 49.92 23.88 3.58
C ILE O 120 51.12 23.15 3.02
N GLN O 121 52.34 23.63 3.31
CA GLN O 121 53.56 22.98 2.88
C GLN O 121 53.99 21.90 3.85
N MET O 122 53.91 22.19 5.16
CA MET O 122 54.30 21.23 6.17
C MET O 122 53.43 19.98 6.14
N GLU O 123 52.19 20.10 5.66
CA GLU O 123 51.31 18.93 5.57
C GLU O 123 51.67 18.06 4.38
N ASP O 124 52.11 18.66 3.28
CA ASP O 124 52.42 17.89 2.08
C ASP O 124 53.80 17.27 2.17
N ALA O 125 54.71 17.89 2.92
CA ALA O 125 55.99 17.26 3.23
C ALA O 125 55.84 16.11 4.20
N THR O 126 54.72 16.05 4.92
CA THR O 126 54.41 14.93 5.80
C THR O 126 53.69 13.80 5.07
N ASP O 127 52.70 14.13 4.25
CA ASP O 127 51.90 13.09 3.61
C ASP O 127 52.72 12.29 2.61
N GLN O 128 53.56 12.97 1.82
CA GLN O 128 54.36 12.28 0.82
C GLN O 128 55.31 11.27 1.46
N ILE O 129 55.76 11.52 2.69
CA ILE O 129 56.57 10.55 3.39
C ILE O 129 55.74 9.34 3.78
N GLU O 130 54.49 9.56 4.17
CA GLU O 130 53.66 8.44 4.60
C GLU O 130 53.27 7.56 3.43
N VAL O 131 53.22 8.12 2.21
CA VAL O 131 52.97 7.31 1.03
C VAL O 131 54.13 6.37 0.79
N GLN O 132 55.36 6.89 0.88
CA GLN O 132 56.54 6.04 0.77
C GLN O 132 56.52 4.95 1.84
N LYS O 133 56.00 5.27 3.02
CA LYS O 133 55.94 4.29 4.11
C LYS O 133 55.00 3.14 3.77
N ASN O 134 53.74 3.45 3.48
CA ASN O 134 52.73 2.41 3.27
C ASN O 134 53.13 1.47 2.14
N ASP O 135 53.82 2.01 1.12
CA ASP O 135 54.25 1.19 0.01
C ASP O 135 55.26 0.13 0.45
N LEU O 136 56.10 0.45 1.43
CA LEU O 136 57.17 -0.46 1.84
C LEU O 136 56.67 -1.50 2.82
N GLU O 137 55.73 -1.13 3.68
CA GLU O 137 55.17 -2.10 4.63
C GLU O 137 54.50 -3.23 3.88
N GLN O 138 53.73 -2.88 2.85
CA GLN O 138 53.12 -3.88 1.97
C GLN O 138 54.20 -4.70 1.28
N TYR O 139 55.30 -4.07 0.90
CA TYR O 139 56.43 -4.80 0.33
C TYR O 139 57.12 -5.64 1.38
N ARG O 140 57.01 -5.25 2.65
CA ARG O 140 57.63 -5.99 3.74
C ARG O 140 56.74 -7.14 4.19
N PHE O 141 55.45 -6.89 4.34
CA PHE O 141 54.53 -7.92 4.82
C PHE O 141 54.52 -9.13 3.91
N ILE O 142 54.57 -8.91 2.60
CA ILE O 142 54.47 -9.99 1.64
C ILE O 142 55.69 -10.92 1.76
N LEU O 143 56.85 -10.35 2.08
CA LEU O 143 58.07 -11.14 2.15
C LEU O 143 58.05 -12.08 3.36
N GLN O 144 57.38 -11.69 4.43
CA GLN O 144 57.30 -12.52 5.64
C GLN O 144 56.70 -13.88 5.34
N SER O 145 55.77 -13.96 4.39
CA SER O 145 55.11 -15.21 4.10
C SER O 145 56.07 -16.19 3.42
N GLY O 146 55.84 -17.47 3.67
CA GLY O 146 56.80 -18.50 3.31
C GLY O 146 56.87 -18.83 1.83
N ASP O 147 57.26 -20.07 1.53
CA ASP O 147 57.49 -20.51 0.16
C ASP O 147 56.27 -21.17 -0.45
N GLU O 148 55.39 -21.74 0.39
CA GLU O 148 54.13 -22.30 -0.11
C GLU O 148 53.33 -21.28 -0.89
N PHE O 149 53.40 -20.01 -0.47
CA PHE O 149 52.79 -18.91 -1.21
C PHE O 149 53.29 -18.86 -2.64
N PHE O 150 54.53 -19.28 -2.87
CA PHE O 150 55.17 -19.24 -4.19
C PHE O 150 55.25 -20.60 -4.84
N LEU O 151 54.43 -21.55 -4.39
CA LEU O 151 54.61 -22.93 -4.80
C LEU O 151 53.95 -23.22 -6.15
N LYS O 152 52.63 -23.10 -6.21
CA LYS O 152 51.88 -23.63 -7.33
C LYS O 152 51.88 -22.73 -8.56
N VAL O 182 58.60 -13.81 -16.61
CA VAL O 182 58.59 -14.11 -15.18
C VAL O 182 57.55 -15.20 -14.93
N ASN O 183 57.80 -16.02 -13.91
CA ASN O 183 56.90 -17.13 -13.59
C ASN O 183 55.56 -16.63 -13.08
N TYR O 184 55.57 -15.67 -12.15
CA TYR O 184 54.37 -15.31 -11.41
C TYR O 184 54.20 -13.79 -11.35
N VAL O 185 53.01 -13.40 -10.94
CA VAL O 185 52.65 -12.00 -10.71
C VAL O 185 52.15 -11.90 -9.27
N THR O 186 52.46 -10.80 -8.61
CA THR O 186 52.19 -10.66 -7.18
C THR O 186 52.00 -9.20 -6.81
N GLY O 187 51.18 -8.97 -5.79
CA GLY O 187 50.85 -7.62 -5.38
C GLY O 187 49.94 -7.59 -4.16
N VAL O 188 49.36 -6.42 -3.94
CA VAL O 188 48.45 -6.15 -2.83
C VAL O 188 47.18 -5.53 -3.40
N ILE O 189 46.03 -5.89 -2.83
CA ILE O 189 44.74 -5.40 -3.28
C ILE O 189 43.75 -5.45 -2.12
N ALA O 190 42.63 -4.76 -2.30
CA ALA O 190 41.60 -4.70 -1.28
C ALA O 190 40.69 -5.93 -1.30
N ARG O 191 40.12 -6.24 -0.13
CA ARG O 191 39.23 -7.40 -0.02
C ARG O 191 38.02 -7.28 -0.94
N ASP O 192 37.57 -6.07 -1.22
CA ASP O 192 36.34 -5.92 -1.99
C ASP O 192 36.55 -6.25 -3.46
N LYS O 193 37.74 -5.97 -3.98
CA LYS O 193 38.07 -6.22 -5.38
C LYS O 193 38.81 -7.53 -5.59
N VAL O 194 38.69 -8.47 -4.67
CA VAL O 194 39.42 -9.73 -4.79
C VAL O 194 38.64 -10.76 -5.59
N ALA O 195 37.31 -10.68 -5.57
CA ALA O 195 36.51 -11.61 -6.37
C ALA O 195 36.36 -11.12 -7.79
N THR O 196 36.22 -9.80 -7.96
CA THR O 196 36.11 -9.23 -9.29
C THR O 196 37.35 -9.56 -10.12
N LEU O 197 38.53 -9.44 -9.52
CA LEU O 197 39.76 -9.79 -10.20
C LEU O 197 39.81 -11.26 -10.55
N GLU O 198 39.28 -12.12 -9.68
CA GLU O 198 39.44 -13.54 -9.87
C GLU O 198 38.52 -14.07 -10.98
N GLN O 199 37.33 -13.51 -11.10
CA GLN O 199 36.41 -13.90 -12.17
C GLN O 199 37.01 -13.59 -13.53
N ILE O 200 37.54 -12.37 -13.69
CA ILE O 200 38.07 -11.95 -14.99
C ILE O 200 39.19 -12.88 -15.42
N LEU O 201 40.11 -13.18 -14.52
CA LEU O 201 41.25 -14.01 -14.85
C LEU O 201 40.83 -15.43 -15.18
N TRP O 202 39.69 -15.88 -14.64
CA TRP O 202 39.13 -17.16 -15.08
C TRP O 202 38.70 -17.08 -16.54
N ARG O 203 38.22 -15.91 -16.97
CA ARG O 203 37.70 -15.74 -18.31
C ARG O 203 38.82 -15.55 -19.34
N VAL O 204 39.86 -14.82 -18.98
CA VAL O 204 40.99 -14.62 -19.87
C VAL O 204 41.68 -15.94 -20.15
N LEU O 205 42.23 -16.56 -19.09
CA LEU O 205 43.02 -17.77 -19.22
C LEU O 205 42.22 -18.99 -19.63
N ARG O 206 40.89 -18.89 -19.71
CA ARG O 206 40.03 -20.00 -20.12
C ARG O 206 40.16 -21.19 -19.18
N GLY O 207 40.14 -20.92 -17.88
CA GLY O 207 40.08 -21.93 -16.87
C GLY O 207 41.41 -22.29 -16.23
N ASN O 208 42.52 -22.09 -16.95
CA ASN O 208 43.85 -22.44 -16.45
C ASN O 208 44.36 -21.40 -15.46
N LEU O 209 43.62 -21.26 -14.37
CA LEU O 209 43.84 -20.22 -13.37
C LEU O 209 44.46 -20.84 -12.12
N PHE O 210 45.49 -20.18 -11.59
CA PHE O 210 46.21 -20.61 -10.40
C PHE O 210 46.37 -19.39 -9.50
N PHE O 211 45.50 -19.27 -8.51
CA PHE O 211 45.32 -18.04 -7.75
C PHE O 211 45.34 -18.35 -6.26
N LYS O 212 46.21 -17.66 -5.53
CA LYS O 212 46.29 -17.76 -4.09
C LYS O 212 46.20 -16.36 -3.50
N THR O 213 45.46 -16.23 -2.41
CA THR O 213 45.32 -14.96 -1.71
C THR O 213 45.54 -15.15 -0.22
N VAL O 214 46.09 -14.11 0.41
CA VAL O 214 46.39 -14.09 1.83
C VAL O 214 45.90 -12.76 2.38
N GLU O 215 45.34 -12.80 3.57
CA GLU O 215 44.64 -11.65 4.14
C GLU O 215 45.52 -10.84 5.08
N ILE O 216 45.00 -9.70 5.47
CA ILE O 216 45.55 -8.84 6.51
C ILE O 216 44.41 -8.48 7.46
N GLU O 217 44.69 -8.52 8.75
CA GLU O 217 43.65 -8.27 9.74
C GLU O 217 43.53 -6.79 10.08
N GLN O 218 44.64 -6.11 10.30
CA GLN O 218 44.58 -4.71 10.67
C GLN O 218 44.29 -3.85 9.44
N PRO O 219 43.31 -2.95 9.48
CA PRO O 219 43.06 -2.09 8.32
C PRO O 219 44.26 -1.20 8.02
N VAL O 220 44.14 -0.48 6.90
CA VAL O 220 45.15 0.45 6.44
C VAL O 220 44.51 1.81 6.19
N TYR O 221 45.09 2.85 6.77
CA TYR O 221 44.57 4.20 6.65
C TYR O 221 45.14 4.84 5.38
N ASP O 222 44.27 5.20 4.45
CA ASP O 222 44.70 5.97 3.29
C ASP O 222 44.82 7.44 3.65
N VAL O 223 45.63 8.16 2.87
CA VAL O 223 45.94 9.55 3.15
C VAL O 223 45.21 10.50 2.21
N LYS O 224 44.89 10.06 0.99
CA LYS O 224 44.05 10.84 0.10
C LYS O 224 42.58 10.48 0.24
N THR O 225 42.25 9.18 0.18
CA THR O 225 40.88 8.73 0.32
C THR O 225 40.33 8.97 1.73
N ARG O 226 41.18 9.03 2.75
CA ARG O 226 40.77 9.20 4.14
C ARG O 226 39.80 8.08 4.56
N GLU O 227 40.30 6.86 4.53
CA GLU O 227 39.52 5.70 4.96
C GLU O 227 40.47 4.64 5.51
N TYR O 228 39.96 3.83 6.42
CA TYR O 228 40.62 2.60 6.84
C TYR O 228 40.17 1.48 5.90
N LYS O 229 41.13 0.69 5.42
CA LYS O 229 40.88 -0.30 4.37
C LYS O 229 41.47 -1.63 4.78
N HIS O 230 40.62 -2.65 4.83
CA HIS O 230 41.09 -4.03 4.83
C HIS O 230 41.70 -4.36 3.48
N LYS O 231 42.77 -5.16 3.49
CA LYS O 231 43.47 -5.52 2.26
C LYS O 231 43.84 -6.99 2.27
N ASN O 232 44.24 -7.47 1.09
CA ASN O 232 44.74 -8.82 0.90
C ASN O 232 45.96 -8.77 0.00
N ALA O 233 46.69 -9.88 -0.03
CA ALA O 233 47.83 -10.08 -0.90
C ALA O 233 47.58 -11.30 -1.78
N PHE O 234 47.70 -11.12 -3.09
CA PHE O 234 47.41 -12.15 -4.07
C PHE O 234 48.67 -12.55 -4.81
N ILE O 235 48.54 -13.61 -5.60
CA ILE O 235 49.62 -14.08 -6.45
C ILE O 235 49.02 -14.93 -7.56
N VAL O 236 49.65 -14.86 -8.73
CA VAL O 236 49.14 -15.49 -9.95
C VAL O 236 50.30 -16.10 -10.70
N PHE O 237 50.04 -17.21 -11.39
CA PHE O 237 51.06 -18.00 -12.05
C PHE O 237 50.71 -18.16 -13.53
N SER O 238 51.71 -17.98 -14.39
CA SER O 238 51.54 -18.18 -15.83
C SER O 238 52.88 -17.97 -16.52
N HIS O 239 52.99 -18.55 -17.71
CA HIS O 239 54.24 -18.59 -18.46
C HIS O 239 54.24 -17.75 -19.73
N GLY O 240 53.07 -17.47 -20.29
CA GLY O 240 53.02 -16.68 -21.52
C GLY O 240 53.47 -15.25 -21.27
N ASP O 241 54.19 -14.70 -22.25
CA ASP O 241 54.70 -13.34 -22.11
C ASP O 241 53.63 -12.32 -22.47
N LEU O 242 52.83 -12.62 -23.50
CA LEU O 242 51.71 -11.77 -23.85
C LEU O 242 50.68 -11.73 -22.73
N ILE O 243 50.56 -12.84 -21.99
CA ILE O 243 49.46 -12.99 -21.05
C ILE O 243 49.75 -12.25 -19.75
N ILE O 244 51.03 -12.10 -19.39
CA ILE O 244 51.36 -11.37 -18.17
C ILE O 244 51.03 -9.89 -18.31
N LYS O 245 51.37 -9.29 -19.44
CA LYS O 245 51.21 -7.86 -19.60
C LYS O 245 49.74 -7.45 -19.55
N ARG O 246 48.83 -8.37 -19.84
CA ARG O 246 47.41 -8.12 -19.65
C ARG O 246 46.99 -8.37 -18.21
N ILE O 247 47.66 -9.29 -17.52
CA ILE O 247 47.42 -9.48 -16.10
C ILE O 247 47.89 -8.27 -15.32
N ARG O 248 48.98 -7.64 -15.76
CA ARG O 248 49.53 -6.50 -15.04
C ARG O 248 48.67 -5.25 -15.22
N LYS O 249 47.96 -5.14 -16.35
CA LYS O 249 47.11 -3.99 -16.59
C LYS O 249 45.77 -4.13 -15.87
N ILE O 250 45.21 -5.33 -15.86
CA ILE O 250 43.95 -5.57 -15.17
C ILE O 250 44.10 -5.32 -13.68
N ALA O 251 45.22 -5.75 -13.11
CA ALA O 251 45.47 -5.52 -11.70
C ALA O 251 45.73 -4.05 -11.40
N GLU O 252 46.28 -3.31 -12.37
CA GLU O 252 46.57 -1.90 -12.15
C GLU O 252 45.37 -1.02 -12.52
N SER O 253 44.54 -1.46 -13.46
CA SER O 253 43.28 -0.77 -13.71
C SER O 253 42.45 -0.72 -12.44
N LEU O 254 42.35 -1.84 -11.74
CA LEU O 254 41.92 -1.85 -10.36
C LEU O 254 43.04 -1.30 -9.50
N ASP O 255 42.70 -0.75 -8.36
CA ASP O 255 43.74 -0.17 -7.50
C ASP O 255 44.51 -1.32 -6.85
N ALA O 256 45.65 -1.66 -7.45
CA ALA O 256 46.56 -2.64 -6.91
C ALA O 256 47.98 -2.22 -7.23
N ASN O 257 48.89 -2.55 -6.33
CA ASN O 257 50.29 -2.15 -6.42
C ASN O 257 51.15 -3.39 -6.60
N LEU O 258 51.75 -3.51 -7.77
CA LEU O 258 52.55 -4.68 -8.11
C LEU O 258 53.97 -4.53 -7.60
N TYR O 259 54.56 -5.66 -7.21
CA TYR O 259 55.85 -5.70 -6.54
C TYR O 259 56.68 -6.82 -7.13
N ASP O 260 58.00 -6.67 -7.04
CA ASP O 260 58.94 -7.69 -7.43
C ASP O 260 59.32 -8.53 -6.22
N VAL O 261 59.34 -9.85 -6.39
CA VAL O 261 59.73 -10.79 -5.35
C VAL O 261 60.52 -11.91 -6.01
N ASP O 262 61.74 -12.14 -5.54
CA ASP O 262 62.60 -13.14 -6.14
C ASP O 262 62.28 -14.53 -5.58
N SER O 263 62.33 -15.53 -6.46
CA SER O 263 61.82 -16.85 -6.13
C SER O 263 62.67 -17.56 -5.07
N SER O 264 63.98 -17.34 -5.08
CA SER O 264 64.84 -17.92 -4.07
C SER O 264 64.46 -17.44 -2.67
N ASN O 265 64.73 -18.28 -1.68
CA ASN O 265 64.58 -17.87 -0.29
C ASN O 265 65.81 -17.12 0.23
N GLU O 266 66.81 -16.87 -0.64
CA GLU O 266 67.91 -15.98 -0.33
C GLU O 266 67.60 -14.56 -0.78
N GLY O 267 67.11 -14.41 -2.02
CA GLY O 267 66.74 -13.10 -2.54
C GLY O 267 65.62 -12.43 -1.78
N ARG O 268 64.85 -13.19 -0.99
CA ARG O 268 63.79 -12.59 -0.18
C ARG O 268 64.35 -11.91 1.05
N SER O 269 65.12 -12.65 1.85
CA SER O 269 65.73 -12.07 3.05
C SER O 269 66.71 -10.96 2.68
N GLN O 270 67.38 -11.09 1.54
CA GLN O 270 68.29 -10.04 1.10
C GLN O 270 67.55 -8.74 0.84
N GLN O 271 66.49 -8.79 0.02
CA GLN O 271 65.65 -7.61 -0.20
C GLN O 271 65.00 -7.16 1.10
N LEU O 272 64.59 -8.11 1.94
CA LEU O 272 63.92 -7.76 3.19
C LEU O 272 64.81 -6.91 4.09
N ALA O 273 66.11 -7.22 4.14
CA ALA O 273 67.02 -6.42 4.95
C ALA O 273 67.10 -5.00 4.43
N LYS O 274 67.16 -4.84 3.11
CA LYS O 274 67.17 -3.51 2.51
C LYS O 274 65.91 -2.73 2.86
N VAL O 275 64.77 -3.40 2.91
CA VAL O 275 63.51 -2.73 3.21
C VAL O 275 63.42 -2.41 4.70
N ASN O 276 63.74 -3.37 5.56
CA ASN O 276 63.65 -3.13 6.99
C ASN O 276 64.69 -2.10 7.42
N LYS O 277 65.76 -1.96 6.64
CA LYS O 277 66.72 -0.88 6.89
C LYS O 277 66.11 0.47 6.55
N ASN O 278 65.64 0.65 5.31
CA ASN O 278 65.12 1.95 4.89
C ASN O 278 63.91 2.36 5.72
N LEU O 279 63.10 1.41 6.14
CA LEU O 279 61.94 1.72 6.96
C LEU O 279 62.37 2.27 8.31
N SER O 280 63.43 1.71 8.90
CA SER O 280 63.96 2.24 10.14
C SER O 280 64.49 3.66 9.94
N ASP O 281 65.15 3.90 8.80
CA ASP O 281 65.54 5.26 8.44
C ASP O 281 64.31 6.15 8.30
N LEU O 282 63.25 5.64 7.68
CA LEU O 282 62.10 6.47 7.33
C LEU O 282 61.32 6.88 8.58
N TYR O 283 61.36 6.07 9.64
CA TYR O 283 60.71 6.46 10.88
C TYR O 283 61.28 7.76 11.42
N THR O 284 62.61 7.92 11.34
CA THR O 284 63.23 9.14 11.86
C THR O 284 62.86 10.34 11.01
N VAL O 285 62.84 10.19 9.69
CA VAL O 285 62.60 11.33 8.82
C VAL O 285 61.19 11.86 9.02
N LEU O 286 60.23 10.95 9.18
CA LEU O 286 58.86 11.35 9.47
C LEU O 286 58.73 11.91 10.88
N LYS O 287 59.46 11.32 11.83
CA LYS O 287 59.30 11.69 13.23
C LYS O 287 59.69 13.14 13.47
N THR O 288 60.67 13.65 12.72
CA THR O 288 61.12 15.02 12.92
C THR O 288 60.11 16.01 12.33
N THR O 289 59.69 15.79 11.09
CA THR O 289 58.82 16.75 10.43
C THR O 289 57.43 16.76 11.06
N SER O 290 56.95 15.59 11.48
CA SER O 290 55.64 15.51 12.13
C SER O 290 55.59 16.34 13.41
N THR O 291 56.69 16.35 14.16
CA THR O 291 56.70 17.11 15.41
C THR O 291 56.85 18.60 15.14
N THR O 292 57.62 18.96 14.12
CA THR O 292 57.75 20.37 13.75
C THR O 292 56.40 20.92 13.30
N LEU O 293 55.56 20.06 12.74
CA LEU O 293 54.20 20.45 12.38
C LEU O 293 53.35 20.72 13.61
N GLU O 294 53.25 19.74 14.51
CA GLU O 294 52.34 19.87 15.65
C GLU O 294 52.74 21.04 16.53
N SER O 295 54.03 21.33 16.61
CA SER O 295 54.50 22.45 17.42
C SER O 295 53.86 23.76 16.99
N GLU O 296 53.64 23.93 15.69
CA GLU O 296 53.03 25.16 15.20
C GLU O 296 51.55 25.22 15.55
N LEU O 297 50.90 24.06 15.68
CA LEU O 297 49.48 24.03 15.99
C LEU O 297 49.19 24.39 17.44
N TYR O 298 50.04 23.96 18.37
CA TYR O 298 49.83 24.31 19.77
C TYR O 298 49.85 25.82 19.97
N ALA O 299 50.61 26.53 19.14
CA ALA O 299 50.51 27.99 19.13
C ALA O 299 49.13 28.42 18.68
N ILE O 300 48.63 27.83 17.59
CA ILE O 300 47.33 28.17 17.06
C ILE O 300 46.23 27.74 18.03
N ALA O 301 46.38 26.57 18.64
CA ALA O 301 45.30 26.00 19.43
C ALA O 301 45.02 26.76 20.71
N LYS O 302 45.87 27.71 21.10
CA LYS O 302 45.67 28.50 22.30
C LYS O 302 45.42 29.98 22.02
N GLU O 303 45.47 30.40 20.76
CA GLU O 303 45.10 31.75 20.36
C GLU O 303 44.25 31.71 19.10
N LEU O 304 43.22 30.87 19.11
CA LEU O 304 42.29 30.73 17.99
C LEU O 304 40.89 31.24 18.32
N ASP O 305 40.27 30.73 19.37
CA ASP O 305 38.91 31.13 19.70
C ASP O 305 38.79 32.56 20.20
N SER O 306 39.89 33.28 20.36
CA SER O 306 39.86 34.70 20.67
C SER O 306 40.05 35.56 19.43
N TRP O 307 40.69 35.02 18.39
CA TRP O 307 40.76 35.69 17.10
C TRP O 307 39.45 35.55 16.33
N PHE O 308 38.87 34.35 16.36
CA PHE O 308 37.66 34.08 15.62
C PHE O 308 36.52 34.99 16.07
N GLN O 309 36.41 35.24 17.38
CA GLN O 309 35.35 36.11 17.87
C GLN O 309 35.54 37.54 17.41
N ASP O 310 36.77 38.04 17.48
CA ASP O 310 37.05 39.42 17.12
C ASP O 310 37.01 39.68 15.62
N VAL O 311 36.77 38.65 14.81
CA VAL O 311 36.56 38.81 13.38
C VAL O 311 35.08 38.78 13.03
N THR O 312 34.33 37.83 13.62
CA THR O 312 32.90 37.77 13.35
C THR O 312 32.17 39.01 13.84
N ARG O 313 32.73 39.73 14.80
CA ARG O 313 32.13 40.97 15.26
C ARG O 313 32.47 42.13 14.35
N GLU O 314 33.61 42.07 13.67
CA GLU O 314 33.93 43.07 12.66
C GLU O 314 33.09 42.85 11.41
N LYS O 315 32.74 41.60 11.12
CA LYS O 315 31.76 41.31 10.07
C LYS O 315 30.41 41.94 10.41
N ALA O 316 29.94 41.71 11.63
CA ALA O 316 28.57 42.00 12.01
C ALA O 316 28.24 43.46 11.84
N ILE O 317 29.20 44.35 12.06
CA ILE O 317 28.89 45.77 12.04
C ILE O 317 28.77 46.29 10.62
N PHE O 318 29.62 45.80 9.70
CA PHE O 318 29.56 46.31 8.34
C PHE O 318 28.27 45.91 7.64
N GLU O 319 27.74 44.72 7.94
CA GLU O 319 26.45 44.33 7.40
C GLU O 319 25.37 45.29 7.87
N ILE O 320 25.39 45.64 9.15
CA ILE O 320 24.52 46.70 9.66
C ILE O 320 24.77 48.00 8.90
N LEU O 321 26.03 48.41 8.81
CA LEU O 321 26.36 49.62 8.07
C LEU O 321 26.08 49.49 6.58
N ASN O 322 25.93 48.28 6.07
CA ASN O 322 25.56 48.09 4.68
C ASN O 322 24.06 48.21 4.46
N LYS O 323 23.26 48.15 5.52
CA LYS O 323 21.84 48.44 5.42
C LYS O 323 21.55 49.92 5.28
N SER O 324 22.55 50.77 5.45
CA SER O 324 22.38 52.20 5.60
C SER O 324 22.68 52.92 4.29
N ASN O 325 22.05 54.07 4.13
CA ASN O 325 22.31 54.93 2.98
C ASN O 325 23.55 55.77 3.22
N TYR O 326 24.31 55.99 2.15
CA TYR O 326 25.59 56.68 2.21
C TYR O 326 25.48 57.93 1.34
N ASP O 327 25.52 59.09 1.98
CA ASP O 327 25.52 60.34 1.25
C ASP O 327 26.92 60.61 0.72
N THR O 328 27.01 60.96 -0.56
CA THR O 328 28.27 61.41 -1.16
C THR O 328 28.43 62.92 -1.07
N ASN O 329 27.33 63.66 -0.89
CA ASN O 329 27.42 65.09 -0.66
C ASN O 329 28.04 65.39 0.69
N ARG O 330 27.80 64.53 1.67
CA ARG O 330 28.25 64.73 3.03
C ARG O 330 28.55 63.37 3.63
N LYS O 331 29.46 63.34 4.60
CA LYS O 331 29.83 62.07 5.21
C LYS O 331 28.77 61.51 6.15
N ILE O 332 27.65 62.20 6.31
CA ILE O 332 26.55 61.70 7.13
C ILE O 332 26.06 60.37 6.57
N LEU O 333 26.10 59.33 7.39
CA LEU O 333 25.34 58.12 7.17
C LEU O 333 23.93 58.28 7.73
N ILE O 334 22.98 57.61 7.10
CA ILE O 334 21.57 57.67 7.47
C ILE O 334 21.11 56.24 7.72
N ALA O 335 20.44 56.03 8.85
CA ALA O 335 20.00 54.70 9.24
C ALA O 335 18.69 54.80 10.00
N GLU O 336 18.02 53.65 10.14
CA GLU O 336 16.76 53.54 10.84
C GLU O 336 16.75 52.29 11.69
N GLY O 337 16.03 52.36 12.80
CA GLY O 337 15.93 51.25 13.72
C GLY O 337 14.71 51.35 14.59
N TRP O 338 14.21 50.19 15.02
CA TRP O 338 13.17 50.11 16.02
C TRP O 338 13.77 49.96 17.40
N ILE O 339 13.16 50.62 18.37
CA ILE O 339 13.65 50.67 19.75
C ILE O 339 12.43 50.73 20.66
N PRO O 340 12.42 50.05 21.80
CA PRO O 340 11.29 50.23 22.73
C PRO O 340 11.31 51.63 23.35
N ARG O 341 10.12 52.24 23.38
CA ARG O 341 9.99 53.62 23.86
C ARG O 341 10.47 53.78 25.29
N ASP O 342 10.40 52.72 26.10
CA ASP O 342 10.93 52.79 27.45
C ASP O 342 12.45 52.84 27.48
N GLU O 343 13.11 52.21 26.51
CA GLU O 343 14.55 52.02 26.52
C GLU O 343 15.26 53.09 25.69
N LEU O 344 14.72 54.30 25.64
CA LEU O 344 15.29 55.35 24.80
C LEU O 344 16.24 56.26 25.58
N ALA O 345 15.89 56.61 26.83
CA ALA O 345 16.76 57.46 27.61
C ALA O 345 18.09 56.81 27.94
N THR O 346 18.15 55.47 27.93
CA THR O 346 19.42 54.78 28.10
C THR O 346 20.24 54.78 26.83
N LEU O 347 19.58 54.84 25.67
CA LEU O 347 20.29 54.96 24.41
C LEU O 347 21.00 56.30 24.31
N GLN O 348 20.25 57.39 24.53
CA GLN O 348 20.84 58.72 24.55
C GLN O 348 21.98 58.82 25.57
N ALA O 349 21.88 58.11 26.69
CA ALA O 349 22.94 58.16 27.69
C ALA O 349 24.23 57.55 27.17
N ARG O 350 24.18 56.31 26.69
CA ARG O 350 25.39 55.58 26.32
C ARG O 350 26.15 56.29 25.22
N LEU O 351 25.44 56.84 24.24
CA LEU O 351 26.13 57.56 23.17
C LEU O 351 26.77 58.83 23.69
N GLY O 352 26.12 59.49 24.65
CA GLY O 352 26.74 60.63 25.30
C GLY O 352 28.04 60.28 26.00
N GLU O 353 28.19 59.02 26.41
CA GLU O 353 29.44 58.56 27.02
C GLU O 353 30.49 58.27 25.96
N MET O 354 30.06 57.70 24.84
CA MET O 354 30.96 57.39 23.74
C MET O 354 31.64 58.65 23.24
N ILE O 355 30.86 59.70 22.98
CA ILE O 355 31.43 60.95 22.48
C ILE O 355 32.35 61.59 23.50
N ALA O 356 32.16 61.28 24.78
CA ALA O 356 32.94 61.91 25.83
C ALA O 356 34.41 61.53 25.74
N ARG O 357 34.69 60.23 25.65
CA ARG O 357 36.08 59.77 25.62
C ARG O 357 36.78 60.20 24.34
N LEU O 358 36.06 60.20 23.22
CA LEU O 358 36.65 60.59 21.95
C LEU O 358 37.11 62.05 21.98
N GLY O 359 36.26 62.93 22.49
CA GLY O 359 36.54 64.35 22.50
C GLY O 359 36.02 65.10 21.29
N ILE O 360 35.13 64.50 20.50
CA ILE O 360 34.58 65.15 19.33
C ILE O 360 33.39 65.99 19.76
N ASP O 361 33.09 67.03 18.98
CA ASP O 361 31.83 67.76 19.06
C ASP O 361 30.93 67.27 17.94
N VAL O 362 29.80 66.69 18.31
CA VAL O 362 28.87 66.09 17.35
C VAL O 362 27.47 66.62 17.67
N PRO O 363 26.65 66.98 16.67
CA PRO O 363 25.28 67.39 17.01
C PRO O 363 24.44 66.21 17.46
N SER O 364 23.17 66.45 17.76
CA SER O 364 22.30 65.38 18.25
C SER O 364 22.17 64.30 17.20
N ILE O 365 22.72 63.13 17.51
CA ILE O 365 22.73 62.01 16.57
C ILE O 365 21.35 61.44 16.36
N ILE O 366 20.48 61.54 17.37
CA ILE O 366 19.24 60.78 17.44
C ILE O 366 18.07 61.71 17.16
N GLN O 367 17.21 61.30 16.24
CA GLN O 367 15.97 61.99 15.93
C GLN O 367 14.85 60.97 15.79
N VAL O 368 13.75 61.18 16.50
CA VAL O 368 12.67 60.21 16.53
C VAL O 368 11.74 60.46 15.34
N LEU O 369 11.36 59.38 14.68
CA LEU O 369 10.66 59.41 13.41
C LEU O 369 9.31 58.70 13.55
N ASP O 370 8.25 59.34 13.05
CA ASP O 370 6.90 58.84 13.14
C ASP O 370 6.38 58.55 11.73
N THR O 371 6.20 57.27 11.41
CA THR O 371 5.81 56.86 10.07
C THR O 371 4.99 55.58 10.15
N ASN O 372 4.16 55.37 9.15
CA ASN O 372 3.27 54.22 9.08
C ASN O 372 4.07 52.98 8.70
N HIS O 373 4.34 52.14 9.69
CA HIS O 373 4.98 50.86 9.48
C HIS O 373 4.43 49.88 10.50
N THR O 374 4.73 48.60 10.31
CA THR O 374 4.38 47.57 11.27
C THR O 374 5.56 47.39 12.21
N PRO O 375 5.50 47.82 13.46
CA PRO O 375 6.63 47.62 14.33
C PRO O 375 6.77 46.16 14.70
N PRO O 376 7.89 45.77 15.26
CA PRO O 376 8.04 44.39 15.74
C PRO O 376 7.34 44.16 17.07
N THR O 377 7.05 42.89 17.30
CA THR O 377 6.34 42.44 18.49
C THR O 377 7.33 41.92 19.53
N PHE O 378 7.16 42.36 20.77
CA PHE O 378 8.11 42.04 21.84
C PHE O 378 7.37 41.87 23.15
N HIS O 379 7.53 40.71 23.77
CA HIS O 379 6.99 40.41 25.09
C HIS O 379 8.14 40.13 26.04
N ARG O 380 8.15 40.81 27.18
CA ARG O 380 9.17 40.58 28.19
C ARG O 380 8.78 39.36 29.02
N THR O 381 9.64 38.34 29.03
CA THR O 381 9.41 37.10 29.74
C THR O 381 10.46 36.90 30.82
N ASN O 382 10.03 36.31 31.94
CA ASN O 382 10.91 35.88 33.01
C ASN O 382 11.17 34.37 32.88
N LYS O 383 11.78 33.77 33.90
CA LYS O 383 12.01 32.33 33.88
C LYS O 383 10.72 31.54 33.95
N PHE O 384 9.65 32.15 34.47
CA PHE O 384 8.40 31.42 34.67
C PHE O 384 7.48 31.53 33.46
N THR O 385 7.50 32.67 32.77
CA THR O 385 6.65 32.91 31.61
C THR O 385 7.30 32.52 30.30
N ALA O 386 8.60 32.22 30.29
CA ALA O 386 9.30 32.02 29.04
C ALA O 386 8.90 30.73 28.36
N GLY O 387 8.68 29.66 29.13
CA GLY O 387 8.34 28.38 28.55
C GLY O 387 6.92 28.34 28.02
N PHE O 388 6.01 29.04 28.68
CA PHE O 388 4.65 29.13 28.20
C PHE O 388 4.55 30.01 26.97
N GLN O 389 5.42 31.01 26.86
CA GLN O 389 5.42 31.91 25.73
C GLN O 389 6.09 31.29 24.51
N SER O 390 7.08 30.43 24.71
CA SER O 390 7.73 29.73 23.62
C SER O 390 6.83 28.69 22.97
N ILE O 391 5.68 28.41 23.55
CA ILE O 391 4.72 27.48 22.99
C ILE O 391 3.83 28.16 21.96
N CYS O 392 3.33 29.34 22.30
CA CYS O 392 2.46 30.07 21.38
C CYS O 392 3.24 30.64 20.22
N ASP O 393 4.49 31.04 20.45
CA ASP O 393 5.33 31.59 19.40
C ASP O 393 5.65 30.57 18.31
N CYS O 394 5.55 29.28 18.60
CA CYS O 394 5.68 28.28 17.57
C CYS O 394 4.55 28.37 16.56
N TYR O 395 3.32 28.55 17.05
CA TYR O 395 2.18 28.60 16.17
C TYR O 395 2.14 29.91 15.39
N GLY O 396 2.51 31.00 16.03
CA GLY O 396 2.59 32.27 15.35
C GLY O 396 2.99 33.41 16.23
N ILE O 397 3.61 34.40 15.61
CA ILE O 397 3.98 35.63 16.30
C ILE O 397 2.81 36.58 16.26
N ALA O 398 2.50 37.19 17.40
CA ALA O 398 1.32 38.00 17.54
C ALA O 398 1.45 39.34 16.84
N GLN O 399 0.30 39.89 16.45
CA GLN O 399 0.24 41.23 15.90
C GLN O 399 0.63 42.26 16.95
N TYR O 400 1.00 43.43 16.48
CA TYR O 400 1.40 44.52 17.35
C TYR O 400 0.23 44.99 18.22
N ARG O 401 0.43 44.90 19.54
CA ARG O 401 -0.52 45.41 20.53
C ARG O 401 -1.86 44.70 20.45
N GLU O 402 -1.82 43.36 20.45
CA GLU O 402 -3.01 42.55 20.62
C GLU O 402 -2.85 41.69 21.86
N ILE O 403 -3.96 41.04 22.23
CA ILE O 403 -3.97 40.17 23.40
C ILE O 403 -3.01 39.01 23.17
N ASN O 404 -2.12 38.81 24.12
CA ASN O 404 -1.21 37.67 24.08
C ASN O 404 -1.93 36.41 24.50
N ALA O 405 -1.61 35.32 23.83
CA ALA O 405 -2.13 34.00 24.17
C ALA O 405 -1.30 33.29 25.23
N GLY O 406 -0.38 34.01 25.88
CA GLY O 406 0.57 33.42 26.79
C GLY O 406 0.14 33.45 28.23
N LEU O 407 -0.66 34.46 28.62
CA LEU O 407 -1.15 34.50 29.99
C LEU O 407 -2.18 33.43 30.30
N PRO O 408 -3.23 33.24 29.50
CA PRO O 408 -4.16 32.15 29.80
C PRO O 408 -3.50 30.79 29.79
N THR O 409 -2.51 30.61 28.92
CA THR O 409 -1.84 29.33 28.74
C THR O 409 -1.03 28.90 29.96
N ILE O 410 -0.80 29.80 30.92
CA ILE O 410 -0.09 29.41 32.13
C ILE O 410 -0.94 28.49 32.99
N VAL O 411 -2.27 28.61 32.92
CA VAL O 411 -3.18 27.82 33.73
C VAL O 411 -3.95 26.81 32.89
N THR O 412 -4.43 27.21 31.72
CA THR O 412 -5.33 26.35 30.96
C THR O 412 -4.61 25.20 30.27
N PHE O 413 -3.31 25.27 30.11
CA PHE O 413 -2.54 24.20 29.50
C PHE O 413 -2.33 23.06 30.47
N PRO O 414 -1.92 23.30 31.72
CA PRO O 414 -1.77 22.20 32.67
C PRO O 414 -3.06 21.73 33.32
N PHE O 415 -4.13 22.51 33.29
CA PHE O 415 -5.38 22.05 33.88
C PHE O 415 -6.12 21.09 32.94
N MET O 416 -6.08 21.34 31.63
CA MET O 416 -6.64 20.39 30.70
C MET O 416 -5.87 19.08 30.71
N PHE O 417 -4.57 19.15 30.94
CA PHE O 417 -3.76 17.94 31.12
C PHE O 417 -4.28 17.10 32.27
N ALA O 418 -4.65 17.73 33.37
CA ALA O 418 -4.97 17.02 34.59
C ALA O 418 -6.39 16.50 34.63
N ILE O 419 -7.25 17.01 33.75
CA ILE O 419 -8.53 16.35 33.53
C ILE O 419 -8.32 14.97 32.93
N MET O 420 -7.42 14.89 31.95
CA MET O 420 -7.12 13.62 31.31
C MET O 420 -6.32 12.72 32.22
N PHE O 421 -5.18 13.23 32.69
CA PHE O 421 -4.24 12.45 33.46
C PHE O 421 -4.86 11.99 34.77
N GLY O 422 -5.28 12.93 35.60
CA GLY O 422 -6.19 12.70 36.71
C GLY O 422 -5.89 11.56 37.66
N ASP O 423 -4.80 11.66 38.43
CA ASP O 423 -4.45 10.63 39.39
C ASP O 423 -3.48 11.22 40.40
N MET O 424 -3.63 10.81 41.66
CA MET O 424 -2.82 11.34 42.73
C MET O 424 -1.46 10.69 42.82
N GLY O 425 -1.34 9.47 42.32
CA GLY O 425 -0.08 8.77 42.35
C GLY O 425 0.83 9.20 41.23
N HIS O 426 0.36 9.02 40.00
CA HIS O 426 1.13 9.43 38.83
C HIS O 426 1.44 10.92 38.82
N GLY O 427 0.65 11.73 39.52
CA GLY O 427 0.89 13.15 39.59
C GLY O 427 1.95 13.52 40.60
N PHE O 428 1.92 12.84 41.75
CA PHE O 428 2.96 13.00 42.75
C PHE O 428 4.34 12.61 42.23
N LEU O 429 4.42 11.77 41.19
CA LEU O 429 5.71 11.41 40.63
C LEU O 429 6.23 12.48 39.69
N MET O 430 5.34 13.05 38.88
CA MET O 430 5.73 14.17 38.02
C MET O 430 6.20 15.34 38.85
N THR O 431 5.52 15.60 39.96
CA THR O 431 5.86 16.74 40.80
C THR O 431 7.28 16.64 41.33
N LEU O 432 7.73 15.42 41.65
CA LEU O 432 9.09 15.25 42.14
C LEU O 432 10.11 15.34 41.03
N ALA O 433 9.80 14.76 39.86
CA ALA O 433 10.74 14.73 38.76
C ALA O 433 11.11 16.13 38.30
N ALA O 434 10.17 17.06 38.38
CA ALA O 434 10.42 18.44 37.98
C ALA O 434 11.01 19.25 39.12
N LEU O 435 10.60 18.97 40.35
CA LEU O 435 11.11 19.65 41.52
C LEU O 435 12.56 19.33 41.82
N SER O 436 13.14 18.34 41.14
CA SER O 436 14.58 18.14 41.15
C SER O 436 15.28 19.05 40.16
N LEU O 437 14.62 19.35 39.04
CA LEU O 437 15.14 20.26 38.04
C LEU O 437 15.06 21.72 38.46
N VAL O 438 14.14 22.05 39.36
CA VAL O 438 13.96 23.43 39.78
C VAL O 438 14.98 23.80 40.84
N LEU O 439 15.26 22.89 41.75
CA LEU O 439 16.12 23.21 42.88
C LEU O 439 17.59 23.22 42.49
N ASN O 440 17.97 22.37 41.52
CA ASN O 440 19.34 22.26 41.05
C ASN O 440 19.58 23.07 39.77
N GLU O 441 18.75 24.07 39.52
CA GLU O 441 18.82 24.80 38.25
C GLU O 441 20.12 25.57 38.11
N LYS O 442 20.68 26.04 39.22
CA LYS O 442 21.98 26.72 39.16
C LYS O 442 23.08 25.74 38.73
N LYS O 443 23.08 24.54 39.30
CA LYS O 443 24.05 23.54 38.89
C LYS O 443 23.82 23.12 37.45
N ILE O 444 22.56 22.94 37.06
CA ILE O 444 22.25 22.38 35.75
C ILE O 444 22.55 23.39 34.64
N ASN O 445 22.27 24.67 34.91
CA ASN O 445 22.41 25.67 33.86
C ASN O 445 23.87 25.86 33.46
N LYS O 446 24.78 25.77 34.42
CA LYS O 446 26.20 25.89 34.11
C LYS O 446 26.70 24.71 33.29
N MET O 447 26.37 23.49 33.70
CA MET O 447 26.77 22.30 32.97
C MET O 447 26.11 22.23 31.61
N LYS O 448 26.69 21.41 30.74
CA LYS O 448 26.23 21.29 29.36
C LYS O 448 25.17 20.20 29.27
N ARG O 449 24.29 20.33 28.28
CA ARG O 449 23.08 19.53 28.20
C ARG O 449 22.92 18.92 26.83
N GLY O 450 22.10 17.88 26.77
CA GLY O 450 21.73 17.24 25.52
C GLY O 450 20.67 18.02 24.78
N GLU O 451 19.83 17.28 24.07
CA GLU O 451 18.73 17.84 23.28
C GLU O 451 17.38 17.49 23.86
N ILE O 452 17.25 16.30 24.45
CA ILE O 452 16.06 15.95 25.20
C ILE O 452 16.07 16.62 26.57
N PHE O 453 17.23 16.65 27.22
CA PHE O 453 17.34 17.19 28.56
C PHE O 453 17.23 18.70 28.59
N ASP O 454 17.26 19.37 27.44
CA ASP O 454 16.94 20.78 27.39
C ASP O 454 15.45 21.01 27.65
N MET O 455 14.59 20.40 26.83
CA MET O 455 13.16 20.67 26.90
C MET O 455 12.59 20.29 28.25
N ALA O 456 13.10 19.22 28.85
CA ALA O 456 12.70 18.89 30.21
C ALA O 456 13.14 19.97 31.18
N PHE O 457 14.22 20.70 30.87
CA PHE O 457 14.70 21.78 31.70
C PHE O 457 14.08 23.12 31.30
N THR O 458 13.84 23.31 29.99
CA THR O 458 13.20 24.53 29.52
C THR O 458 11.77 24.63 30.02
N GLY O 459 11.13 23.49 30.26
CA GLY O 459 9.77 23.43 30.76
C GLY O 459 9.68 22.79 32.11
N ARG O 460 10.62 23.13 32.99
CA ARG O 460 10.64 22.57 34.33
C ARG O 460 9.54 23.14 35.21
N TYR O 461 8.95 24.28 34.83
CA TYR O 461 7.84 24.87 35.56
C TYR O 461 6.50 24.52 34.96
N ILE O 462 6.48 24.13 33.68
CA ILE O 462 5.28 23.55 33.09
C ILE O 462 4.94 22.23 33.77
N ILE O 463 5.96 21.43 34.08
CA ILE O 463 5.75 20.10 34.63
C ILE O 463 5.38 20.18 36.10
N LEU O 464 5.81 21.23 36.79
CA LEU O 464 5.45 21.41 38.19
C LEU O 464 3.95 21.64 38.35
N LEU O 465 3.33 22.36 37.42
CA LEU O 465 1.91 22.67 37.51
C LEU O 465 1.03 21.58 36.95
N MET O 466 1.56 20.78 36.03
CA MET O 466 0.84 19.60 35.59
C MET O 466 0.78 18.53 36.68
N GLY O 467 1.65 18.61 37.67
CA GLY O 467 1.64 17.68 38.78
C GLY O 467 0.76 18.09 39.94
N VAL O 468 0.84 19.36 40.30
CA VAL O 468 0.02 19.91 41.38
C VAL O 468 -1.46 19.78 41.04
N PHE O 469 -1.82 20.09 39.80
CA PHE O 469 -3.23 20.06 39.42
C PHE O 469 -3.72 18.64 39.26
N SER O 470 -2.84 17.71 38.92
CA SER O 470 -3.23 16.32 38.82
C SER O 470 -3.46 15.68 40.18
N MET O 471 -2.94 16.28 41.26
CA MET O 471 -3.30 15.85 42.60
C MET O 471 -4.63 16.43 43.06
N TYR O 472 -5.05 17.58 42.51
CA TYR O 472 -6.39 18.08 42.77
C TYR O 472 -7.44 17.27 42.02
N THR O 473 -7.21 17.05 40.73
CA THR O 473 -8.20 16.34 39.92
C THR O 473 -8.32 14.88 40.33
N GLY O 474 -7.21 14.26 40.71
CA GLY O 474 -7.27 12.89 41.18
C GLY O 474 -8.02 12.74 42.47
N PHE O 475 -7.93 13.75 43.33
CA PHE O 475 -8.67 13.75 44.58
C PHE O 475 -10.17 13.81 44.33
N LEU O 476 -10.59 14.57 43.32
CA LEU O 476 -12.01 14.65 43.01
C LEU O 476 -12.51 13.36 42.37
N TYR O 477 -11.82 12.87 41.35
CA TYR O 477 -12.07 11.53 40.84
C TYR O 477 -11.84 10.47 41.89
N ASN O 478 -10.98 10.74 42.88
CA ASN O 478 -10.74 9.88 44.02
C ASN O 478 -9.95 8.63 43.64
N ASP O 479 -8.94 8.80 42.81
CA ASP O 479 -8.13 7.71 42.26
C ASP O 479 -6.68 7.90 42.67
N ILE O 480 -6.14 6.95 43.42
CA ILE O 480 -4.72 6.91 43.77
C ILE O 480 -4.18 5.52 43.46
N PHE O 481 -3.42 5.42 42.38
CA PHE O 481 -2.88 4.15 41.87
C PHE O 481 -3.98 3.11 41.74
N SER O 482 -5.07 3.51 41.08
CA SER O 482 -6.24 2.71 40.76
C SER O 482 -7.17 2.45 41.94
N LYS O 483 -6.81 2.88 43.14
CA LYS O 483 -7.58 2.65 44.35
C LYS O 483 -8.16 3.97 44.86
N THR O 484 -9.03 3.85 45.86
CA THR O 484 -9.79 4.96 46.40
C THR O 484 -9.39 5.29 47.83
N MET O 485 -9.63 6.54 48.20
CA MET O 485 -9.56 6.99 49.57
C MET O 485 -10.96 6.93 50.21
N THR O 486 -10.99 6.96 51.53
CA THR O 486 -12.19 6.75 52.33
C THR O 486 -12.28 7.80 53.42
N ILE O 487 -12.13 9.06 53.04
CA ILE O 487 -11.98 10.13 54.01
C ILE O 487 -13.29 10.40 54.73
N PHE O 488 -14.36 10.63 53.98
CA PHE O 488 -15.60 11.14 54.53
C PHE O 488 -16.66 10.05 54.65
N LYS O 489 -17.76 10.39 55.29
CA LYS O 489 -18.94 9.56 55.30
C LYS O 489 -19.53 9.47 53.90
N SER O 490 -20.16 8.33 53.61
CA SER O 490 -20.73 8.06 52.30
C SER O 490 -22.20 8.43 52.28
N GLY O 491 -22.65 8.87 51.12
CA GLY O 491 -24.04 9.19 50.89
C GLY O 491 -24.89 8.02 50.47
N TRP O 492 -24.33 6.82 50.47
CA TRP O 492 -25.01 5.61 50.06
C TRP O 492 -24.95 4.60 51.20
N LYS O 493 -25.95 3.73 51.23
CA LYS O 493 -26.09 2.77 52.31
C LYS O 493 -26.58 1.45 51.73
N TRP O 494 -25.97 0.37 52.21
CA TRP O 494 -26.31 -0.97 51.78
C TRP O 494 -27.44 -1.51 52.62
N PRO O 495 -28.01 -2.66 52.26
CA PRO O 495 -29.03 -3.26 53.12
C PRO O 495 -28.46 -3.64 54.48
N ASP O 496 -29.36 -3.78 55.45
CA ASP O 496 -28.97 -4.24 56.76
C ASP O 496 -28.54 -5.70 56.78
N HIS O 497 -28.99 -6.49 55.80
CA HIS O 497 -28.71 -7.91 55.79
C HIS O 497 -28.83 -8.44 54.37
N TRP O 498 -27.87 -9.27 53.96
CA TRP O 498 -27.95 -9.97 52.69
C TRP O 498 -27.16 -11.26 52.82
N LYS O 499 -26.96 -11.93 51.68
CA LYS O 499 -26.30 -13.23 51.63
C LYS O 499 -25.34 -13.26 50.45
N LYS O 500 -24.55 -14.32 50.39
CA LYS O 500 -23.54 -14.44 49.34
C LYS O 500 -24.20 -14.52 47.97
N GLY O 501 -23.55 -13.92 46.99
CA GLY O 501 -23.99 -13.96 45.60
C GLY O 501 -25.22 -13.15 45.27
N GLU O 502 -25.91 -12.59 46.26
CA GLU O 502 -27.13 -11.85 46.00
C GLU O 502 -26.80 -10.44 45.54
N SER O 503 -27.22 -10.09 44.33
CA SER O 503 -27.05 -8.74 43.84
C SER O 503 -27.79 -7.76 44.74
N ILE O 504 -27.04 -6.82 45.31
CA ILE O 504 -27.55 -5.87 46.29
C ILE O 504 -27.37 -4.46 45.75
N THR O 505 -28.34 -3.62 46.03
CA THR O 505 -28.37 -2.24 45.61
C THR O 505 -28.37 -1.35 46.84
N ALA O 506 -27.81 -0.15 46.69
CA ALA O 506 -27.64 0.79 47.79
C ALA O 506 -28.71 1.88 47.75
N THR O 507 -28.97 2.44 48.93
CA THR O 507 -30.01 3.44 49.14
C THR O 507 -29.36 4.75 49.56
N SER O 508 -29.96 5.87 49.16
CA SER O 508 -29.34 7.17 49.31
C SER O 508 -29.60 7.74 50.70
N VAL O 509 -28.62 8.48 51.21
CA VAL O 509 -28.64 9.04 52.55
C VAL O 509 -28.37 10.53 52.46
N GLY O 510 -27.23 10.87 51.85
CA GLY O 510 -26.82 12.25 51.70
C GLY O 510 -25.97 12.40 50.47
N THR O 511 -25.42 13.60 50.32
CA THR O 511 -24.48 13.86 49.23
C THR O 511 -23.05 13.86 49.75
N TYR O 512 -22.15 13.37 48.92
CA TYR O 512 -20.76 13.31 49.28
C TYR O 512 -20.15 14.69 49.07
N PRO O 513 -19.41 15.25 50.03
CA PRO O 513 -19.01 16.65 49.90
C PRO O 513 -18.01 16.94 48.78
N ILE O 514 -16.91 16.20 48.69
CA ILE O 514 -15.82 16.53 47.79
C ILE O 514 -15.39 15.28 47.05
N GLY O 515 -15.74 15.18 45.78
CA GLY O 515 -15.32 14.10 44.93
C GLY O 515 -16.37 13.03 44.74
N LEU O 516 -15.98 12.00 44.01
CA LEU O 516 -16.86 10.87 43.79
C LEU O 516 -16.87 9.95 44.99
N ASP O 517 -18.05 9.46 45.34
CA ASP O 517 -18.20 8.64 46.53
C ASP O 517 -17.53 7.29 46.31
N TRP O 518 -16.86 6.81 47.35
CA TRP O 518 -16.13 5.57 47.30
C TRP O 518 -17.02 4.33 47.23
N ALA O 519 -18.33 4.49 47.32
CA ALA O 519 -19.22 3.35 47.13
C ALA O 519 -19.24 2.85 45.69
N TRP O 520 -18.87 3.69 44.73
CA TRP O 520 -18.86 3.27 43.34
C TRP O 520 -17.72 2.32 43.04
N HIS O 521 -16.68 2.33 43.86
CA HIS O 521 -15.49 1.53 43.58
C HIS O 521 -15.78 0.05 43.75
N GLY O 522 -15.42 -0.74 42.74
CA GLY O 522 -15.70 -2.15 42.72
C GLY O 522 -17.10 -2.49 42.26
N THR O 523 -17.92 -1.50 41.94
CA THR O 523 -19.32 -1.72 41.63
C THR O 523 -19.47 -2.18 40.18
N GLU O 524 -20.58 -2.86 39.92
CA GLU O 524 -20.84 -3.41 38.61
C GLU O 524 -21.17 -2.33 37.58
N ASN O 525 -21.97 -1.35 37.99
CA ASN O 525 -22.47 -0.30 37.10
C ASN O 525 -21.66 0.99 37.21
N ALA O 526 -20.36 0.90 37.44
CA ALA O 526 -19.59 2.08 37.79
C ALA O 526 -19.30 2.97 36.57
N LEU O 527 -19.11 2.37 35.40
CA LEU O 527 -18.79 3.17 34.22
C LEU O 527 -19.99 3.96 33.73
N LEU O 528 -21.19 3.39 33.86
CA LEU O 528 -22.39 4.09 33.40
C LEU O 528 -22.54 5.43 34.09
N PHE O 529 -22.09 5.51 35.34
CA PHE O 529 -22.14 6.76 36.08
C PHE O 529 -21.02 7.70 35.67
N SER O 530 -19.79 7.18 35.57
CA SER O 530 -18.65 8.04 35.33
C SER O 530 -18.60 8.54 33.89
N ASN O 531 -18.96 7.69 32.93
CA ASN O 531 -18.98 8.13 31.54
C ASN O 531 -19.98 9.25 31.33
N SER O 532 -21.16 9.14 31.92
CA SER O 532 -22.13 10.22 31.84
C SER O 532 -21.60 11.48 32.51
N TYR O 533 -20.93 11.30 33.65
CA TYR O 533 -20.37 12.43 34.37
C TYR O 533 -19.27 13.13 33.58
N LYS O 534 -18.35 12.37 33.00
CA LYS O 534 -17.16 12.99 32.41
C LYS O 534 -17.44 13.58 31.04
N MET O 535 -18.44 13.05 30.34
CA MET O 535 -18.90 13.70 29.11
C MET O 535 -19.40 15.09 29.40
N LYS O 536 -20.31 15.21 30.37
CA LYS O 536 -20.94 16.48 30.67
C LYS O 536 -19.95 17.46 31.27
N LEU O 537 -18.93 16.94 31.94
CA LEU O 537 -17.80 17.78 32.33
C LEU O 537 -17.10 18.35 31.10
N SER O 538 -16.83 17.49 30.12
CA SER O 538 -16.02 17.90 28.97
C SER O 538 -16.73 18.94 28.12
N ILE O 539 -18.05 18.78 27.96
CA ILE O 539 -18.82 19.72 27.14
C ILE O 539 -18.90 21.08 27.80
N LEU O 540 -19.02 21.10 29.13
CA LEU O 540 -19.16 22.37 29.84
C LEU O 540 -17.84 23.10 29.94
N MET O 541 -16.75 22.38 30.05
CA MET O 541 -15.44 22.97 30.24
C MET O 541 -14.80 23.45 28.95
N GLY O 542 -15.32 23.05 27.81
CA GLY O 542 -14.88 23.57 26.53
C GLY O 542 -15.70 24.75 26.07
N PHE O 543 -16.97 24.78 26.47
CA PHE O 543 -17.82 25.93 26.20
C PHE O 543 -17.32 27.16 26.93
N ILE O 544 -16.83 26.99 28.16
CA ILE O 544 -16.28 28.10 28.90
C ILE O 544 -14.91 28.50 28.37
N HIS O 545 -14.11 27.52 27.98
CA HIS O 545 -12.80 27.83 27.39
C HIS O 545 -12.95 28.56 26.07
N MET O 546 -14.01 28.27 25.30
CA MET O 546 -14.18 28.89 23.99
C MET O 546 -14.78 30.28 24.10
N THR O 547 -15.82 30.45 24.90
CA THR O 547 -16.44 31.75 25.04
C THR O 547 -15.50 32.77 25.66
N TYR O 548 -14.73 32.38 26.67
CA TYR O 548 -13.80 33.30 27.31
C TYR O 548 -12.74 33.79 26.34
N SER O 549 -12.29 32.92 25.44
CA SER O 549 -11.34 33.32 24.42
C SER O 549 -11.99 34.12 23.29
N TYR O 550 -13.31 34.10 23.20
CA TYR O 550 -14.03 34.88 22.21
C TYR O 550 -14.26 36.31 22.66
N PHE O 551 -14.29 36.57 23.96
CA PHE O 551 -14.30 37.92 24.50
C PHE O 551 -12.95 38.60 24.46
N PHE O 552 -11.93 37.97 23.87
CA PHE O 552 -10.68 38.64 23.55
C PHE O 552 -10.72 39.31 22.20
N SER O 553 -11.57 38.84 21.29
CA SER O 553 -11.82 39.57 20.06
C SER O 553 -12.35 40.96 20.37
N LEU O 554 -13.37 41.03 21.23
CA LEU O 554 -13.94 42.31 21.63
C LEU O 554 -12.89 43.22 22.23
N ALA O 555 -12.10 42.72 23.17
CA ALA O 555 -11.10 43.52 23.84
C ALA O 555 -10.06 44.11 22.89
N ASN O 556 -9.88 43.49 21.73
CA ASN O 556 -9.01 44.05 20.70
C ASN O 556 -9.73 45.13 19.90
N HIS O 557 -10.95 44.84 19.44
CA HIS O 557 -11.70 45.80 18.65
C HIS O 557 -11.92 47.10 19.40
N LEU O 558 -12.08 47.03 20.71
CA LEU O 558 -12.25 48.24 21.52
C LEU O 558 -10.95 48.98 21.76
N TYR O 559 -9.80 48.37 21.46
CA TYR O 559 -8.51 49.02 21.60
C TYR O 559 -8.00 49.61 20.31
N PHE O 560 -8.43 49.08 19.16
CA PHE O 560 -8.11 49.62 17.85
C PHE O 560 -9.28 50.39 17.24
N ASN O 561 -10.39 50.54 17.95
CA ASN O 561 -11.47 51.42 17.53
C ASN O 561 -12.17 50.93 16.26
N SER O 562 -12.27 49.61 16.10
CA SER O 562 -12.94 49.00 14.94
C SER O 562 -14.38 48.66 15.32
N MET O 563 -15.24 49.67 15.22
CA MET O 563 -16.63 49.51 15.65
C MET O 563 -17.41 48.55 14.76
N ILE O 564 -17.17 48.56 13.44
CA ILE O 564 -18.01 47.77 12.54
C ILE O 564 -17.82 46.28 12.80
N ASP O 565 -16.60 45.88 13.19
CA ASP O 565 -16.33 44.46 13.39
C ASP O 565 -17.11 43.91 14.56
N ILE O 566 -17.35 44.74 15.57
CA ILE O 566 -18.23 44.36 16.66
C ILE O 566 -19.62 44.02 16.13
N ILE O 567 -20.29 45.00 15.53
CA ILE O 567 -21.63 44.77 14.99
C ILE O 567 -21.58 43.76 13.84
N GLY O 568 -20.43 43.67 13.15
CA GLY O 568 -20.33 42.76 12.02
C GLY O 568 -20.02 41.34 12.42
N ASN O 569 -18.94 41.14 13.18
CA ASN O 569 -18.43 39.82 13.52
C ASN O 569 -18.79 39.35 14.91
N PHE O 570 -18.67 40.20 15.93
CA PHE O 570 -18.76 39.72 17.31
C PHE O 570 -20.20 39.34 17.69
N ILE O 571 -21.12 40.29 17.59
CA ILE O 571 -22.46 40.14 18.13
C ILE O 571 -23.25 39.07 17.38
N PRO O 572 -23.09 38.90 16.06
CA PRO O 572 -23.81 37.80 15.41
C PRO O 572 -23.26 36.41 15.74
N GLY O 573 -21.94 36.25 15.78
CA GLY O 573 -21.36 34.96 16.08
C GLY O 573 -21.61 34.51 17.51
N LEU O 574 -21.67 35.47 18.42
CA LEU O 574 -22.02 35.17 19.80
C LEU O 574 -23.38 34.50 19.90
N LEU O 575 -24.40 35.13 19.32
CA LEU O 575 -25.75 34.61 19.39
C LEU O 575 -25.87 33.25 18.72
N PHE O 576 -25.05 32.99 17.71
CA PHE O 576 -25.14 31.73 16.98
C PHE O 576 -24.89 30.55 17.89
N MET O 577 -23.78 30.55 18.61
CA MET O 577 -23.36 29.39 19.38
C MET O 577 -23.94 29.38 20.78
N GLN O 578 -24.10 30.54 21.41
CA GLN O 578 -24.72 30.58 22.74
C GLN O 578 -26.16 30.08 22.68
N GLY O 579 -26.87 30.41 21.60
CA GLY O 579 -28.24 29.96 21.44
C GLY O 579 -28.39 28.49 21.18
N ILE O 580 -27.31 27.82 20.81
CA ILE O 580 -27.30 26.40 20.51
C ILE O 580 -26.54 25.61 21.55
N PHE O 581 -25.32 26.04 21.86
CA PHE O 581 -24.43 25.32 22.75
C PHE O 581 -24.36 25.92 24.15
N GLY O 582 -25.03 27.04 24.37
CA GLY O 582 -25.30 27.51 25.72
C GLY O 582 -26.60 26.92 26.22
N TYR O 583 -27.57 26.78 25.33
CA TYR O 583 -28.83 26.14 25.69
C TYR O 583 -28.60 24.69 26.11
N LEU O 584 -27.62 24.03 25.50
CA LEU O 584 -27.25 22.69 25.93
C LEU O 584 -26.65 22.71 27.33
N SER O 585 -25.74 23.64 27.59
CA SER O 585 -25.04 23.69 28.86
C SER O 585 -25.93 24.16 30.00
N VAL O 586 -26.92 25.00 29.72
CA VAL O 586 -27.85 25.40 30.77
C VAL O 586 -28.77 24.25 31.13
N CYS O 587 -29.08 23.39 30.16
CA CYS O 587 -29.98 22.28 30.40
C CYS O 587 -29.32 21.15 31.17
N ILE O 588 -28.02 20.96 31.02
CA ILE O 588 -27.32 19.95 31.79
C ILE O 588 -27.31 20.32 33.27
N VAL O 589 -27.10 21.59 33.58
CA VAL O 589 -27.06 22.05 34.95
C VAL O 589 -28.45 22.03 35.56
N TYR O 590 -29.48 22.25 34.75
CA TYR O 590 -30.85 22.25 35.26
C TYR O 590 -31.36 20.85 35.52
N LYS O 591 -31.03 19.90 34.65
CA LYS O 591 -31.47 18.52 34.83
C LYS O 591 -30.87 17.90 36.07
N TRP O 592 -29.59 18.17 36.34
CA TRP O 592 -28.96 17.72 37.57
C TRP O 592 -29.62 18.28 38.81
N ALA O 593 -30.32 19.41 38.70
CA ALA O 593 -30.90 20.11 39.84
C ALA O 593 -32.38 19.85 40.02
N VAL O 594 -32.89 18.73 39.52
CA VAL O 594 -34.31 18.38 39.62
C VAL O 594 -34.41 16.95 40.15
N ASP O 595 -35.28 16.76 41.13
CA ASP O 595 -35.59 15.44 41.66
C ASP O 595 -36.70 14.86 40.80
N TRP O 596 -36.30 14.09 39.79
CA TRP O 596 -37.26 13.60 38.80
C TRP O 596 -38.13 12.49 39.37
N VAL O 597 -37.54 11.60 40.15
CA VAL O 597 -38.28 10.43 40.65
C VAL O 597 -39.36 10.87 41.63
N LYS O 598 -38.99 11.73 42.59
CA LYS O 598 -39.96 12.21 43.56
C LYS O 598 -41.13 12.90 42.88
N ASP O 599 -40.84 13.85 41.98
CA ASP O 599 -41.89 14.59 41.28
C ASP O 599 -42.73 13.66 40.42
N GLY O 600 -42.18 12.52 40.01
CA GLY O 600 -42.89 11.53 39.21
C GLY O 600 -42.75 11.70 37.72
N LYS O 601 -42.24 12.84 37.25
CA LYS O 601 -42.07 13.07 35.84
C LYS O 601 -40.87 12.28 35.31
N PRO O 602 -40.85 11.98 33.99
CA PRO O 602 -39.73 11.21 33.44
C PRO O 602 -38.58 12.09 32.96
N ALA O 603 -37.36 11.66 33.23
CA ALA O 603 -36.19 12.42 32.82
C ALA O 603 -36.06 12.39 31.29
N PRO O 604 -35.77 13.52 30.64
CA PRO O 604 -35.61 13.52 29.17
C PRO O 604 -34.18 13.33 28.69
N GLY O 605 -34.04 12.74 27.50
CA GLY O 605 -32.71 12.66 26.89
C GLY O 605 -32.36 13.95 26.17
N LEU O 606 -31.11 14.36 26.32
CA LEU O 606 -30.67 15.65 25.82
C LEU O 606 -30.13 15.60 24.40
N LEU O 607 -29.63 14.44 23.97
CA LEU O 607 -29.22 14.27 22.58
C LEU O 607 -30.41 14.38 21.65
N ASN O 608 -31.54 13.75 22.00
CA ASN O 608 -32.72 13.84 21.16
C ASN O 608 -33.35 15.23 21.22
N MET O 609 -33.35 15.85 22.39
CA MET O 609 -33.90 17.18 22.53
C MET O 609 -33.18 18.19 21.67
N LEU O 610 -31.88 17.98 21.45
CA LEU O 610 -31.09 18.90 20.64
C LEU O 610 -31.26 18.64 19.15
N ILE O 611 -31.58 17.41 18.79
CA ILE O 611 -31.76 17.04 17.38
C ILE O 611 -33.14 17.47 16.91
N ASN O 612 -34.18 17.13 17.67
CA ASN O 612 -35.55 17.34 17.21
C ASN O 612 -35.89 18.83 17.10
N MET O 613 -35.20 19.68 17.88
CA MET O 613 -35.48 21.11 17.79
C MET O 613 -35.12 21.66 16.42
N PHE O 614 -34.13 21.06 15.75
CA PHE O 614 -33.86 21.42 14.37
C PHE O 614 -34.79 20.71 13.41
N LEU O 615 -34.90 19.38 13.55
CA LEU O 615 -35.62 18.59 12.57
C LEU O 615 -37.12 18.81 12.66
N SER O 616 -37.65 18.96 13.88
CA SER O 616 -39.10 19.00 14.11
C SER O 616 -39.43 19.95 15.24
N PRO O 617 -39.35 21.26 15.00
CA PRO O 617 -39.66 22.21 16.06
C PRO O 617 -41.13 22.24 16.41
N GLY O 618 -41.42 22.67 17.64
CA GLY O 618 -42.77 22.63 18.18
C GLY O 618 -43.17 21.30 18.75
N THR O 619 -42.34 20.27 18.59
CA THR O 619 -42.64 18.91 19.02
C THR O 619 -41.78 18.58 20.24
N ILE O 620 -42.38 17.87 21.18
CA ILE O 620 -41.66 17.37 22.35
C ILE O 620 -42.21 15.98 22.68
N ASP O 621 -41.35 15.16 23.27
CA ASP O 621 -41.73 13.87 23.83
C ASP O 621 -41.71 13.83 25.35
N ASP O 622 -40.68 14.43 25.96
CA ASP O 622 -40.58 14.59 27.39
C ASP O 622 -40.16 16.02 27.68
N GLU O 623 -40.86 16.68 28.60
CA GLU O 623 -40.66 18.09 28.86
C GLU O 623 -39.61 18.31 29.94
N LEU O 624 -38.74 19.30 29.72
CA LEU O 624 -37.75 19.70 30.70
C LEU O 624 -38.18 20.91 31.52
N TYR O 625 -38.91 21.84 30.92
CA TYR O 625 -39.38 23.01 31.62
C TYR O 625 -40.57 23.58 30.87
N PRO O 626 -41.37 24.44 31.49
CA PRO O 626 -42.54 24.99 30.80
C PRO O 626 -42.14 25.87 29.62
N HIS O 627 -42.98 25.86 28.60
CA HIS O 627 -42.81 26.71 27.42
C HIS O 627 -41.52 26.36 26.69
N GLN O 628 -41.15 25.08 26.74
CA GLN O 628 -39.95 24.62 26.07
C GLN O 628 -40.01 24.87 24.57
N ALA O 629 -41.14 24.52 23.95
CA ALA O 629 -41.25 24.64 22.50
C ALA O 629 -41.30 26.09 22.04
N LYS O 630 -41.92 26.97 22.81
CA LYS O 630 -42.01 28.36 22.43
C LYS O 630 -40.65 29.04 22.42
N VAL O 631 -39.67 28.50 23.13
CA VAL O 631 -38.36 29.11 23.27
C VAL O 631 -37.38 28.49 22.28
N GLN O 632 -37.53 27.19 22.01
CA GLN O 632 -36.67 26.52 21.06
C GLN O 632 -36.78 27.14 19.67
N VAL O 633 -38.02 27.32 19.20
CA VAL O 633 -38.23 27.83 17.85
C VAL O 633 -37.69 29.25 17.72
N PHE O 634 -37.78 30.05 18.80
CA PHE O 634 -37.19 31.37 18.78
C PHE O 634 -35.68 31.30 18.63
N LEU O 635 -35.03 30.39 19.34
CA LEU O 635 -33.59 30.25 19.24
C LEU O 635 -33.17 29.79 17.85
N LEU O 636 -34.00 28.98 17.21
CA LEU O 636 -33.74 28.59 15.83
C LEU O 636 -33.88 29.79 14.90
N LEU O 637 -34.93 30.58 15.10
CA LEU O 637 -35.11 31.83 14.36
C LEU O 637 -33.90 32.74 14.52
N MET O 638 -33.37 32.87 15.74
CA MET O 638 -32.31 33.83 16.01
C MET O 638 -31.01 33.40 15.33
N ALA O 639 -30.71 32.10 15.32
CA ALA O 639 -29.49 31.62 14.69
C ALA O 639 -29.52 31.83 13.18
N LEU O 640 -30.68 31.64 12.55
CA LEU O 640 -30.76 31.75 11.11
C LEU O 640 -30.68 33.19 10.65
N VAL O 641 -31.09 34.13 11.50
CA VAL O 641 -30.95 35.55 11.19
C VAL O 641 -29.49 35.97 11.24
N CYS O 642 -28.72 35.36 12.16
CA CYS O 642 -27.35 35.78 12.38
C CYS O 642 -26.42 35.30 11.26
N ILE O 643 -26.86 34.32 10.47
CA ILE O 643 -26.06 33.88 9.32
C ILE O 643 -25.95 34.97 8.26
N PRO O 644 -27.03 35.46 7.65
CA PRO O 644 -26.86 36.50 6.64
C PRO O 644 -26.40 37.83 7.20
N TRP O 645 -26.75 38.15 8.43
CA TRP O 645 -26.23 39.36 9.07
C TRP O 645 -24.72 39.29 9.22
N LEU O 646 -24.20 38.09 9.47
CA LEU O 646 -22.75 37.91 9.46
C LEU O 646 -22.21 37.95 8.04
N LEU O 647 -23.03 37.55 7.07
CA LEU O 647 -22.56 37.40 5.69
C LEU O 647 -22.47 38.74 4.98
N LEU O 648 -23.43 39.64 5.22
CA LEU O 648 -23.65 40.79 4.35
C LEU O 648 -23.30 42.13 4.93
N VAL O 649 -23.28 42.28 6.26
CA VAL O 649 -23.30 43.61 6.86
C VAL O 649 -21.99 44.35 6.61
N LYS O 650 -20.87 43.64 6.65
CA LYS O 650 -19.58 44.32 6.55
C LYS O 650 -19.20 44.66 5.10
N PRO O 651 -19.44 43.82 4.10
CA PRO O 651 -19.17 44.25 2.72
C PRO O 651 -20.01 45.44 2.27
N LEU O 652 -21.26 45.52 2.70
CA LEU O 652 -22.09 46.66 2.33
C LEU O 652 -21.50 47.96 2.87
N HIS O 653 -20.97 47.93 4.10
CA HIS O 653 -20.30 49.10 4.64
C HIS O 653 -19.07 49.48 3.82
N PHE O 654 -18.41 48.49 3.24
CA PHE O 654 -17.28 48.77 2.35
C PHE O 654 -17.73 49.49 1.09
N LYS O 655 -18.81 49.02 0.47
CA LYS O 655 -19.31 49.63 -0.75
C LYS O 655 -19.79 51.05 -0.49
N PHE O 656 -20.55 51.23 0.59
CA PHE O 656 -21.04 52.55 0.93
C PHE O 656 -19.92 53.43 1.48
N THR O 657 -18.88 52.81 2.03
CA THR O 657 -17.74 53.52 2.60
C THR O 657 -18.20 54.44 3.73
N GLU O 704 -13.45 45.75 -7.79
CA GLU O 704 -12.79 44.46 -7.58
C GLU O 704 -12.42 44.29 -6.12
N ASP O 705 -12.08 45.39 -5.46
CA ASP O 705 -11.74 45.33 -4.04
C ASP O 705 -12.95 44.92 -3.20
N PHE O 706 -14.15 45.34 -3.61
CA PHE O 706 -15.36 44.88 -2.95
C PHE O 706 -15.49 43.37 -2.97
N GLY O 707 -14.98 42.73 -4.02
CA GLY O 707 -14.97 41.27 -4.05
C GLY O 707 -14.03 40.68 -3.01
N ASP O 708 -12.86 41.30 -2.83
CA ASP O 708 -11.89 40.76 -1.88
C ASP O 708 -12.39 40.90 -0.44
N ILE O 709 -13.26 41.87 -0.18
CA ILE O 709 -13.88 41.99 1.14
C ILE O 709 -15.02 41.00 1.31
N MET O 710 -15.62 40.54 0.21
CA MET O 710 -16.68 39.55 0.29
C MET O 710 -16.14 38.15 0.50
N ILE O 711 -15.28 37.68 -0.42
CA ILE O 711 -14.82 36.30 -0.41
C ILE O 711 -14.08 35.97 0.88
N HIS O 712 -13.44 36.96 1.50
CA HIS O 712 -12.91 36.76 2.84
C HIS O 712 -14.02 36.69 3.88
N GLN O 713 -15.18 37.29 3.61
CA GLN O 713 -16.31 37.30 4.51
C GLN O 713 -17.26 36.14 4.30
N VAL O 714 -17.26 35.55 3.11
CA VAL O 714 -18.09 34.38 2.85
C VAL O 714 -17.43 33.10 3.32
N ILE O 715 -16.10 33.08 3.38
CA ILE O 715 -15.40 31.91 3.88
C ILE O 715 -15.39 31.93 5.40
N HIS O 716 -15.42 33.12 6.00
CA HIS O 716 -15.36 33.27 7.44
C HIS O 716 -16.57 32.65 8.12
N THR O 717 -17.73 32.68 7.47
CA THR O 717 -18.96 32.20 8.11
C THR O 717 -19.08 30.69 8.00
N ILE O 718 -18.84 30.17 6.81
CA ILE O 718 -18.96 28.73 6.58
C ILE O 718 -17.95 27.97 7.43
N GLU O 719 -16.83 28.59 7.77
CA GLU O 719 -15.93 28.01 8.75
C GLU O 719 -16.48 28.17 10.16
N PHE O 720 -16.79 29.41 10.55
CA PHE O 720 -17.22 29.72 11.91
C PHE O 720 -18.41 28.88 12.34
N CYS O 721 -19.32 28.59 11.41
CA CYS O 721 -20.50 27.79 11.74
C CYS O 721 -20.16 26.32 11.86
N LEU O 722 -19.46 25.77 10.85
CA LEU O 722 -19.01 24.39 10.93
C LEU O 722 -18.11 24.16 12.13
N ASN O 723 -17.14 25.05 12.31
CA ASN O 723 -16.16 24.86 13.37
C ASN O 723 -16.75 24.95 14.76
N CYS O 724 -17.93 25.56 14.93
CA CYS O 724 -18.60 25.47 16.22
C CYS O 724 -19.13 24.07 16.48
N VAL O 725 -19.29 23.26 15.46
CA VAL O 725 -19.75 21.89 15.62
C VAL O 725 -18.59 20.92 15.77
N SER O 726 -17.46 21.18 15.11
CA SER O 726 -16.30 20.30 15.16
C SER O 726 -15.37 20.60 16.32
N HIS O 727 -15.42 21.81 16.88
CA HIS O 727 -14.60 22.14 18.04
C HIS O 727 -15.24 21.63 19.32
N THR O 728 -16.55 21.82 19.46
CA THR O 728 -17.27 21.31 20.61
C THR O 728 -17.16 19.80 20.73
N ALA O 729 -17.09 19.12 19.59
CA ALA O 729 -16.91 17.67 19.57
C ALA O 729 -15.48 17.28 19.91
N SER O 730 -14.51 18.15 19.62
CA SER O 730 -13.12 17.81 19.86
C SER O 730 -12.83 17.66 21.34
N TYR O 731 -13.54 18.40 22.19
CA TYR O 731 -13.29 18.36 23.62
C TYR O 731 -13.68 17.05 24.29
N LEU O 732 -14.24 16.10 23.55
CA LEU O 732 -14.52 14.78 24.09
C LEU O 732 -13.28 13.96 24.34
N ARG O 733 -12.14 14.34 23.76
CA ARG O 733 -10.87 13.69 24.10
C ARG O 733 -10.49 13.89 25.56
N LEU O 734 -11.12 14.85 26.25
CA LEU O 734 -10.93 14.98 27.68
C LEU O 734 -11.48 13.76 28.41
N TRP O 735 -12.61 13.26 27.94
CA TRP O 735 -13.23 12.07 28.51
C TRP O 735 -12.49 10.80 28.12
N ALA O 736 -12.10 10.68 26.86
CA ALA O 736 -11.57 9.43 26.36
C ALA O 736 -10.22 9.11 26.95
N LEU O 737 -9.32 10.08 26.99
CA LEU O 737 -7.98 9.81 27.50
C LEU O 737 -7.99 9.60 29.01
N SER O 738 -9.01 10.12 29.69
CA SER O 738 -9.18 9.85 31.10
C SER O 738 -9.60 8.41 31.34
N LEU O 739 -10.62 7.95 30.61
CA LEU O 739 -11.11 6.60 30.77
C LEU O 739 -10.04 5.57 30.49
N ALA O 740 -9.25 5.79 29.43
CA ALA O 740 -8.23 4.83 29.04
C ALA O 740 -7.12 4.75 30.08
N HIS O 741 -6.62 5.90 30.52
CA HIS O 741 -5.62 5.94 31.58
C HIS O 741 -6.07 5.17 32.81
N ALA O 742 -7.35 5.25 33.16
CA ALA O 742 -7.84 4.64 34.37
C ALA O 742 -7.88 3.12 34.26
N GLN O 743 -8.28 2.61 33.10
CA GLN O 743 -8.46 1.17 32.95
C GLN O 743 -7.12 0.45 32.90
N LEU O 744 -6.16 1.01 32.17
CA LEU O 744 -4.83 0.42 32.11
C LEU O 744 -4.20 0.33 33.49
N SER O 745 -4.48 1.31 34.33
CA SER O 745 -3.93 1.31 35.68
C SER O 745 -4.50 0.18 36.52
N SER O 746 -5.80 -0.07 36.39
CA SER O 746 -6.42 -1.15 37.15
C SER O 746 -5.99 -2.52 36.64
N VAL O 747 -5.94 -2.68 35.32
CA VAL O 747 -5.46 -3.94 34.73
C VAL O 747 -4.00 -4.19 35.13
N LEU O 748 -3.22 -3.13 35.29
CA LEU O 748 -1.81 -3.30 35.68
C LEU O 748 -1.70 -3.71 37.14
N TRP O 749 -2.63 -3.26 37.97
CA TRP O 749 -2.66 -3.66 39.37
C TRP O 749 -3.19 -5.07 39.53
N THR O 750 -4.21 -5.41 38.74
CA THR O 750 -4.90 -6.67 38.92
C THR O 750 -4.09 -7.85 38.39
N MET O 751 -3.16 -7.60 37.47
CA MET O 751 -2.35 -8.67 36.91
C MET O 751 -1.08 -8.90 37.72
N THR O 752 -0.48 -7.84 38.28
CA THR O 752 0.84 -7.94 38.88
C THR O 752 0.80 -8.07 40.40
N ILE O 753 0.28 -7.09 41.13
CA ILE O 753 0.43 -7.08 42.58
C ILE O 753 -0.68 -7.88 43.25
N GLN O 754 -1.88 -7.86 42.68
CA GLN O 754 -2.98 -8.62 43.25
C GLN O 754 -2.67 -10.10 43.32
N ILE O 755 -1.76 -10.57 42.47
CA ILE O 755 -1.39 -11.98 42.43
C ILE O 755 -0.55 -12.36 43.64
N ALA O 756 0.43 -11.53 43.98
CA ALA O 756 1.40 -11.88 45.01
C ALA O 756 0.73 -12.10 46.35
N PHE O 757 -0.34 -11.34 46.63
CA PHE O 757 -1.02 -11.44 47.91
C PHE O 757 -1.61 -12.82 48.12
N GLY O 758 -1.89 -13.55 47.06
CA GLY O 758 -2.40 -14.90 47.15
C GLY O 758 -1.37 -15.97 47.46
N PHE O 759 -0.13 -15.60 47.75
CA PHE O 759 0.93 -16.53 48.08
C PHE O 759 1.38 -16.33 49.51
N ARG O 760 2.06 -17.35 50.04
CA ARG O 760 2.58 -17.30 51.40
C ARG O 760 3.85 -18.11 51.47
N GLY O 761 4.64 -17.82 52.50
CA GLY O 761 5.92 -18.46 52.71
C GLY O 761 7.06 -17.62 52.14
N PHE O 762 8.21 -18.26 52.05
CA PHE O 762 9.36 -17.59 51.43
C PHE O 762 9.11 -17.32 49.96
N VAL O 763 8.40 -18.22 49.30
CA VAL O 763 8.13 -18.05 47.87
C VAL O 763 7.15 -16.91 47.66
N GLY O 764 6.21 -16.73 48.58
CA GLY O 764 5.31 -15.59 48.50
C GLY O 764 6.01 -14.26 48.75
N VAL O 765 7.02 -14.27 49.62
CA VAL O 765 7.77 -13.04 49.89
C VAL O 765 8.55 -12.62 48.66
N PHE O 766 9.08 -13.59 47.90
CA PHE O 766 9.92 -13.24 46.77
C PHE O 766 9.12 -12.62 45.64
N MET O 767 7.92 -13.14 45.38
CA MET O 767 7.10 -12.62 44.31
C MET O 767 6.69 -11.18 44.57
N THR O 768 6.34 -10.86 45.81
CA THR O 768 6.01 -9.50 46.17
C THR O 768 7.18 -8.56 45.91
N VAL O 769 8.40 -9.05 46.06
CA VAL O 769 9.57 -8.23 45.76
C VAL O 769 9.77 -8.11 44.26
N ALA O 770 9.54 -9.19 43.52
CA ALA O 770 9.74 -9.17 42.08
C ALA O 770 8.61 -8.44 41.38
N LEU O 771 7.37 -8.71 41.79
CA LEU O 771 6.21 -8.18 41.06
C LEU O 771 6.04 -6.69 41.28
N PHE O 772 6.40 -6.20 42.47
CA PHE O 772 6.26 -4.77 42.73
C PHE O 772 7.17 -3.96 41.83
N ALA O 773 8.37 -4.46 41.58
CA ALA O 773 9.32 -3.74 40.75
C ALA O 773 8.82 -3.58 39.33
N MET O 774 8.13 -4.60 38.82
CA MET O 774 7.62 -4.54 37.46
C MET O 774 6.38 -3.65 37.39
N TRP O 775 5.59 -3.62 38.45
CA TRP O 775 4.51 -2.65 38.55
C TRP O 775 5.05 -1.22 38.54
N PHE O 776 6.04 -0.95 39.39
CA PHE O 776 6.58 0.40 39.53
C PHE O 776 7.27 0.87 38.26
N ALA O 777 7.86 -0.05 37.49
CA ALA O 777 8.61 0.34 36.31
C ALA O 777 7.68 0.60 35.13
N LEU O 778 6.75 -0.33 34.88
CA LEU O 778 5.73 -0.09 33.86
C LEU O 778 4.91 1.15 34.18
N THR O 779 4.67 1.38 35.46
CA THR O 779 3.97 2.59 35.89
C THR O 779 4.73 3.85 35.50
N CYS O 780 6.03 3.89 35.82
CA CYS O 780 6.82 5.10 35.60
C CYS O 780 7.02 5.38 34.12
N ALA O 781 6.94 4.34 33.29
CA ALA O 781 7.22 4.44 31.86
C ALA O 781 5.96 4.49 31.01
N VAL O 782 5.08 3.52 31.15
CA VAL O 782 3.92 3.41 30.27
C VAL O 782 2.88 4.46 30.64
N LEU O 783 2.66 4.70 31.92
CA LEU O 783 1.53 5.47 32.38
C LEU O 783 1.86 6.92 32.69
N VAL O 784 3.14 7.30 32.65
CA VAL O 784 3.56 8.66 32.93
C VAL O 784 4.19 9.25 31.67
N LEU O 785 5.24 8.60 31.17
CA LEU O 785 5.95 9.11 30.01
C LEU O 785 5.13 8.96 28.74
N MET O 786 4.65 7.75 28.45
CA MET O 786 3.93 7.54 27.20
C MET O 786 2.58 8.24 27.25
N GLU O 787 1.89 8.16 28.39
CA GLU O 787 0.58 8.80 28.52
C GLU O 787 0.69 10.29 28.78
N GLY O 788 1.71 10.71 29.52
CA GLY O 788 1.91 12.13 29.75
C GLY O 788 2.18 12.90 28.48
N THR O 789 3.00 12.34 27.60
CA THR O 789 3.38 13.06 26.39
C THR O 789 2.23 13.11 25.40
N SER O 790 1.40 12.07 25.40
CA SER O 790 0.20 12.10 24.59
C SER O 790 -0.74 13.20 25.05
N ALA O 791 -1.13 13.16 26.33
CA ALA O 791 -2.11 14.11 26.85
C ALA O 791 -1.60 15.55 26.79
N MET O 792 -0.30 15.73 27.02
CA MET O 792 0.31 17.05 26.93
C MET O 792 0.15 17.65 25.55
N LEU O 793 0.26 16.83 24.51
CA LEU O 793 0.17 17.34 23.15
C LEU O 793 -1.27 17.54 22.71
N HIS O 794 -2.22 16.86 23.34
CA HIS O 794 -3.62 17.11 23.07
C HIS O 794 -4.09 18.39 23.74
N SER O 795 -3.56 18.70 24.92
CA SER O 795 -3.83 19.97 25.57
C SER O 795 -3.32 21.12 24.71
N LEU O 796 -2.18 20.92 24.08
CA LEU O 796 -1.60 21.91 23.18
C LEU O 796 -2.50 22.16 21.97
N ARG O 797 -3.09 21.10 21.44
CA ARG O 797 -3.98 21.20 20.29
C ARG O 797 -5.17 22.08 20.57
N LEU O 798 -5.78 21.92 21.75
CA LEU O 798 -6.98 22.65 22.10
C LEU O 798 -6.70 24.15 22.21
N HIS O 799 -5.45 24.52 22.40
CA HIS O 799 -5.08 25.92 22.44
C HIS O 799 -4.79 26.47 21.06
N TRP O 800 -3.97 25.77 20.28
CA TRP O 800 -3.60 26.26 18.97
C TRP O 800 -4.77 26.30 18.02
N VAL O 801 -5.69 25.33 18.11
CA VAL O 801 -6.68 25.10 17.08
C VAL O 801 -8.06 25.58 17.48
N GLU O 802 -8.41 25.48 18.76
CA GLU O 802 -9.75 25.81 19.24
C GLU O 802 -9.81 27.18 19.90
N SER O 803 -9.01 27.41 20.94
CA SER O 803 -9.03 28.69 21.64
C SER O 803 -8.44 29.80 20.79
N MET O 804 -7.23 29.62 20.29
CA MET O 804 -6.52 30.69 19.61
C MET O 804 -7.17 31.06 18.28
N SER O 805 -7.93 30.15 17.68
CA SER O 805 -8.65 30.49 16.45
C SER O 805 -9.64 31.61 16.68
N LYS O 806 -10.13 31.76 17.92
CA LYS O 806 -11.22 32.70 18.17
C LYS O 806 -10.75 34.14 18.15
N PHE O 807 -9.47 34.39 18.46
CA PHE O 807 -8.97 35.74 18.65
C PHE O 807 -7.58 36.03 18.08
N PHE O 808 -6.80 35.01 17.73
CA PHE O 808 -5.39 35.19 17.40
C PHE O 808 -5.24 35.39 15.90
N VAL O 809 -4.77 36.58 15.52
CA VAL O 809 -4.63 36.92 14.12
C VAL O 809 -3.29 36.43 13.58
N GLY O 810 -2.21 36.81 14.25
CA GLY O 810 -0.89 36.40 13.81
C GLY O 810 -0.35 37.22 12.65
N GLU O 811 0.67 36.63 12.02
CA GLU O 811 1.44 37.23 10.93
C GLU O 811 2.23 38.45 11.37
N GLY O 812 2.60 38.53 12.65
CA GLY O 812 3.39 39.63 13.12
C GLY O 812 4.87 39.47 12.82
N LEU O 813 5.59 40.58 12.96
CA LEU O 813 7.03 40.64 12.78
C LEU O 813 7.72 40.35 14.11
N PRO O 814 8.73 39.49 14.18
CA PRO O 814 9.40 39.24 15.45
C PRO O 814 10.33 40.38 15.83
N TYR O 815 10.96 40.24 16.99
CA TYR O 815 11.94 41.19 17.49
C TYR O 815 13.28 40.48 17.62
N GLU O 816 14.16 40.75 16.65
CA GLU O 816 15.49 40.16 16.58
C GLU O 816 16.49 41.31 16.55
N PRO O 817 16.85 41.87 17.70
CA PRO O 817 17.79 42.99 17.71
C PRO O 817 19.20 42.56 17.32
N PHE O 818 20.06 43.56 17.17
CA PHE O 818 21.47 43.34 16.88
C PHE O 818 22.25 43.30 18.18
N ALA O 819 22.90 42.17 18.43
CA ALA O 819 23.61 41.92 19.68
C ALA O 819 24.68 40.89 19.43
N PHE O 820 25.81 41.06 20.10
CA PHE O 820 26.88 40.08 20.01
C PHE O 820 26.61 38.91 20.94
N GLU O 821 27.15 37.75 20.58
CA GLU O 821 27.00 36.55 21.38
C GLU O 821 28.17 35.63 21.07
N TYR O 822 28.38 34.64 21.95
CA TYR O 822 29.46 33.69 21.76
C TYR O 822 29.07 32.66 20.71
N LYS O 823 29.94 32.52 19.70
CA LYS O 823 29.67 31.68 18.54
C LYS O 823 30.48 30.39 18.69
N ASP O 824 29.77 29.25 18.73
CA ASP O 824 30.36 28.00 19.21
C ASP O 824 31.46 27.48 18.29
N MET O 825 31.45 27.88 17.03
CA MET O 825 32.39 27.37 16.03
C MET O 825 32.24 25.87 15.86
#